data_2AJB
#
_entry.id   2AJB
#
_cell.length_a   62.300
_cell.length_b   118.500
_cell.length_c   133.530
_cell.angle_alpha   112.67
_cell.angle_beta   94.94
_cell.angle_gamma   91.02
#
_symmetry.space_group_name_H-M   'P 1'
#
loop_
_entity.id
_entity.type
_entity.pdbx_description
1 polymer 'Dipeptidyl peptidase 4'
2 branched 2-acetamido-2-deoxy-beta-D-glucopyranose-(1-4)-2-acetamido-2-deoxy-beta-D-glucopyranose
3 branched beta-D-mannopyranose-(1-4)-2-acetamido-2-deoxy-beta-D-glucopyranose-(1-4)-2-acetamido-2-deoxy-beta-D-glucopyranose
4 non-polymer 3-methyl-L-valyl-L-prolyl-L-isoleucine
5 non-polymer 2-acetamido-2-deoxy-beta-D-glucopyranose
6 non-polymer 'SULFATE ION'
7 water water
#
_entity_poly.entity_id   1
_entity_poly.type   'polypeptide(L)'
_entity_poly.pdbx_seq_one_letter_code
;SRRTYTLTDYLKSTFRVKFYTLQWISDHEYLYKQENNILLFNAEYGNSSIFLENSTFDELGYSTNDYSVSPDRQFILFEY
NYVKQWRHSYTASYDIYDLNKRQLITEERIPNNTQWITWSPVGHKLAYVWNNDIYVKNEPNLSSQRITWTGKENVIYNGV
TDWVYEEEVFSAYSALWWSPNGTFLAYAQFNDTEVPLIEYSFYSDESLQYPKTVRIPYPKAGAENPTVKFFVVDTRTLSP
NASVTSYQIVPPASVLIGDHYLCGVTWVTEERISLQWIRRAQNYSIIDICDYDESTGRWISSVARQHIEISTTGWVGRFR
PAEPHFTSDGNSFYKIISNEEGYKHICHFQTDKSNCTFITKGAWEVIGIEALTSDYLYYISNEHKGMPGGRNLYRIQLND
YTKVTCLSCELNPERCQYYSASFSNKAKYYQLRCFGPGLPLYTLHSSSSDKELRVLEDNSALDKMLQDVQMPSKKLDVIN
LHGTKFWYQMILPPHFDKSKKYPLLIEVYAGPCSQKVDTVFRLSWATYLASTENIIVASFDGRGSGYQGDKIMHAINRRL
GTFEVEDQIEATRQFSKMGFVDDKRIAIWGWSYGGYVTSMVLGAGSGVFKCGIAVAPVSKWEYYDSVYTERYMGLPTPED
NLDYYRNSTVMSRAENFKQVEYLLIHGTADDNVHFQQSAQLSKALVDAGVDFQTMWYTDEDHGIASNMAHQHIYTHMSHF
LKQCFSLP
;
_entity_poly.pdbx_strand_id   A,B,C,D
#
loop_
_chem_comp.id
_chem_comp.type
_chem_comp.name
_chem_comp.formula
0QG peptide-like 3-methyl-L-valyl-L-prolyl-L-isoleucine 'C17 H31 N3 O4'
BMA D-saccharide, beta linking beta-D-mannopyranose 'C6 H12 O6'
NAG D-saccharide, beta linking 2-acetamido-2-deoxy-beta-D-glucopyranose 'C8 H15 N O6'
SO4 non-polymer 'SULFATE ION' 'O4 S -2'
#
# COMPACT_ATOMS: atom_id res chain seq x y z
N SER A 1 -22.62 50.47 55.92
CA SER A 1 -22.70 50.61 54.43
C SER A 1 -21.84 51.78 53.92
N ARG A 2 -20.71 51.44 53.33
CA ARG A 2 -19.78 52.39 52.78
C ARG A 2 -18.82 51.62 51.88
N ARG A 3 -19.10 50.33 51.73
CA ARG A 3 -18.28 49.49 50.88
C ARG A 3 -19.06 49.20 49.62
N THR A 4 -18.35 48.89 48.54
CA THR A 4 -18.99 48.62 47.28
C THR A 4 -18.70 47.25 46.72
N TYR A 5 -19.51 46.82 45.76
CA TYR A 5 -19.36 45.54 45.10
C TYR A 5 -18.06 45.61 44.32
N THR A 6 -17.08 44.80 44.71
CA THR A 6 -15.79 44.85 44.04
C THR A 6 -15.49 43.77 43.00
N LEU A 7 -14.41 43.99 42.26
CA LEU A 7 -13.98 43.07 41.22
C LEU A 7 -13.67 41.75 41.86
N THR A 8 -13.17 41.77 43.10
CA THR A 8 -12.87 40.52 43.76
C THR A 8 -14.19 39.85 44.12
N ASP A 9 -15.15 40.63 44.58
CA ASP A 9 -16.45 40.08 44.91
C ASP A 9 -16.98 39.34 43.69
N TYR A 10 -16.89 39.99 42.53
CA TYR A 10 -17.36 39.40 41.29
C TYR A 10 -16.51 38.21 40.83
N LEU A 11 -15.19 38.34 40.94
CA LEU A 11 -14.31 37.28 40.52
C LEU A 11 -14.34 36.03 41.41
N LYS A 12 -14.54 36.22 42.70
CA LYS A 12 -14.58 35.10 43.61
C LYS A 12 -15.98 34.68 43.99
N SER A 13 -16.97 35.35 43.41
CA SER A 13 -18.36 35.03 43.70
C SER A 13 -18.59 35.05 45.21
N THR A 14 -18.07 36.09 45.84
CA THR A 14 -18.22 36.25 47.28
C THR A 14 -19.71 36.23 47.65
N PHE A 15 -20.55 36.78 46.77
CA PHE A 15 -22.00 36.82 47.00
C PHE A 15 -22.59 35.67 46.21
N ARG A 16 -23.09 34.69 46.92
CA ARG A 16 -23.65 33.49 46.31
C ARG A 16 -25.11 33.63 45.92
N VAL A 17 -25.41 33.37 44.65
CA VAL A 17 -26.79 33.41 44.17
C VAL A 17 -27.22 31.96 44.11
N LYS A 18 -28.10 31.57 45.01
CA LYS A 18 -28.59 30.20 45.09
C LYS A 18 -29.68 29.87 44.09
N PHE A 19 -29.83 28.59 43.79
CA PHE A 19 -30.87 28.13 42.89
C PHE A 19 -31.42 26.79 43.39
N TYR A 20 -32.34 26.18 42.64
CA TYR A 20 -32.93 24.92 43.06
C TYR A 20 -33.23 24.00 41.89
N THR A 21 -32.32 23.06 41.65
CA THR A 21 -32.46 22.11 40.57
C THR A 21 -33.05 20.77 41.00
N LEU A 22 -34.15 20.40 40.36
CA LEU A 22 -34.84 19.16 40.66
C LEU A 22 -34.99 18.35 39.38
N GLN A 23 -35.40 17.10 39.51
CA GLN A 23 -35.61 16.21 38.37
C GLN A 23 -36.91 15.44 38.52
N TRP A 24 -37.92 15.81 37.76
CA TRP A 24 -39.18 15.09 37.84
C TRP A 24 -38.93 13.65 37.41
N ILE A 25 -39.64 12.71 38.03
CA ILE A 25 -39.51 11.31 37.64
C ILE A 25 -40.89 10.70 37.52
N SER A 26 -41.91 11.51 37.81
CA SER A 26 -43.29 11.07 37.71
C SER A 26 -44.20 12.30 37.57
N ASP A 27 -45.50 12.11 37.56
CA ASP A 27 -46.35 13.27 37.45
C ASP A 27 -46.41 14.02 38.79
N HIS A 28 -45.80 13.44 39.83
CA HIS A 28 -45.83 14.08 41.14
C HIS A 28 -44.59 13.85 42.02
N GLU A 29 -43.45 13.58 41.40
CA GLU A 29 -42.25 13.36 42.20
C GLU A 29 -40.98 13.86 41.50
N TYR A 30 -40.09 14.45 42.28
CA TYR A 30 -38.84 14.95 41.73
C TYR A 30 -37.66 14.57 42.64
N LEU A 31 -36.45 14.53 42.07
CA LEU A 31 -35.25 14.19 42.82
C LEU A 31 -34.44 15.45 43.05
N TYR A 32 -33.99 15.63 44.28
CA TYR A 32 -33.23 16.83 44.61
C TYR A 32 -32.05 16.48 45.50
N LYS A 33 -30.86 16.87 45.09
CA LYS A 33 -29.69 16.62 45.90
C LYS A 33 -29.62 17.72 46.95
N GLN A 34 -29.49 17.34 48.22
CA GLN A 34 -29.39 18.33 49.28
C GLN A 34 -28.31 17.91 50.24
N GLU A 35 -27.22 18.68 50.28
CA GLU A 35 -26.11 18.38 51.16
C GLU A 35 -25.47 17.08 50.67
N ASN A 36 -25.39 16.95 49.35
CA ASN A 36 -24.79 15.82 48.66
C ASN A 36 -25.62 14.54 48.51
N ASN A 37 -26.86 14.53 48.99
CA ASN A 37 -27.68 13.33 48.85
C ASN A 37 -29.00 13.51 48.13
N ILE A 38 -29.31 12.55 47.26
CA ILE A 38 -30.53 12.56 46.47
C ILE A 38 -31.79 12.22 47.27
N LEU A 39 -32.57 13.25 47.57
CA LEU A 39 -33.82 13.09 48.31
C LEU A 39 -34.98 13.01 47.32
N LEU A 40 -35.99 12.22 47.66
CA LEU A 40 -37.18 12.09 46.80
C LEU A 40 -38.27 12.97 47.38
N PHE A 41 -38.72 13.94 46.60
CA PHE A 41 -39.75 14.85 47.08
C PHE A 41 -41.10 14.59 46.44
N ASN A 42 -42.14 14.82 47.23
CA ASN A 42 -43.50 14.67 46.78
C ASN A 42 -43.99 16.09 46.56
N ALA A 43 -44.32 16.41 45.31
CA ALA A 43 -44.76 17.75 44.95
C ALA A 43 -46.00 18.16 45.71
N GLU A 44 -46.93 17.21 45.87
CA GLU A 44 -48.17 17.47 46.55
C GLU A 44 -48.03 17.88 48.02
N TYR A 45 -47.28 17.08 48.78
CA TYR A 45 -47.11 17.31 50.22
C TYR A 45 -45.86 18.04 50.71
N GLY A 46 -44.77 17.93 49.98
CA GLY A 46 -43.56 18.60 50.39
C GLY A 46 -42.73 17.68 51.26
N ASN A 47 -43.36 16.59 51.73
CA ASN A 47 -42.67 15.60 52.56
C ASN A 47 -41.66 14.87 51.68
N SER A 48 -40.49 14.56 52.21
CA SER A 48 -39.48 13.86 51.42
C SER A 48 -38.88 12.63 52.10
N SER A 49 -38.17 11.84 51.31
CA SER A 49 -37.51 10.63 51.80
C SER A 49 -36.11 10.61 51.20
N ILE A 50 -35.38 9.53 51.43
CA ILE A 50 -34.03 9.42 50.90
C ILE A 50 -34.04 8.50 49.68
N PHE A 51 -33.30 8.87 48.66
CA PHE A 51 -33.22 8.04 47.46
C PHE A 51 -31.78 7.53 47.38
N LEU A 52 -30.85 8.38 47.80
CA LEU A 52 -29.44 8.01 47.84
C LEU A 52 -28.69 8.89 48.83
N GLU A 53 -28.37 8.30 49.97
CA GLU A 53 -27.66 9.00 51.03
C GLU A 53 -26.29 9.49 50.60
N ASN A 54 -25.92 10.70 50.98
CA ASN A 54 -24.58 11.15 50.66
C ASN A 54 -23.83 10.09 51.45
N SER A 55 -22.63 9.71 51.00
CA SER A 55 -21.82 8.69 51.66
C SER A 55 -21.90 7.44 50.80
N THR A 56 -22.99 7.32 50.03
CA THR A 56 -23.13 6.20 49.13
C THR A 56 -22.13 6.61 48.06
N PHE A 57 -21.74 7.88 48.15
CA PHE A 57 -20.76 8.46 47.26
C PHE A 57 -19.39 8.24 47.89
N ASP A 58 -18.62 7.36 47.25
CA ASP A 58 -17.26 7.00 47.69
C ASP A 58 -16.27 7.40 46.59
N GLU A 59 -16.06 8.70 46.45
CA GLU A 59 -15.17 9.29 45.46
C GLU A 59 -14.57 8.30 44.47
N LEU A 60 -15.42 7.77 43.60
CA LEU A 60 -14.99 6.81 42.59
C LEU A 60 -14.10 7.53 41.58
N GLY A 61 -12.80 7.25 41.64
CA GLY A 61 -11.86 7.88 40.73
C GLY A 61 -11.63 9.32 41.15
N TYR A 62 -12.53 10.21 40.73
CA TYR A 62 -12.43 11.62 41.08
C TYR A 62 -13.60 12.02 41.97
N SER A 63 -14.76 12.19 41.35
CA SER A 63 -15.97 12.57 42.07
C SER A 63 -17.18 12.52 41.12
N THR A 64 -18.39 12.55 41.68
CA THR A 64 -19.62 12.50 40.89
C THR A 64 -20.08 13.87 40.41
N ASN A 65 -19.84 14.17 39.13
CA ASN A 65 -20.25 15.46 38.62
C ASN A 65 -21.67 15.44 38.03
N ASP A 66 -22.37 14.31 38.15
CA ASP A 66 -23.73 14.20 37.64
C ASP A 66 -24.30 12.79 37.72
N TYR A 67 -25.60 12.69 37.99
CA TYR A 67 -26.25 11.40 38.09
C TYR A 67 -27.50 11.32 37.21
N SER A 68 -27.98 10.10 36.99
CA SER A 68 -29.17 9.87 36.19
C SER A 68 -29.86 8.57 36.59
N VAL A 69 -31.05 8.69 37.17
CA VAL A 69 -31.80 7.51 37.58
C VAL A 69 -32.60 6.97 36.39
N SER A 70 -32.63 5.65 36.23
CA SER A 70 -33.37 5.05 35.12
C SER A 70 -34.86 5.26 35.35
N PRO A 71 -35.65 5.34 34.27
CA PRO A 71 -37.11 5.53 34.43
C PRO A 71 -37.88 4.56 35.32
N ASP A 72 -37.55 3.27 35.29
CA ASP A 72 -38.28 2.35 36.17
C ASP A 72 -37.75 2.43 37.60
N ARG A 73 -36.89 3.41 37.82
CA ARG A 73 -36.29 3.67 39.13
C ARG A 73 -35.53 2.53 39.82
N GLN A 74 -35.12 1.53 39.05
CA GLN A 74 -34.39 0.40 39.61
C GLN A 74 -32.88 0.62 39.62
N PHE A 75 -32.39 1.50 38.75
CA PHE A 75 -30.97 1.77 38.66
C PHE A 75 -30.69 3.25 38.68
N ILE A 76 -29.41 3.60 38.61
CA ILE A 76 -28.99 4.99 38.58
C ILE A 76 -27.55 5.11 38.12
N LEU A 77 -27.34 5.99 37.14
CA LEU A 77 -26.03 6.24 36.56
C LEU A 77 -25.24 7.27 37.35
N PHE A 78 -23.93 7.07 37.40
CA PHE A 78 -23.02 8.00 38.08
C PHE A 78 -22.03 8.48 37.04
N GLU A 79 -22.02 9.79 36.81
CA GLU A 79 -21.10 10.38 35.85
C GLU A 79 -19.89 10.93 36.59
N TYR A 80 -18.71 10.51 36.16
CA TYR A 80 -17.48 10.98 36.77
C TYR A 80 -16.40 10.94 35.70
N ASN A 81 -15.27 11.58 35.98
CA ASN A 81 -14.15 11.60 35.03
C ASN A 81 -14.44 12.56 33.88
N TYR A 82 -15.32 13.51 34.15
CA TYR A 82 -15.72 14.48 33.14
C TYR A 82 -14.54 15.13 32.45
N VAL A 83 -14.58 15.20 31.13
CA VAL A 83 -13.51 15.83 30.38
C VAL A 83 -14.10 16.53 29.18
N LYS A 84 -14.38 17.82 29.36
CA LYS A 84 -14.96 18.66 28.34
C LYS A 84 -14.26 18.59 26.99
N GLN A 85 -15.00 18.99 25.98
CA GLN A 85 -14.46 19.06 24.65
C GLN A 85 -14.92 20.42 24.14
N TRP A 86 -16.08 20.44 23.49
CA TRP A 86 -16.62 21.67 22.95
C TRP A 86 -17.65 22.23 23.90
N ARG A 87 -18.49 23.15 23.43
CA ARG A 87 -19.48 23.76 24.29
C ARG A 87 -20.39 22.79 25.03
N HIS A 88 -20.85 21.74 24.37
CA HIS A 88 -21.72 20.75 25.00
C HIS A 88 -21.03 19.41 25.11
N SER A 89 -20.23 19.05 24.11
CA SER A 89 -19.57 17.75 24.11
C SER A 89 -18.56 17.50 25.24
N TYR A 90 -18.37 16.22 25.55
CA TYR A 90 -17.44 15.78 26.59
C TYR A 90 -17.49 14.28 26.77
N THR A 91 -16.40 13.69 27.24
CA THR A 91 -16.34 12.26 27.51
C THR A 91 -16.36 12.08 29.02
N ALA A 92 -16.71 10.89 29.48
CA ALA A 92 -16.75 10.62 30.90
C ALA A 92 -16.70 9.11 31.11
N SER A 93 -16.77 8.72 32.37
CA SER A 93 -16.76 7.32 32.77
C SER A 93 -18.02 7.13 33.57
N TYR A 94 -18.64 5.96 33.45
CA TYR A 94 -19.87 5.71 34.18
C TYR A 94 -19.95 4.41 34.97
N ASP A 95 -20.69 4.48 36.06
CA ASP A 95 -20.95 3.35 36.94
C ASP A 95 -22.45 3.21 37.04
N ILE A 96 -22.93 1.98 36.97
CA ILE A 96 -24.35 1.72 37.09
C ILE A 96 -24.54 1.13 38.48
N TYR A 97 -25.40 1.75 39.28
CA TYR A 97 -25.63 1.28 40.65
C TYR A 97 -27.04 0.73 40.84
N ASP A 98 -27.12 -0.56 41.12
CA ASP A 98 -28.38 -1.27 41.34
C ASP A 98 -29.07 -0.78 42.62
N LEU A 99 -30.22 -0.13 42.49
CA LEU A 99 -30.94 0.38 43.65
C LEU A 99 -31.58 -0.73 44.51
N ASN A 100 -32.08 -1.76 43.86
CA ASN A 100 -32.71 -2.87 44.57
C ASN A 100 -31.69 -3.40 45.55
N LYS A 101 -30.68 -4.07 45.00
CA LYS A 101 -29.58 -4.64 45.78
C LYS A 101 -28.69 -3.54 46.34
N ARG A 102 -29.00 -2.29 45.97
CA ARG A 102 -28.20 -1.15 46.40
C ARG A 102 -26.74 -1.58 46.27
N GLN A 103 -26.41 -2.10 45.09
CA GLN A 103 -25.05 -2.55 44.80
C GLN A 103 -24.51 -1.80 43.59
N LEU A 104 -23.22 -1.96 43.34
CA LEU A 104 -22.56 -1.30 42.22
C LEU A 104 -22.26 -2.32 41.15
N ILE A 105 -22.95 -2.26 40.01
CA ILE A 105 -22.69 -3.21 38.94
C ILE A 105 -21.19 -3.22 38.68
N THR A 106 -20.57 -4.39 38.74
CA THR A 106 -19.13 -4.50 38.54
C THR A 106 -18.70 -5.28 37.29
N GLU A 107 -19.61 -6.03 36.69
CA GLU A 107 -19.27 -6.78 35.49
C GLU A 107 -19.85 -6.04 34.29
N GLU A 108 -19.27 -6.27 33.11
CA GLU A 108 -19.74 -5.60 31.89
C GLU A 108 -19.99 -4.13 32.15
N ARG A 109 -18.91 -3.39 32.40
CA ARG A 109 -18.99 -1.96 32.70
C ARG A 109 -18.94 -1.06 31.46
N ILE A 110 -19.41 0.18 31.62
CA ILE A 110 -19.41 1.14 30.53
C ILE A 110 -17.95 1.54 30.30
N PRO A 111 -17.55 1.75 29.05
CA PRO A 111 -16.17 2.13 28.73
C PRO A 111 -15.67 3.44 29.31
N ASN A 112 -14.36 3.63 29.18
CA ASN A 112 -13.72 4.85 29.64
C ASN A 112 -13.84 5.77 28.42
N ASN A 113 -13.88 7.07 28.63
CA ASN A 113 -13.98 7.99 27.50
C ASN A 113 -15.29 7.81 26.75
N THR A 114 -16.39 7.73 27.49
CA THR A 114 -17.68 7.55 26.87
C THR A 114 -18.18 8.92 26.43
N GLN A 115 -18.54 9.05 25.15
CA GLN A 115 -19.01 10.31 24.58
C GLN A 115 -20.43 10.73 24.95
N TRP A 116 -21.35 9.76 24.96
CA TRP A 116 -22.72 10.06 25.32
C TRP A 116 -23.41 8.79 25.82
N ILE A 117 -24.35 8.95 26.74
CA ILE A 117 -25.07 7.80 27.28
C ILE A 117 -26.47 8.24 27.70
N THR A 118 -27.43 7.31 27.66
CA THR A 118 -28.80 7.63 28.03
C THR A 118 -29.71 6.42 28.24
N TRP A 119 -30.50 6.50 29.30
CA TRP A 119 -31.46 5.45 29.62
C TRP A 119 -32.55 5.52 28.54
N SER A 120 -33.38 4.48 28.48
CA SER A 120 -34.51 4.47 27.54
C SER A 120 -35.64 5.23 28.25
N PRO A 121 -36.68 5.65 27.51
CA PRO A 121 -37.80 6.40 28.09
C PRO A 121 -38.53 5.59 29.16
N VAL A 122 -38.51 4.27 29.00
CA VAL A 122 -39.12 3.39 29.98
C VAL A 122 -38.09 2.34 30.36
N GLY A 123 -38.34 1.64 31.46
CA GLY A 123 -37.40 0.62 31.87
C GLY A 123 -36.01 1.08 32.30
N HIS A 124 -35.00 0.41 31.75
CA HIS A 124 -33.61 0.69 32.07
C HIS A 124 -32.59 0.28 30.99
N LYS A 125 -33.01 0.24 29.73
CA LYS A 125 -32.08 -0.10 28.66
C LYS A 125 -31.08 1.05 28.61
N LEU A 126 -29.96 0.85 27.95
CA LEU A 126 -28.94 1.90 27.84
C LEU A 126 -28.34 1.98 26.45
N ALA A 127 -28.18 3.20 25.96
CA ALA A 127 -27.55 3.44 24.65
C ALA A 127 -26.41 4.37 24.96
N TYR A 128 -25.29 4.21 24.28
CA TYR A 128 -24.16 5.08 24.52
C TYR A 128 -23.21 5.10 23.36
N VAL A 129 -22.47 6.18 23.24
CA VAL A 129 -21.52 6.31 22.15
C VAL A 129 -20.13 6.18 22.74
N TRP A 130 -19.25 5.55 21.97
CA TRP A 130 -17.88 5.33 22.37
C TRP A 130 -17.04 5.14 21.11
N ASN A 131 -16.07 6.01 20.90
CA ASN A 131 -15.22 5.92 19.72
C ASN A 131 -16.11 6.05 18.50
N ASN A 132 -17.04 6.98 18.58
CA ASN A 132 -17.96 7.26 17.49
C ASN A 132 -18.91 6.13 17.09
N ASP A 133 -19.11 5.18 17.99
CA ASP A 133 -20.02 4.09 17.69
C ASP A 133 -21.08 3.95 18.76
N ILE A 134 -22.19 3.34 18.37
CA ILE A 134 -23.33 3.14 19.27
C ILE A 134 -23.34 1.78 19.98
N TYR A 135 -23.77 1.77 21.22
CA TYR A 135 -23.86 0.53 21.98
C TYR A 135 -25.17 0.46 22.76
N VAL A 136 -25.71 -0.75 22.87
CA VAL A 136 -26.94 -0.93 23.61
C VAL A 136 -26.75 -1.99 24.68
N LYS A 137 -27.21 -1.69 25.89
CA LYS A 137 -27.14 -2.64 26.98
C LYS A 137 -28.57 -2.75 27.46
N ASN A 138 -29.19 -3.89 27.20
CA ASN A 138 -30.57 -4.10 27.62
C ASN A 138 -30.62 -4.31 29.12
N GLU A 139 -29.51 -4.74 29.67
CA GLU A 139 -29.42 -4.96 31.10
C GLU A 139 -28.09 -4.45 31.60
N PRO A 140 -28.09 -3.71 32.71
CA PRO A 140 -26.84 -3.18 33.26
C PRO A 140 -25.73 -4.24 33.34
N ASN A 141 -25.98 -5.32 34.08
CA ASN A 141 -24.95 -6.36 34.23
C ASN A 141 -24.66 -7.14 32.95
N LEU A 142 -25.63 -7.25 32.07
CA LEU A 142 -25.43 -7.98 30.83
C LEU A 142 -24.54 -7.26 29.84
N SER A 143 -23.97 -8.02 28.91
CA SER A 143 -23.07 -7.50 27.88
C SER A 143 -23.74 -6.55 26.91
N SER A 144 -22.99 -5.57 26.43
CA SER A 144 -23.55 -4.61 25.49
C SER A 144 -23.51 -5.20 24.08
N GLN A 145 -24.21 -4.55 23.17
CA GLN A 145 -24.28 -4.96 21.77
C GLN A 145 -23.88 -3.78 20.91
N ARG A 146 -22.87 -3.98 20.06
CA ARG A 146 -22.36 -2.93 19.17
C ARG A 146 -23.32 -2.71 18.00
N ILE A 147 -23.74 -1.46 17.82
CA ILE A 147 -24.69 -1.11 16.76
C ILE A 147 -24.07 -0.66 15.45
N THR A 148 -23.03 0.15 15.52
CA THR A 148 -22.38 0.65 14.31
C THR A 148 -20.92 0.29 14.28
N TRP A 149 -20.32 0.26 13.09
CA TRP A 149 -18.92 -0.11 12.98
C TRP A 149 -18.08 0.95 12.30
N THR A 150 -18.72 1.75 11.46
CA THR A 150 -18.06 2.82 10.73
C THR A 150 -17.41 3.94 11.58
N GLY A 151 -17.66 3.94 12.88
CA GLY A 151 -17.13 4.97 13.76
C GLY A 151 -15.66 5.32 13.58
N LYS A 152 -15.38 6.48 13.01
CA LYS A 152 -14.01 6.92 12.78
C LYS A 152 -13.76 8.32 13.30
N GLU A 153 -12.76 8.48 14.16
CA GLU A 153 -12.42 9.77 14.73
C GLU A 153 -12.16 10.85 13.68
N ASN A 154 -12.89 11.95 13.81
CA ASN A 154 -12.77 13.06 12.89
C ASN A 154 -13.26 12.74 11.50
N VAL A 155 -13.98 11.63 11.33
CA VAL A 155 -14.48 11.25 10.02
C VAL A 155 -15.93 10.81 10.02
N ILE A 156 -16.23 9.79 10.80
CA ILE A 156 -17.59 9.28 10.88
C ILE A 156 -18.10 9.33 12.30
N TYR A 157 -19.25 9.97 12.49
CA TYR A 157 -19.86 10.08 13.80
C TYR A 157 -21.23 9.37 13.81
N ASN A 158 -21.39 8.42 14.73
CA ASN A 158 -22.66 7.72 14.88
C ASN A 158 -23.12 7.90 16.32
N GLY A 159 -24.24 8.59 16.52
CA GLY A 159 -24.76 8.76 17.87
C GLY A 159 -24.49 10.12 18.48
N VAL A 160 -23.45 10.77 17.98
CA VAL A 160 -23.09 12.10 18.41
C VAL A 160 -22.76 12.97 17.20
N THR A 161 -23.07 14.25 17.36
CA THR A 161 -22.86 15.27 16.33
C THR A 161 -21.41 15.65 16.11
N ASP A 162 -21.09 16.24 14.97
CA ASP A 162 -19.71 16.70 14.76
C ASP A 162 -19.65 18.13 15.34
N TRP A 163 -18.59 18.87 15.02
CA TRP A 163 -18.45 20.22 15.56
C TRP A 163 -19.53 21.21 15.18
N VAL A 164 -19.91 21.22 13.90
CA VAL A 164 -20.91 22.18 13.47
C VAL A 164 -22.35 21.80 13.85
N TYR A 165 -22.65 20.51 13.92
CA TYR A 165 -23.99 20.17 14.32
C TYR A 165 -24.11 20.43 15.82
N GLU A 166 -23.01 20.23 16.54
CA GLU A 166 -23.03 20.47 17.99
C GLU A 166 -23.27 21.96 18.29
N GLU A 167 -22.42 22.79 17.71
CA GLU A 167 -22.49 24.21 17.92
C GLU A 167 -23.63 24.94 17.20
N GLU A 168 -23.92 24.57 15.94
CA GLU A 168 -24.94 25.28 15.16
C GLU A 168 -26.31 24.66 14.88
N VAL A 169 -26.49 23.37 15.09
CA VAL A 169 -27.79 22.80 14.77
C VAL A 169 -28.59 22.16 15.87
N PHE A 170 -27.94 21.40 16.74
CA PHE A 170 -28.65 20.73 17.85
C PHE A 170 -28.33 21.30 19.21
N SER A 171 -27.28 22.10 19.30
CA SER A 171 -26.84 22.64 20.58
C SER A 171 -26.71 21.47 21.54
N ALA A 172 -26.24 20.36 20.98
CA ALA A 172 -26.04 19.13 21.73
C ALA A 172 -24.99 18.28 21.03
N TYR A 173 -24.42 17.35 21.78
CA TYR A 173 -23.42 16.44 21.23
C TYR A 173 -24.20 15.18 20.85
N SER A 174 -25.27 14.96 21.60
CA SER A 174 -26.13 13.80 21.42
C SER A 174 -26.89 13.76 20.08
N ALA A 175 -26.95 12.56 19.49
CA ALA A 175 -27.66 12.32 18.23
C ALA A 175 -28.27 10.89 18.28
N LEU A 176 -28.89 10.60 19.42
CA LEU A 176 -29.55 9.33 19.70
C LEU A 176 -30.94 9.62 20.24
N TRP A 177 -31.93 8.91 19.72
CA TRP A 177 -33.31 9.11 20.15
C TRP A 177 -34.08 7.82 20.41
N TRP A 178 -34.22 7.46 21.68
CA TRP A 178 -34.97 6.27 22.03
C TRP A 178 -36.42 6.50 21.67
N SER A 179 -37.12 5.45 21.25
CA SER A 179 -38.55 5.54 20.92
C SER A 179 -39.25 5.59 22.28
N PRO A 180 -40.47 6.14 22.33
CA PRO A 180 -41.20 6.23 23.59
C PRO A 180 -41.18 4.97 24.44
N ASN A 181 -41.38 3.81 23.81
CA ASN A 181 -41.40 2.54 24.54
C ASN A 181 -40.11 1.74 24.45
N GLY A 182 -39.09 2.32 23.83
CA GLY A 182 -37.80 1.67 23.74
C GLY A 182 -37.68 0.60 22.68
N THR A 183 -38.67 0.48 21.81
CA THR A 183 -38.61 -0.52 20.76
C THR A 183 -37.51 -0.08 19.81
N PHE A 184 -37.62 1.16 19.38
CA PHE A 184 -36.68 1.71 18.43
C PHE A 184 -35.68 2.69 19.02
N LEU A 185 -34.52 2.74 18.36
CA LEU A 185 -33.44 3.63 18.72
C LEU A 185 -33.08 4.38 17.46
N ALA A 186 -33.37 5.67 17.44
CA ALA A 186 -33.06 6.50 16.29
C ALA A 186 -31.68 7.16 16.46
N TYR A 187 -30.95 7.28 15.34
CA TYR A 187 -29.66 7.94 15.40
C TYR A 187 -29.34 8.58 14.09
N ALA A 188 -28.34 9.45 14.13
CA ALA A 188 -27.90 10.17 12.94
C ALA A 188 -26.44 9.86 12.76
N GLN A 189 -26.02 9.79 11.51
CA GLN A 189 -24.63 9.56 11.21
C GLN A 189 -24.14 10.79 10.46
N PHE A 190 -23.02 11.35 10.90
CA PHE A 190 -22.47 12.51 10.20
C PHE A 190 -21.17 12.09 9.53
N ASN A 191 -20.99 12.54 8.29
CA ASN A 191 -19.80 12.21 7.53
C ASN A 191 -19.02 13.48 7.23
N ASP A 192 -17.84 13.61 7.85
CA ASP A 192 -16.99 14.78 7.68
C ASP A 192 -15.90 14.61 6.64
N THR A 193 -15.80 13.42 6.05
CA THR A 193 -14.77 13.13 5.06
C THR A 193 -14.17 14.28 4.26
N GLU A 194 -15.00 15.05 3.58
CA GLU A 194 -14.52 16.15 2.75
C GLU A 194 -14.54 17.54 3.38
N VAL A 195 -14.74 17.60 4.70
CA VAL A 195 -14.78 18.87 5.43
C VAL A 195 -13.37 19.33 5.81
N PRO A 196 -12.95 20.51 5.32
CA PRO A 196 -11.62 21.04 5.62
C PRO A 196 -11.32 21.17 7.11
N LEU A 197 -10.05 21.16 7.46
CA LEU A 197 -9.67 21.23 8.87
C LEU A 197 -9.07 22.52 9.38
N ILE A 198 -9.62 23.03 10.47
CA ILE A 198 -9.06 24.22 11.12
C ILE A 198 -7.92 23.58 11.93
N GLU A 199 -6.76 24.21 11.93
CA GLU A 199 -5.64 23.65 12.67
C GLU A 199 -5.00 24.74 13.50
N TYR A 200 -4.99 24.59 14.81
CA TYR A 200 -4.35 25.60 15.64
C TYR A 200 -3.41 24.90 16.61
N SER A 201 -2.62 25.66 17.35
CA SER A 201 -1.69 25.04 18.28
C SER A 201 -2.19 25.08 19.69
N PHE A 202 -1.97 23.96 20.38
CA PHE A 202 -2.32 23.80 21.77
C PHE A 202 -0.95 23.55 22.40
N TYR A 203 -0.58 24.40 23.35
CA TYR A 203 0.74 24.27 23.97
C TYR A 203 0.78 23.32 25.13
N SER A 204 -0.38 23.09 25.75
CA SER A 204 -0.48 22.20 26.88
C SER A 204 0.43 22.64 28.01
N ASP A 205 0.65 21.77 28.99
CA ASP A 205 1.49 22.09 30.12
C ASP A 205 2.97 22.31 29.78
N GLU A 206 3.58 23.21 30.55
CA GLU A 206 4.96 23.61 30.40
C GLU A 206 5.94 22.47 30.17
N SER A 207 5.54 21.27 30.54
CA SER A 207 6.39 20.11 30.38
C SER A 207 6.42 19.60 28.95
N LEU A 208 5.44 20.00 28.13
CA LEU A 208 5.35 19.53 26.74
C LEU A 208 6.40 20.18 25.87
N GLN A 209 7.43 19.42 25.51
CA GLN A 209 8.52 19.99 24.72
C GLN A 209 8.12 20.53 23.35
N TYR A 210 7.22 19.83 22.67
CA TYR A 210 6.74 20.25 21.36
C TYR A 210 5.24 20.49 21.49
N PRO A 211 4.72 21.59 20.88
CA PRO A 211 3.29 21.85 20.97
C PRO A 211 2.54 20.81 20.16
N LYS A 212 1.26 20.63 20.46
CA LYS A 212 0.40 19.69 19.75
C LYS A 212 -0.49 20.48 18.78
N THR A 213 -0.70 19.97 17.57
CA THR A 213 -1.59 20.66 16.63
C THR A 213 -2.99 20.06 16.69
N VAL A 214 -3.96 20.84 17.18
CA VAL A 214 -5.33 20.36 17.23
C VAL A 214 -5.88 20.43 15.82
N ARG A 215 -6.62 19.41 15.41
CA ARG A 215 -7.20 19.41 14.08
C ARG A 215 -8.67 19.05 14.21
N ILE A 216 -9.53 19.92 13.74
CA ILE A 216 -10.96 19.71 13.83
C ILE A 216 -11.59 19.90 12.47
N PRO A 217 -12.53 19.01 12.08
CA PRO A 217 -13.17 19.20 10.77
C PRO A 217 -14.20 20.31 11.03
N TYR A 218 -13.93 21.49 10.49
CA TYR A 218 -14.79 22.65 10.71
C TYR A 218 -15.02 23.31 9.36
N PRO A 219 -16.27 23.28 8.86
CA PRO A 219 -16.62 23.89 7.56
C PRO A 219 -16.85 25.39 7.68
N LYS A 220 -16.01 26.18 7.01
CA LYS A 220 -16.17 27.63 7.05
C LYS A 220 -17.18 28.06 5.99
N ALA A 221 -17.58 29.33 6.00
CA ALA A 221 -18.55 29.81 5.03
C ALA A 221 -18.22 29.32 3.62
N GLY A 222 -19.21 28.72 2.95
CA GLY A 222 -19.01 28.25 1.59
C GLY A 222 -18.22 26.97 1.40
N ALA A 223 -17.55 26.49 2.44
CA ALA A 223 -16.78 25.26 2.31
C ALA A 223 -17.65 24.03 2.20
N GLU A 224 -17.02 22.89 1.93
CA GLU A 224 -17.76 21.65 1.81
C GLU A 224 -18.33 21.34 3.20
N ASN A 225 -19.61 20.97 3.27
CA ASN A 225 -20.23 20.65 4.55
C ASN A 225 -20.28 19.16 4.83
N PRO A 226 -20.48 18.78 6.10
CA PRO A 226 -20.56 17.35 6.40
C PRO A 226 -21.91 16.85 5.91
N THR A 227 -22.06 15.54 5.74
CA THR A 227 -23.34 15.00 5.29
C THR A 227 -23.96 14.16 6.40
N VAL A 228 -25.28 14.00 6.34
CA VAL A 228 -26.00 13.24 7.36
C VAL A 228 -26.84 12.06 6.83
N LYS A 229 -27.05 11.08 7.71
CA LYS A 229 -27.84 9.89 7.41
C LYS A 229 -28.65 9.59 8.65
N PHE A 230 -29.91 9.27 8.46
CA PHE A 230 -30.76 8.98 9.59
C PHE A 230 -31.17 7.52 9.53
N PHE A 231 -31.15 6.86 10.69
CA PHE A 231 -31.51 5.46 10.75
C PHE A 231 -32.38 5.22 11.96
N VAL A 232 -33.32 4.30 11.82
CA VAL A 232 -34.17 3.94 12.93
C VAL A 232 -33.79 2.49 13.14
N VAL A 233 -33.41 2.16 14.37
CA VAL A 233 -32.98 0.81 14.70
C VAL A 233 -33.97 0.08 15.58
N ASP A 234 -34.34 -1.12 15.15
CA ASP A 234 -35.26 -1.96 15.89
C ASP A 234 -34.43 -2.78 16.86
N THR A 235 -34.44 -2.36 18.12
CA THR A 235 -33.66 -3.01 19.16
C THR A 235 -34.18 -4.41 19.54
N ARG A 236 -35.33 -4.79 18.98
CA ARG A 236 -35.93 -6.08 19.28
C ARG A 236 -35.10 -7.28 18.83
N THR A 237 -34.48 -7.19 17.66
CA THR A 237 -33.68 -8.32 17.19
C THR A 237 -32.21 -8.27 17.55
N LEU A 238 -31.82 -7.28 18.36
CA LEU A 238 -30.42 -7.13 18.79
C LEU A 238 -29.92 -8.37 19.52
N SER A 239 -29.04 -9.11 18.87
CA SER A 239 -28.51 -10.32 19.45
C SER A 239 -27.11 -10.46 18.87
N PRO A 240 -26.17 -11.04 19.65
CA PRO A 240 -24.78 -11.23 19.20
C PRO A 240 -24.56 -12.00 17.91
N ASN A 241 -25.49 -12.88 17.55
CA ASN A 241 -25.34 -13.63 16.32
C ASN A 241 -26.33 -13.14 15.25
N ALA A 242 -26.89 -11.98 15.50
CA ALA A 242 -27.85 -11.34 14.59
C ALA A 242 -27.24 -10.06 14.06
N SER A 243 -27.68 -9.64 12.88
CA SER A 243 -27.20 -8.40 12.30
C SER A 243 -28.07 -7.32 12.89
N VAL A 244 -27.88 -6.10 12.44
CA VAL A 244 -28.71 -5.02 12.96
C VAL A 244 -29.82 -4.67 11.98
N THR A 245 -31.03 -4.56 12.52
CA THR A 245 -32.18 -4.23 11.72
C THR A 245 -32.38 -2.71 11.82
N SER A 246 -32.06 -2.00 10.74
CA SER A 246 -32.22 -0.56 10.72
C SER A 246 -32.73 -0.05 9.37
N TYR A 247 -33.50 1.02 9.42
CA TYR A 247 -34.04 1.63 8.21
C TYR A 247 -33.52 3.06 8.06
N GLN A 248 -33.07 3.41 6.87
CA GLN A 248 -32.59 4.76 6.64
C GLN A 248 -33.72 5.64 6.10
N ILE A 249 -34.08 6.69 6.84
CA ILE A 249 -35.11 7.61 6.38
C ILE A 249 -34.46 8.83 5.70
N VAL A 250 -34.76 9.08 4.43
CA VAL A 250 -34.17 10.22 3.73
C VAL A 250 -35.08 11.46 3.75
N PRO A 251 -34.50 12.64 3.53
CA PRO A 251 -35.37 13.81 3.55
C PRO A 251 -36.28 13.80 2.33
N PRO A 252 -37.41 14.49 2.41
CA PRO A 252 -38.35 14.55 1.29
C PRO A 252 -37.66 15.22 0.10
N ALA A 253 -37.95 14.74 -1.10
CA ALA A 253 -37.37 15.26 -2.34
C ALA A 253 -36.96 16.73 -2.35
N SER A 254 -37.90 17.60 -1.96
CA SER A 254 -37.65 19.05 -1.93
C SER A 254 -36.36 19.47 -1.23
N VAL A 255 -35.78 18.60 -0.42
CA VAL A 255 -34.56 18.91 0.31
C VAL A 255 -33.42 17.95 -0.06
N LEU A 256 -33.78 16.70 -0.35
CA LEU A 256 -32.78 15.70 -0.73
C LEU A 256 -32.15 16.15 -2.05
N ILE A 257 -32.63 17.25 -2.58
CA ILE A 257 -32.17 17.79 -3.85
C ILE A 257 -30.80 18.47 -3.76
N GLY A 258 -30.34 18.74 -2.54
CA GLY A 258 -29.06 19.39 -2.37
C GLY A 258 -28.60 19.37 -0.93
N ASP A 259 -27.51 20.08 -0.65
CA ASP A 259 -26.97 20.15 0.69
C ASP A 259 -28.07 20.47 1.68
N HIS A 260 -28.08 19.77 2.80
CA HIS A 260 -29.09 20.03 3.81
C HIS A 260 -28.62 19.67 5.21
N TYR A 261 -29.51 19.92 6.17
CA TYR A 261 -29.24 19.62 7.56
C TYR A 261 -30.48 18.98 8.19
N LEU A 262 -30.23 18.03 9.08
CA LEU A 262 -31.27 17.37 9.83
C LEU A 262 -31.29 18.18 11.12
N CYS A 263 -32.36 18.92 11.38
CA CYS A 263 -32.39 19.75 12.58
C CYS A 263 -33.36 19.38 13.70
N GLY A 264 -34.18 18.36 13.50
CA GLY A 264 -35.12 17.97 14.54
C GLY A 264 -35.61 16.54 14.48
N VAL A 265 -35.75 15.92 15.66
CA VAL A 265 -36.22 14.55 15.75
C VAL A 265 -37.22 14.47 16.88
N THR A 266 -38.46 14.14 16.55
CA THR A 266 -39.51 14.03 17.57
C THR A 266 -40.38 12.79 17.40
N TRP A 267 -40.33 11.90 18.39
CA TRP A 267 -41.16 10.71 18.37
C TRP A 267 -42.55 11.15 18.76
N VAL A 268 -43.55 10.70 17.98
CA VAL A 268 -44.93 11.05 18.27
C VAL A 268 -45.56 9.90 19.02
N THR A 269 -45.38 8.69 18.48
CA THR A 269 -45.89 7.46 19.08
C THR A 269 -44.84 6.39 18.80
N GLU A 270 -45.07 5.16 19.27
CA GLU A 270 -44.08 4.12 19.03
C GLU A 270 -43.91 3.77 17.58
N GLU A 271 -44.87 4.17 16.75
CA GLU A 271 -44.78 3.88 15.33
C GLU A 271 -44.79 5.13 14.47
N ARG A 272 -44.62 6.29 15.11
CA ARG A 272 -44.61 7.57 14.40
C ARG A 272 -43.42 8.47 14.83
N ILE A 273 -42.56 8.81 13.87
CA ILE A 273 -41.44 9.68 14.16
C ILE A 273 -41.54 10.91 13.24
N SER A 274 -41.14 12.07 13.76
CA SER A 274 -41.22 13.33 13.04
C SER A 274 -39.85 13.93 12.70
N LEU A 275 -39.45 13.88 11.45
CA LEU A 275 -38.15 14.45 11.07
C LEU A 275 -38.28 15.87 10.56
N GLN A 276 -37.34 16.72 10.97
CA GLN A 276 -37.32 18.11 10.56
C GLN A 276 -36.05 18.39 9.77
N TRP A 277 -36.21 18.72 8.49
CA TRP A 277 -35.06 19.02 7.65
C TRP A 277 -35.12 20.43 7.16
N ILE A 278 -33.97 20.94 6.80
CA ILE A 278 -33.88 22.30 6.32
C ILE A 278 -32.78 22.26 5.28
N ARG A 279 -32.87 23.14 4.28
CA ARG A 279 -31.85 23.21 3.24
C ARG A 279 -30.65 23.99 3.76
N ARG A 280 -29.53 23.91 3.04
CA ARG A 280 -28.32 24.61 3.46
C ARG A 280 -28.60 26.10 3.56
N ALA A 281 -29.34 26.61 2.59
CA ALA A 281 -29.72 28.02 2.54
C ALA A 281 -30.46 28.43 3.81
N GLN A 282 -31.16 27.47 4.41
CA GLN A 282 -31.90 27.66 5.66
C GLN A 282 -33.06 28.63 5.66
N ASN A 283 -33.72 28.76 4.52
CA ASN A 283 -34.88 29.62 4.43
C ASN A 283 -36.01 28.74 3.90
N TYR A 284 -35.82 27.43 4.05
CA TYR A 284 -36.77 26.43 3.61
C TYR A 284 -36.59 25.16 4.46
N SER A 285 -37.55 24.89 5.33
CA SER A 285 -37.47 23.70 6.18
C SER A 285 -38.71 22.86 5.93
N ILE A 286 -38.74 21.66 6.50
CA ILE A 286 -39.87 20.79 6.29
C ILE A 286 -39.95 19.64 7.27
N ILE A 287 -41.15 19.45 7.81
CA ILE A 287 -41.42 18.40 8.76
C ILE A 287 -41.96 17.16 8.04
N ASP A 288 -41.34 16.00 8.28
CA ASP A 288 -41.81 14.77 7.66
C ASP A 288 -42.17 13.72 8.70
N ILE A 289 -43.47 13.55 8.88
CA ILE A 289 -44.01 12.58 9.82
C ILE A 289 -44.06 11.21 9.16
N CYS A 290 -43.15 10.33 9.58
CA CYS A 290 -43.03 8.98 9.03
C CYS A 290 -43.74 7.90 9.84
N ASP A 291 -44.42 7.00 9.14
CA ASP A 291 -45.13 5.92 9.81
C ASP A 291 -44.48 4.54 9.62
N TYR A 292 -44.40 3.78 10.70
CA TYR A 292 -43.80 2.44 10.68
C TYR A 292 -44.74 1.42 10.02
N ASP A 293 -44.26 0.77 8.96
CA ASP A 293 -45.03 -0.24 8.26
C ASP A 293 -44.72 -1.59 8.85
N GLU A 294 -45.54 -2.00 9.81
CA GLU A 294 -45.37 -3.25 10.52
C GLU A 294 -44.99 -4.44 9.65
N SER A 295 -45.61 -4.56 8.49
CA SER A 295 -45.35 -5.69 7.63
C SER A 295 -43.97 -5.75 6.98
N THR A 296 -43.21 -4.66 7.05
CA THR A 296 -41.89 -4.66 6.40
C THR A 296 -40.74 -4.03 7.17
N GLY A 297 -41.05 -3.30 8.24
CA GLY A 297 -40.00 -2.65 9.01
C GLY A 297 -39.58 -1.30 8.44
N ARG A 298 -40.19 -0.91 7.32
CA ARG A 298 -39.89 0.36 6.69
C ARG A 298 -40.57 1.50 7.43
N TRP A 299 -40.03 2.70 7.24
CA TRP A 299 -40.60 3.91 7.82
C TRP A 299 -41.02 4.74 6.61
N ILE A 300 -42.32 4.88 6.41
CA ILE A 300 -42.86 5.58 5.26
C ILE A 300 -43.29 7.03 5.41
N SER A 301 -43.18 7.75 4.29
CA SER A 301 -43.53 9.16 4.18
C SER A 301 -44.76 9.37 3.27
N SER A 302 -45.33 10.57 3.35
CA SER A 302 -46.47 10.93 2.53
C SER A 302 -46.55 12.44 2.34
N VAL A 303 -46.72 12.86 1.09
CA VAL A 303 -46.84 14.28 0.79
C VAL A 303 -47.84 14.94 1.70
N ALA A 304 -48.87 14.21 2.09
CA ALA A 304 -49.90 14.78 2.94
C ALA A 304 -49.43 14.91 4.37
N ARG A 305 -48.42 14.13 4.74
CA ARG A 305 -47.96 14.18 6.11
C ARG A 305 -46.75 15.11 6.25
N GLN A 306 -46.47 15.87 5.19
CA GLN A 306 -45.35 16.80 5.23
C GLN A 306 -45.81 18.25 5.36
N HIS A 307 -45.01 19.08 6.03
CA HIS A 307 -45.33 20.50 6.24
C HIS A 307 -44.14 21.40 5.99
N ILE A 308 -44.31 22.34 5.08
CA ILE A 308 -43.25 23.25 4.72
C ILE A 308 -43.30 24.55 5.49
N GLU A 309 -42.11 25.08 5.79
CA GLU A 309 -41.99 26.35 6.49
C GLU A 309 -40.88 27.07 5.75
N ILE A 310 -41.16 28.26 5.24
CA ILE A 310 -40.14 29.01 4.51
C ILE A 310 -40.05 30.49 4.89
N SER A 311 -38.97 31.13 4.49
CA SER A 311 -38.81 32.55 4.76
C SER A 311 -38.31 33.24 3.50
N THR A 312 -38.89 34.39 3.21
CA THR A 312 -38.53 35.17 2.03
C THR A 312 -37.80 36.42 2.46
N THR A 313 -37.95 36.76 3.74
CA THR A 313 -37.27 37.91 4.31
C THR A 313 -36.02 37.52 5.10
N GLY A 314 -35.78 36.22 5.22
CA GLY A 314 -34.62 35.78 5.97
C GLY A 314 -34.54 34.29 6.17
N TRP A 315 -34.31 33.88 7.42
CA TRP A 315 -34.17 32.49 7.77
C TRP A 315 -35.34 31.96 8.60
N VAL A 316 -35.55 30.64 8.54
CA VAL A 316 -36.60 30.00 9.30
C VAL A 316 -36.23 29.92 10.78
N GLY A 317 -37.21 30.13 11.65
CA GLY A 317 -36.96 30.07 13.08
C GLY A 317 -36.00 31.12 13.59
N ARG A 318 -35.64 31.04 14.86
CA ARG A 318 -34.71 31.97 15.47
C ARG A 318 -33.27 31.57 15.14
N PHE A 319 -32.85 30.39 15.57
CA PHE A 319 -31.51 29.89 15.27
C PHE A 319 -31.74 28.58 14.52
N ARG A 320 -33.01 28.20 14.43
CA ARG A 320 -33.43 27.00 13.73
C ARG A 320 -34.94 26.90 13.78
N PRO A 321 -35.55 26.16 12.83
CA PRO A 321 -37.00 26.04 12.88
C PRO A 321 -37.46 25.55 14.26
N ALA A 322 -38.56 26.12 14.75
CA ALA A 322 -39.09 25.74 16.05
C ALA A 322 -39.59 24.30 15.95
N GLU A 323 -39.45 23.57 17.06
CA GLU A 323 -39.83 22.17 17.15
C GLU A 323 -41.33 21.92 17.28
N PRO A 324 -41.82 20.85 16.64
CA PRO A 324 -43.24 20.52 16.71
C PRO A 324 -43.58 19.86 18.04
N HIS A 325 -44.76 20.16 18.58
CA HIS A 325 -45.23 19.59 19.83
C HIS A 325 -46.54 18.82 19.62
N PHE A 326 -46.43 17.52 19.36
CA PHE A 326 -47.57 16.66 19.08
C PHE A 326 -48.53 16.35 20.21
N THR A 327 -49.79 16.08 19.85
CA THR A 327 -50.82 15.72 20.83
C THR A 327 -50.56 14.25 21.16
N SER A 328 -51.05 13.80 22.30
CA SER A 328 -50.84 12.42 22.69
C SER A 328 -51.11 11.46 21.52
N ASP A 329 -52.32 11.52 20.97
CA ASP A 329 -52.71 10.64 19.87
C ASP A 329 -51.81 10.76 18.65
N GLY A 330 -51.16 11.90 18.49
CA GLY A 330 -50.28 12.09 17.36
C GLY A 330 -50.94 12.48 16.05
N ASN A 331 -52.17 12.96 16.10
CA ASN A 331 -52.86 13.34 14.86
C ASN A 331 -52.77 14.84 14.51
N SER A 332 -52.39 15.64 15.49
CA SER A 332 -52.21 17.07 15.30
C SER A 332 -51.01 17.52 16.14
N PHE A 333 -50.54 18.74 15.91
CA PHE A 333 -49.42 19.24 16.68
C PHE A 333 -49.42 20.75 16.70
N TYR A 334 -48.84 21.33 17.74
CA TYR A 334 -48.76 22.77 17.86
C TYR A 334 -47.32 23.18 17.70
N LYS A 335 -47.08 24.17 16.83
CA LYS A 335 -45.72 24.64 16.60
C LYS A 335 -45.67 26.14 16.34
N ILE A 336 -44.63 26.78 16.84
CA ILE A 336 -44.43 28.21 16.69
C ILE A 336 -43.90 28.59 15.31
N ILE A 337 -44.57 29.55 14.66
CA ILE A 337 -44.15 30.08 13.36
C ILE A 337 -44.52 31.57 13.30
N SER A 338 -44.06 32.25 12.26
CA SER A 338 -44.31 33.69 12.07
C SER A 338 -45.65 34.00 11.38
N ASN A 339 -46.26 35.12 11.78
CA ASN A 339 -47.53 35.61 11.23
C ASN A 339 -47.33 36.24 9.89
N GLU A 340 -48.40 36.88 9.44
CA GLU A 340 -48.42 37.62 8.20
C GLU A 340 -47.83 38.94 8.68
N GLU A 341 -47.93 39.15 10.00
CA GLU A 341 -47.40 40.34 10.65
C GLU A 341 -45.93 40.14 10.99
N GLY A 342 -45.48 38.89 10.97
CA GLY A 342 -44.09 38.62 11.28
C GLY A 342 -43.78 38.35 12.74
N TYR A 343 -44.76 37.85 13.48
CA TYR A 343 -44.55 37.55 14.88
C TYR A 343 -44.57 36.06 15.17
N LYS A 344 -43.65 35.61 16.02
CA LYS A 344 -43.55 34.21 16.38
C LYS A 344 -44.72 33.84 17.25
N HIS A 345 -45.62 33.03 16.69
CA HIS A 345 -46.82 32.57 17.41
C HIS A 345 -47.13 31.12 17.19
N ILE A 346 -47.95 30.57 18.09
CA ILE A 346 -48.31 29.17 18.01
C ILE A 346 -49.38 28.84 16.98
N CYS A 347 -49.10 27.89 16.11
CA CYS A 347 -50.08 27.49 15.12
C CYS A 347 -50.44 26.02 15.36
N HIS A 348 -51.73 25.71 15.31
CA HIS A 348 -52.20 24.35 15.49
C HIS A 348 -52.14 23.68 14.11
N PHE A 349 -51.52 22.51 14.04
CA PHE A 349 -51.42 21.79 12.77
C PHE A 349 -52.12 20.44 12.85
N GLN A 350 -52.48 19.95 11.67
CA GLN A 350 -53.12 18.67 11.51
C GLN A 350 -52.03 17.83 10.87
N THR A 351 -51.71 16.69 11.46
CA THR A 351 -50.67 15.84 10.91
C THR A 351 -50.73 15.68 9.38
N ASP A 352 -51.92 15.53 8.84
CA ASP A 352 -52.06 15.35 7.39
C ASP A 352 -52.82 16.43 6.61
N LYS A 353 -52.86 17.65 7.16
CA LYS A 353 -53.52 18.78 6.51
C LYS A 353 -52.51 19.92 6.51
N SER A 354 -52.35 20.61 5.37
CA SER A 354 -51.37 21.69 5.27
C SER A 354 -51.74 23.00 5.95
N ASN A 355 -53.02 23.24 6.16
CA ASN A 355 -53.43 24.49 6.79
C ASN A 355 -53.31 24.41 8.32
N CYS A 356 -52.78 25.47 8.94
CA CYS A 356 -52.67 25.48 10.39
C CYS A 356 -53.52 26.61 10.96
N THR A 357 -53.66 26.65 12.28
CA THR A 357 -54.45 27.71 12.89
C THR A 357 -53.76 28.34 14.08
N PHE A 358 -53.33 29.58 13.91
CA PHE A 358 -52.67 30.30 15.00
C PHE A 358 -53.64 30.36 16.17
N ILE A 359 -53.13 30.06 17.37
CA ILE A 359 -53.96 30.09 18.56
C ILE A 359 -53.51 31.23 19.46
N THR A 360 -52.52 31.98 18.97
CA THR A 360 -51.99 33.15 19.66
C THR A 360 -51.73 34.22 18.62
N LYS A 361 -52.02 35.46 18.96
CA LYS A 361 -51.78 36.59 18.07
C LYS A 361 -51.35 37.74 18.96
N GLY A 362 -50.69 38.73 18.38
CA GLY A 362 -50.24 39.86 19.16
C GLY A 362 -48.90 40.40 18.72
N ALA A 363 -48.63 41.67 19.06
CA ALA A 363 -47.36 42.30 18.72
C ALA A 363 -46.36 41.92 19.81
N TRP A 364 -46.14 40.62 19.95
CA TRP A 364 -45.22 40.07 20.94
C TRP A 364 -44.96 38.66 20.47
N GLU A 365 -44.12 37.92 21.19
CA GLU A 365 -43.83 36.58 20.72
C GLU A 365 -43.83 35.46 21.74
N VAL A 366 -44.21 34.28 21.24
CA VAL A 366 -44.19 33.08 22.05
C VAL A 366 -42.72 32.65 22.02
N ILE A 367 -42.15 32.39 23.19
CA ILE A 367 -40.74 32.00 23.22
C ILE A 367 -40.72 30.50 23.05
N GLY A 368 -41.63 29.82 23.74
CA GLY A 368 -41.66 28.37 23.61
C GLY A 368 -42.83 27.66 24.25
N ILE A 369 -43.05 26.44 23.78
CA ILE A 369 -44.11 25.58 24.27
C ILE A 369 -43.48 24.69 25.33
N GLU A 370 -43.99 24.76 26.56
CA GLU A 370 -43.44 24.00 27.67
C GLU A 370 -44.17 22.72 28.01
N ALA A 371 -45.49 22.73 27.88
CA ALA A 371 -46.28 21.55 28.21
C ALA A 371 -47.57 21.49 27.41
N LEU A 372 -48.06 20.28 27.17
CA LEU A 372 -49.28 20.08 26.42
C LEU A 372 -50.08 18.95 27.05
N THR A 373 -51.34 19.23 27.36
CA THR A 373 -52.21 18.22 27.94
C THR A 373 -53.39 17.97 27.02
N SER A 374 -54.26 17.06 27.41
CA SER A 374 -55.42 16.75 26.58
C SER A 374 -56.33 17.95 26.54
N ASP A 375 -56.07 18.93 27.40
CA ASP A 375 -56.91 20.13 27.45
C ASP A 375 -56.16 21.45 27.28
N TYR A 376 -54.94 21.51 27.82
CA TYR A 376 -54.17 22.74 27.76
C TYR A 376 -52.80 22.72 27.12
N LEU A 377 -52.37 23.92 26.74
CA LEU A 377 -51.08 24.16 26.13
C LEU A 377 -50.45 25.18 27.05
N TYR A 378 -49.21 24.90 27.44
CA TYR A 378 -48.48 25.82 28.31
C TYR A 378 -47.33 26.40 27.53
N TYR A 379 -47.21 27.72 27.56
CA TYR A 379 -46.13 28.37 26.83
C TYR A 379 -45.58 29.59 27.56
N ILE A 380 -44.44 30.06 27.07
CA ILE A 380 -43.76 31.20 27.65
C ILE A 380 -43.64 32.29 26.58
N SER A 381 -44.06 33.50 26.95
CA SER A 381 -43.99 34.62 26.02
C SER A 381 -43.53 35.90 26.72
N ASN A 382 -43.14 36.89 25.93
CA ASN A 382 -42.69 38.17 26.45
C ASN A 382 -43.82 39.16 26.25
N GLU A 383 -45.04 38.70 26.50
CA GLU A 383 -46.21 39.54 26.32
C GLU A 383 -46.51 40.49 27.45
N HIS A 384 -46.54 39.96 28.66
CA HIS A 384 -46.85 40.76 29.83
C HIS A 384 -46.24 42.16 29.81
N LYS A 385 -47.09 43.17 29.84
CA LYS A 385 -46.68 44.57 29.83
C LYS A 385 -45.96 44.95 28.55
N GLY A 386 -46.17 44.15 27.51
CA GLY A 386 -45.55 44.42 26.23
C GLY A 386 -44.05 44.62 26.21
N MET A 387 -43.34 44.15 27.24
CA MET A 387 -41.89 44.33 27.26
C MET A 387 -41.18 43.05 26.88
N PRO A 388 -40.63 43.00 25.66
CA PRO A 388 -39.92 41.82 25.16
C PRO A 388 -38.78 41.28 26.03
N GLY A 389 -38.23 42.13 26.89
CA GLY A 389 -37.14 41.70 27.73
C GLY A 389 -37.58 40.89 28.94
N GLY A 390 -38.88 40.62 29.04
CA GLY A 390 -39.42 39.85 30.15
C GLY A 390 -40.01 38.53 29.64
N ARG A 391 -40.20 37.57 30.54
CA ARG A 391 -40.76 36.29 30.15
C ARG A 391 -41.80 35.85 31.18
N ASN A 392 -42.84 35.19 30.72
CA ASN A 392 -43.89 34.72 31.62
C ASN A 392 -44.55 33.40 31.18
N LEU A 393 -45.10 32.65 32.15
CA LEU A 393 -45.77 31.38 31.87
C LEU A 393 -47.25 31.55 31.61
N TYR A 394 -47.70 31.09 30.46
CA TYR A 394 -49.10 31.21 30.07
C TYR A 394 -49.76 29.88 29.78
N ARG A 395 -51.04 29.80 30.07
CA ARG A 395 -51.79 28.60 29.75
C ARG A 395 -52.95 28.98 28.87
N ILE A 396 -53.12 28.24 27.79
CA ILE A 396 -54.22 28.49 26.89
C ILE A 396 -55.10 27.25 26.85
N GLN A 397 -56.42 27.46 26.81
CA GLN A 397 -57.36 26.36 26.78
C GLN A 397 -57.60 25.93 25.36
N LEU A 398 -57.26 24.68 25.06
CA LEU A 398 -57.39 24.13 23.72
C LEU A 398 -58.78 24.18 23.10
N ASN A 399 -59.84 24.01 23.89
CA ASN A 399 -61.19 24.05 23.33
C ASN A 399 -61.69 25.47 23.10
N ASP A 400 -60.97 26.44 23.66
CA ASP A 400 -61.33 27.85 23.51
C ASP A 400 -60.04 28.69 23.59
N TYR A 401 -59.50 29.07 22.43
CA TYR A 401 -58.29 29.87 22.38
C TYR A 401 -58.55 31.29 22.84
N THR A 402 -59.51 31.47 23.73
CA THR A 402 -59.85 32.80 24.26
C THR A 402 -59.55 32.76 25.73
N LYS A 403 -59.58 31.55 26.28
CA LYS A 403 -59.31 31.32 27.68
C LYS A 403 -57.82 31.08 27.78
N VAL A 404 -57.08 32.13 28.06
CA VAL A 404 -55.65 32.03 28.21
C VAL A 404 -55.34 32.83 29.46
N THR A 405 -54.73 32.17 30.42
CA THR A 405 -54.39 32.81 31.68
C THR A 405 -52.88 32.87 31.91
N CYS A 406 -52.44 33.84 32.70
CA CYS A 406 -51.02 33.96 32.98
C CYS A 406 -50.76 33.59 34.43
N LEU A 407 -50.01 32.51 34.64
CA LEU A 407 -49.72 32.00 35.98
C LEU A 407 -48.67 32.80 36.78
N SER A 408 -47.54 33.08 36.14
CA SER A 408 -46.45 33.80 36.81
C SER A 408 -46.63 35.32 36.92
N CYS A 409 -47.31 35.93 35.94
CA CYS A 409 -47.55 37.37 35.88
C CYS A 409 -47.71 38.23 37.12
N GLU A 410 -48.62 37.86 38.02
CA GLU A 410 -48.84 38.65 39.22
C GLU A 410 -48.28 38.09 40.52
N LEU A 411 -47.63 36.94 40.48
CA LEU A 411 -47.06 36.37 41.69
C LEU A 411 -46.25 37.45 42.41
N ASN A 412 -45.16 37.92 41.81
CA ASN A 412 -44.32 38.97 42.41
C ASN A 412 -43.91 39.95 41.33
N PRO A 413 -44.84 40.82 40.91
CA PRO A 413 -44.61 41.82 39.86
C PRO A 413 -43.31 42.61 39.91
N GLU A 414 -42.87 43.01 41.11
CA GLU A 414 -41.63 43.77 41.26
C GLU A 414 -40.36 42.91 41.20
N ARG A 415 -40.43 41.73 41.82
CA ARG A 415 -39.29 40.85 41.86
C ARG A 415 -39.19 39.89 40.68
N CYS A 416 -40.34 39.54 40.11
CA CYS A 416 -40.35 38.58 39.01
C CYS A 416 -41.05 38.98 37.72
N GLN A 417 -40.27 39.08 36.66
CA GLN A 417 -40.78 39.43 35.36
C GLN A 417 -40.15 38.52 34.33
N TYR A 418 -39.26 37.65 34.79
CA TYR A 418 -38.57 36.74 33.89
C TYR A 418 -38.67 35.35 34.48
N TYR A 419 -39.37 34.46 33.77
CA TYR A 419 -39.59 33.10 34.24
C TYR A 419 -39.30 32.04 33.19
N SER A 420 -39.07 30.84 33.69
CA SER A 420 -38.89 29.66 32.84
C SER A 420 -39.71 28.67 33.66
N ALA A 421 -39.97 27.46 33.14
CA ALA A 421 -40.76 26.51 33.91
C ALA A 421 -40.41 25.07 33.65
N SER A 422 -40.67 24.24 34.64
CA SER A 422 -40.41 22.82 34.53
C SER A 422 -41.66 22.08 35.00
N PHE A 423 -42.28 21.32 34.10
CA PHE A 423 -43.49 20.59 34.46
C PHE A 423 -43.29 19.13 34.81
N SER A 424 -44.12 18.63 35.72
CA SER A 424 -44.07 17.22 36.12
C SER A 424 -44.43 16.42 34.87
N ASN A 425 -44.36 15.10 34.97
CA ASN A 425 -44.65 14.28 33.80
C ASN A 425 -45.96 14.58 33.08
N LYS A 426 -47.08 14.54 33.79
CA LYS A 426 -48.35 14.84 33.14
C LYS A 426 -48.81 16.25 33.47
N ALA A 427 -47.85 17.16 33.50
CA ALA A 427 -48.10 18.56 33.78
C ALA A 427 -48.98 18.84 34.99
N LYS A 428 -49.00 17.92 35.96
CA LYS A 428 -49.82 18.13 37.15
C LYS A 428 -49.19 19.16 38.07
N TYR A 429 -47.88 19.29 37.96
CA TYR A 429 -47.14 20.23 38.79
C TYR A 429 -46.10 20.94 37.97
N TYR A 430 -45.59 22.04 38.49
CA TYR A 430 -44.55 22.80 37.82
C TYR A 430 -43.84 23.75 38.78
N GLN A 431 -42.54 23.90 38.54
CA GLN A 431 -41.70 24.77 39.33
C GLN A 431 -41.51 26.02 38.51
N LEU A 432 -41.62 27.18 39.16
CA LEU A 432 -41.42 28.43 38.46
C LEU A 432 -40.07 29.00 38.83
N ARG A 433 -39.32 29.42 37.83
CA ARG A 433 -38.00 29.98 38.04
C ARG A 433 -37.99 31.48 37.73
N CYS A 434 -37.91 32.28 38.78
CA CYS A 434 -37.88 33.73 38.68
C CYS A 434 -36.44 34.17 38.62
N PHE A 435 -36.01 34.79 37.52
CA PHE A 435 -34.62 35.22 37.40
C PHE A 435 -34.38 36.72 37.54
N GLY A 436 -35.42 37.47 37.88
CA GLY A 436 -35.26 38.90 38.03
C GLY A 436 -36.56 39.66 37.76
N PRO A 437 -36.55 41.01 37.85
CA PRO A 437 -35.42 41.88 38.20
C PRO A 437 -34.86 41.69 39.59
N GLY A 438 -35.71 41.21 40.49
CA GLY A 438 -35.27 40.99 41.86
C GLY A 438 -34.45 39.71 41.96
N LEU A 439 -34.06 39.34 43.17
CA LEU A 439 -33.28 38.13 43.36
C LEU A 439 -34.05 36.93 42.87
N PRO A 440 -33.36 35.90 42.37
CA PRO A 440 -34.05 34.72 41.89
C PRO A 440 -35.00 34.17 42.96
N LEU A 441 -35.98 33.40 42.53
CA LEU A 441 -36.97 32.84 43.43
C LEU A 441 -37.51 31.60 42.78
N TYR A 442 -37.38 30.48 43.47
CA TYR A 442 -37.86 29.21 42.94
C TYR A 442 -39.04 28.75 43.76
N THR A 443 -40.12 28.40 43.08
CA THR A 443 -41.34 27.96 43.76
C THR A 443 -41.98 26.73 43.10
N LEU A 444 -42.86 26.05 43.85
CA LEU A 444 -43.54 24.86 43.36
C LEU A 444 -45.04 25.12 43.25
N HIS A 445 -45.61 24.80 42.08
CA HIS A 445 -47.04 25.00 41.85
C HIS A 445 -47.81 23.76 41.39
N SER A 446 -49.08 23.70 41.80
CA SER A 446 -49.95 22.61 41.40
C SER A 446 -50.76 23.13 40.23
N SER A 447 -50.74 22.42 39.10
CA SER A 447 -51.50 22.85 37.93
C SER A 447 -53.00 22.98 38.15
N SER A 448 -53.56 22.15 39.01
CA SER A 448 -54.99 22.16 39.31
C SER A 448 -55.55 23.52 39.74
N SER A 449 -54.99 24.10 40.80
CA SER A 449 -55.48 25.39 41.30
C SER A 449 -54.44 26.50 41.23
N ASP A 450 -53.35 26.23 40.51
CA ASP A 450 -52.29 27.22 40.38
C ASP A 450 -51.95 27.79 41.75
N LYS A 451 -52.06 26.94 42.78
CA LYS A 451 -51.78 27.34 44.15
C LYS A 451 -50.28 27.43 44.34
N GLU A 452 -49.86 28.41 45.13
CA GLU A 452 -48.46 28.64 45.43
C GLU A 452 -47.73 27.42 45.96
N LEU A 453 -48.36 26.68 46.86
CA LEU A 453 -47.74 25.49 47.46
C LEU A 453 -46.56 25.84 48.37
N ARG A 454 -45.37 26.00 47.79
CA ARG A 454 -44.22 26.35 48.61
C ARG A 454 -43.08 27.05 47.85
N VAL A 455 -42.25 27.75 48.63
CA VAL A 455 -41.08 28.47 48.11
C VAL A 455 -39.85 27.57 48.26
N LEU A 456 -39.33 27.09 47.14
CA LEU A 456 -38.16 26.22 47.13
C LEU A 456 -36.87 26.95 47.50
N GLU A 457 -36.71 28.18 47.02
CA GLU A 457 -35.50 28.94 47.29
C GLU A 457 -35.73 30.43 47.11
N ASP A 458 -35.60 31.20 48.18
CA ASP A 458 -35.81 32.64 48.08
C ASP A 458 -34.53 33.52 48.11
N ASN A 459 -33.36 32.88 48.19
CA ASN A 459 -32.10 33.62 48.23
C ASN A 459 -32.10 34.63 49.37
N SER A 460 -32.78 34.28 50.45
CA SER A 460 -32.87 35.13 51.62
C SER A 460 -31.50 35.45 52.19
N ALA A 461 -30.57 34.50 52.06
CA ALA A 461 -29.21 34.70 52.55
C ALA A 461 -28.51 35.75 51.70
N LEU A 462 -28.68 35.66 50.38
CA LEU A 462 -28.07 36.62 49.47
C LEU A 462 -28.63 38.03 49.69
N ASP A 463 -29.92 38.13 49.97
CA ASP A 463 -30.55 39.43 50.21
C ASP A 463 -29.93 40.12 51.42
N LYS A 464 -29.67 39.34 52.47
CA LYS A 464 -29.07 39.85 53.68
C LYS A 464 -27.76 40.56 53.34
N MET A 465 -26.82 39.80 52.80
CA MET A 465 -25.51 40.32 52.42
C MET A 465 -25.50 41.60 51.59
N LEU A 466 -26.36 41.67 50.59
CA LEU A 466 -26.41 42.83 49.70
C LEU A 466 -26.94 44.13 50.30
N GLN A 467 -27.54 44.05 51.49
CA GLN A 467 -28.07 45.27 52.09
C GLN A 467 -26.96 46.09 52.73
N ASP A 468 -25.77 45.51 52.78
CA ASP A 468 -24.63 46.20 53.35
C ASP A 468 -23.75 46.79 52.25
N VAL A 469 -23.84 46.23 51.06
CA VAL A 469 -23.05 46.71 49.93
C VAL A 469 -23.83 47.75 49.13
N GLN A 470 -23.10 48.69 48.55
CA GLN A 470 -23.72 49.73 47.72
C GLN A 470 -23.91 49.24 46.30
N MET A 471 -25.04 48.58 46.06
CA MET A 471 -25.35 48.04 44.76
C MET A 471 -25.83 49.10 43.81
N PRO A 472 -25.58 48.92 42.50
CA PRO A 472 -26.02 49.90 41.52
C PRO A 472 -27.48 49.56 41.24
N SER A 473 -28.22 50.45 40.58
CA SER A 473 -29.61 50.14 40.27
C SER A 473 -29.67 49.92 38.77
N LYS A 474 -30.54 49.00 38.36
CA LYS A 474 -30.69 48.69 36.95
C LYS A 474 -32.04 49.15 36.39
N LYS A 475 -32.00 50.00 35.38
CA LYS A 475 -33.23 50.47 34.79
C LYS A 475 -33.31 50.13 33.30
N LEU A 476 -34.52 49.79 32.85
CA LEU A 476 -34.78 49.47 31.44
C LEU A 476 -35.72 50.54 30.88
N ASP A 477 -35.45 51.02 29.68
CA ASP A 477 -36.31 52.05 29.09
C ASP A 477 -36.20 52.01 27.58
N VAL A 478 -37.08 52.75 26.91
CA VAL A 478 -37.08 52.76 25.45
C VAL A 478 -36.53 54.06 24.90
N ILE A 479 -36.25 54.04 23.60
CA ILE A 479 -35.80 55.20 22.86
C ILE A 479 -36.25 54.95 21.43
N ASN A 480 -36.47 56.04 20.70
CA ASN A 480 -36.95 55.94 19.33
C ASN A 480 -35.87 56.08 18.28
N LEU A 481 -35.77 55.07 17.42
CA LEU A 481 -34.80 55.07 16.31
C LEU A 481 -35.56 54.91 15.01
N HIS A 482 -35.31 55.82 14.08
CA HIS A 482 -35.98 55.84 12.79
C HIS A 482 -37.41 55.30 12.84
N GLY A 483 -38.17 55.79 13.80
CA GLY A 483 -39.56 55.36 13.93
C GLY A 483 -39.86 54.26 14.92
N THR A 484 -38.93 53.33 15.10
CA THR A 484 -39.15 52.20 15.99
C THR A 484 -38.74 52.37 17.44
N LYS A 485 -39.52 51.76 18.32
CA LYS A 485 -39.26 51.78 19.75
C LYS A 485 -38.31 50.63 20.10
N PHE A 486 -37.09 50.98 20.51
CA PHE A 486 -36.12 49.97 20.87
C PHE A 486 -35.79 50.00 22.36
N TRP A 487 -35.34 48.87 22.88
CA TRP A 487 -35.04 48.80 24.29
C TRP A 487 -33.57 48.84 24.67
N TYR A 488 -33.30 49.48 25.80
CA TYR A 488 -31.95 49.60 26.32
C TYR A 488 -32.03 49.47 27.84
N GLN A 489 -30.87 49.28 28.46
CA GLN A 489 -30.77 49.15 29.91
C GLN A 489 -29.52 49.86 30.38
N MET A 490 -29.56 50.39 31.59
CA MET A 490 -28.40 51.07 32.15
C MET A 490 -28.17 50.65 33.59
N ILE A 491 -26.94 50.21 33.89
CA ILE A 491 -26.59 49.83 35.25
C ILE A 491 -25.99 51.14 35.77
N LEU A 492 -26.65 51.76 36.74
CA LEU A 492 -26.18 53.03 37.26
C LEU A 492 -25.52 52.92 38.62
N PRO A 493 -24.44 53.69 38.82
CA PRO A 493 -23.69 53.73 40.07
C PRO A 493 -24.57 54.11 41.26
N PRO A 494 -24.17 53.70 42.47
CA PRO A 494 -24.89 53.98 43.73
C PRO A 494 -24.91 55.47 44.03
N HIS A 495 -25.85 55.91 44.85
CA HIS A 495 -25.94 57.33 45.20
C HIS A 495 -25.68 58.17 43.96
N PHE A 496 -26.40 57.85 42.89
CA PHE A 496 -26.23 58.54 41.62
C PHE A 496 -26.38 60.05 41.73
N ASP A 497 -25.28 60.78 41.54
CA ASP A 497 -25.34 62.23 41.58
C ASP A 497 -25.58 62.74 40.18
N LYS A 498 -26.81 63.18 39.92
CA LYS A 498 -27.17 63.68 38.60
C LYS A 498 -26.37 64.90 38.09
N SER A 499 -25.69 65.60 39.00
CA SER A 499 -24.92 66.77 38.63
C SER A 499 -23.58 66.38 38.02
N LYS A 500 -23.10 65.21 38.42
CA LYS A 500 -21.84 64.67 37.95
C LYS A 500 -21.99 64.06 36.54
N LYS A 501 -20.92 64.08 35.75
CA LYS A 501 -20.94 63.51 34.41
C LYS A 501 -20.19 62.17 34.44
N TYR A 502 -20.95 61.08 34.42
CA TYR A 502 -20.37 59.74 34.50
C TYR A 502 -19.91 59.19 33.16
N PRO A 503 -18.80 58.42 33.17
CA PRO A 503 -18.33 57.83 31.90
C PRO A 503 -19.31 56.71 31.51
N LEU A 504 -19.32 56.32 30.23
CA LEU A 504 -20.27 55.32 29.74
C LEU A 504 -19.67 54.05 29.12
N LEU A 505 -20.11 52.90 29.61
CA LEU A 505 -19.64 51.63 29.04
C LEU A 505 -20.82 50.97 28.32
N ILE A 506 -20.69 50.81 27.02
CA ILE A 506 -21.73 50.16 26.28
C ILE A 506 -21.31 48.69 26.14
N GLU A 507 -22.13 47.79 26.66
CA GLU A 507 -21.84 46.37 26.51
C GLU A 507 -22.76 45.95 25.36
N VAL A 508 -22.16 45.40 24.32
CA VAL A 508 -22.91 45.02 23.15
C VAL A 508 -22.69 43.57 22.72
N TYR A 509 -23.70 43.03 22.05
CA TYR A 509 -23.63 41.70 21.47
C TYR A 509 -24.12 41.98 20.06
N ALA A 510 -25.42 42.26 19.94
CA ALA A 510 -26.05 42.63 18.67
C ALA A 510 -26.15 41.58 17.59
N GLY A 511 -25.92 40.32 17.93
CA GLY A 511 -26.00 39.30 16.91
C GLY A 511 -27.46 39.03 16.57
N PRO A 512 -27.74 38.47 15.39
CA PRO A 512 -29.14 38.19 15.01
C PRO A 512 -29.94 37.40 16.07
N CYS A 513 -31.11 37.96 16.40
CA CYS A 513 -32.02 37.38 17.38
C CYS A 513 -31.46 37.45 18.79
N SER A 514 -30.41 38.24 18.96
CA SER A 514 -29.82 38.41 20.26
C SER A 514 -30.68 39.34 21.12
N GLN A 515 -30.51 39.24 22.43
CA GLN A 515 -31.25 40.08 23.37
C GLN A 515 -30.36 40.43 24.54
N LYS A 516 -29.81 41.64 24.53
CA LYS A 516 -28.97 42.07 25.64
C LYS A 516 -29.79 42.80 26.71
N VAL A 517 -30.95 43.34 26.34
CA VAL A 517 -31.79 44.04 27.32
C VAL A 517 -32.91 43.15 27.86
N ASP A 518 -32.87 42.84 29.15
CA ASP A 518 -33.89 42.01 29.79
C ASP A 518 -33.97 42.35 31.28
N THR A 519 -34.83 41.64 32.00
CA THR A 519 -34.96 41.90 33.43
C THR A 519 -34.29 40.82 34.27
N VAL A 520 -33.31 40.14 33.67
CA VAL A 520 -32.60 39.10 34.38
C VAL A 520 -31.63 39.71 35.37
N PHE A 521 -31.72 39.25 36.62
CA PHE A 521 -30.84 39.75 37.65
C PHE A 521 -29.44 39.15 37.47
N ARG A 522 -28.42 40.00 37.56
CA ARG A 522 -27.04 39.54 37.38
C ARG A 522 -26.04 40.20 38.32
N LEU A 523 -24.97 39.45 38.63
CA LEU A 523 -23.86 39.92 39.45
C LEU A 523 -22.73 39.76 38.48
N SER A 524 -22.52 40.79 37.68
CA SER A 524 -21.52 40.78 36.64
C SER A 524 -20.40 41.76 36.90
N TRP A 525 -19.52 41.87 35.90
CA TRP A 525 -18.40 42.79 35.91
C TRP A 525 -18.92 44.24 35.86
N ALA A 526 -20.03 44.44 35.15
CA ALA A 526 -20.65 45.76 35.04
C ALA A 526 -21.09 46.21 36.44
N THR A 527 -21.60 45.27 37.23
CA THR A 527 -22.02 45.57 38.59
C THR A 527 -20.84 46.23 39.31
N TYR A 528 -19.66 45.62 39.17
CA TYR A 528 -18.45 46.14 39.80
C TYR A 528 -18.08 47.50 39.23
N LEU A 529 -18.12 47.64 37.91
CA LEU A 529 -17.79 48.90 37.25
C LEU A 529 -18.67 50.07 37.70
N ALA A 530 -19.91 49.78 38.11
CA ALA A 530 -20.83 50.82 38.55
C ALA A 530 -20.78 51.02 40.06
N SER A 531 -20.77 49.92 40.82
CA SER A 531 -20.72 49.95 42.28
C SER A 531 -19.43 50.58 42.83
N THR A 532 -18.31 50.25 42.20
CA THR A 532 -17.03 50.76 42.66
C THR A 532 -16.41 51.85 41.77
N GLU A 533 -16.33 51.63 40.47
CA GLU A 533 -15.70 52.58 39.55
C GLU A 533 -16.59 53.70 39.03
N ASN A 534 -17.83 53.75 39.48
CA ASN A 534 -18.77 54.78 39.02
C ASN A 534 -18.83 54.92 37.50
N ILE A 535 -18.91 53.79 36.82
CA ILE A 535 -19.01 53.78 35.38
C ILE A 535 -20.42 53.30 35.08
N ILE A 536 -21.10 54.00 34.16
CA ILE A 536 -22.44 53.62 33.76
C ILE A 536 -22.34 52.58 32.64
N VAL A 537 -23.03 51.47 32.81
CA VAL A 537 -22.99 50.45 31.77
C VAL A 537 -24.37 50.28 31.13
N ALA A 538 -24.42 50.41 29.80
CA ALA A 538 -25.67 50.29 29.08
C ALA A 538 -25.55 49.35 27.89
N SER A 539 -26.68 48.76 27.50
CA SER A 539 -26.77 47.85 26.36
C SER A 539 -27.98 48.28 25.52
N PHE A 540 -27.95 47.99 24.22
CA PHE A 540 -29.05 48.38 23.35
C PHE A 540 -29.40 47.33 22.32
N ASP A 541 -30.69 47.01 22.21
CA ASP A 541 -31.16 46.03 21.24
C ASP A 541 -31.87 46.72 20.11
N GLY A 542 -31.22 46.77 18.95
CA GLY A 542 -31.83 47.41 17.81
C GLY A 542 -32.07 46.44 16.68
N ARG A 543 -32.19 46.97 15.46
CA ARG A 543 -32.43 46.14 14.28
C ARG A 543 -31.50 44.94 14.30
N GLY A 544 -32.10 43.76 14.20
CA GLY A 544 -31.34 42.54 14.23
C GLY A 544 -31.68 41.78 15.49
N SER A 545 -31.90 42.47 16.60
CA SER A 545 -32.22 41.78 17.84
C SER A 545 -33.49 40.97 17.66
N GLY A 546 -33.68 39.97 18.52
CA GLY A 546 -34.85 39.12 18.39
C GLY A 546 -35.98 39.43 19.34
N TYR A 547 -36.94 38.51 19.40
CA TYR A 547 -38.11 38.58 20.28
C TYR A 547 -38.97 39.81 20.07
N GLN A 548 -38.99 40.33 18.84
CA GLN A 548 -39.78 41.51 18.52
C GLN A 548 -40.31 41.50 17.09
N GLY A 549 -40.52 40.30 16.53
CA GLY A 549 -41.04 40.20 15.18
C GLY A 549 -39.91 40.12 14.18
N ASP A 550 -40.17 39.48 13.04
CA ASP A 550 -39.16 39.32 11.99
C ASP A 550 -38.69 40.62 11.37
N LYS A 551 -39.58 41.59 11.28
CA LYS A 551 -39.24 42.87 10.67
C LYS A 551 -38.00 43.45 11.33
N ILE A 552 -37.98 43.43 12.66
CA ILE A 552 -36.80 43.91 13.37
C ILE A 552 -35.66 42.89 13.20
N MET A 553 -35.87 41.69 13.72
CA MET A 553 -34.85 40.66 13.64
C MET A 553 -34.21 40.42 12.27
N HIS A 554 -35.00 40.44 11.21
CA HIS A 554 -34.44 40.19 9.88
C HIS A 554 -33.80 41.40 9.19
N ALA A 555 -33.96 42.58 9.80
CA ALA A 555 -33.41 43.80 9.21
C ALA A 555 -32.01 43.62 8.65
N ILE A 556 -31.16 42.87 9.35
CA ILE A 556 -29.80 42.68 8.89
C ILE A 556 -29.57 41.44 8.04
N ASN A 557 -30.63 40.85 7.52
CA ASN A 557 -30.46 39.66 6.69
C ASN A 557 -29.53 39.97 5.53
N ARG A 558 -28.59 39.06 5.28
CA ARG A 558 -27.60 39.20 4.22
C ARG A 558 -26.74 40.44 4.29
N ARG A 559 -26.80 41.16 5.40
CA ARG A 559 -25.98 42.35 5.57
C ARG A 559 -25.53 42.54 7.02
N LEU A 560 -24.71 41.60 7.50
CA LEU A 560 -24.19 41.66 8.86
C LEU A 560 -23.18 42.78 8.99
N GLY A 561 -23.15 43.40 10.16
CA GLY A 561 -22.22 44.48 10.40
C GLY A 561 -22.72 45.82 9.94
N THR A 562 -23.99 45.92 9.56
CA THR A 562 -24.50 47.20 9.10
C THR A 562 -25.50 47.83 10.05
N PHE A 563 -26.78 47.49 9.93
CA PHE A 563 -27.80 48.09 10.78
C PHE A 563 -27.65 47.88 12.29
N GLU A 564 -27.21 46.70 12.73
CA GLU A 564 -27.06 46.46 14.16
C GLU A 564 -25.89 47.29 14.69
N VAL A 565 -24.87 47.47 13.84
CA VAL A 565 -23.70 48.27 14.19
C VAL A 565 -24.09 49.75 14.29
N GLU A 566 -24.75 50.24 13.25
CA GLU A 566 -25.18 51.63 13.21
C GLU A 566 -26.16 52.00 14.32
N ASP A 567 -27.09 51.11 14.65
CA ASP A 567 -28.05 51.40 15.71
C ASP A 567 -27.37 51.52 17.07
N GLN A 568 -26.26 50.83 17.26
CA GLN A 568 -25.54 50.95 18.52
C GLN A 568 -24.97 52.36 18.59
N ILE A 569 -24.44 52.84 17.47
CA ILE A 569 -23.86 54.19 17.40
C ILE A 569 -24.89 55.28 17.67
N GLU A 570 -26.02 55.24 16.98
CA GLU A 570 -27.04 56.26 17.19
C GLU A 570 -27.64 56.15 18.59
N ALA A 571 -27.75 54.93 19.11
CA ALA A 571 -28.29 54.73 20.44
C ALA A 571 -27.36 55.38 21.45
N THR A 572 -26.07 55.16 21.28
CA THR A 572 -25.09 55.74 22.19
C THR A 572 -25.11 57.25 22.08
N ARG A 573 -25.16 57.73 20.84
CA ARG A 573 -25.21 59.17 20.62
C ARG A 573 -26.38 59.74 21.40
N GLN A 574 -27.56 59.14 21.28
CA GLN A 574 -28.70 59.63 22.03
C GLN A 574 -28.32 59.67 23.51
N PHE A 575 -27.86 58.54 24.04
CA PHE A 575 -27.48 58.43 25.45
C PHE A 575 -26.49 59.53 25.90
N SER A 576 -25.51 59.79 25.05
CA SER A 576 -24.52 60.81 25.35
C SER A 576 -25.14 62.18 25.55
N LYS A 577 -26.43 62.30 25.28
CA LYS A 577 -27.13 63.58 25.46
C LYS A 577 -27.56 63.76 26.90
N MET A 578 -27.90 62.68 27.57
CA MET A 578 -28.34 62.77 28.96
C MET A 578 -27.26 63.49 29.80
N GLY A 579 -27.72 64.43 30.62
CA GLY A 579 -26.82 65.22 31.42
C GLY A 579 -25.82 64.51 32.32
N PHE A 580 -26.18 63.33 32.83
CA PHE A 580 -25.31 62.57 33.73
C PHE A 580 -24.24 61.68 33.08
N VAL A 581 -23.99 61.90 31.79
CA VAL A 581 -23.01 61.12 31.04
C VAL A 581 -21.90 62.01 30.46
N ASP A 582 -20.64 61.55 30.55
CA ASP A 582 -19.52 62.32 30.00
C ASP A 582 -19.26 61.89 28.57
N ASP A 583 -19.98 62.50 27.63
CA ASP A 583 -19.85 62.18 26.22
C ASP A 583 -18.42 62.15 25.70
N LYS A 584 -17.46 62.59 26.49
CA LYS A 584 -16.06 62.56 26.06
C LYS A 584 -15.35 61.35 26.65
N ARG A 585 -16.10 60.49 27.35
CA ARG A 585 -15.58 59.28 27.97
C ARG A 585 -16.52 58.07 27.78
N ILE A 586 -16.71 57.67 26.54
CA ILE A 586 -17.60 56.56 26.21
C ILE A 586 -16.86 55.40 25.57
N ALA A 587 -16.95 54.24 26.21
CA ALA A 587 -16.30 53.08 25.66
C ALA A 587 -17.34 52.01 25.28
N ILE A 588 -16.92 51.05 24.47
CA ILE A 588 -17.78 49.97 24.02
C ILE A 588 -17.01 48.65 24.00
N TRP A 589 -17.59 47.61 24.58
CA TRP A 589 -16.94 46.30 24.57
C TRP A 589 -17.91 45.20 24.25
N GLY A 590 -17.36 44.07 23.81
CA GLY A 590 -18.16 42.91 23.48
C GLY A 590 -17.36 41.65 23.26
N TRP A 591 -18.05 40.52 23.33
CA TRP A 591 -17.44 39.22 23.16
C TRP A 591 -18.05 38.61 21.92
N SER A 592 -17.29 37.79 21.19
CA SER A 592 -17.76 37.12 19.99
C SER A 592 -18.39 38.10 18.99
N TYR A 593 -19.71 38.03 18.80
CA TYR A 593 -20.38 38.92 17.87
C TYR A 593 -20.25 40.32 18.43
N GLY A 594 -20.25 40.40 19.76
CA GLY A 594 -20.11 41.69 20.41
C GLY A 594 -18.73 42.27 20.15
N GLY A 595 -17.74 41.40 19.98
CA GLY A 595 -16.40 41.88 19.74
C GLY A 595 -16.32 42.40 18.32
N TYR A 596 -17.08 41.76 17.43
CA TYR A 596 -17.13 42.12 16.02
C TYR A 596 -17.81 43.47 15.88
N VAL A 597 -19.01 43.55 16.44
CA VAL A 597 -19.77 44.77 16.41
C VAL A 597 -18.90 45.89 16.99
N THR A 598 -18.42 45.70 18.21
CA THR A 598 -17.57 46.69 18.86
C THR A 598 -16.43 47.15 17.91
N SER A 599 -15.84 46.21 17.19
CA SER A 599 -14.76 46.56 16.28
C SER A 599 -15.31 47.41 15.15
N MET A 600 -16.33 46.90 14.49
CA MET A 600 -16.95 47.67 13.41
C MET A 600 -17.29 49.09 13.88
N VAL A 601 -17.81 49.21 15.09
CA VAL A 601 -18.14 50.52 15.63
C VAL A 601 -16.93 51.44 15.76
N LEU A 602 -15.90 50.99 16.47
CA LEU A 602 -14.69 51.79 16.64
C LEU A 602 -14.15 52.23 15.30
N GLY A 603 -14.14 51.30 14.34
CA GLY A 603 -13.63 51.62 13.02
C GLY A 603 -14.63 52.30 12.11
N ALA A 604 -15.69 52.82 12.73
CA ALA A 604 -16.76 53.49 12.00
C ALA A 604 -16.45 54.97 11.80
N GLY A 605 -15.55 55.50 12.63
CA GLY A 605 -15.18 56.90 12.50
C GLY A 605 -16.27 57.85 12.93
N SER A 606 -17.15 57.38 13.82
CA SER A 606 -18.24 58.22 14.31
C SER A 606 -17.69 59.26 15.27
N GLY A 607 -16.44 59.06 15.72
CA GLY A 607 -15.84 59.97 16.66
C GLY A 607 -16.62 59.95 17.96
N VAL A 608 -17.53 58.99 18.10
CA VAL A 608 -18.36 58.88 19.29
C VAL A 608 -17.71 58.13 20.45
N PHE A 609 -16.82 57.19 20.14
CA PHE A 609 -16.19 56.41 21.19
C PHE A 609 -14.69 56.68 21.33
N LYS A 610 -14.25 56.72 22.58
CA LYS A 610 -12.87 57.00 22.90
C LYS A 610 -11.98 55.75 22.91
N CYS A 611 -12.57 54.61 23.28
CA CYS A 611 -11.85 53.35 23.37
C CYS A 611 -12.81 52.17 23.46
N GLY A 612 -12.34 50.99 23.08
CA GLY A 612 -13.16 49.80 23.13
C GLY A 612 -12.36 48.51 23.33
N ILE A 613 -13.05 47.45 23.72
CA ILE A 613 -12.42 46.16 23.93
C ILE A 613 -13.19 45.09 23.16
N ALA A 614 -12.48 44.31 22.35
CA ALA A 614 -13.09 43.26 21.57
C ALA A 614 -12.57 41.90 22.05
N VAL A 615 -13.42 41.11 22.69
CA VAL A 615 -12.98 39.79 23.16
C VAL A 615 -13.41 38.70 22.16
N ALA A 616 -12.42 37.90 21.71
CA ALA A 616 -12.63 36.82 20.74
C ALA A 616 -13.65 37.22 19.67
N PRO A 617 -13.36 38.26 18.88
CA PRO A 617 -14.25 38.75 17.83
C PRO A 617 -14.13 38.11 16.47
N VAL A 618 -15.25 38.09 15.77
CA VAL A 618 -15.29 37.59 14.40
C VAL A 618 -14.70 38.78 13.66
N SER A 619 -13.94 38.55 12.61
CA SER A 619 -13.37 39.70 11.90
C SER A 619 -13.66 39.65 10.40
N LYS A 620 -13.95 38.46 9.89
CA LYS A 620 -14.24 38.25 8.49
C LYS A 620 -15.13 37.03 8.44
N TRP A 621 -16.39 37.20 8.02
CA TRP A 621 -17.32 36.09 7.99
C TRP A 621 -16.90 34.86 7.19
N GLU A 622 -16.03 35.03 6.20
CA GLU A 622 -15.62 33.84 5.49
C GLU A 622 -14.81 32.90 6.41
N TYR A 623 -14.37 33.42 7.56
CA TYR A 623 -13.61 32.63 8.53
C TYR A 623 -14.51 31.87 9.50
N TYR A 624 -15.78 32.23 9.56
CA TYR A 624 -16.70 31.55 10.46
C TYR A 624 -17.37 30.33 9.84
N ASP A 625 -17.99 29.49 10.67
CA ASP A 625 -18.63 28.29 10.13
C ASP A 625 -19.84 28.54 9.22
N SER A 626 -19.96 27.67 8.24
CA SER A 626 -21.00 27.70 7.23
C SER A 626 -22.45 27.68 7.72
N VAL A 627 -22.76 26.85 8.69
CA VAL A 627 -24.13 26.79 9.16
C VAL A 627 -24.59 28.15 9.68
N TYR A 628 -23.87 28.71 10.62
CA TYR A 628 -24.23 30.02 11.18
C TYR A 628 -24.08 31.17 10.19
N THR A 629 -22.89 31.31 9.63
CA THR A 629 -22.60 32.41 8.72
C THR A 629 -23.58 32.48 7.55
N GLU A 630 -23.71 31.40 6.81
CA GLU A 630 -24.62 31.39 5.65
C GLU A 630 -26.08 31.66 6.02
N ARG A 631 -26.51 31.16 7.18
CA ARG A 631 -27.89 31.35 7.64
C ARG A 631 -28.29 32.81 7.55
N TYR A 632 -27.32 33.71 7.67
CA TYR A 632 -27.60 35.12 7.60
C TYR A 632 -26.98 35.81 6.39
N MET A 633 -25.93 35.23 5.83
CA MET A 633 -25.22 35.84 4.72
C MET A 633 -25.32 35.14 3.39
N GLY A 634 -25.75 33.88 3.40
CA GLY A 634 -25.82 33.16 2.16
C GLY A 634 -24.42 32.74 1.78
N LEU A 635 -24.14 32.57 0.50
CA LEU A 635 -22.82 32.15 0.05
C LEU A 635 -21.90 33.27 -0.39
N PRO A 636 -20.63 33.22 0.01
CA PRO A 636 -19.63 34.22 -0.32
C PRO A 636 -19.18 34.16 -1.77
N THR A 637 -20.14 34.06 -2.68
CA THR A 637 -19.85 34.00 -4.12
C THR A 637 -20.37 35.23 -4.83
N PRO A 638 -19.68 35.69 -5.87
CA PRO A 638 -20.15 36.89 -6.58
C PRO A 638 -21.52 36.73 -7.23
N GLU A 639 -22.02 35.49 -7.33
CA GLU A 639 -23.35 35.31 -7.92
C GLU A 639 -24.37 35.47 -6.83
N ASP A 640 -23.91 35.46 -5.59
CA ASP A 640 -24.81 35.58 -4.45
C ASP A 640 -24.53 36.80 -3.58
N ASN A 641 -23.79 36.61 -2.50
CA ASN A 641 -23.53 37.71 -1.59
C ASN A 641 -22.08 38.11 -1.30
N LEU A 642 -21.17 37.80 -2.21
CA LEU A 642 -19.76 38.13 -2.02
C LEU A 642 -19.50 39.58 -1.62
N ASP A 643 -20.21 40.49 -2.27
CA ASP A 643 -20.02 41.91 -2.00
C ASP A 643 -20.21 42.31 -0.55
N TYR A 644 -21.24 41.79 0.11
CA TYR A 644 -21.51 42.16 1.49
C TYR A 644 -20.68 41.38 2.49
N TYR A 645 -19.93 40.41 1.98
CA TYR A 645 -19.03 39.59 2.79
C TYR A 645 -17.75 40.39 2.90
N ARG A 646 -17.36 40.97 1.77
CA ARG A 646 -16.12 41.75 1.72
C ARG A 646 -16.20 43.12 2.36
N ASN A 647 -17.34 43.80 2.29
CA ASN A 647 -17.34 45.11 2.89
C ASN A 647 -17.80 45.11 4.34
N SER A 648 -17.90 43.92 4.91
CA SER A 648 -18.27 43.82 6.31
C SER A 648 -17.11 43.33 7.20
N THR A 649 -15.91 43.15 6.64
CA THR A 649 -14.78 42.74 7.46
C THR A 649 -14.40 43.93 8.31
N VAL A 650 -13.73 43.68 9.42
CA VAL A 650 -13.28 44.76 10.30
C VAL A 650 -12.06 45.39 9.66
N MET A 651 -11.20 44.52 9.14
CA MET A 651 -9.98 44.95 8.51
C MET A 651 -10.23 46.14 7.57
N SER A 652 -11.29 46.07 6.78
CA SER A 652 -11.62 47.13 5.83
C SER A 652 -11.79 48.49 6.50
N ARG A 653 -11.94 48.50 7.82
CA ARG A 653 -12.11 49.77 8.54
C ARG A 653 -10.87 50.13 9.36
N ALA A 654 -9.77 49.42 9.12
CA ALA A 654 -8.53 49.62 9.87
C ALA A 654 -8.08 51.06 10.08
N GLU A 655 -7.96 51.81 8.98
CA GLU A 655 -7.53 53.19 9.01
C GLU A 655 -8.22 54.00 10.10
N ASN A 656 -9.51 53.77 10.29
CA ASN A 656 -10.24 54.50 11.32
C ASN A 656 -9.85 54.20 12.77
N PHE A 657 -9.13 53.11 13.01
CA PHE A 657 -8.74 52.78 14.39
C PHE A 657 -7.71 53.75 14.94
N LYS A 658 -7.16 54.58 14.07
CA LYS A 658 -6.17 55.58 14.50
C LYS A 658 -6.84 56.60 15.40
N GLN A 659 -8.16 56.69 15.34
CA GLN A 659 -8.89 57.66 16.15
C GLN A 659 -9.27 57.19 17.57
N VAL A 660 -9.03 55.93 17.90
CA VAL A 660 -9.41 55.43 19.23
C VAL A 660 -8.45 54.41 19.84
N GLU A 661 -8.65 54.13 21.13
CA GLU A 661 -7.85 53.17 21.88
C GLU A 661 -8.56 51.81 21.81
N TYR A 662 -7.87 50.80 21.27
CA TYR A 662 -8.43 49.48 21.07
C TYR A 662 -7.67 48.31 21.75
N LEU A 663 -8.41 47.48 22.47
CA LEU A 663 -7.85 46.31 23.15
C LEU A 663 -8.43 45.05 22.49
N LEU A 664 -7.57 44.29 21.81
CA LEU A 664 -7.97 43.06 21.12
C LEU A 664 -7.51 41.84 21.93
N ILE A 665 -8.48 41.03 22.38
CA ILE A 665 -8.20 39.83 23.16
C ILE A 665 -8.66 38.56 22.45
N HIS A 666 -7.98 37.44 22.67
CA HIS A 666 -8.38 36.19 22.02
C HIS A 666 -7.63 34.95 22.54
N GLY A 667 -8.38 33.89 22.84
CA GLY A 667 -7.80 32.63 23.32
C GLY A 667 -7.13 31.95 22.13
N THR A 668 -5.92 31.44 22.33
CA THR A 668 -5.19 30.81 21.22
C THR A 668 -5.77 29.45 20.80
N ALA A 669 -6.60 28.87 21.66
CA ALA A 669 -7.21 27.59 21.36
C ALA A 669 -8.72 27.72 21.29
N ASP A 670 -9.18 28.68 20.49
CA ASP A 670 -10.62 28.93 20.32
C ASP A 670 -11.13 28.16 19.10
N ASP A 671 -11.76 27.01 19.33
CA ASP A 671 -12.31 26.21 18.26
C ASP A 671 -13.53 26.89 17.60
N ASN A 672 -14.19 27.78 18.33
CA ASN A 672 -15.37 28.48 17.82
C ASN A 672 -14.98 29.61 16.86
N VAL A 673 -14.51 30.71 17.43
CA VAL A 673 -14.02 31.84 16.64
C VAL A 673 -12.50 31.63 16.70
N HIS A 674 -11.95 31.03 15.66
CA HIS A 674 -10.53 30.75 15.59
C HIS A 674 -9.66 31.96 15.84
N PHE A 675 -8.54 31.76 16.53
CA PHE A 675 -7.60 32.83 16.85
C PHE A 675 -7.27 33.64 15.59
N GLN A 676 -7.27 32.95 14.46
CA GLN A 676 -7.00 33.51 13.14
C GLN A 676 -7.65 34.88 12.95
N GLN A 677 -8.95 34.91 13.20
CA GLN A 677 -9.73 36.11 13.09
C GLN A 677 -8.99 37.31 13.63
N SER A 678 -8.50 37.22 14.87
CA SER A 678 -7.79 38.34 15.46
C SER A 678 -6.40 38.51 14.88
N ALA A 679 -5.77 37.39 14.52
CA ALA A 679 -4.44 37.45 13.96
C ALA A 679 -4.50 38.23 12.65
N GLN A 680 -5.57 38.02 11.89
CA GLN A 680 -5.74 38.71 10.63
C GLN A 680 -6.13 40.17 10.85
N LEU A 681 -6.88 40.44 11.92
CA LEU A 681 -7.28 41.79 12.22
C LEU A 681 -6.04 42.62 12.64
N SER A 682 -5.22 42.06 13.53
CA SER A 682 -4.05 42.78 14.00
C SER A 682 -3.06 43.05 12.87
N LYS A 683 -2.83 42.04 12.03
CA LYS A 683 -1.91 42.21 10.93
C LYS A 683 -2.37 43.37 10.05
N ALA A 684 -3.68 43.50 9.91
CA ALA A 684 -4.23 44.55 9.08
C ALA A 684 -4.00 45.90 9.71
N LEU A 685 -4.26 46.00 11.01
CA LEU A 685 -4.05 47.26 11.73
C LEU A 685 -2.54 47.63 11.71
N VAL A 686 -1.68 46.62 11.69
CA VAL A 686 -0.24 46.85 11.64
C VAL A 686 0.11 47.41 10.26
N ASP A 687 -0.51 46.87 9.22
CA ASP A 687 -0.23 47.35 7.88
C ASP A 687 -0.72 48.77 7.76
N ALA A 688 -1.78 49.08 8.47
CA ALA A 688 -2.34 50.42 8.41
C ALA A 688 -1.57 51.40 9.29
N GLY A 689 -0.49 50.93 9.92
CA GLY A 689 0.27 51.81 10.78
C GLY A 689 -0.53 52.27 11.98
N VAL A 690 -1.53 51.48 12.36
CA VAL A 690 -2.38 51.79 13.50
C VAL A 690 -1.84 51.15 14.76
N ASP A 691 -1.77 51.90 15.86
CA ASP A 691 -1.30 51.33 17.11
C ASP A 691 -2.51 50.84 17.88
N PHE A 692 -2.30 49.86 18.76
CA PHE A 692 -3.37 49.30 19.55
C PHE A 692 -2.76 48.26 20.47
N GLN A 693 -3.56 47.78 21.43
CA GLN A 693 -3.10 46.76 22.37
C GLN A 693 -3.74 45.41 22.10
N THR A 694 -3.08 44.36 22.55
CA THR A 694 -3.59 43.01 22.39
C THR A 694 -3.30 42.22 23.64
N MET A 695 -4.00 41.10 23.77
CA MET A 695 -3.83 40.19 24.89
C MET A 695 -4.24 38.82 24.40
N TRP A 696 -3.27 37.95 24.22
CA TRP A 696 -3.58 36.59 23.79
C TRP A 696 -3.66 35.76 25.04
N TYR A 697 -4.52 34.75 25.04
CA TYR A 697 -4.63 33.86 26.20
C TYR A 697 -4.31 32.45 25.78
N THR A 698 -3.11 32.02 26.13
CA THR A 698 -2.57 30.70 25.82
C THR A 698 -3.46 29.52 26.22
N ASP A 699 -3.84 28.69 25.23
CA ASP A 699 -4.64 27.49 25.50
C ASP A 699 -6.05 27.70 26.09
N GLU A 700 -6.59 28.90 25.99
CA GLU A 700 -7.94 29.18 26.50
C GLU A 700 -8.90 29.16 25.31
N ASP A 701 -10.13 28.67 25.50
CA ASP A 701 -11.07 28.64 24.40
C ASP A 701 -12.00 29.86 24.37
N HIS A 702 -12.99 29.80 23.49
CA HIS A 702 -13.96 30.88 23.29
C HIS A 702 -14.52 31.43 24.58
N GLY A 703 -14.45 30.64 25.64
CA GLY A 703 -14.96 31.09 26.92
C GLY A 703 -13.95 31.80 27.82
N ILE A 704 -12.66 31.50 27.63
CA ILE A 704 -11.60 32.09 28.46
C ILE A 704 -12.12 31.98 29.89
N ALA A 705 -12.59 30.79 30.21
CA ALA A 705 -13.22 30.49 31.47
C ALA A 705 -12.43 29.78 32.55
N SER A 706 -11.17 29.47 32.30
CA SER A 706 -10.41 28.82 33.36
C SER A 706 -10.33 29.84 34.49
N ASN A 707 -10.22 29.36 35.73
CA ASN A 707 -10.13 30.26 36.89
C ASN A 707 -9.12 31.38 36.77
N MET A 708 -7.84 31.03 36.64
CA MET A 708 -6.83 32.07 36.52
C MET A 708 -7.07 32.98 35.32
N ALA A 709 -7.47 32.41 34.20
CA ALA A 709 -7.72 33.17 32.96
C ALA A 709 -8.94 34.08 33.07
N HIS A 710 -9.98 33.60 33.75
CA HIS A 710 -11.20 34.39 33.95
C HIS A 710 -10.82 35.65 34.72
N GLN A 711 -10.15 35.46 35.86
CA GLN A 711 -9.73 36.58 36.71
C GLN A 711 -8.85 37.59 36.00
N HIS A 712 -7.91 37.08 35.21
CA HIS A 712 -6.96 37.92 34.49
C HIS A 712 -7.55 38.90 33.48
N ILE A 713 -8.28 38.38 32.49
CA ILE A 713 -8.91 39.20 31.45
C ILE A 713 -9.81 40.28 32.01
N TYR A 714 -10.59 39.98 33.02
CA TYR A 714 -11.44 40.99 33.60
C TYR A 714 -10.60 42.01 34.36
N THR A 715 -9.49 41.56 34.95
CA THR A 715 -8.62 42.48 35.69
C THR A 715 -7.94 43.40 34.69
N HIS A 716 -7.49 42.82 33.60
CA HIS A 716 -6.81 43.55 32.55
C HIS A 716 -7.78 44.56 31.95
N MET A 717 -8.93 44.08 31.48
CA MET A 717 -9.93 44.94 30.88
C MET A 717 -10.26 46.11 31.79
N SER A 718 -10.35 45.82 33.07
CA SER A 718 -10.66 46.85 34.03
C SER A 718 -9.63 48.01 34.05
N HIS A 719 -8.34 47.70 33.93
CA HIS A 719 -7.31 48.73 33.95
C HIS A 719 -7.35 49.54 32.65
N PHE A 720 -7.52 48.84 31.54
CA PHE A 720 -7.59 49.49 30.24
C PHE A 720 -8.67 50.57 30.27
N LEU A 721 -9.83 50.23 30.83
CA LEU A 721 -10.93 51.19 30.93
C LEU A 721 -10.52 52.34 31.86
N LYS A 722 -10.15 52.02 33.09
CA LYS A 722 -9.76 53.05 34.03
C LYS A 722 -8.75 53.93 33.36
N GLN A 723 -7.84 53.32 32.62
CA GLN A 723 -6.82 54.06 31.90
C GLN A 723 -7.52 54.96 30.86
N CYS A 724 -8.55 54.42 30.22
CA CYS A 724 -9.27 55.18 29.20
C CYS A 724 -10.14 56.29 29.78
N PHE A 725 -10.59 56.12 31.01
CA PHE A 725 -11.45 57.11 31.63
C PHE A 725 -10.67 57.95 32.64
N SER A 726 -9.35 57.85 32.60
CA SER A 726 -8.50 58.61 33.52
C SER A 726 -9.03 58.40 34.94
N LEU A 727 -9.33 57.16 35.31
CA LEU A 727 -9.84 56.86 36.63
C LEU A 727 -8.74 56.40 37.60
N PRO A 728 -8.90 56.69 38.90
CA PRO A 728 -7.97 56.36 40.00
C PRO A 728 -7.58 54.88 40.12
N SER B 1 17.76 76.18 19.00
CA SER B 1 16.53 75.51 18.48
C SER B 1 16.81 74.05 18.15
N ARG B 2 17.48 73.83 17.02
CA ARG B 2 17.85 72.52 16.51
C ARG B 2 16.85 71.38 16.60
N ARG B 3 17.05 70.44 15.70
CA ARG B 3 16.21 69.28 15.57
C ARG B 3 16.84 68.12 16.34
N THR B 4 16.04 67.12 16.65
CA THR B 4 16.55 65.94 17.36
C THR B 4 16.36 64.76 16.42
N TYR B 5 17.03 63.65 16.71
CA TYR B 5 16.90 62.43 15.92
C TYR B 5 15.57 61.86 16.42
N THR B 6 14.59 61.74 15.53
CA THR B 6 13.27 61.25 15.91
C THR B 6 13.00 59.79 15.62
N LEU B 7 11.92 59.29 16.21
CA LEU B 7 11.51 57.92 15.99
C LEU B 7 11.35 57.73 14.49
N THR B 8 10.62 58.65 13.86
CA THR B 8 10.40 58.61 12.42
C THR B 8 11.74 58.63 11.67
N ASP B 9 12.77 59.21 12.30
CA ASP B 9 14.11 59.24 11.72
C ASP B 9 14.71 57.85 11.66
N TYR B 10 14.58 57.14 12.77
CA TYR B 10 15.08 55.79 12.87
C TYR B 10 14.26 54.83 11.99
N LEU B 11 12.94 54.91 12.10
CA LEU B 11 12.08 54.02 11.34
C LEU B 11 12.14 54.23 9.84
N LYS B 12 12.20 55.48 9.40
CA LYS B 12 12.24 55.79 7.97
C LYS B 12 13.65 55.82 7.38
N SER B 13 14.67 55.75 8.23
CA SER B 13 16.07 55.79 7.79
C SER B 13 16.37 57.09 7.05
N THR B 14 15.83 58.18 7.58
CA THR B 14 16.01 59.49 6.99
C THR B 14 17.51 59.78 6.77
N PHE B 15 18.34 59.46 7.76
CA PHE B 15 19.79 59.67 7.68
C PHE B 15 20.46 58.38 7.24
N ARG B 16 20.77 58.28 5.96
CA ARG B 16 21.35 57.06 5.43
C ARG B 16 22.88 56.95 5.45
N VAL B 17 23.33 55.93 6.18
CA VAL B 17 24.75 55.60 6.31
C VAL B 17 25.16 54.90 5.01
N LYS B 18 26.14 55.44 4.30
CA LYS B 18 26.61 54.84 3.05
C LYS B 18 27.73 53.85 3.29
N PHE B 19 28.04 53.05 2.27
CA PHE B 19 29.12 52.06 2.37
C PHE B 19 29.71 51.71 1.02
N TYR B 20 30.68 50.80 1.03
CA TYR B 20 31.33 50.42 -0.21
C TYR B 20 31.48 48.91 -0.27
N THR B 21 30.68 48.27 -1.11
CA THR B 21 30.76 46.81 -1.24
C THR B 21 31.43 46.45 -2.56
N LEU B 22 32.58 45.83 -2.44
CA LEU B 22 33.34 45.40 -3.61
C LEU B 22 33.51 43.89 -3.51
N GLN B 23 33.91 43.28 -4.61
CA GLN B 23 34.13 41.85 -4.67
C GLN B 23 35.45 41.60 -5.42
N TRP B 24 36.52 41.30 -4.68
CA TRP B 24 37.79 41.05 -5.33
C TRP B 24 37.60 39.92 -6.33
N ILE B 25 38.23 40.02 -7.49
CA ILE B 25 38.10 38.98 -8.50
C ILE B 25 39.47 38.54 -9.00
N SER B 26 40.52 39.12 -8.43
CA SER B 26 41.91 38.80 -8.77
C SER B 26 42.81 39.45 -7.73
N ASP B 27 44.11 39.28 -7.88
CA ASP B 27 45.05 39.88 -6.93
C ASP B 27 45.04 41.41 -6.97
N HIS B 28 44.44 42.02 -7.98
CA HIS B 28 44.41 43.48 -8.05
C HIS B 28 43.17 44.17 -8.58
N GLU B 29 42.11 43.41 -8.86
CA GLU B 29 40.87 43.99 -9.37
C GLU B 29 39.70 43.64 -8.48
N TYR B 30 38.61 44.38 -8.62
CA TYR B 30 37.41 44.10 -7.83
C TYR B 30 36.18 44.68 -8.49
N LEU B 31 35.05 43.97 -8.36
CA LEU B 31 33.80 44.42 -8.97
C LEU B 31 33.06 45.30 -7.99
N TYR B 32 32.31 46.25 -8.51
CA TYR B 32 31.56 47.18 -7.68
C TYR B 32 30.28 47.61 -8.39
N LYS B 33 29.13 47.48 -7.73
CA LYS B 33 27.86 47.90 -8.31
C LYS B 33 27.65 49.40 -8.14
N GLN B 34 27.79 50.16 -9.22
CA GLN B 34 27.63 51.62 -9.18
C GLN B 34 26.59 52.10 -10.17
N GLU B 35 25.57 52.79 -9.67
CA GLU B 35 24.48 53.30 -10.51
C GLU B 35 23.79 52.12 -11.16
N ASN B 36 23.89 50.95 -10.53
CA ASN B 36 23.30 49.73 -11.03
C ASN B 36 24.12 49.19 -12.18
N ASN B 37 25.29 49.76 -12.38
CA ASN B 37 26.18 49.27 -13.42
C ASN B 37 27.21 48.52 -12.63
N ILE B 38 27.93 47.62 -13.27
CA ILE B 38 28.97 46.87 -12.59
C ILE B 38 30.29 47.37 -13.15
N LEU B 39 31.02 48.09 -12.29
CA LEU B 39 32.31 48.65 -12.67
C LEU B 39 33.46 47.74 -12.24
N LEU B 40 34.48 47.66 -13.09
CA LEU B 40 35.66 46.87 -12.76
C LEU B 40 36.78 47.85 -12.41
N PHE B 41 37.17 47.88 -11.15
CA PHE B 41 38.21 48.78 -10.68
C PHE B 41 39.56 48.10 -10.60
N ASN B 42 40.60 48.86 -10.94
CA ASN B 42 41.97 48.37 -10.89
C ASN B 42 42.58 49.01 -9.67
N ALA B 43 42.81 48.22 -8.63
CA ALA B 43 43.38 48.74 -7.39
C ALA B 43 44.75 49.38 -7.55
N GLU B 44 45.53 48.89 -8.50
CA GLU B 44 46.87 49.44 -8.73
C GLU B 44 46.79 50.96 -8.88
N TYR B 45 46.05 51.44 -9.88
CA TYR B 45 45.94 52.87 -10.17
C TYR B 45 44.55 53.46 -9.98
N GLY B 46 43.63 52.66 -9.46
CA GLY B 46 42.27 53.15 -9.23
C GLY B 46 41.42 53.42 -10.45
N ASN B 47 41.96 53.22 -11.65
CA ASN B 47 41.16 53.47 -12.83
C ASN B 47 40.11 52.37 -12.98
N SER B 48 38.91 52.78 -13.38
CA SER B 48 37.81 51.85 -13.54
C SER B 48 37.41 51.67 -14.99
N SER B 49 36.38 50.86 -15.21
CA SER B 49 35.83 50.61 -16.53
C SER B 49 34.56 49.81 -16.35
N ILE B 50 33.59 50.01 -17.25
CA ILE B 50 32.32 49.33 -17.17
C ILE B 50 32.42 47.84 -17.49
N PHE B 51 31.81 47.03 -16.63
CA PHE B 51 31.81 45.57 -16.81
C PHE B 51 30.45 45.13 -17.34
N LEU B 52 29.40 45.79 -16.86
CA LEU B 52 28.03 45.54 -17.31
C LEU B 52 27.22 46.80 -17.00
N GLU B 53 26.55 47.38 -18.00
CA GLU B 53 25.78 48.61 -17.79
C GLU B 53 24.32 48.38 -17.46
N ASN B 54 23.71 49.32 -16.75
CA ASN B 54 22.31 49.19 -16.37
C ASN B 54 21.39 48.87 -17.55
N SER B 55 21.87 49.12 -18.76
CA SER B 55 21.07 48.83 -19.96
C SER B 55 20.62 47.37 -19.86
N THR B 56 21.59 46.50 -19.64
CA THR B 56 21.35 45.06 -19.51
C THR B 56 20.20 44.74 -18.57
N PHE B 57 20.19 45.38 -17.40
CA PHE B 57 19.15 45.14 -16.41
C PHE B 57 17.78 45.67 -16.83
N ASP B 58 17.76 46.75 -17.59
CA ASP B 58 16.48 47.28 -18.04
C ASP B 58 15.84 46.21 -18.91
N GLU B 59 16.67 45.51 -19.68
CA GLU B 59 16.23 44.48 -20.61
C GLU B 59 15.79 43.12 -20.06
N LEU B 60 16.00 42.88 -18.77
CA LEU B 60 15.66 41.58 -18.19
C LEU B 60 14.19 41.30 -17.90
N GLY B 61 13.44 42.32 -17.53
CA GLY B 61 12.03 42.08 -17.27
C GLY B 61 11.69 41.70 -15.84
N TYR B 62 12.71 41.63 -14.99
CA TYR B 62 12.48 41.30 -13.59
C TYR B 62 13.47 42.07 -12.73
N SER B 63 13.11 42.29 -11.48
CA SER B 63 13.96 43.01 -10.54
C SER B 63 15.13 42.13 -10.17
N THR B 64 16.33 42.51 -10.57
CA THR B 64 17.48 41.73 -10.23
C THR B 64 17.77 41.90 -8.74
N ASN B 65 17.88 40.77 -8.05
CA ASN B 65 18.15 40.76 -6.62
C ASN B 65 19.64 40.65 -6.33
N ASP B 66 20.39 40.10 -7.28
CA ASP B 66 21.82 39.94 -7.09
C ASP B 66 22.38 39.19 -8.29
N TYR B 67 23.70 39.22 -8.46
CA TYR B 67 24.36 38.53 -9.57
C TYR B 67 25.65 37.90 -9.05
N SER B 68 26.30 37.10 -9.89
CA SER B 68 27.55 36.47 -9.52
C SER B 68 28.31 36.18 -10.81
N VAL B 69 29.43 36.85 -11.00
CA VAL B 69 30.21 36.65 -12.20
C VAL B 69 31.09 35.43 -12.10
N SER B 70 31.11 34.61 -13.14
CA SER B 70 31.93 33.40 -13.13
C SER B 70 33.41 33.75 -12.98
N PRO B 71 34.19 32.92 -12.28
CA PRO B 71 35.60 33.32 -12.16
C PRO B 71 36.33 33.66 -13.47
N ASP B 72 36.03 32.97 -14.56
CA ASP B 72 36.70 33.27 -15.81
C ASP B 72 36.13 34.51 -16.51
N ARG B 73 35.17 35.13 -15.86
CA ARG B 73 34.57 36.35 -16.36
C ARG B 73 33.82 36.22 -17.68
N GLN B 74 33.53 34.98 -18.07
CA GLN B 74 32.81 34.72 -19.32
C GLN B 74 31.30 34.79 -19.16
N PHE B 75 30.83 34.49 -17.96
CA PHE B 75 29.40 34.47 -17.68
C PHE B 75 29.05 35.19 -16.38
N ILE B 76 27.81 35.65 -16.31
CA ILE B 76 27.35 36.29 -15.09
C ILE B 76 26.02 35.61 -14.75
N LEU B 77 25.78 35.45 -13.45
CA LEU B 77 24.58 34.79 -12.98
C LEU B 77 23.61 35.83 -12.44
N PHE B 78 22.39 35.89 -12.99
CA PHE B 78 21.40 36.85 -12.52
C PHE B 78 20.38 36.16 -11.63
N GLU B 79 20.18 36.70 -10.43
CA GLU B 79 19.24 36.13 -9.45
C GLU B 79 17.96 36.95 -9.27
N TYR B 80 16.81 36.29 -9.46
CA TYR B 80 15.52 36.93 -9.28
C TYR B 80 14.50 36.06 -8.55
N ASN B 81 13.37 36.67 -8.22
CA ASN B 81 12.30 35.98 -7.49
C ASN B 81 12.79 35.44 -6.18
N TYR B 82 13.55 36.24 -5.45
CA TYR B 82 14.08 35.83 -4.17
C TYR B 82 12.96 35.56 -3.18
N VAL B 83 13.00 34.40 -2.52
CA VAL B 83 12.00 34.09 -1.51
C VAL B 83 12.72 33.60 -0.26
N LYS B 84 12.73 34.46 0.74
CA LYS B 84 13.38 34.16 2.00
C LYS B 84 12.80 32.94 2.67
N GLN B 85 13.66 32.19 3.33
CA GLN B 85 13.26 31.03 4.12
C GLN B 85 13.67 31.39 5.54
N TRP B 86 14.76 30.81 6.04
CA TRP B 86 15.20 31.09 7.41
C TRP B 86 16.12 32.31 7.47
N ARG B 87 17.08 32.31 8.39
CA ARG B 87 17.99 33.44 8.51
C ARG B 87 18.95 33.55 7.32
N HIS B 88 19.39 32.43 6.76
CA HIS B 88 20.31 32.47 5.64
C HIS B 88 19.73 31.86 4.38
N SER B 89 19.00 30.77 4.54
CA SER B 89 18.39 30.05 3.42
C SER B 89 17.34 30.85 2.69
N TYR B 90 17.14 30.50 1.42
CA TYR B 90 16.14 31.13 0.56
C TYR B 90 16.21 30.42 -0.78
N THR B 91 15.16 30.56 -1.58
CA THR B 91 15.14 29.94 -2.90
C THR B 91 14.98 31.03 -3.98
N ALA B 92 15.38 30.72 -5.22
CA ALA B 92 15.28 31.70 -6.29
C ALA B 92 15.36 31.11 -7.70
N SER B 93 15.13 31.96 -8.70
CA SER B 93 15.20 31.56 -10.11
C SER B 93 16.50 32.15 -10.62
N TYR B 94 17.08 31.53 -11.66
CA TYR B 94 18.34 32.03 -12.18
C TYR B 94 18.52 32.03 -13.70
N ASP B 95 19.11 33.12 -14.17
CA ASP B 95 19.42 33.34 -15.58
C ASP B 95 20.93 33.38 -15.69
N ILE B 96 21.47 32.76 -16.72
CA ILE B 96 22.91 32.80 -16.91
C ILE B 96 23.09 33.72 -18.12
N TYR B 97 23.91 34.74 -17.99
CA TYR B 97 24.13 35.68 -19.09
C TYR B 97 25.52 35.56 -19.68
N ASP B 98 25.59 35.38 -20.99
CA ASP B 98 26.86 35.28 -21.70
C ASP B 98 27.41 36.70 -21.82
N LEU B 99 28.68 36.88 -21.50
CA LEU B 99 29.31 38.21 -21.53
C LEU B 99 30.04 38.54 -22.83
N ASN B 100 30.03 37.63 -23.78
CA ASN B 100 30.70 37.87 -25.06
C ASN B 100 29.64 38.21 -26.09
N LYS B 101 28.75 37.26 -26.30
CA LYS B 101 27.66 37.47 -27.24
C LYS B 101 26.65 38.36 -26.54
N ARG B 102 26.95 38.73 -25.30
CA ARG B 102 26.08 39.57 -24.50
C ARG B 102 24.62 39.20 -24.74
N GLN B 103 24.38 37.90 -24.78
CA GLN B 103 23.05 37.35 -24.98
C GLN B 103 22.73 36.50 -23.76
N LEU B 104 21.47 36.47 -23.38
CA LEU B 104 21.02 35.72 -22.22
C LEU B 104 20.89 34.24 -22.62
N ILE B 105 21.48 33.34 -21.84
CA ILE B 105 21.37 31.92 -22.13
C ILE B 105 19.90 31.56 -21.93
N THR B 106 19.33 30.80 -22.86
CA THR B 106 17.92 30.42 -22.73
C THR B 106 17.69 28.93 -22.92
N GLU B 107 18.73 28.22 -23.34
CA GLU B 107 18.65 26.78 -23.52
C GLU B 107 19.18 26.14 -22.23
N GLU B 108 18.53 25.08 -21.78
CA GLU B 108 18.97 24.38 -20.57
C GLU B 108 19.13 25.30 -19.38
N ARG B 109 18.12 26.14 -19.16
CA ARG B 109 18.12 27.09 -18.06
C ARG B 109 18.09 26.42 -16.68
N ILE B 110 18.39 27.19 -15.64
CA ILE B 110 18.39 26.72 -14.27
C ILE B 110 16.96 26.73 -13.68
N PRO B 111 16.58 25.66 -12.95
CA PRO B 111 15.24 25.55 -12.35
C PRO B 111 14.83 26.71 -11.46
N ASN B 112 13.53 26.86 -11.26
CA ASN B 112 13.01 27.89 -10.37
C ASN B 112 13.07 27.21 -9.01
N ASN B 113 12.88 27.96 -7.94
CA ASN B 113 12.92 27.36 -6.62
C ASN B 113 14.26 26.66 -6.36
N THR B 114 15.32 27.20 -6.94
CA THR B 114 16.63 26.64 -6.72
C THR B 114 17.07 27.08 -5.34
N GLN B 115 17.48 26.12 -4.52
CA GLN B 115 17.90 26.36 -3.16
C GLN B 115 19.33 26.88 -2.98
N TRP B 116 20.21 26.54 -3.92
CA TRP B 116 21.58 26.98 -3.79
C TRP B 116 22.37 26.83 -5.07
N ILE B 117 23.18 27.84 -5.37
CA ILE B 117 24.00 27.81 -6.57
C ILE B 117 25.36 28.50 -6.36
N THR B 118 26.36 28.01 -7.09
CA THR B 118 27.71 28.54 -6.98
C THR B 118 28.52 28.12 -8.19
N TRP B 119 29.38 29.04 -8.66
CA TRP B 119 30.28 28.74 -9.76
C TRP B 119 31.39 27.97 -9.07
N SER B 120 32.25 27.32 -9.85
CA SER B 120 33.37 26.60 -9.29
C SER B 120 34.39 27.71 -8.93
N PRO B 121 35.54 27.35 -8.33
CA PRO B 121 36.51 28.40 -7.99
C PRO B 121 37.21 28.91 -9.25
N VAL B 122 37.16 28.13 -10.31
CA VAL B 122 37.79 28.54 -11.55
C VAL B 122 36.89 28.17 -12.69
N GLY B 123 37.08 28.86 -13.81
CA GLY B 123 36.27 28.60 -14.99
C GLY B 123 34.86 29.12 -14.83
N HIS B 124 33.92 28.40 -15.44
CA HIS B 124 32.51 28.80 -15.36
C HIS B 124 31.62 27.62 -15.01
N LYS B 125 32.17 26.60 -14.35
CA LYS B 125 31.37 25.45 -13.96
C LYS B 125 30.35 25.90 -12.95
N LEU B 126 29.27 25.14 -12.84
CA LEU B 126 28.20 25.44 -11.91
C LEU B 126 27.80 24.22 -11.10
N ALA B 127 27.27 24.48 -9.91
CA ALA B 127 26.80 23.42 -9.03
C ALA B 127 25.60 24.05 -8.36
N TYR B 128 24.49 23.34 -8.30
CA TYR B 128 23.29 23.91 -7.67
C TYR B 128 22.41 22.86 -6.99
N VAL B 129 21.63 23.31 -6.03
CA VAL B 129 20.74 22.41 -5.34
C VAL B 129 19.30 22.73 -5.66
N TRP B 130 18.57 21.69 -6.07
CA TRP B 130 17.16 21.81 -6.40
C TRP B 130 16.46 20.60 -5.82
N ASN B 131 15.39 20.83 -5.07
CA ASN B 131 14.66 19.72 -4.45
C ASN B 131 15.55 18.83 -3.61
N ASN B 132 16.45 19.44 -2.84
CA ASN B 132 17.37 18.72 -1.97
C ASN B 132 18.34 17.78 -2.66
N ASP B 133 18.46 17.89 -3.98
CA ASP B 133 19.41 17.06 -4.69
C ASP B 133 20.41 18.00 -5.38
N ILE B 134 21.61 17.51 -5.65
CA ILE B 134 22.65 18.33 -6.28
C ILE B 134 22.74 18.11 -7.79
N TYR B 135 23.14 19.15 -8.49
CA TYR B 135 23.29 19.11 -9.95
C TYR B 135 24.56 19.85 -10.39
N VAL B 136 25.14 19.42 -11.50
CA VAL B 136 26.33 20.06 -11.99
C VAL B 136 26.23 20.45 -13.46
N LYS B 137 26.50 21.72 -13.77
CA LYS B 137 26.47 22.19 -15.15
C LYS B 137 27.88 22.60 -15.57
N ASN B 138 28.50 21.83 -16.45
CA ASN B 138 29.84 22.18 -16.93
C ASN B 138 29.79 23.42 -17.80
N GLU B 139 28.82 23.47 -18.69
CA GLU B 139 28.67 24.61 -19.57
C GLU B 139 27.27 25.18 -19.39
N PRO B 140 27.13 26.51 -19.43
CA PRO B 140 25.81 27.13 -19.26
C PRO B 140 24.74 26.72 -20.27
N ASN B 141 25.16 26.38 -21.48
CA ASN B 141 24.21 26.01 -22.53
C ASN B 141 23.89 24.53 -22.62
N LEU B 142 24.66 23.69 -21.93
CA LEU B 142 24.44 22.25 -21.97
C LEU B 142 23.66 21.77 -20.75
N SER B 143 22.94 20.67 -20.90
CA SER B 143 22.15 20.12 -19.81
C SER B 143 22.99 19.90 -18.57
N SER B 144 22.34 19.93 -17.40
CA SER B 144 23.04 19.71 -16.14
C SER B 144 23.10 18.21 -15.94
N GLN B 145 23.83 17.78 -14.92
CA GLN B 145 23.99 16.37 -14.60
C GLN B 145 23.66 16.12 -13.13
N ARG B 146 22.58 15.38 -12.86
CA ARG B 146 22.17 15.10 -11.50
C ARG B 146 23.15 14.22 -10.74
N ILE B 147 23.45 14.64 -9.52
CA ILE B 147 24.43 13.96 -8.68
C ILE B 147 23.82 13.09 -7.60
N THR B 148 22.82 13.61 -6.91
CA THR B 148 22.16 12.83 -5.86
C THR B 148 20.70 12.60 -6.22
N TRP B 149 20.15 11.49 -5.75
CA TRP B 149 18.78 11.17 -6.08
C TRP B 149 17.92 11.00 -4.84
N THR B 150 18.53 11.20 -3.68
CA THR B 150 17.83 11.02 -2.42
C THR B 150 17.08 12.22 -1.86
N GLY B 151 17.16 13.37 -2.53
CA GLY B 151 16.45 14.53 -2.02
C GLY B 151 14.99 14.28 -1.63
N LYS B 152 14.65 14.61 -0.38
CA LYS B 152 13.28 14.44 0.11
C LYS B 152 12.92 15.61 1.05
N GLU B 153 11.79 16.25 0.79
CA GLU B 153 11.36 17.39 1.58
C GLU B 153 11.27 17.07 3.05
N ASN B 154 11.82 17.96 3.89
CA ASN B 154 11.82 17.81 5.34
C ASN B 154 12.52 16.55 5.84
N VAL B 155 13.15 15.80 4.95
CA VAL B 155 13.80 14.56 5.34
C VAL B 155 15.28 14.44 5.00
N ILE B 156 15.58 14.36 3.71
CA ILE B 156 16.95 14.23 3.25
C ILE B 156 17.43 15.52 2.58
N TYR B 157 18.57 16.06 3.03
CA TYR B 157 19.11 17.28 2.45
C TYR B 157 20.51 17.11 1.86
N ASN B 158 20.63 17.22 0.54
CA ASN B 158 21.92 17.10 -0.11
C ASN B 158 22.35 18.46 -0.62
N GLY B 159 23.58 18.87 -0.27
CA GLY B 159 24.08 20.15 -0.72
C GLY B 159 23.66 21.39 0.04
N VAL B 160 22.69 21.24 0.95
CA VAL B 160 22.24 22.35 1.77
C VAL B 160 21.92 21.85 3.16
N THR B 161 22.17 22.69 4.15
CA THR B 161 21.95 22.35 5.55
C THR B 161 20.49 22.19 5.94
N ASP B 162 20.23 21.62 7.10
CA ASP B 162 18.85 21.49 7.56
C ASP B 162 18.67 22.74 8.41
N TRP B 163 17.59 22.86 9.17
CA TRP B 163 17.38 24.07 9.95
C TRP B 163 18.39 24.32 11.05
N VAL B 164 18.74 23.26 11.77
CA VAL B 164 19.67 23.41 12.89
C VAL B 164 21.12 23.61 12.41
N TYR B 165 21.50 23.00 11.30
CA TYR B 165 22.86 23.18 10.84
C TYR B 165 22.95 24.57 10.22
N GLU B 166 21.82 25.05 9.73
CA GLU B 166 21.79 26.35 9.10
C GLU B 166 21.96 27.46 10.12
N GLU B 167 21.17 27.40 11.16
CA GLU B 167 21.19 28.42 12.18
C GLU B 167 22.36 28.37 13.15
N GLU B 168 22.77 27.16 13.52
CA GLU B 168 23.78 26.97 14.55
C GLU B 168 25.15 26.48 14.19
N VAL B 169 25.30 25.79 13.08
CA VAL B 169 26.62 25.29 12.78
C VAL B 169 27.28 26.07 11.65
N PHE B 170 26.63 26.13 10.49
CA PHE B 170 27.22 26.82 9.35
C PHE B 170 26.83 28.30 9.19
N SER B 171 25.79 28.76 9.87
CA SER B 171 25.35 30.14 9.67
C SER B 171 25.31 30.37 8.15
N ALA B 172 24.83 29.34 7.45
CA ALA B 172 24.73 29.35 6.01
C ALA B 172 23.78 28.24 5.61
N TYR B 173 23.18 28.39 4.43
CA TYR B 173 22.25 27.40 3.93
C TYR B 173 23.05 26.40 3.12
N SER B 174 24.11 26.93 2.51
CA SER B 174 25.02 26.19 1.65
C SER B 174 25.73 25.02 2.35
N ALA B 175 25.82 23.89 1.66
CA ALA B 175 26.49 22.72 2.21
C ALA B 175 27.27 21.97 1.12
N LEU B 176 27.95 22.71 0.27
CA LEU B 176 28.76 22.08 -0.75
C LEU B 176 30.03 22.92 -0.98
N TRP B 177 31.10 22.23 -1.32
CA TRP B 177 32.41 22.87 -1.46
C TRP B 177 33.19 22.40 -2.69
N TRP B 178 33.51 23.31 -3.60
CA TRP B 178 34.31 22.92 -4.78
C TRP B 178 35.78 22.93 -4.36
N SER B 179 36.58 22.03 -4.92
CA SER B 179 38.00 22.00 -4.62
C SER B 179 38.60 23.20 -5.38
N PRO B 180 39.81 23.64 -4.99
CA PRO B 180 40.48 24.77 -5.64
C PRO B 180 40.35 24.89 -7.15
N ASN B 181 40.68 23.82 -7.88
CA ASN B 181 40.64 23.83 -9.33
C ASN B 181 39.37 23.21 -9.91
N GLY B 182 38.40 22.94 -9.03
CA GLY B 182 37.13 22.38 -9.46
C GLY B 182 37.13 20.91 -9.83
N THR B 183 38.15 20.17 -9.42
CA THR B 183 38.22 18.75 -9.72
C THR B 183 37.17 17.96 -8.93
N PHE B 184 37.10 18.25 -7.65
CA PHE B 184 36.17 17.58 -6.76
C PHE B 184 35.12 18.53 -6.24
N LEU B 185 33.93 17.99 -6.02
CA LEU B 185 32.82 18.75 -5.47
C LEU B 185 32.40 17.95 -4.26
N ALA B 186 32.69 18.48 -3.08
CA ALA B 186 32.35 17.80 -1.85
C ALA B 186 31.10 18.45 -1.29
N TYR B 187 30.24 17.64 -0.68
CA TYR B 187 29.01 18.14 -0.07
C TYR B 187 28.68 17.32 1.14
N ALA B 188 27.72 17.82 1.90
CA ALA B 188 27.27 17.13 3.09
C ALA B 188 25.81 16.71 2.90
N GLN B 189 25.41 15.61 3.53
CA GLN B 189 24.02 15.19 3.43
C GLN B 189 23.48 15.18 4.83
N PHE B 190 22.24 15.61 4.99
CA PHE B 190 21.62 15.63 6.31
C PHE B 190 20.35 14.77 6.31
N ASN B 191 20.21 13.93 7.33
CA ASN B 191 19.05 13.05 7.45
C ASN B 191 18.27 13.57 8.65
N ASP B 192 17.06 14.07 8.40
CA ASP B 192 16.22 14.60 9.46
C ASP B 192 15.07 13.69 9.89
N THR B 193 15.03 12.48 9.31
CA THR B 193 13.99 11.49 9.59
C THR B 193 13.44 11.48 11.00
N GLU B 194 14.30 11.23 11.99
CA GLU B 194 13.88 11.16 13.38
C GLU B 194 13.85 12.44 14.18
N VAL B 195 14.04 13.56 13.51
CA VAL B 195 14.00 14.84 14.18
C VAL B 195 12.52 15.22 14.29
N PRO B 196 12.06 15.59 15.50
CA PRO B 196 10.68 15.98 15.76
C PRO B 196 10.35 17.24 14.99
N LEU B 197 9.07 17.46 14.70
CA LEU B 197 8.67 18.64 13.96
C LEU B 197 8.06 19.69 14.84
N ILE B 198 8.49 20.93 14.68
CA ILE B 198 7.91 22.03 15.41
C ILE B 198 6.80 22.49 14.47
N GLU B 199 5.60 22.67 15.00
CA GLU B 199 4.49 23.10 14.17
C GLU B 199 3.87 24.34 14.74
N TYR B 200 3.39 25.20 13.86
CA TYR B 200 2.76 26.44 14.24
C TYR B 200 1.96 26.98 13.04
N SER B 201 0.96 27.80 13.32
CA SER B 201 0.13 28.35 12.27
C SER B 201 0.72 29.57 11.54
N PHE B 202 0.45 29.64 10.24
CA PHE B 202 0.83 30.75 9.38
C PHE B 202 -0.44 31.13 8.64
N TYR B 203 -1.06 32.23 9.08
CA TYR B 203 -2.32 32.72 8.54
C TYR B 203 -2.25 33.29 7.15
N SER B 204 -1.04 33.67 6.73
CA SER B 204 -0.84 34.25 5.42
C SER B 204 -1.69 35.49 5.14
N ASP B 205 -1.92 35.74 3.86
CA ASP B 205 -2.70 36.89 3.45
C ASP B 205 -4.20 36.74 3.80
N GLU B 206 -4.77 37.83 4.29
CA GLU B 206 -6.16 37.90 4.70
C GLU B 206 -7.19 37.05 3.94
N SER B 207 -6.93 36.79 2.67
CA SER B 207 -7.85 36.02 1.87
C SER B 207 -7.78 34.48 2.02
N LEU B 208 -6.76 33.95 2.69
CA LEU B 208 -6.70 32.49 2.82
C LEU B 208 -7.76 32.12 3.85
N GLN B 209 -8.64 31.16 3.49
CA GLN B 209 -9.71 30.78 4.39
C GLN B 209 -9.30 29.92 5.56
N TYR B 210 -8.31 29.08 5.36
CA TYR B 210 -7.85 28.23 6.45
C TYR B 210 -6.36 28.47 6.68
N PRO B 211 -5.97 28.72 7.94
CA PRO B 211 -4.55 28.95 8.23
C PRO B 211 -3.77 27.72 7.81
N LYS B 212 -2.53 27.88 7.34
CA LYS B 212 -1.73 26.73 6.97
C LYS B 212 -0.89 26.41 8.19
N THR B 213 -0.39 25.18 8.27
CA THR B 213 0.44 24.81 9.42
C THR B 213 1.83 24.50 8.95
N VAL B 214 2.80 25.22 9.47
CA VAL B 214 4.18 25.04 9.10
C VAL B 214 4.82 23.98 9.97
N ARG B 215 5.52 23.05 9.33
CA ARG B 215 6.21 21.97 10.03
C ARG B 215 7.70 21.97 9.67
N ILE B 216 8.53 22.13 10.68
CA ILE B 216 9.96 22.17 10.46
C ILE B 216 10.65 21.12 11.31
N PRO B 217 11.48 20.29 10.68
CA PRO B 217 12.14 19.32 11.55
C PRO B 217 13.08 20.25 12.35
N TYR B 218 12.92 20.24 13.66
CA TYR B 218 13.69 21.12 14.51
C TYR B 218 13.93 20.38 15.82
N PRO B 219 15.20 20.12 16.17
CA PRO B 219 15.49 19.40 17.42
C PRO B 219 15.62 20.30 18.61
N LYS B 220 14.93 19.95 19.68
CA LYS B 220 14.99 20.74 20.89
C LYS B 220 15.97 20.08 21.84
N ALA B 221 16.35 20.80 22.90
CA ALA B 221 17.28 20.30 23.89
C ALA B 221 17.02 18.83 24.23
N GLY B 222 17.99 17.96 23.99
CA GLY B 222 17.81 16.54 24.29
C GLY B 222 17.19 15.67 23.21
N ALA B 223 16.40 16.30 22.34
CA ALA B 223 15.74 15.58 21.28
C ALA B 223 16.72 14.90 20.37
N GLU B 224 16.18 14.19 19.40
CA GLU B 224 16.92 13.46 18.39
C GLU B 224 17.47 14.46 17.37
N ASN B 225 18.74 14.29 16.98
CA ASN B 225 19.36 15.21 16.02
C ASN B 225 19.45 14.69 14.61
N PRO B 226 19.63 15.61 13.66
CA PRO B 226 19.74 15.11 12.29
C PRO B 226 21.08 14.39 12.25
N THR B 227 21.30 13.54 11.26
CA THR B 227 22.60 12.90 11.16
C THR B 227 23.24 13.45 9.90
N VAL B 228 24.52 13.22 9.70
CA VAL B 228 25.17 13.78 8.53
C VAL B 228 26.16 12.84 7.86
N LYS B 229 26.37 13.06 6.57
CA LYS B 229 27.33 12.28 5.82
C LYS B 229 28.05 13.30 4.94
N PHE B 230 29.30 13.00 4.62
CA PHE B 230 30.12 13.90 3.81
C PHE B 230 30.66 13.12 2.62
N PHE B 231 30.59 13.71 1.44
CA PHE B 231 31.07 13.04 0.25
C PHE B 231 31.90 13.97 -0.58
N VAL B 232 32.85 13.40 -1.30
CA VAL B 232 33.67 14.18 -2.18
C VAL B 232 33.41 13.56 -3.54
N VAL B 233 32.85 14.34 -4.45
CA VAL B 233 32.60 13.81 -5.76
C VAL B 233 33.77 14.20 -6.66
N ASP B 234 34.16 13.24 -7.50
CA ASP B 234 35.23 13.39 -8.46
C ASP B 234 34.50 13.79 -9.74
N THR B 235 34.26 15.09 -9.91
CA THR B 235 33.50 15.55 -11.08
C THR B 235 34.10 15.20 -12.42
N ARG B 236 35.32 14.69 -12.44
CA ARG B 236 35.92 14.38 -13.73
C ARG B 236 35.16 13.29 -14.48
N THR B 237 34.52 12.37 -13.77
CA THR B 237 33.79 11.29 -14.43
C THR B 237 32.34 11.60 -14.75
N LEU B 238 31.84 12.74 -14.28
CA LEU B 238 30.46 13.11 -14.59
C LEU B 238 30.21 12.94 -16.09
N SER B 239 29.11 12.29 -16.41
CA SER B 239 28.73 12.02 -17.79
C SER B 239 27.37 11.34 -17.80
N PRO B 240 26.46 11.75 -18.70
CA PRO B 240 25.11 11.18 -18.78
C PRO B 240 24.94 9.69 -18.52
N ASN B 241 25.72 8.84 -19.18
CA ASN B 241 25.59 7.40 -18.97
C ASN B 241 26.70 6.82 -18.10
N ALA B 242 27.08 7.58 -17.08
CA ALA B 242 28.11 7.13 -16.16
C ALA B 242 27.54 7.39 -14.77
N SER B 243 27.93 6.56 -13.81
CA SER B 243 27.50 6.75 -12.42
C SER B 243 28.34 7.86 -11.76
N VAL B 244 27.90 8.31 -10.58
CA VAL B 244 28.63 9.33 -9.86
C VAL B 244 29.74 8.69 -9.03
N THR B 245 30.98 9.03 -9.33
CA THR B 245 32.08 8.49 -8.55
C THR B 245 32.23 9.38 -7.32
N SER B 246 31.96 8.84 -6.15
CA SER B 246 32.09 9.63 -4.94
C SER B 246 32.76 8.86 -3.82
N TYR B 247 33.22 9.59 -2.81
CA TYR B 247 33.85 8.94 -1.69
C TYR B 247 33.29 9.52 -0.41
N GLN B 248 33.08 8.65 0.57
CA GLN B 248 32.52 9.10 1.82
C GLN B 248 33.57 9.19 2.91
N ILE B 249 33.67 10.37 3.52
CA ILE B 249 34.63 10.56 4.57
C ILE B 249 33.87 10.62 5.87
N VAL B 250 34.24 9.75 6.79
CA VAL B 250 33.59 9.68 8.09
C VAL B 250 34.48 10.28 9.17
N PRO B 251 33.88 10.76 10.26
CA PRO B 251 34.70 11.35 11.33
C PRO B 251 35.60 10.30 12.00
N PRO B 252 36.69 10.76 12.64
CA PRO B 252 37.60 9.83 13.31
C PRO B 252 36.80 9.08 14.37
N ALA B 253 37.31 7.94 14.83
CA ALA B 253 36.60 7.17 15.84
C ALA B 253 36.23 7.94 17.12
N SER B 254 37.14 8.75 17.64
CA SER B 254 36.86 9.48 18.86
C SER B 254 35.56 10.29 18.80
N VAL B 255 35.07 10.54 17.60
CA VAL B 255 33.84 11.31 17.45
C VAL B 255 32.70 10.44 16.95
N LEU B 256 33.06 9.44 16.16
CA LEU B 256 32.10 8.53 15.59
C LEU B 256 31.37 7.72 16.65
N ILE B 257 32.03 7.45 17.78
CA ILE B 257 31.41 6.66 18.86
C ILE B 257 30.02 7.10 19.26
N GLY B 258 29.73 8.39 19.13
CA GLY B 258 28.42 8.90 19.50
C GLY B 258 27.97 10.01 18.59
N ASP B 259 27.00 10.81 19.04
CA ASP B 259 26.48 11.92 18.25
C ASP B 259 27.48 13.01 17.98
N HIS B 260 27.58 13.43 16.73
CA HIS B 260 28.51 14.47 16.34
C HIS B 260 27.88 15.47 15.38
N TYR B 261 28.69 16.43 14.93
CA TYR B 261 28.24 17.44 13.96
C TYR B 261 29.41 17.75 13.03
N LEU B 262 29.15 17.88 11.74
CA LEU B 262 30.22 18.25 10.81
C LEU B 262 30.22 19.75 11.04
N CYS B 263 31.36 20.37 11.30
CA CYS B 263 31.29 21.80 11.54
C CYS B 263 32.22 22.64 10.74
N GLY B 264 33.03 22.03 9.89
CA GLY B 264 33.94 22.81 9.10
C GLY B 264 34.52 22.03 7.94
N VAL B 265 34.67 22.71 6.80
CA VAL B 265 35.22 22.08 5.61
C VAL B 265 36.19 23.09 5.04
N THR B 266 37.39 22.65 4.70
CA THR B 266 38.38 23.54 4.15
C THR B 266 39.27 22.86 3.13
N TRP B 267 39.13 23.21 1.87
CA TRP B 267 39.98 22.61 0.88
C TRP B 267 41.41 23.12 1.11
N VAL B 268 42.39 22.25 1.04
CA VAL B 268 43.78 22.65 1.26
C VAL B 268 44.53 22.70 -0.08
N THR B 269 44.36 21.63 -0.87
CA THR B 269 44.95 21.48 -2.20
C THR B 269 43.97 20.55 -2.92
N GLU B 270 44.13 20.38 -4.23
CA GLU B 270 43.23 19.49 -4.97
C GLU B 270 43.22 18.11 -4.37
N GLU B 271 44.31 17.73 -3.71
CA GLU B 271 44.40 16.40 -3.12
C GLU B 271 44.36 16.35 -1.60
N ARG B 272 44.10 17.49 -0.94
CA ARG B 272 44.07 17.49 0.51
C ARG B 272 42.94 18.37 1.02
N ILE B 273 42.04 17.76 1.78
CA ILE B 273 40.87 18.45 2.31
C ILE B 273 40.85 18.32 3.83
N SER B 274 40.35 19.35 4.52
CA SER B 274 40.30 19.36 5.97
C SER B 274 38.88 19.42 6.53
N LEU B 275 38.49 18.37 7.26
CA LEU B 275 37.16 18.29 7.85
C LEU B 275 37.27 18.55 9.33
N GLN B 276 36.30 19.26 9.89
CA GLN B 276 36.32 19.55 11.30
C GLN B 276 35.03 19.02 11.91
N TRP B 277 35.17 18.04 12.79
CA TRP B 277 34.04 17.43 13.45
C TRP B 277 34.10 17.81 14.91
N ILE B 278 32.97 17.69 15.60
CA ILE B 278 32.91 17.97 17.03
C ILE B 278 31.79 17.10 17.57
N ARG B 279 31.94 16.60 18.80
CA ARG B 279 30.95 15.75 19.43
C ARG B 279 29.73 16.57 19.77
N ARG B 280 28.59 15.90 19.96
CA ARG B 280 27.36 16.58 20.29
C ARG B 280 27.58 17.32 21.60
N ALA B 281 28.53 16.86 22.39
CA ALA B 281 28.81 17.52 23.67
C ALA B 281 29.49 18.89 23.44
N GLN B 282 30.20 19.04 22.33
CA GLN B 282 30.84 20.30 21.98
C GLN B 282 32.01 20.82 22.82
N ASN B 283 32.64 19.96 23.61
CA ASN B 283 33.80 20.41 24.35
C ASN B 283 34.95 19.58 23.82
N TYR B 284 34.67 18.91 22.70
CA TYR B 284 35.62 18.04 22.08
C TYR B 284 35.42 18.00 20.58
N SER B 285 36.33 18.64 19.85
CA SER B 285 36.24 18.63 18.39
C SER B 285 37.57 18.15 17.88
N ILE B 286 37.61 17.77 16.60
CA ILE B 286 38.84 17.28 15.99
C ILE B 286 38.93 17.68 14.53
N ILE B 287 40.16 17.88 14.05
CA ILE B 287 40.39 18.23 12.66
C ILE B 287 41.01 17.00 12.01
N ASP B 288 40.44 16.57 10.90
CA ASP B 288 40.93 15.40 10.19
C ASP B 288 41.34 15.83 8.77
N ILE B 289 42.64 15.75 8.47
CA ILE B 289 43.20 16.16 7.18
C ILE B 289 43.44 14.97 6.24
N CYS B 290 42.53 14.77 5.30
CA CYS B 290 42.58 13.63 4.38
C CYS B 290 43.24 13.93 3.05
N ASP B 291 44.02 12.97 2.57
CA ASP B 291 44.71 13.11 1.29
C ASP B 291 44.16 12.15 0.24
N TYR B 292 44.10 12.65 -0.99
CA TYR B 292 43.57 11.90 -2.13
C TYR B 292 44.58 10.86 -2.58
N ASP B 293 44.14 9.60 -2.63
CA ASP B 293 45.01 8.51 -3.09
C ASP B 293 44.70 8.24 -4.56
N GLU B 294 45.59 8.70 -5.41
CA GLU B 294 45.42 8.56 -6.84
C GLU B 294 45.10 7.16 -7.36
N SER B 295 45.65 6.15 -6.70
CA SER B 295 45.47 4.78 -7.14
C SER B 295 44.09 4.16 -6.91
N THR B 296 43.38 4.61 -5.89
CA THR B 296 42.08 4.04 -5.58
C THR B 296 40.95 5.05 -5.54
N GLY B 297 41.28 6.33 -5.64
CA GLY B 297 40.24 7.35 -5.63
C GLY B 297 39.69 7.72 -4.28
N ARG B 298 40.24 7.16 -3.21
CA ARG B 298 39.74 7.49 -1.90
C ARG B 298 40.55 8.56 -1.15
N TRP B 299 39.92 9.12 -0.13
CA TRP B 299 40.50 10.18 0.70
C TRP B 299 40.86 9.59 2.06
N ILE B 300 42.15 9.36 2.27
CA ILE B 300 42.62 8.73 3.50
C ILE B 300 42.95 9.63 4.69
N SER B 301 42.66 9.11 5.86
CA SER B 301 42.93 9.80 7.10
C SER B 301 44.15 9.16 7.72
N SER B 302 44.65 9.76 8.79
CA SER B 302 45.81 9.28 9.52
C SER B 302 45.86 9.95 10.86
N VAL B 303 46.19 9.17 11.89
CA VAL B 303 46.24 9.71 13.24
C VAL B 303 47.24 10.86 13.34
N ALA B 304 48.24 10.85 12.47
CA ALA B 304 49.25 11.88 12.47
C ALA B 304 48.65 13.19 12.02
N ARG B 305 47.71 13.11 11.08
CA ARG B 305 47.08 14.32 10.57
C ARG B 305 45.82 14.73 11.32
N GLN B 306 45.63 14.21 12.54
CA GLN B 306 44.46 14.57 13.33
C GLN B 306 44.88 15.50 14.45
N HIS B 307 44.04 16.49 14.70
CA HIS B 307 44.33 17.46 15.74
C HIS B 307 43.13 17.67 16.63
N ILE B 308 43.31 17.39 17.91
CA ILE B 308 42.24 17.53 18.87
C ILE B 308 42.27 18.90 19.51
N GLU B 309 41.09 19.41 19.86
CA GLU B 309 40.90 20.69 20.53
C GLU B 309 39.80 20.38 21.54
N ILE B 310 40.04 20.71 22.80
CA ILE B 310 39.07 20.43 23.85
C ILE B 310 39.02 21.59 24.82
N SER B 311 37.90 21.70 25.54
CA SER B 311 37.73 22.75 26.53
C SER B 311 37.38 22.00 27.81
N THR B 312 37.99 22.36 28.91
CA THR B 312 37.71 21.68 30.16
C THR B 312 36.87 22.56 31.04
N THR B 313 36.78 23.84 30.68
CA THR B 313 36.00 24.78 31.48
C THR B 313 34.67 25.17 30.84
N GLY B 314 34.48 24.79 29.57
CA GLY B 314 33.25 25.11 28.87
C GLY B 314 33.21 24.53 27.46
N TRP B 315 32.84 25.34 26.48
CA TRP B 315 32.76 24.86 25.11
C TRP B 315 33.93 25.25 24.22
N VAL B 316 34.07 24.59 23.08
CA VAL B 316 35.13 24.90 22.15
C VAL B 316 34.71 26.04 21.22
N GLY B 317 35.64 26.98 21.01
CA GLY B 317 35.39 28.11 20.13
C GLY B 317 34.40 29.09 20.69
N ARG B 318 33.85 29.93 19.84
CA ARG B 318 32.87 30.91 20.30
C ARG B 318 31.44 30.48 20.02
N PHE B 319 31.13 30.10 18.78
CA PHE B 319 29.80 29.63 18.40
C PHE B 319 30.10 28.42 17.55
N ARG B 320 31.33 27.94 17.71
CA ARG B 320 31.84 26.80 16.96
C ARG B 320 33.36 26.88 17.03
N PRO B 321 34.04 25.79 16.70
CA PRO B 321 35.50 25.90 16.76
C PRO B 321 36.03 26.78 15.62
N ALA B 322 37.11 27.53 15.90
CA ALA B 322 37.72 28.42 14.90
C ALA B 322 38.13 27.60 13.72
N GLU B 323 38.35 28.25 12.59
CA GLU B 323 38.71 27.53 11.39
C GLU B 323 40.21 27.45 11.18
N PRO B 324 40.69 26.36 10.56
CA PRO B 324 42.13 26.32 10.37
C PRO B 324 42.39 27.09 9.08
N HIS B 325 43.58 27.68 8.95
CA HIS B 325 43.97 28.43 7.77
C HIS B 325 45.27 27.79 7.31
N PHE B 326 45.25 27.11 6.17
CA PHE B 326 46.44 26.42 5.67
C PHE B 326 47.38 27.25 4.79
N THR B 327 48.65 26.86 4.79
CA THR B 327 49.63 27.55 3.98
C THR B 327 49.37 27.05 2.59
N SER B 328 49.96 27.69 1.59
CA SER B 328 49.76 27.28 0.22
C SER B 328 50.09 25.80 -0.06
N ASP B 329 51.01 25.22 0.72
CA ASP B 329 51.38 23.83 0.52
C ASP B 329 50.55 22.86 1.39
N GLY B 330 50.00 23.35 2.49
CA GLY B 330 49.18 22.50 3.32
C GLY B 330 49.89 21.61 4.32
N ASN B 331 51.17 21.89 4.53
CA ASN B 331 51.97 21.13 5.46
C ASN B 331 51.85 21.70 6.87
N SER B 332 51.25 22.88 6.99
CA SER B 332 51.03 23.50 8.30
C SER B 332 49.80 24.42 8.19
N PHE B 333 49.25 24.83 9.31
CA PHE B 333 48.08 25.70 9.28
C PHE B 333 48.06 26.57 10.51
N TYR B 334 47.23 27.61 10.51
CA TYR B 334 47.16 28.47 11.68
C TYR B 334 45.73 28.50 12.13
N LYS B 335 45.51 28.42 13.43
CA LYS B 335 44.17 28.41 13.96
C LYS B 335 44.15 28.98 15.34
N ILE B 336 43.00 29.53 15.70
CA ILE B 336 42.80 30.15 16.99
C ILE B 336 42.24 29.12 17.98
N ILE B 337 42.82 29.11 19.17
CA ILE B 337 42.41 28.21 20.24
C ILE B 337 42.75 28.95 21.52
N SER B 338 42.22 28.49 22.65
CA SER B 338 42.49 29.09 23.93
C SER B 338 43.88 28.64 24.36
N ASN B 339 44.68 29.57 24.87
CA ASN B 339 46.02 29.23 25.33
C ASN B 339 45.92 28.87 26.81
N GLU B 340 47.05 28.50 27.41
CA GLU B 340 47.13 28.11 28.80
C GLU B 340 46.40 29.06 29.73
N GLU B 341 46.47 30.36 29.43
CA GLU B 341 45.82 31.37 30.24
C GLU B 341 44.33 31.59 29.99
N GLY B 342 43.79 30.93 28.97
CA GLY B 342 42.37 31.09 28.70
C GLY B 342 42.01 32.16 27.69
N TYR B 343 43.00 32.68 26.96
CA TYR B 343 42.74 33.69 25.94
C TYR B 343 42.96 33.07 24.56
N LYS B 344 42.05 33.37 23.64
CA LYS B 344 42.15 32.81 22.30
C LYS B 344 43.18 33.57 21.47
N HIS B 345 44.19 32.82 21.02
CA HIS B 345 45.27 33.35 20.21
C HIS B 345 45.57 32.38 19.11
N ILE B 346 46.43 32.80 18.20
CA ILE B 346 46.79 31.98 17.06
C ILE B 346 47.89 30.98 17.35
N CYS B 347 47.67 29.73 16.97
CA CYS B 347 48.69 28.72 17.16
C CYS B 347 49.07 28.21 15.77
N HIS B 348 50.34 27.95 15.55
CA HIS B 348 50.80 27.47 14.27
C HIS B 348 50.87 25.95 14.32
N PHE B 349 50.05 25.30 13.51
CA PHE B 349 50.04 23.86 13.49
C PHE B 349 50.79 23.22 12.36
N GLN B 350 51.44 22.11 12.70
CA GLN B 350 52.21 21.30 11.76
C GLN B 350 51.18 20.30 11.28
N THR B 351 50.88 20.31 9.99
CA THR B 351 49.86 19.40 9.47
C THR B 351 50.00 17.93 9.97
N ASP B 352 51.23 17.38 9.99
CA ASP B 352 51.43 15.99 10.45
C ASP B 352 52.02 15.83 11.84
N LYS B 353 51.93 16.84 12.69
CA LYS B 353 52.45 16.78 14.06
C LYS B 353 51.37 17.34 15.01
N SER B 354 51.39 16.96 16.28
CA SER B 354 50.35 17.43 17.21
C SER B 354 50.55 18.71 18.02
N ASN B 355 51.78 19.03 18.41
CA ASN B 355 52.06 20.24 19.17
C ASN B 355 52.01 21.48 18.28
N CYS B 356 51.54 22.61 18.83
CA CYS B 356 51.50 23.83 18.06
C CYS B 356 52.20 24.94 18.82
N THR B 357 52.67 25.94 18.10
CA THR B 357 53.35 27.06 18.73
C THR B 357 52.57 28.37 18.59
N PHE B 358 52.32 29.02 19.72
CA PHE B 358 51.59 30.27 19.72
C PHE B 358 52.38 31.41 19.11
N ILE B 359 51.77 32.10 18.15
CA ILE B 359 52.44 33.22 17.50
C ILE B 359 51.93 34.55 18.04
N THR B 360 50.95 34.46 18.94
CA THR B 360 50.40 35.64 19.59
C THR B 360 50.05 35.25 21.02
N LYS B 361 50.11 36.23 21.93
CA LYS B 361 49.85 36.00 23.34
C LYS B 361 49.47 37.32 24.01
N GLY B 362 48.81 37.23 25.17
CA GLY B 362 48.40 38.43 25.88
C GLY B 362 46.99 38.34 26.43
N ALA B 363 46.59 39.32 27.24
CA ALA B 363 45.26 39.34 27.81
C ALA B 363 44.29 40.11 26.91
N TRP B 364 44.10 39.59 25.72
CA TRP B 364 43.20 40.12 24.71
C TRP B 364 43.04 38.93 23.78
N GLU B 365 42.21 39.04 22.74
CA GLU B 365 42.04 37.89 21.85
C GLU B 365 42.03 38.20 20.38
N VAL B 366 42.53 37.26 19.60
CA VAL B 366 42.51 37.41 18.15
C VAL B 366 41.09 37.07 17.73
N ILE B 367 40.45 37.97 16.99
CA ILE B 367 39.10 37.77 16.56
C ILE B 367 39.04 36.77 15.40
N GLY B 368 40.05 36.80 14.55
CA GLY B 368 40.06 35.90 13.43
C GLY B 368 41.21 36.13 12.49
N ILE B 369 41.54 35.10 11.72
CA ILE B 369 42.62 35.14 10.75
C ILE B 369 42.01 35.60 9.42
N GLU B 370 42.53 36.70 8.88
CA GLU B 370 42.02 37.27 7.64
C GLU B 370 42.68 36.87 6.33
N ALA B 371 44.01 36.87 6.31
CA ALA B 371 44.70 36.51 5.08
C ALA B 371 46.00 35.84 5.46
N LEU B 372 46.57 35.11 4.52
CA LEU B 372 47.79 34.40 4.81
C LEU B 372 48.66 34.21 3.60
N THR B 373 49.91 34.66 3.68
CA THR B 373 50.83 34.49 2.58
C THR B 373 51.98 33.63 3.11
N SER B 374 53.00 33.45 2.30
CA SER B 374 54.14 32.66 2.73
C SER B 374 54.96 33.47 3.73
N ASP B 375 54.83 34.79 3.70
CA ASP B 375 55.59 35.64 4.60
C ASP B 375 54.81 36.28 5.73
N TYR B 376 53.56 36.64 5.50
CA TYR B 376 52.80 37.27 6.57
C TYR B 376 51.44 36.65 6.85
N LEU B 377 50.94 36.95 8.05
CA LEU B 377 49.64 36.49 8.50
C LEU B 377 48.96 37.78 8.93
N TYR B 378 47.74 38.01 8.44
CA TYR B 378 47.00 39.21 8.83
C TYR B 378 45.82 38.77 9.69
N TYR B 379 45.52 39.54 10.73
CA TYR B 379 44.43 39.19 11.59
C TYR B 379 43.80 40.38 12.30
N ILE B 380 42.72 40.09 13.03
CA ILE B 380 41.98 41.10 13.75
C ILE B 380 41.99 40.73 15.24
N SER B 381 42.04 41.73 16.11
CA SER B 381 42.00 41.44 17.53
C SER B 381 41.66 42.73 18.25
N ASN B 382 41.21 42.60 19.49
CA ASN B 382 40.85 43.74 20.30
C ASN B 382 42.02 44.14 21.22
N GLU B 383 43.24 43.93 20.74
CA GLU B 383 44.43 44.26 21.53
C GLU B 383 44.63 45.74 21.78
N HIS B 384 44.58 46.54 20.72
CA HIS B 384 44.78 47.96 20.85
C HIS B 384 44.09 48.61 22.05
N LYS B 385 44.88 49.36 22.83
CA LYS B 385 44.39 50.06 24.00
C LYS B 385 43.79 49.17 25.05
N GLY B 386 43.82 47.87 24.82
CA GLY B 386 43.25 46.96 25.80
C GLY B 386 41.74 47.08 25.92
N MET B 387 41.07 47.53 24.88
CA MET B 387 39.62 47.61 24.96
C MET B 387 39.03 46.56 24.03
N PRO B 388 38.41 45.53 24.62
CA PRO B 388 37.78 44.40 23.93
C PRO B 388 36.75 44.82 22.87
N GLY B 389 36.04 45.90 23.14
CA GLY B 389 35.06 46.40 22.19
C GLY B 389 35.62 47.06 20.93
N GLY B 390 36.93 46.96 20.73
CA GLY B 390 37.55 47.53 19.53
C GLY B 390 38.12 46.48 18.60
N ARG B 391 38.27 46.82 17.31
CA ARG B 391 38.81 45.88 16.32
C ARG B 391 39.91 46.51 15.44
N ASN B 392 41.00 45.78 15.25
CA ASN B 392 42.10 46.28 14.44
C ASN B 392 42.80 45.20 13.62
N LEU B 393 43.34 45.60 12.48
CA LEU B 393 44.05 44.72 11.58
C LEU B 393 45.54 44.70 11.92
N TYR B 394 46.10 43.50 12.09
CA TYR B 394 47.51 43.35 12.39
C TYR B 394 48.16 42.40 11.42
N ARG B 395 49.45 42.59 11.19
CA ARG B 395 50.21 41.73 10.31
C ARG B 395 51.37 41.20 11.14
N ILE B 396 51.52 39.90 11.17
CA ILE B 396 52.59 39.29 11.94
C ILE B 396 53.56 38.64 10.95
N GLN B 397 54.86 38.78 11.22
CA GLN B 397 55.89 38.19 10.34
C GLN B 397 56.01 36.70 10.61
N LEU B 398 55.70 35.89 9.60
CA LEU B 398 55.76 34.44 9.76
C LEU B 398 57.12 33.90 10.19
N ASN B 399 58.20 34.55 9.77
CA ASN B 399 59.52 34.09 10.17
C ASN B 399 59.96 34.63 11.53
N ASP B 400 59.29 35.66 12.04
CA ASP B 400 59.66 36.24 13.33
C ASP B 400 58.40 36.76 14.02
N TYR B 401 57.73 35.88 14.75
CA TYR B 401 56.49 36.21 15.46
C TYR B 401 56.56 37.40 16.40
N THR B 402 57.75 37.98 16.56
CA THR B 402 57.90 39.15 17.43
C THR B 402 57.63 40.41 16.61
N LYS B 403 57.81 40.30 15.30
CA LYS B 403 57.59 41.42 14.40
C LYS B 403 56.15 41.51 13.90
N VAL B 404 55.34 42.27 14.64
CA VAL B 404 53.94 42.44 14.31
C VAL B 404 53.61 43.90 14.16
N THR B 405 52.95 44.24 13.08
CA THR B 405 52.58 45.62 12.81
C THR B 405 51.08 45.77 12.97
N CYS B 406 50.64 46.98 13.31
CA CYS B 406 49.22 47.23 13.38
C CYS B 406 48.98 48.19 12.24
N LEU B 407 48.47 47.66 11.15
CA LEU B 407 48.18 48.40 9.95
C LEU B 407 47.06 49.43 10.04
N SER B 408 46.22 49.37 11.08
CA SER B 408 45.10 50.32 11.15
C SER B 408 44.84 51.01 12.50
N CYS B 409 45.69 50.78 13.49
CA CYS B 409 45.49 51.39 14.81
C CYS B 409 45.65 52.91 14.83
N GLU B 410 46.52 53.43 13.97
CA GLU B 410 46.80 54.85 13.96
C GLU B 410 46.22 55.64 12.80
N LEU B 411 45.64 54.96 11.82
CA LEU B 411 45.07 55.66 10.67
C LEU B 411 44.14 56.83 11.02
N ASN B 412 43.24 56.60 11.97
CA ASN B 412 42.30 57.64 12.35
C ASN B 412 41.76 57.25 13.72
N PRO B 413 42.63 57.25 14.71
CA PRO B 413 42.39 56.89 16.12
C PRO B 413 41.11 57.35 16.78
N GLU B 414 40.78 58.63 16.64
CA GLU B 414 39.59 59.13 17.30
C GLU B 414 38.32 58.71 16.55
N ARG B 415 38.39 58.68 15.23
CA ARG B 415 37.24 58.31 14.42
C ARG B 415 37.03 56.81 14.21
N CYS B 416 38.13 56.05 14.21
CA CYS B 416 38.09 54.61 13.98
C CYS B 416 38.80 53.68 14.99
N GLN B 417 37.99 52.86 15.67
CA GLN B 417 38.50 51.91 16.65
C GLN B 417 37.98 50.47 16.39
N TYR B 418 37.07 50.36 15.42
CA TYR B 418 36.46 49.09 15.07
C TYR B 418 36.63 48.80 13.59
N TYR B 419 37.57 47.93 13.27
CA TYR B 419 37.86 47.60 11.89
C TYR B 419 37.58 46.16 11.48
N SER B 420 37.40 46.01 10.17
CA SER B 420 37.21 44.72 9.51
C SER B 420 37.97 44.94 8.21
N ALA B 421 38.48 43.87 7.61
CA ALA B 421 39.23 44.01 6.38
C ALA B 421 38.75 43.05 5.33
N SER B 422 39.32 43.16 4.14
CA SER B 422 39.00 42.32 3.00
C SER B 422 40.18 42.40 2.04
N PHE B 423 40.92 41.32 1.93
CA PHE B 423 42.09 41.29 1.06
C PHE B 423 41.80 40.76 -0.34
N SER B 424 42.66 41.10 -1.27
CA SER B 424 42.52 40.62 -2.64
C SER B 424 43.21 39.27 -2.66
N ASN B 425 43.28 38.65 -3.84
CA ASN B 425 43.93 37.36 -3.97
C ASN B 425 45.42 37.59 -3.67
N LYS B 426 46.02 36.64 -2.97
CA LYS B 426 47.42 36.72 -2.63
C LYS B 426 47.66 37.87 -1.65
N ALA B 427 46.57 38.46 -1.19
CA ALA B 427 46.61 39.57 -0.24
C ALA B 427 47.48 40.77 -0.64
N LYS B 428 47.49 41.14 -1.92
CA LYS B 428 48.27 42.28 -2.41
C LYS B 428 47.68 43.64 -2.00
N TYR B 429 46.37 43.68 -1.86
CA TYR B 429 45.67 44.89 -1.48
C TYR B 429 44.60 44.51 -0.46
N TYR B 430 44.04 45.49 0.22
CA TYR B 430 42.99 45.24 1.18
C TYR B 430 42.17 46.48 1.44
N GLN B 431 40.87 46.29 1.56
CA GLN B 431 39.98 47.39 1.83
C GLN B 431 39.83 47.38 3.34
N LEU B 432 39.96 48.54 3.97
CA LEU B 432 39.79 48.60 5.42
C LEU B 432 38.38 49.05 5.69
N ARG B 433 37.79 48.56 6.78
CA ARG B 433 36.42 48.91 7.07
C ARG B 433 36.24 49.30 8.53
N CYS B 434 36.16 50.61 8.71
CA CYS B 434 36.01 51.27 10.00
C CYS B 434 34.52 51.51 10.32
N PHE B 435 34.04 50.94 11.43
CA PHE B 435 32.63 51.10 11.78
C PHE B 435 32.29 52.01 12.96
N GLY B 436 33.27 52.74 13.47
CA GLY B 436 33.03 53.64 14.58
C GLY B 436 34.32 53.92 15.33
N PRO B 437 34.27 54.77 16.36
CA PRO B 437 33.08 55.48 16.84
C PRO B 437 32.47 56.52 15.90
N GLY B 438 33.27 57.04 14.98
CA GLY B 438 32.73 58.04 14.06
C GLY B 438 32.07 57.43 12.82
N LEU B 439 31.56 58.29 11.95
CA LEU B 439 30.91 57.81 10.74
C LEU B 439 31.77 56.76 10.04
N PRO B 440 31.19 55.60 9.71
CA PRO B 440 31.99 54.57 9.03
C PRO B 440 32.80 55.18 7.89
N LEU B 441 33.96 54.57 7.61
CA LEU B 441 34.86 55.04 6.56
C LEU B 441 35.54 53.88 5.81
N TYR B 442 35.42 53.86 4.50
CA TYR B 442 36.01 52.78 3.72
C TYR B 442 37.20 53.25 2.91
N THR B 443 38.32 52.56 3.08
CA THR B 443 39.57 52.89 2.40
C THR B 443 40.27 51.69 1.79
N LEU B 444 41.15 51.96 0.84
CA LEU B 444 41.90 50.92 0.14
C LEU B 444 43.37 51.15 0.43
N HIS B 445 44.14 50.06 0.48
CA HIS B 445 45.55 50.17 0.77
C HIS B 445 46.33 49.17 -0.06
N SER B 446 47.65 49.28 -0.01
CA SER B 446 48.53 48.37 -0.70
C SER B 446 49.21 47.59 0.39
N SER B 447 49.55 46.33 0.13
CA SER B 447 50.21 45.55 1.15
C SER B 447 51.71 45.70 1.06
N SER B 448 52.22 45.98 -0.14
CA SER B 448 53.65 46.16 -0.32
C SER B 448 54.18 47.46 0.29
N SER B 449 53.40 48.53 0.19
CA SER B 449 53.86 49.81 0.75
C SER B 449 52.96 50.27 1.91
N ASP B 450 51.80 49.64 2.04
CA ASP B 450 50.86 50.01 3.08
C ASP B 450 50.42 51.48 2.97
N LYS B 451 50.51 52.01 1.76
CA LYS B 451 50.11 53.39 1.47
C LYS B 451 48.59 53.37 1.40
N GLU B 452 47.93 54.47 1.75
CA GLU B 452 46.48 54.51 1.71
C GLU B 452 45.90 54.86 0.35
N LEU B 453 46.38 54.22 -0.70
CA LEU B 453 45.90 54.44 -2.07
C LEU B 453 44.81 55.50 -2.24
N ARG B 454 43.61 55.25 -1.72
CA ARG B 454 42.53 56.24 -1.84
C ARG B 454 41.41 55.97 -0.87
N VAL B 455 40.46 56.90 -0.81
CA VAL B 455 39.29 56.78 0.07
C VAL B 455 38.11 56.35 -0.76
N LEU B 456 37.50 55.22 -0.38
CA LEU B 456 36.38 54.67 -1.12
C LEU B 456 35.04 55.26 -0.73
N GLU B 457 34.94 55.71 0.52
CA GLU B 457 33.70 56.26 1.03
C GLU B 457 33.93 56.82 2.44
N ASP B 458 33.57 58.08 2.65
CA ASP B 458 33.77 58.66 3.97
C ASP B 458 32.51 59.20 4.63
N ASN B 459 31.36 59.01 3.97
CA ASN B 459 30.09 59.45 4.55
C ASN B 459 29.99 60.93 4.91
N SER B 460 30.64 61.79 4.13
CA SER B 460 30.61 63.24 4.40
C SER B 460 29.15 63.76 4.30
N ALA B 461 28.37 63.16 3.41
CA ALA B 461 26.97 63.52 3.25
C ALA B 461 26.29 63.35 4.61
N LEU B 462 26.28 62.13 5.13
CA LEU B 462 25.64 61.90 6.41
C LEU B 462 26.14 62.92 7.42
N ASP B 463 27.46 63.09 7.51
CA ASP B 463 28.04 64.03 8.47
C ASP B 463 27.40 65.40 8.36
N LYS B 464 27.22 65.86 7.13
CA LYS B 464 26.61 67.16 6.90
C LYS B 464 25.29 67.21 7.65
N MET B 465 24.36 66.33 7.28
CA MET B 465 23.05 66.28 7.91
C MET B 465 23.07 66.28 9.42
N LEU B 466 23.76 65.31 10.00
CA LEU B 466 23.85 65.19 11.45
C LEU B 466 24.30 66.47 12.15
N GLN B 467 24.89 67.39 11.40
CA GLN B 467 25.37 68.64 11.98
C GLN B 467 24.24 69.50 12.50
N ASP B 468 23.23 69.69 11.67
CA ASP B 468 22.09 70.50 12.06
C ASP B 468 21.22 69.83 13.16
N VAL B 469 21.36 68.52 13.35
CA VAL B 469 20.59 67.79 14.35
C VAL B 469 21.35 67.51 15.64
N GLN B 470 20.63 67.44 16.77
CA GLN B 470 21.24 67.19 18.08
C GLN B 470 21.41 65.71 18.42
N MET B 471 22.45 65.09 17.88
CA MET B 471 22.72 63.70 18.14
C MET B 471 23.15 63.48 19.58
N PRO B 472 23.10 62.23 20.05
CA PRO B 472 23.49 61.88 21.42
C PRO B 472 24.94 61.42 21.40
N SER B 473 25.57 61.41 22.56
CA SER B 473 26.97 60.97 22.63
C SER B 473 27.03 59.54 23.16
N LYS B 474 28.06 58.80 22.78
CA LYS B 474 28.21 57.42 23.25
C LYS B 474 29.52 57.28 24.01
N LYS B 475 29.44 57.33 25.33
CA LYS B 475 30.61 57.19 26.17
C LYS B 475 30.80 55.71 26.53
N LEU B 476 32.05 55.27 26.56
CA LEU B 476 32.38 53.90 26.93
C LEU B 476 33.32 53.95 28.12
N ASP B 477 33.16 53.02 29.06
CA ASP B 477 34.02 53.01 30.22
C ASP B 477 34.04 51.68 30.96
N VAL B 478 34.36 51.70 32.25
CA VAL B 478 34.49 50.45 32.96
C VAL B 478 34.12 50.49 34.44
N ILE B 479 33.81 49.31 34.99
CA ILE B 479 33.47 49.18 36.40
C ILE B 479 33.94 47.85 36.96
N ASN B 480 33.69 47.65 38.24
CA ASN B 480 34.11 46.42 38.92
C ASN B 480 32.97 45.60 39.48
N LEU B 481 33.04 44.30 39.24
CA LEU B 481 32.04 43.39 39.78
C LEU B 481 32.89 42.24 40.27
N HIS B 482 32.75 41.92 41.56
CA HIS B 482 33.51 40.85 42.19
C HIS B 482 35.01 40.80 41.82
N GLY B 483 35.67 41.95 41.89
CA GLY B 483 37.09 41.99 41.59
C GLY B 483 37.48 41.92 40.12
N THR B 484 36.53 42.17 39.22
CA THR B 484 36.81 42.14 37.78
C THR B 484 36.25 43.37 37.09
N LYS B 485 36.98 43.88 36.12
CA LYS B 485 36.50 45.05 35.40
C LYS B 485 35.79 44.66 34.14
N PHE B 486 34.57 45.18 33.99
CA PHE B 486 33.80 44.90 32.81
C PHE B 486 33.48 46.23 32.19
N TRP B 487 33.29 46.24 30.87
CA TRP B 487 32.97 47.46 30.14
C TRP B 487 31.48 47.68 29.98
N TYR B 488 31.10 48.95 29.87
CA TYR B 488 29.70 49.28 29.66
C TYR B 488 29.72 50.46 28.71
N GLN B 489 28.54 50.85 28.24
CA GLN B 489 28.44 51.99 27.35
C GLN B 489 27.15 52.74 27.66
N MET B 490 27.16 54.04 27.38
CA MET B 490 25.99 54.86 27.61
C MET B 490 25.74 55.76 26.42
N ILE B 491 24.46 55.86 26.03
CA ILE B 491 24.05 56.74 24.95
C ILE B 491 23.43 57.88 25.75
N LEU B 492 24.11 59.02 25.80
CA LEU B 492 23.63 60.17 26.56
C LEU B 492 22.92 61.16 25.66
N PRO B 493 21.90 61.84 26.21
CA PRO B 493 21.13 62.83 25.46
C PRO B 493 21.98 64.04 25.19
N PRO B 494 21.56 64.88 24.23
CA PRO B 494 22.31 66.09 23.90
C PRO B 494 22.33 66.98 25.15
N HIS B 495 23.34 67.84 25.26
CA HIS B 495 23.46 68.73 26.42
C HIS B 495 23.36 67.94 27.69
N PHE B 496 23.93 66.74 27.69
CA PHE B 496 23.86 65.92 28.89
C PHE B 496 24.28 66.75 30.09
N ASP B 497 23.35 66.98 31.01
CA ASP B 497 23.61 67.77 32.20
C ASP B 497 23.91 66.87 33.39
N LYS B 498 25.18 66.72 33.73
CA LYS B 498 25.60 65.90 34.86
C LYS B 498 24.82 66.23 36.13
N SER B 499 24.21 67.42 36.11
CA SER B 499 23.41 67.94 37.23
C SER B 499 22.06 67.24 37.38
N LYS B 500 21.24 67.37 36.32
CA LYS B 500 19.89 66.80 36.26
C LYS B 500 19.86 65.27 36.36
N LYS B 501 18.68 64.71 36.60
CA LYS B 501 18.53 63.26 36.71
C LYS B 501 17.69 62.69 35.58
N TYR B 502 18.24 61.71 34.87
CA TYR B 502 17.56 61.10 33.74
C TYR B 502 17.10 59.67 33.95
N PRO B 503 16.07 59.24 33.20
CA PRO B 503 15.54 57.88 33.27
C PRO B 503 16.56 57.05 32.50
N LEU B 504 16.81 55.85 32.98
CA LEU B 504 17.81 54.97 32.39
C LEU B 504 17.13 53.77 31.76
N LEU B 505 17.68 53.31 30.65
CA LEU B 505 17.15 52.15 29.97
C LEU B 505 18.32 51.23 29.74
N ILE B 506 18.22 50.01 30.26
CA ILE B 506 19.27 49.05 30.03
C ILE B 506 18.86 48.22 28.81
N GLU B 507 19.67 48.27 27.76
CA GLU B 507 19.40 47.47 26.57
C GLU B 507 20.33 46.29 26.77
N VAL B 508 19.78 45.08 26.75
CA VAL B 508 20.61 43.91 26.99
C VAL B 508 20.47 42.73 26.05
N TYR B 509 21.56 41.99 25.95
CA TYR B 509 21.62 40.77 25.18
C TYR B 509 22.17 39.77 26.21
N ALA B 510 23.46 39.90 26.49
CA ALA B 510 24.14 39.09 27.49
C ALA B 510 24.21 37.59 27.22
N GLY B 511 24.03 37.19 25.97
CA GLY B 511 24.11 35.79 25.66
C GLY B 511 25.57 35.33 25.62
N PRO B 512 25.85 34.03 25.81
CA PRO B 512 27.24 33.53 25.78
C PRO B 512 28.09 34.07 24.63
N CYS B 513 29.25 34.61 24.98
CA CYS B 513 30.21 35.19 24.03
C CYS B 513 29.66 36.40 23.29
N SER B 514 28.78 37.15 23.93
CA SER B 514 28.20 38.32 23.31
C SER B 514 28.98 39.59 23.67
N GLN B 515 28.82 40.61 22.84
CA GLN B 515 29.47 41.88 23.09
C GLN B 515 28.47 42.98 22.78
N LYS B 516 27.86 43.53 23.83
CA LYS B 516 26.90 44.61 23.65
C LYS B 516 27.54 45.97 23.89
N VAL B 517 28.82 45.95 24.23
CA VAL B 517 29.58 47.17 24.45
C VAL B 517 30.71 47.24 23.42
N ASP B 518 30.54 48.05 22.39
CA ASP B 518 31.60 48.19 21.41
C ASP B 518 31.68 49.64 20.95
N THR B 519 32.59 49.90 20.02
CA THR B 519 32.82 51.23 19.52
C THR B 519 32.27 51.39 18.11
N VAL B 520 31.28 50.57 17.77
CA VAL B 520 30.65 50.62 16.47
C VAL B 520 29.69 51.82 16.43
N PHE B 521 29.57 52.45 15.26
CA PHE B 521 28.65 53.60 15.12
C PHE B 521 27.29 53.10 14.66
N ARG B 522 26.25 53.45 15.39
CA ARG B 522 24.89 52.99 15.07
C ARG B 522 23.77 53.99 15.13
N LEU B 523 23.00 54.11 14.06
CA LEU B 523 21.85 55.00 14.07
C LEU B 523 20.73 54.09 14.57
N SER B 524 20.54 54.05 15.87
CA SER B 524 19.55 53.16 16.48
C SER B 524 18.35 53.77 17.20
N TRP B 525 17.43 52.88 17.60
CA TRP B 525 16.23 53.26 18.33
C TRP B 525 16.69 54.02 19.56
N ALA B 526 17.85 53.66 20.10
CA ALA B 526 18.38 54.32 21.28
C ALA B 526 18.77 55.78 20.97
N THR B 527 19.23 56.00 19.74
CA THR B 527 19.64 57.33 19.29
C THR B 527 18.44 58.28 19.39
N TYR B 528 17.24 57.76 19.15
CA TYR B 528 16.03 58.57 19.25
C TYR B 528 15.63 58.70 20.70
N LEU B 529 15.79 57.64 21.46
CA LEU B 529 15.43 57.65 22.88
C LEU B 529 16.22 58.68 23.69
N ALA B 530 17.48 58.91 23.28
CA ALA B 530 18.33 59.89 23.96
C ALA B 530 18.10 61.27 23.33
N SER B 531 18.26 61.35 22.02
CA SER B 531 18.06 62.59 21.30
C SER B 531 16.71 63.28 21.52
N THR B 532 15.64 62.56 21.29
CA THR B 532 14.31 63.14 21.43
C THR B 532 13.65 62.98 22.79
N GLU B 533 13.86 61.84 23.43
CA GLU B 533 13.21 61.62 24.72
C GLU B 533 14.11 61.82 25.94
N ASN B 534 15.36 62.22 25.70
CA ASN B 534 16.33 62.46 26.77
C ASN B 534 16.43 61.31 27.78
N ILE B 535 16.44 60.10 27.24
CA ILE B 535 16.53 58.90 28.06
C ILE B 535 17.93 58.36 27.85
N ILE B 536 18.54 57.90 28.95
CA ILE B 536 19.87 57.33 28.90
C ILE B 536 19.73 55.85 28.58
N VAL B 537 20.46 55.37 27.58
CA VAL B 537 20.40 53.96 27.25
C VAL B 537 21.78 53.36 27.47
N ALA B 538 21.87 52.48 28.46
CA ALA B 538 23.12 51.83 28.82
C ALA B 538 23.14 50.32 28.49
N SER B 539 24.35 49.82 28.21
CA SER B 539 24.58 48.41 27.90
C SER B 539 25.76 47.94 28.72
N PHE B 540 25.75 46.70 29.17
CA PHE B 540 26.85 46.19 30.00
C PHE B 540 27.28 44.76 29.69
N ASP B 541 28.59 44.52 29.58
CA ASP B 541 29.10 43.17 29.31
C ASP B 541 29.72 42.55 30.56
N GLY B 542 28.94 41.73 31.26
CA GLY B 542 29.42 41.07 32.45
C GLY B 542 29.86 39.64 32.14
N ARG B 543 29.72 38.77 33.12
CA ARG B 543 30.12 37.38 32.93
C ARG B 543 29.36 36.66 31.83
N GLY B 544 30.09 35.80 31.14
CA GLY B 544 29.55 35.05 30.02
C GLY B 544 29.81 35.77 28.71
N SER B 545 30.04 37.08 28.76
CA SER B 545 30.29 37.83 27.52
C SER B 545 31.59 37.34 26.92
N GLY B 546 31.81 37.66 25.64
CA GLY B 546 33.02 37.20 24.97
C GLY B 546 34.21 38.14 24.86
N TYR B 547 35.13 37.74 23.99
CA TYR B 547 36.34 38.49 23.70
C TYR B 547 37.18 38.94 24.89
N GLN B 548 37.11 38.21 25.99
CA GLN B 548 37.87 38.55 27.17
C GLN B 548 38.42 37.29 27.84
N GLY B 549 38.69 36.27 27.04
CA GLY B 549 39.21 35.02 27.59
C GLY B 549 38.13 34.14 28.17
N ASP B 550 38.43 32.85 28.34
CA ASP B 550 37.47 31.89 28.86
C ASP B 550 37.01 32.05 30.31
N LYS B 551 37.82 32.65 31.19
CA LYS B 551 37.39 32.83 32.57
C LYS B 551 36.11 33.65 32.64
N ILE B 552 36.05 34.71 31.83
CA ILE B 552 34.87 35.56 31.80
C ILE B 552 33.78 34.87 30.99
N MET B 553 34.13 34.40 29.79
CA MET B 553 33.14 33.77 28.95
C MET B 553 32.52 32.47 29.44
N HIS B 554 33.30 31.61 30.09
CA HIS B 554 32.76 30.35 30.56
C HIS B 554 32.14 30.39 31.94
N ALA B 555 32.14 31.56 32.57
CA ALA B 555 31.57 31.69 33.89
C ALA B 555 30.15 31.13 33.97
N ILE B 556 29.37 31.26 32.90
CA ILE B 556 28.00 30.76 32.90
C ILE B 556 27.86 29.38 32.30
N ASN B 557 28.97 28.67 32.11
CA ASN B 557 28.88 27.32 31.56
C ASN B 557 27.92 26.50 32.39
N ARG B 558 27.04 25.76 31.70
CA ARG B 558 26.05 24.92 32.34
C ARG B 558 25.16 25.61 33.38
N ARG B 559 25.08 26.93 33.35
CA ARG B 559 24.23 27.63 34.30
C ARG B 559 23.68 28.95 33.75
N LEU B 560 23.06 28.89 32.58
CA LEU B 560 22.47 30.06 31.96
C LEU B 560 21.37 30.65 32.83
N GLY B 561 21.27 31.98 32.82
CA GLY B 561 20.25 32.64 33.62
C GLY B 561 20.76 32.98 35.01
N THR B 562 22.05 32.74 35.27
CA THR B 562 22.61 33.06 36.58
C THR B 562 23.52 34.30 36.62
N PHE B 563 24.84 34.12 36.50
CA PHE B 563 25.76 35.26 36.58
C PHE B 563 25.50 36.40 35.60
N GLU B 564 25.24 36.07 34.34
CA GLU B 564 25.00 37.12 33.35
C GLU B 564 23.77 37.94 33.76
N VAL B 565 22.77 37.28 34.33
CA VAL B 565 21.54 37.95 34.77
C VAL B 565 21.87 38.81 35.97
N GLU B 566 22.59 38.19 36.90
CA GLU B 566 23.01 38.85 38.13
C GLU B 566 23.93 40.05 37.87
N ASP B 567 24.84 39.92 36.91
CA ASP B 567 25.73 41.02 36.61
C ASP B 567 25.05 42.26 36.06
N GLN B 568 23.99 42.09 35.27
CA GLN B 568 23.26 43.23 34.74
C GLN B 568 22.62 43.99 35.91
N ILE B 569 22.17 43.24 36.91
CA ILE B 569 21.53 43.87 38.07
C ILE B 569 22.50 44.68 38.92
N GLU B 570 23.72 44.17 39.11
CA GLU B 570 24.72 44.88 39.88
C GLU B 570 25.19 46.11 39.11
N ALA B 571 25.47 45.93 37.84
CA ALA B 571 25.93 46.99 36.98
C ALA B 571 24.99 48.19 37.11
N THR B 572 23.71 47.93 36.82
CA THR B 572 22.65 48.93 36.88
C THR B 572 22.57 49.55 38.27
N ARG B 573 22.56 48.70 39.29
CA ARG B 573 22.50 49.14 40.67
C ARG B 573 23.55 50.23 40.89
N GLN B 574 24.65 50.12 40.16
CA GLN B 574 25.72 51.12 40.26
C GLN B 574 25.36 52.33 39.41
N PHE B 575 25.04 52.11 38.14
CA PHE B 575 24.66 53.22 37.28
C PHE B 575 23.70 54.15 38.03
N SER B 576 22.77 53.57 38.78
CA SER B 576 21.78 54.35 39.51
C SER B 576 22.38 55.27 40.57
N LYS B 577 23.51 54.88 41.14
CA LYS B 577 24.16 55.68 42.17
C LYS B 577 24.98 56.84 41.58
N MET B 578 25.11 56.84 40.26
CA MET B 578 25.89 57.88 39.57
C MET B 578 25.39 59.33 39.62
N GLY B 579 24.25 59.57 40.26
CA GLY B 579 23.79 60.94 40.39
C GLY B 579 23.10 61.61 39.21
N PHE B 580 23.37 61.15 37.99
CA PHE B 580 22.69 61.75 36.86
C PHE B 580 21.59 60.79 36.42
N VAL B 581 21.48 59.69 37.14
CA VAL B 581 20.47 58.67 36.89
C VAL B 581 19.35 58.84 37.91
N ASP B 582 18.11 58.77 37.43
CA ASP B 582 16.95 58.87 38.30
C ASP B 582 16.58 57.44 38.61
N ASP B 583 16.88 57.01 39.83
CA ASP B 583 16.59 55.63 40.22
C ASP B 583 15.11 55.30 40.24
N LYS B 584 14.26 56.31 40.20
CA LYS B 584 12.84 56.04 40.20
C LYS B 584 12.34 55.68 38.80
N ARG B 585 13.19 55.89 37.79
CA ARG B 585 12.80 55.58 36.42
C ARG B 585 13.83 54.78 35.63
N ILE B 586 13.98 53.50 35.99
CA ILE B 586 14.90 52.59 35.31
C ILE B 586 14.15 51.42 34.65
N ALA B 587 14.50 51.11 33.40
CA ALA B 587 13.86 50.00 32.70
C ALA B 587 14.90 49.14 31.97
N ILE B 588 14.46 47.98 31.51
CA ILE B 588 15.34 47.07 30.79
C ILE B 588 14.57 46.45 29.62
N TRP B 589 15.27 46.25 28.51
CA TRP B 589 14.66 45.65 27.34
C TRP B 589 15.70 44.83 26.58
N GLY B 590 15.25 43.81 25.88
CA GLY B 590 16.15 42.95 25.14
C GLY B 590 15.40 42.11 24.11
N TRP B 591 16.14 41.52 23.19
CA TRP B 591 15.59 40.73 22.11
C TRP B 591 16.24 39.34 22.17
N SER B 592 15.46 38.28 21.96
CA SER B 592 16.01 36.92 22.01
C SER B 592 16.65 36.64 23.37
N TYR B 593 17.97 36.43 23.40
CA TYR B 593 18.66 36.17 24.65
C TYR B 593 18.38 37.33 25.59
N GLY B 594 18.38 38.53 25.00
CA GLY B 594 18.13 39.74 25.75
C GLY B 594 16.76 39.70 26.36
N GLY B 595 15.81 39.15 25.59
CA GLY B 595 14.44 39.04 26.08
C GLY B 595 14.38 38.09 27.26
N TYR B 596 15.20 37.04 27.19
CA TYR B 596 15.27 36.08 28.28
C TYR B 596 15.94 36.74 29.49
N VAL B 597 17.14 37.28 29.31
CA VAL B 597 17.84 37.94 30.41
C VAL B 597 16.94 39.04 31.00
N THR B 598 16.39 39.88 30.14
CA THR B 598 15.49 40.95 30.57
C THR B 598 14.43 40.37 31.49
N SER B 599 13.80 39.30 31.02
CA SER B 599 12.73 38.64 31.75
C SER B 599 13.19 38.11 33.09
N MET B 600 14.33 37.44 33.11
CA MET B 600 14.87 36.91 34.37
C MET B 600 15.19 38.06 35.35
N VAL B 601 15.71 39.17 34.82
CA VAL B 601 16.02 40.33 35.64
C VAL B 601 14.76 40.86 36.29
N LEU B 602 13.70 41.06 35.52
CA LEU B 602 12.46 41.57 36.11
C LEU B 602 11.89 40.57 37.11
N GLY B 603 12.19 39.29 36.89
CA GLY B 603 11.67 38.23 37.76
C GLY B 603 12.51 38.02 39.00
N ALA B 604 13.62 38.76 39.05
CA ALA B 604 14.55 38.68 40.16
C ALA B 604 14.01 39.31 41.45
N GLY B 605 13.26 40.41 41.33
CA GLY B 605 12.73 41.07 42.51
C GLY B 605 13.78 41.97 43.15
N SER B 606 14.62 42.56 42.31
CA SER B 606 15.71 43.42 42.76
C SER B 606 15.21 44.80 43.13
N GLY B 607 13.94 45.05 42.86
CA GLY B 607 13.38 46.35 43.17
C GLY B 607 14.00 47.45 42.31
N VAL B 608 15.03 47.11 41.54
CA VAL B 608 15.72 48.08 40.70
C VAL B 608 14.94 48.60 39.48
N PHE B 609 14.37 47.67 38.72
CA PHE B 609 13.64 48.01 37.51
C PHE B 609 12.18 48.23 37.71
N LYS B 610 11.68 49.28 37.07
CA LYS B 610 10.29 49.63 37.18
C LYS B 610 9.43 48.92 36.13
N CYS B 611 9.96 48.78 34.93
CA CYS B 611 9.26 48.14 33.83
C CYS B 611 10.29 47.52 32.91
N GLY B 612 9.83 46.73 31.95
CA GLY B 612 10.74 46.08 31.01
C GLY B 612 10.02 45.51 29.79
N ILE B 613 10.75 45.36 28.69
CA ILE B 613 10.19 44.84 27.46
C ILE B 613 10.99 43.68 26.93
N ALA B 614 10.32 42.55 26.70
CA ALA B 614 10.97 41.37 26.15
C ALA B 614 10.36 41.07 24.78
N VAL B 615 11.22 40.83 23.80
CA VAL B 615 10.77 40.55 22.43
C VAL B 615 11.32 39.19 22.02
N ALA B 616 10.44 38.30 21.54
CA ALA B 616 10.87 36.97 21.11
C ALA B 616 11.84 36.33 22.12
N PRO B 617 11.44 36.24 23.39
CA PRO B 617 12.29 35.67 24.43
C PRO B 617 12.29 34.15 24.57
N VAL B 618 13.42 33.63 25.02
CA VAL B 618 13.50 32.22 25.32
C VAL B 618 12.90 32.30 26.72
N SER B 619 12.26 31.25 27.19
CA SER B 619 11.66 31.30 28.53
C SER B 619 11.96 30.01 29.28
N LYS B 620 12.27 28.96 28.53
CA LYS B 620 12.61 27.66 29.10
C LYS B 620 13.55 27.00 28.11
N TRP B 621 14.79 26.73 28.53
CA TRP B 621 15.78 26.17 27.64
C TRP B 621 15.42 24.86 26.96
N GLU B 622 14.55 24.05 27.56
CA GLU B 622 14.17 22.81 26.91
C GLU B 622 13.40 23.11 25.59
N TYR B 623 12.99 24.37 25.39
CA TYR B 623 12.28 24.75 24.17
C TYR B 623 13.20 25.17 23.03
N TYR B 624 14.47 25.46 23.33
CA TYR B 624 15.37 25.88 22.28
C TYR B 624 16.06 24.68 21.64
N ASP B 625 16.64 24.85 20.47
CA ASP B 625 17.26 23.71 19.81
C ASP B 625 18.45 23.11 20.50
N SER B 626 18.76 21.88 20.10
CA SER B 626 19.85 21.11 20.65
C SER B 626 21.29 21.67 20.52
N VAL B 627 21.73 21.95 19.29
CA VAL B 627 23.07 22.47 19.04
C VAL B 627 23.46 23.68 19.88
N TYR B 628 22.62 24.69 19.90
CA TYR B 628 22.94 25.87 20.69
C TYR B 628 22.78 25.56 22.16
N THR B 629 21.59 25.10 22.55
CA THR B 629 21.32 24.86 23.96
C THR B 629 22.28 23.93 24.69
N GLU B 630 22.45 22.72 24.16
CA GLU B 630 23.32 21.75 24.80
C GLU B 630 24.74 22.29 24.94
N ARG B 631 25.18 23.06 23.95
CA ARG B 631 26.51 23.63 23.95
C ARG B 631 26.88 24.29 25.28
N TYR B 632 25.92 24.97 25.89
CA TYR B 632 26.20 25.68 27.14
C TYR B 632 25.53 25.01 28.33
N MET B 633 24.49 24.23 28.08
CA MET B 633 23.77 23.61 29.17
C MET B 633 23.88 22.10 29.37
N GLY B 634 24.37 21.40 28.35
CA GLY B 634 24.46 19.95 28.46
C GLY B 634 23.12 19.30 28.11
N LEU B 635 22.90 18.08 28.59
CA LEU B 635 21.64 17.39 28.32
C LEU B 635 20.68 17.63 29.46
N PRO B 636 19.38 17.82 29.18
CA PRO B 636 18.39 18.06 30.24
C PRO B 636 17.92 16.79 30.93
N THR B 637 18.87 16.04 31.43
CA THR B 637 18.63 14.78 32.12
C THR B 637 19.18 14.94 33.53
N PRO B 638 18.70 14.12 34.48
CA PRO B 638 19.23 14.27 35.84
C PRO B 638 20.65 13.71 35.97
N GLU B 639 21.02 12.80 35.06
CA GLU B 639 22.36 12.21 35.10
C GLU B 639 23.29 13.30 34.64
N ASP B 640 22.70 14.39 34.14
CA ASP B 640 23.48 15.49 33.65
C ASP B 640 23.10 16.84 34.26
N ASN B 641 22.44 17.69 33.49
CA ASN B 641 22.13 19.02 33.99
C ASN B 641 20.67 19.45 34.18
N LEU B 642 19.73 18.51 34.11
CA LEU B 642 18.31 18.85 34.28
C LEU B 642 18.02 19.82 35.43
N ASP B 643 18.79 19.75 36.50
CA ASP B 643 18.54 20.64 37.62
C ASP B 643 18.63 22.11 37.27
N TYR B 644 19.64 22.49 36.51
CA TYR B 644 19.83 23.89 36.15
C TYR B 644 18.98 24.29 34.97
N TYR B 645 18.49 23.30 34.24
CA TYR B 645 17.60 23.55 33.13
C TYR B 645 16.27 24.04 33.75
N ARG B 646 15.91 23.42 34.87
CA ARG B 646 14.66 23.71 35.58
C ARG B 646 14.56 25.00 36.38
N ASN B 647 15.58 25.32 37.18
CA ASN B 647 15.47 26.54 37.96
C ASN B 647 15.89 27.78 37.20
N SER B 648 16.10 27.62 35.89
CA SER B 648 16.46 28.71 35.01
C SER B 648 15.38 29.17 34.01
N THR B 649 14.13 28.76 34.22
CA THR B 649 13.04 29.17 33.33
C THR B 649 12.52 30.52 33.80
N VAL B 650 11.96 31.30 32.89
CA VAL B 650 11.45 32.59 33.30
C VAL B 650 10.22 32.34 34.15
N MET B 651 9.44 31.32 33.81
CA MET B 651 8.25 30.98 34.59
C MET B 651 8.56 30.75 36.06
N SER B 652 9.74 30.20 36.36
CA SER B 652 10.09 29.94 37.75
C SER B 652 10.11 31.20 38.64
N ARG B 653 10.28 32.37 38.02
CA ARG B 653 10.30 33.64 38.75
C ARG B 653 8.99 34.43 38.57
N ALA B 654 7.97 33.85 37.95
CA ALA B 654 6.71 34.56 37.70
C ALA B 654 6.14 35.37 38.86
N GLU B 655 6.16 34.79 40.06
CA GLU B 655 5.63 35.46 41.23
C GLU B 655 6.17 36.89 41.43
N ASN B 656 7.42 37.11 41.04
CA ASN B 656 8.01 38.42 41.21
C ASN B 656 7.56 39.46 40.19
N PHE B 657 6.98 39.01 39.08
CA PHE B 657 6.52 39.95 38.07
C PHE B 657 5.37 40.84 38.56
N LYS B 658 4.78 40.44 39.67
CA LYS B 658 3.67 41.18 40.26
C LYS B 658 4.12 42.58 40.62
N GLN B 659 5.44 42.78 40.68
CA GLN B 659 5.96 44.06 41.07
C GLN B 659 6.51 44.91 39.92
N VAL B 660 6.21 44.56 38.68
CA VAL B 660 6.73 45.33 37.56
C VAL B 660 5.82 45.39 36.33
N GLU B 661 5.97 46.47 35.55
CA GLU B 661 5.20 46.61 34.33
C GLU B 661 5.95 45.81 33.26
N TYR B 662 5.34 44.74 32.77
CA TYR B 662 6.01 43.90 31.77
C TYR B 662 5.30 43.98 30.41
N LEU B 663 6.07 43.82 29.34
CA LEU B 663 5.56 43.87 27.99
C LEU B 663 6.17 42.69 27.22
N LEU B 664 5.38 41.65 26.98
CA LEU B 664 5.83 40.46 26.25
C LEU B 664 5.44 40.61 24.76
N ILE B 665 6.41 40.47 23.87
CA ILE B 665 6.19 40.60 22.44
C ILE B 665 6.84 39.42 21.71
N HIS B 666 6.11 38.82 20.77
CA HIS B 666 6.67 37.71 20.00
C HIS B 666 5.98 37.65 18.63
N GLY B 667 6.70 37.12 17.63
CA GLY B 667 6.12 37.00 16.29
C GLY B 667 5.58 35.58 16.18
N THR B 668 4.30 35.43 15.87
CA THR B 668 3.69 34.10 15.80
C THR B 668 4.36 33.12 14.86
N ALA B 669 5.09 33.64 13.88
CA ALA B 669 5.78 32.78 12.94
C ALA B 669 7.28 32.69 13.22
N ASP B 670 7.67 32.93 14.47
CA ASP B 670 9.08 32.84 14.85
C ASP B 670 9.53 31.37 14.83
N ASP B 671 10.32 31.01 13.81
CA ASP B 671 10.82 29.65 13.64
C ASP B 671 12.08 29.36 14.45
N ASN B 672 12.67 30.40 15.02
CA ASN B 672 13.89 30.30 15.81
C ASN B 672 13.52 30.10 17.28
N VAL B 673 13.14 31.18 17.93
CA VAL B 673 12.68 31.12 19.32
C VAL B 673 11.17 31.01 19.12
N HIS B 674 10.67 29.79 19.19
CA HIS B 674 9.25 29.53 18.96
C HIS B 674 8.28 30.37 19.80
N PHE B 675 7.13 30.67 19.21
CA PHE B 675 6.08 31.46 19.86
C PHE B 675 5.72 30.77 21.16
N GLN B 676 5.82 29.44 21.13
CA GLN B 676 5.53 28.57 22.26
C GLN B 676 6.15 29.11 23.52
N GLN B 677 7.36 29.63 23.37
CA GLN B 677 8.12 30.16 24.47
C GLN B 677 7.38 31.25 25.22
N SER B 678 6.88 32.24 24.49
CA SER B 678 6.13 33.34 25.14
C SER B 678 4.75 32.87 25.54
N ALA B 679 4.22 31.86 24.86
CA ALA B 679 2.90 31.34 25.20
C ALA B 679 2.96 30.62 26.54
N GLN B 680 4.01 29.85 26.78
CA GLN B 680 4.11 29.16 28.06
C GLN B 680 4.35 30.18 29.18
N LEU B 681 5.12 31.22 28.87
CA LEU B 681 5.43 32.25 29.83
C LEU B 681 4.23 33.09 30.21
N SER B 682 3.39 33.40 29.21
CA SER B 682 2.21 34.20 29.53
C SER B 682 1.31 33.32 30.39
N LYS B 683 1.28 32.03 30.09
CA LYS B 683 0.47 31.10 30.85
C LYS B 683 0.88 31.04 32.32
N ALA B 684 2.18 31.02 32.58
CA ALA B 684 2.68 30.99 33.94
C ALA B 684 2.20 32.22 34.69
N LEU B 685 2.45 33.38 34.10
CA LEU B 685 2.05 34.64 34.70
C LEU B 685 0.55 34.68 35.03
N VAL B 686 -0.29 34.36 34.05
CA VAL B 686 -1.74 34.39 34.27
C VAL B 686 -2.08 33.55 35.50
N ASP B 687 -1.42 32.39 35.60
CA ASP B 687 -1.63 31.48 36.73
C ASP B 687 -1.12 32.07 38.03
N ALA B 688 0.01 32.76 37.97
CA ALA B 688 0.52 33.38 39.18
C ALA B 688 -0.35 34.60 39.50
N GLY B 689 -1.12 35.05 38.54
CA GLY B 689 -1.97 36.19 38.77
C GLY B 689 -1.27 37.49 38.49
N VAL B 690 -0.33 37.46 37.55
CA VAL B 690 0.44 38.64 37.21
C VAL B 690 -0.16 39.46 36.09
N ASP B 691 -0.35 40.76 36.28
CA ASP B 691 -0.87 41.50 35.15
C ASP B 691 0.31 41.98 34.30
N PHE B 692 0.11 41.99 32.99
CA PHE B 692 1.15 42.41 32.08
C PHE B 692 0.55 42.75 30.73
N GLN B 693 1.37 43.38 29.89
CA GLN B 693 0.94 43.74 28.56
C GLN B 693 1.57 42.80 27.59
N THR B 694 0.85 42.56 26.50
CA THR B 694 1.29 41.63 25.48
C THR B 694 1.16 42.20 24.08
N MET B 695 1.76 41.52 23.12
CA MET B 695 1.68 41.96 21.75
C MET B 695 2.27 40.88 20.86
N TRP B 696 1.43 40.32 20.00
CA TRP B 696 1.85 39.29 19.08
C TRP B 696 1.90 39.97 17.73
N TYR B 697 2.72 39.44 16.84
CA TYR B 697 2.83 39.97 15.49
C TYR B 697 2.58 38.84 14.53
N THR B 698 1.42 38.88 13.90
CA THR B 698 1.00 37.87 12.96
C THR B 698 1.94 37.67 11.79
N ASP B 699 2.31 36.42 11.59
CA ASP B 699 3.18 35.96 10.53
C ASP B 699 4.57 36.58 10.53
N GLU B 700 4.94 37.28 11.60
CA GLU B 700 6.28 37.85 11.65
C GLU B 700 7.21 36.80 12.20
N ASP B 701 8.42 36.72 11.63
CA ASP B 701 9.38 35.73 12.05
C ASP B 701 10.26 36.26 13.19
N HIS B 702 11.37 35.57 13.48
CA HIS B 702 12.21 35.99 14.58
C HIS B 702 12.65 37.44 14.60
N GLY B 703 12.85 38.03 13.43
CA GLY B 703 13.26 39.42 13.40
C GLY B 703 12.16 40.46 13.38
N ILE B 704 10.89 40.07 13.22
CA ILE B 704 9.79 41.04 13.16
C ILE B 704 10.32 42.19 12.30
N ALA B 705 10.86 41.80 11.16
CA ALA B 705 11.48 42.71 10.21
C ALA B 705 10.64 43.16 9.02
N SER B 706 9.40 42.72 8.87
CA SER B 706 8.64 43.23 7.73
C SER B 706 8.57 44.73 7.99
N ASN B 707 8.31 45.51 6.97
CA ASN B 707 8.26 46.94 7.16
C ASN B 707 7.28 47.46 8.19
N MET B 708 5.99 47.35 7.91
CA MET B 708 5.01 47.84 8.85
C MET B 708 5.25 47.29 10.24
N ALA B 709 5.60 46.01 10.31
CA ALA B 709 5.84 45.33 11.60
C ALA B 709 6.96 46.00 12.37
N HIS B 710 8.06 46.25 11.67
CA HIS B 710 9.23 46.92 12.23
C HIS B 710 8.84 48.27 12.81
N GLN B 711 8.11 49.06 12.02
CA GLN B 711 7.69 50.37 12.47
C GLN B 711 6.76 50.25 13.66
N HIS B 712 5.85 49.29 13.57
CA HIS B 712 4.87 49.09 14.63
C HIS B 712 5.45 48.69 15.99
N ILE B 713 6.41 47.78 16.01
CA ILE B 713 6.95 47.36 17.29
C ILE B 713 7.73 48.46 18.00
N TYR B 714 8.53 49.22 17.27
CA TYR B 714 9.26 50.30 17.92
C TYR B 714 8.27 51.36 18.36
N THR B 715 7.30 51.66 17.51
CA THR B 715 6.32 52.65 17.93
C THR B 715 5.68 52.15 19.20
N HIS B 716 5.29 50.87 19.22
CA HIS B 716 4.63 50.30 20.41
C HIS B 716 5.52 50.31 21.65
N MET B 717 6.79 50.01 21.48
CA MET B 717 7.67 50.03 22.63
C MET B 717 7.94 51.45 23.15
N SER B 718 7.96 52.42 22.24
CA SER B 718 8.21 53.81 22.64
C SER B 718 7.12 54.32 23.57
N HIS B 719 5.85 54.09 23.22
CA HIS B 719 4.75 54.53 24.07
C HIS B 719 4.80 53.82 25.41
N PHE B 720 5.13 52.54 25.38
CA PHE B 720 5.24 51.76 26.60
C PHE B 720 6.25 52.42 27.53
N LEU B 721 7.47 52.62 27.03
CA LEU B 721 8.53 53.24 27.80
C LEU B 721 8.07 54.59 28.35
N LYS B 722 7.73 55.49 27.42
CA LYS B 722 7.29 56.81 27.81
C LYS B 722 6.17 56.71 28.82
N GLN B 723 5.27 55.75 28.65
CA GLN B 723 4.19 55.62 29.62
C GLN B 723 4.81 55.18 30.95
N CYS B 724 5.79 54.30 30.89
CA CYS B 724 6.44 53.85 32.11
C CYS B 724 7.20 54.99 32.74
N PHE B 725 7.89 55.78 31.92
CA PHE B 725 8.70 56.86 32.46
C PHE B 725 7.99 58.16 32.79
N SER B 726 6.66 58.20 32.60
CA SER B 726 5.90 59.41 32.88
C SER B 726 6.38 60.48 31.91
N LEU B 727 6.49 60.11 30.63
CA LEU B 727 6.96 61.02 29.60
C LEU B 727 5.91 61.33 28.54
N PRO B 728 5.59 62.62 28.35
CA PRO B 728 4.60 63.00 27.34
C PRO B 728 5.25 63.14 25.97
N SER C 1 -26.71 -63.23 -40.23
CA SER C 1 -27.65 -62.54 -41.16
C SER C 1 -27.86 -61.08 -40.74
N ARG C 2 -27.78 -60.82 -39.44
CA ARG C 2 -27.95 -59.46 -38.95
C ARG C 2 -26.74 -58.84 -38.21
N ARG C 3 -26.79 -57.53 -38.03
CA ARG C 3 -25.73 -56.74 -37.40
C ARG C 3 -25.43 -56.99 -35.92
N THR C 4 -24.36 -56.36 -35.47
CA THR C 4 -23.89 -56.41 -34.08
C THR C 4 -23.84 -54.94 -33.64
N TYR C 5 -23.75 -54.70 -32.34
CA TYR C 5 -23.63 -53.34 -31.83
C TYR C 5 -22.15 -53.04 -32.11
N THR C 6 -21.90 -52.02 -32.94
CA THR C 6 -20.52 -51.68 -33.31
C THR C 6 -19.97 -50.54 -32.45
N LEU C 7 -18.66 -50.31 -32.57
CA LEU C 7 -18.07 -49.23 -31.82
C LEU C 7 -18.75 -47.95 -32.30
N THR C 8 -18.92 -47.81 -33.61
CA THR C 8 -19.60 -46.64 -34.15
C THR C 8 -21.00 -46.54 -33.57
N ASP C 9 -21.73 -47.66 -33.52
CA ASP C 9 -23.08 -47.62 -32.96
C ASP C 9 -23.01 -46.97 -31.59
N TYR C 10 -22.05 -47.43 -30.77
CA TYR C 10 -21.87 -46.90 -29.42
C TYR C 10 -21.41 -45.45 -29.40
N LEU C 11 -20.31 -45.18 -30.10
CA LEU C 11 -19.72 -43.84 -30.15
C LEU C 11 -20.60 -42.72 -30.71
N LYS C 12 -21.39 -43.02 -31.75
CA LYS C 12 -22.27 -42.01 -32.36
C LYS C 12 -23.70 -42.04 -31.85
N SER C 13 -23.97 -42.84 -30.82
CA SER C 13 -25.30 -42.95 -30.26
C SER C 13 -26.37 -43.20 -31.32
N THR C 14 -26.09 -44.09 -32.27
CA THR C 14 -27.05 -44.40 -33.32
C THR C 14 -28.31 -45.09 -32.78
N PHE C 15 -28.22 -45.67 -31.59
CA PHE C 15 -29.35 -46.34 -30.93
C PHE C 15 -29.79 -45.50 -29.73
N ARG C 16 -30.64 -44.51 -29.99
CA ARG C 16 -31.09 -43.60 -28.95
C ARG C 16 -32.09 -44.12 -27.92
N VAL C 17 -31.79 -43.88 -26.65
CA VAL C 17 -32.68 -44.27 -25.56
C VAL C 17 -33.46 -43.02 -25.13
N LYS C 18 -34.78 -43.04 -25.31
CA LYS C 18 -35.57 -41.89 -24.91
C LYS C 18 -35.94 -41.98 -23.44
N PHE C 19 -36.34 -40.85 -22.88
CA PHE C 19 -36.72 -40.73 -21.47
C PHE C 19 -37.83 -39.69 -21.35
N TYR C 20 -38.38 -39.52 -20.14
CA TYR C 20 -39.46 -38.56 -19.98
C TYR C 20 -39.27 -37.58 -18.83
N THR C 21 -38.59 -36.47 -19.08
CA THR C 21 -38.39 -35.49 -18.02
C THR C 21 -39.63 -34.62 -17.85
N LEU C 22 -40.19 -34.58 -16.66
CA LEU C 22 -41.37 -33.75 -16.39
C LEU C 22 -41.12 -32.89 -15.16
N GLN C 23 -42.02 -31.95 -14.90
CA GLN C 23 -41.86 -31.02 -13.77
C GLN C 23 -43.14 -30.73 -13.00
N TRP C 24 -43.36 -31.47 -11.93
CA TRP C 24 -44.55 -31.28 -11.11
C TRP C 24 -44.67 -29.83 -10.65
N ILE C 25 -45.81 -29.21 -10.93
CA ILE C 25 -46.04 -27.82 -10.56
C ILE C 25 -47.22 -27.63 -9.63
N SER C 26 -47.78 -28.74 -9.16
CA SER C 26 -48.93 -28.69 -8.24
C SER C 26 -49.10 -30.10 -7.73
N ASP C 27 -50.16 -30.32 -6.96
CA ASP C 27 -50.41 -31.63 -6.42
C ASP C 27 -50.94 -32.60 -7.49
N HIS C 28 -51.24 -32.09 -8.69
CA HIS C 28 -51.79 -32.93 -9.76
C HIS C 28 -51.55 -32.44 -11.19
N GLU C 29 -50.59 -31.55 -11.40
CA GLU C 29 -50.30 -31.07 -12.75
C GLU C 29 -48.81 -31.01 -12.95
N TYR C 30 -48.36 -31.21 -14.18
CA TYR C 30 -46.93 -31.14 -14.45
C TYR C 30 -46.62 -30.61 -15.83
N LEU C 31 -45.50 -29.91 -15.95
CA LEU C 31 -45.06 -29.35 -17.21
C LEU C 31 -44.17 -30.35 -17.94
N TYR C 32 -44.09 -30.22 -19.25
CA TYR C 32 -43.29 -31.12 -20.06
C TYR C 32 -42.88 -30.40 -21.33
N LYS C 33 -41.59 -30.41 -21.62
CA LYS C 33 -41.10 -29.74 -22.81
C LYS C 33 -41.06 -30.71 -24.00
N GLN C 34 -41.86 -30.42 -25.01
CA GLN C 34 -41.90 -31.25 -26.21
C GLN C 34 -41.40 -30.40 -27.37
N GLU C 35 -40.40 -30.90 -28.06
CA GLU C 35 -39.81 -30.20 -29.20
C GLU C 35 -39.19 -28.94 -28.64
N ASN C 36 -40.00 -27.91 -28.44
CA ASN C 36 -39.50 -26.66 -27.88
C ASN C 36 -40.61 -25.89 -27.17
N ASN C 37 -41.76 -26.53 -27.03
CA ASN C 37 -42.88 -25.89 -26.35
C ASN C 37 -43.32 -26.67 -25.11
N ILE C 38 -43.57 -25.93 -24.05
CA ILE C 38 -43.96 -26.49 -22.77
C ILE C 38 -45.46 -26.77 -22.69
N LEU C 39 -45.79 -28.00 -22.33
CA LEU C 39 -47.18 -28.44 -22.21
C LEU C 39 -47.58 -28.69 -20.77
N LEU C 40 -48.83 -28.39 -20.45
CA LEU C 40 -49.33 -28.61 -19.10
C LEU C 40 -50.33 -29.76 -19.08
N PHE C 41 -49.90 -30.90 -18.55
CA PHE C 41 -50.76 -32.08 -18.45
C PHE C 41 -51.44 -32.09 -17.11
N ASN C 42 -52.66 -32.61 -17.09
CA ASN C 42 -53.44 -32.72 -15.88
C ASN C 42 -53.52 -34.22 -15.59
N ALA C 43 -53.02 -34.64 -14.43
CA ALA C 43 -53.03 -36.05 -14.07
C ALA C 43 -54.37 -36.51 -13.53
N GLU C 44 -55.22 -35.55 -13.20
CA GLU C 44 -56.53 -35.87 -12.66
C GLU C 44 -57.60 -36.05 -13.74
N TYR C 45 -57.38 -35.44 -14.92
CA TYR C 45 -58.33 -35.54 -16.03
C TYR C 45 -57.70 -36.09 -17.31
N GLY C 46 -56.37 -36.16 -17.35
CA GLY C 46 -55.70 -36.68 -18.53
C GLY C 46 -55.47 -35.67 -19.64
N ASN C 47 -56.26 -34.58 -19.61
CA ASN C 47 -56.17 -33.53 -20.63
C ASN C 47 -54.96 -32.66 -20.42
N SER C 48 -54.43 -32.12 -21.51
CA SER C 48 -53.27 -31.24 -21.44
C SER C 48 -53.54 -29.97 -22.26
N SER C 49 -52.56 -29.08 -22.33
CA SER C 49 -52.72 -27.84 -23.09
C SER C 49 -51.45 -27.00 -23.11
N ILE C 50 -50.95 -26.72 -24.32
CA ILE C 50 -49.74 -25.92 -24.50
C ILE C 50 -49.70 -24.77 -23.51
N PHE C 51 -48.62 -24.72 -22.72
CA PHE C 51 -48.43 -23.71 -21.70
C PHE C 51 -47.78 -22.45 -22.28
N LEU C 52 -46.98 -22.63 -23.32
CA LEU C 52 -46.32 -21.53 -24.01
C LEU C 52 -45.65 -22.09 -25.27
N GLU C 53 -46.00 -21.52 -26.41
CA GLU C 53 -45.50 -21.96 -27.72
C GLU C 53 -44.03 -21.97 -28.06
N ASN C 54 -43.72 -22.73 -29.10
CA ASN C 54 -42.37 -22.87 -29.59
C ASN C 54 -41.86 -21.46 -29.90
N SER C 55 -42.65 -20.71 -30.66
CA SER C 55 -42.31 -19.35 -31.04
C SER C 55 -42.29 -18.33 -29.90
N THR C 56 -41.43 -18.58 -28.92
CA THR C 56 -41.26 -17.71 -27.76
C THR C 56 -39.85 -17.91 -27.22
N PHE C 57 -39.10 -18.81 -27.85
CA PHE C 57 -37.72 -19.12 -27.47
C PHE C 57 -36.78 -18.55 -28.53
N ASP C 58 -36.39 -17.29 -28.36
CA ASP C 58 -35.51 -16.62 -29.32
C ASP C 58 -34.04 -16.59 -28.91
N GLU C 59 -33.34 -17.68 -29.21
CA GLU C 59 -31.92 -17.86 -28.89
C GLU C 59 -31.06 -16.59 -29.01
N LEU C 60 -30.13 -16.43 -28.07
CA LEU C 60 -29.22 -15.30 -28.03
C LEU C 60 -27.78 -15.80 -27.88
N GLY C 61 -27.40 -16.71 -28.76
CA GLY C 61 -26.07 -17.29 -28.74
C GLY C 61 -26.01 -18.54 -29.58
N TYR C 62 -26.41 -19.67 -28.99
CA TYR C 62 -26.42 -20.95 -29.68
C TYR C 62 -27.74 -21.64 -29.36
N SER C 63 -27.68 -22.70 -28.56
CA SER C 63 -28.88 -23.42 -28.14
C SER C 63 -29.42 -22.64 -26.96
N THR C 64 -30.56 -23.06 -26.42
CA THR C 64 -31.14 -22.33 -25.28
C THR C 64 -32.00 -23.14 -24.32
N ASN C 65 -32.68 -22.38 -23.47
CA ASN C 65 -33.61 -22.87 -22.45
C ASN C 65 -33.32 -24.10 -21.60
N ASP C 66 -33.89 -24.05 -20.40
CA ASP C 66 -33.87 -25.10 -19.39
C ASP C 66 -35.12 -24.79 -18.58
N TYR C 67 -35.63 -23.58 -18.80
CA TYR C 67 -36.84 -23.04 -18.17
C TYR C 67 -37.24 -23.50 -16.76
N SER C 68 -37.84 -22.56 -16.01
CA SER C 68 -38.31 -22.82 -14.66
C SER C 68 -39.47 -21.87 -14.38
N VAL C 69 -40.66 -22.41 -14.22
CA VAL C 69 -41.84 -21.61 -13.99
C VAL C 69 -42.07 -21.31 -12.51
N SER C 70 -42.24 -20.03 -12.19
CA SER C 70 -42.47 -19.61 -10.83
C SER C 70 -43.72 -20.29 -10.26
N PRO C 71 -43.65 -20.77 -9.01
CA PRO C 71 -44.82 -21.42 -8.44
C PRO C 71 -46.17 -20.75 -8.71
N ASP C 72 -46.21 -19.42 -8.62
CA ASP C 72 -47.48 -18.72 -8.85
C ASP C 72 -47.85 -18.70 -10.33
N ARG C 73 -47.03 -19.35 -11.16
CA ARG C 73 -47.27 -19.41 -12.58
C ARG C 73 -47.54 -18.08 -13.24
N GLN C 74 -46.88 -17.02 -12.76
CA GLN C 74 -47.05 -15.69 -13.36
C GLN C 74 -45.85 -15.29 -14.19
N PHE C 75 -44.75 -16.01 -14.03
CA PHE C 75 -43.53 -15.71 -14.77
C PHE C 75 -42.85 -17.03 -15.13
N ILE C 76 -41.84 -16.95 -16.00
CA ILE C 76 -41.08 -18.13 -16.36
C ILE C 76 -39.63 -17.69 -16.55
N LEU C 77 -38.72 -18.52 -16.07
CA LEU C 77 -37.30 -18.24 -16.15
C LEU C 77 -36.72 -19.09 -17.27
N PHE C 78 -35.89 -18.48 -18.13
CA PHE C 78 -35.27 -19.21 -19.23
C PHE C 78 -33.75 -19.20 -19.10
N GLU C 79 -33.15 -20.38 -19.06
CA GLU C 79 -31.70 -20.51 -18.91
C GLU C 79 -30.96 -20.85 -20.20
N TYR C 80 -30.00 -19.99 -20.56
CA TYR C 80 -29.19 -20.17 -21.76
C TYR C 80 -27.78 -19.68 -21.50
N ASN C 81 -26.87 -19.96 -22.43
CA ASN C 81 -25.48 -19.53 -22.30
C ASN C 81 -24.80 -20.28 -21.16
N TYR C 82 -25.07 -21.58 -21.09
CA TYR C 82 -24.55 -22.50 -20.08
C TYR C 82 -23.02 -22.61 -20.19
N VAL C 83 -22.32 -22.35 -19.08
CA VAL C 83 -20.86 -22.43 -19.05
C VAL C 83 -20.44 -23.36 -17.93
N LYS C 84 -20.28 -24.63 -18.25
CA LYS C 84 -19.90 -25.62 -17.25
C LYS C 84 -18.62 -25.31 -16.47
N GLN C 85 -18.68 -25.54 -15.15
CA GLN C 85 -17.50 -25.37 -14.32
C GLN C 85 -17.13 -26.77 -13.84
N TRP C 86 -17.48 -27.13 -12.62
CA TRP C 86 -17.13 -28.46 -12.13
C TRP C 86 -18.20 -29.50 -12.52
N ARG C 87 -18.49 -30.43 -11.63
CA ARG C 87 -19.46 -31.47 -11.92
C ARG C 87 -20.91 -30.99 -11.93
N HIS C 88 -21.25 -30.09 -11.02
CA HIS C 88 -22.60 -29.59 -10.93
C HIS C 88 -22.68 -28.10 -11.20
N SER C 89 -21.61 -27.40 -10.85
CA SER C 89 -21.57 -25.95 -11.04
C SER C 89 -21.44 -25.55 -12.50
N TYR C 90 -21.87 -24.32 -12.78
CA TYR C 90 -21.81 -23.74 -14.12
C TYR C 90 -22.42 -22.33 -14.05
N THR C 91 -22.12 -21.50 -15.04
CA THR C 91 -22.70 -20.16 -15.10
C THR C 91 -23.59 -20.18 -16.33
N ALA C 92 -24.64 -19.39 -16.31
CA ALA C 92 -25.56 -19.32 -17.42
C ALA C 92 -26.24 -17.98 -17.40
N SER C 93 -26.93 -17.65 -18.49
CA SER C 93 -27.66 -16.39 -18.56
C SER C 93 -29.15 -16.70 -18.48
N TYR C 94 -29.90 -15.82 -17.83
CA TYR C 94 -31.33 -16.03 -17.66
C TYR C 94 -32.21 -14.85 -18.07
N ASP C 95 -33.36 -15.16 -18.69
CA ASP C 95 -34.32 -14.14 -19.08
C ASP C 95 -35.61 -14.46 -18.34
N ILE C 96 -36.37 -13.43 -17.97
CA ILE C 96 -37.64 -13.67 -17.29
C ILE C 96 -38.77 -13.22 -18.21
N TYR C 97 -39.54 -14.15 -18.73
CA TYR C 97 -40.64 -13.79 -19.61
C TYR C 97 -41.94 -13.67 -18.83
N ASP C 98 -42.61 -12.53 -18.95
CA ASP C 98 -43.87 -12.29 -18.24
C ASP C 98 -44.97 -13.15 -18.84
N LEU C 99 -45.58 -14.00 -18.02
CA LEU C 99 -46.63 -14.89 -18.52
C LEU C 99 -48.01 -14.20 -18.58
N ASN C 100 -48.13 -13.05 -17.94
CA ASN C 100 -49.39 -12.30 -17.94
C ASN C 100 -49.43 -11.31 -19.09
N LYS C 101 -48.55 -10.31 -19.05
CA LYS C 101 -48.46 -9.32 -20.12
C LYS C 101 -47.65 -9.93 -21.25
N ARG C 102 -47.49 -11.24 -21.21
CA ARG C 102 -46.75 -12.01 -22.20
C ARG C 102 -45.66 -11.23 -22.93
N GLN C 103 -44.63 -10.83 -22.19
CA GLN C 103 -43.50 -10.08 -22.74
C GLN C 103 -42.22 -10.36 -21.95
N LEU C 104 -41.11 -10.39 -22.66
CA LEU C 104 -39.82 -10.65 -22.05
C LEU C 104 -39.36 -9.46 -21.20
N ILE C 105 -39.29 -9.64 -19.88
CA ILE C 105 -38.82 -8.58 -18.99
C ILE C 105 -37.48 -8.09 -19.54
N THR C 106 -37.35 -6.78 -19.74
CA THR C 106 -36.11 -6.22 -20.28
C THR C 106 -35.35 -5.32 -19.31
N GLU C 107 -36.07 -4.75 -18.35
CA GLU C 107 -35.45 -3.88 -17.35
C GLU C 107 -35.03 -4.71 -16.13
N GLU C 108 -34.05 -4.21 -15.38
CA GLU C 108 -33.56 -4.91 -14.20
C GLU C 108 -33.26 -6.38 -14.48
N ARG C 109 -32.79 -6.66 -15.68
CA ARG C 109 -32.47 -8.03 -16.07
C ARG C 109 -31.48 -8.69 -15.11
N ILE C 110 -31.25 -9.99 -15.32
CA ILE C 110 -30.34 -10.77 -14.48
C ILE C 110 -28.95 -10.85 -15.13
N PRO C 111 -27.92 -10.52 -14.34
CA PRO C 111 -26.49 -10.51 -14.69
C PRO C 111 -26.02 -11.68 -15.52
N ASN C 112 -25.08 -11.41 -16.42
CA ASN C 112 -24.50 -12.48 -17.25
C ASN C 112 -23.61 -13.24 -16.26
N ASN C 113 -23.40 -14.53 -16.50
CA ASN C 113 -22.57 -15.32 -15.62
C ASN C 113 -23.14 -15.48 -14.22
N THR C 114 -24.46 -15.60 -14.10
CA THR C 114 -25.01 -15.80 -12.78
C THR C 114 -24.58 -17.22 -12.40
N GLN C 115 -24.37 -17.45 -11.11
CA GLN C 115 -23.91 -18.75 -10.65
C GLN C 115 -25.04 -19.68 -10.20
N TRP C 116 -26.14 -19.11 -9.76
CA TRP C 116 -27.23 -19.92 -9.31
C TRP C 116 -28.45 -19.03 -9.17
N ILE C 117 -29.64 -19.62 -9.35
CA ILE C 117 -30.88 -18.85 -9.27
C ILE C 117 -32.09 -19.73 -8.93
N THR C 118 -33.05 -19.16 -8.23
CA THR C 118 -34.23 -19.92 -7.85
C THR C 118 -35.44 -19.08 -7.42
N TRP C 119 -36.62 -19.51 -7.83
CA TRP C 119 -37.83 -18.81 -7.44
C TRP C 119 -38.04 -19.20 -5.98
N SER C 120 -38.93 -18.48 -5.33
CA SER C 120 -39.25 -18.79 -3.96
C SER C 120 -40.15 -20.01 -4.05
N PRO C 121 -40.39 -20.69 -2.93
CA PRO C 121 -41.24 -21.88 -2.94
C PRO C 121 -42.66 -21.51 -3.39
N VAL C 122 -42.99 -20.24 -3.21
CA VAL C 122 -44.29 -19.72 -3.59
C VAL C 122 -44.10 -18.35 -4.25
N GLY C 123 -45.19 -17.78 -4.74
CA GLY C 123 -45.12 -16.47 -5.38
C GLY C 123 -44.11 -16.41 -6.51
N HIS C 124 -43.53 -15.24 -6.70
CA HIS C 124 -42.55 -15.10 -7.76
C HIS C 124 -41.26 -14.37 -7.34
N LYS C 125 -40.81 -14.60 -6.10
CA LYS C 125 -39.58 -13.98 -5.63
C LYS C 125 -38.39 -14.72 -6.25
N LEU C 126 -37.27 -14.02 -6.39
CA LEU C 126 -36.07 -14.61 -6.95
C LEU C 126 -34.89 -14.33 -6.03
N ALA C 127 -33.89 -15.21 -6.08
CA ALA C 127 -32.69 -15.05 -5.27
C ALA C 127 -31.56 -15.68 -6.04
N TYR C 128 -30.47 -14.93 -6.24
CA TYR C 128 -29.34 -15.47 -7.00
C TYR C 128 -27.98 -15.09 -6.46
N VAL C 129 -26.98 -15.78 -6.99
CA VAL C 129 -25.60 -15.61 -6.61
C VAL C 129 -24.78 -15.20 -7.83
N TRP C 130 -24.21 -14.03 -7.74
CA TRP C 130 -23.39 -13.50 -8.82
C TRP C 130 -22.09 -13.03 -8.17
N ASN C 131 -20.96 -13.45 -8.75
CA ASN C 131 -19.67 -13.09 -8.20
C ASN C 131 -19.77 -13.36 -6.71
N ASN C 132 -20.00 -14.63 -6.37
CA ASN C 132 -20.11 -15.12 -5.00
C ASN C 132 -20.98 -14.37 -4.00
N ASP C 133 -21.83 -13.46 -4.46
CA ASP C 133 -22.71 -12.74 -3.53
C ASP C 133 -24.20 -13.06 -3.78
N ILE C 134 -25.04 -12.82 -2.78
CA ILE C 134 -26.47 -13.11 -2.91
C ILE C 134 -27.35 -11.88 -3.17
N TYR C 135 -28.28 -12.02 -4.10
CA TYR C 135 -29.21 -10.95 -4.46
C TYR C 135 -30.66 -11.47 -4.46
N VAL C 136 -31.61 -10.61 -4.09
CA VAL C 136 -33.01 -11.02 -4.08
C VAL C 136 -33.88 -10.05 -4.86
N LYS C 137 -34.84 -10.59 -5.60
CA LYS C 137 -35.79 -9.78 -6.37
C LYS C 137 -37.19 -10.21 -5.98
N ASN C 138 -37.98 -9.26 -5.48
CA ASN C 138 -39.35 -9.52 -5.10
C ASN C 138 -40.22 -9.46 -6.34
N GLU C 139 -39.69 -8.79 -7.36
CA GLU C 139 -40.36 -8.60 -8.62
C GLU C 139 -39.33 -8.62 -9.74
N PRO C 140 -39.63 -9.32 -10.84
CA PRO C 140 -38.70 -9.41 -11.97
C PRO C 140 -38.39 -8.06 -12.61
N ASN C 141 -39.22 -7.06 -12.36
CA ASN C 141 -38.98 -5.74 -12.94
C ASN C 141 -38.53 -4.73 -11.86
N LEU C 142 -38.10 -5.26 -10.73
CA LEU C 142 -37.59 -4.45 -9.63
C LEU C 142 -36.12 -4.76 -9.42
N SER C 143 -35.37 -3.82 -8.87
CA SER C 143 -33.94 -4.02 -8.66
C SER C 143 -33.68 -4.96 -7.51
N SER C 144 -32.87 -5.98 -7.76
CA SER C 144 -32.53 -6.94 -6.72
C SER C 144 -31.79 -6.22 -5.60
N GLN C 145 -31.96 -6.74 -4.38
CA GLN C 145 -31.36 -6.22 -3.17
C GLN C 145 -30.13 -7.05 -2.83
N ARG C 146 -28.95 -6.45 -2.76
CA ARG C 146 -27.73 -7.21 -2.44
C ARG C 146 -27.80 -7.73 -1.01
N ILE C 147 -27.51 -9.01 -0.83
CA ILE C 147 -27.55 -9.62 0.49
C ILE C 147 -26.20 -9.83 1.15
N THR C 148 -25.15 -9.86 0.34
CA THR C 148 -23.80 -10.05 0.86
C THR C 148 -22.77 -9.18 0.16
N TRP C 149 -21.74 -8.79 0.91
CA TRP C 149 -20.69 -7.96 0.35
C TRP C 149 -19.34 -8.65 0.45
N THR C 150 -19.33 -9.84 1.02
CA THR C 150 -18.09 -10.58 1.18
C THR C 150 -17.68 -11.45 0.00
N GLY C 151 -18.52 -11.54 -1.03
CA GLY C 151 -18.17 -12.36 -2.18
C GLY C 151 -16.75 -12.07 -2.66
N LYS C 152 -16.04 -13.08 -3.13
CA LYS C 152 -14.68 -12.88 -3.61
C LYS C 152 -14.09 -14.17 -4.17
N GLU C 153 -13.75 -14.11 -5.46
CA GLU C 153 -13.21 -15.22 -6.20
C GLU C 153 -12.21 -16.03 -5.41
N ASN C 154 -12.34 -17.34 -5.52
CA ASN C 154 -11.49 -18.29 -4.83
C ASN C 154 -11.23 -18.06 -3.35
N VAL C 155 -12.14 -17.39 -2.65
CA VAL C 155 -11.94 -17.13 -1.24
C VAL C 155 -13.21 -17.24 -0.40
N ILE C 156 -14.21 -16.45 -0.76
CA ILE C 156 -15.46 -16.46 0.00
C ILE C 156 -16.61 -16.85 -0.91
N TYR C 157 -17.47 -17.74 -0.42
CA TYR C 157 -18.62 -18.18 -1.18
C TYR C 157 -19.90 -18.01 -0.40
N ASN C 158 -20.80 -17.18 -0.93
CA ASN C 158 -22.09 -16.94 -0.31
C ASN C 158 -23.19 -17.46 -1.21
N GLY C 159 -23.92 -18.47 -0.73
CA GLY C 159 -25.02 -19.04 -1.49
C GLY C 159 -24.70 -20.10 -2.54
N VAL C 160 -23.43 -20.49 -2.66
CA VAL C 160 -23.00 -21.53 -3.60
C VAL C 160 -21.81 -22.26 -2.98
N THR C 161 -21.66 -23.55 -3.26
CA THR C 161 -20.55 -24.31 -2.67
C THR C 161 -19.14 -24.14 -3.25
N ASP C 162 -18.12 -24.30 -2.40
CA ASP C 162 -16.75 -24.23 -2.88
C ASP C 162 -16.52 -25.57 -3.59
N TRP C 163 -15.34 -25.84 -4.12
CA TRP C 163 -15.11 -27.08 -4.84
C TRP C 163 -15.41 -28.37 -4.08
N VAL C 164 -14.93 -28.48 -2.84
CA VAL C 164 -15.14 -29.72 -2.12
C VAL C 164 -16.53 -29.88 -1.49
N TYR C 165 -17.25 -28.79 -1.23
CA TYR C 165 -18.59 -28.95 -0.71
C TYR C 165 -19.43 -29.37 -1.90
N GLU C 166 -19.18 -28.75 -3.05
CA GLU C 166 -19.90 -29.08 -4.27
C GLU C 166 -19.80 -30.58 -4.57
N GLU C 167 -18.56 -31.06 -4.63
CA GLU C 167 -18.25 -32.45 -4.93
C GLU C 167 -18.53 -33.53 -3.89
N GLU C 168 -18.13 -33.30 -2.65
CA GLU C 168 -18.28 -34.33 -1.62
C GLU C 168 -19.29 -34.09 -0.51
N VAL C 169 -20.04 -33.01 -0.54
CA VAL C 169 -21.00 -32.79 0.53
C VAL C 169 -22.44 -32.62 0.05
N PHE C 170 -22.68 -31.64 -0.81
CA PHE C 170 -24.03 -31.40 -1.30
C PHE C 170 -24.23 -31.95 -2.69
N SER C 171 -23.20 -32.55 -3.26
CA SER C 171 -23.34 -33.05 -4.63
C SER C 171 -24.10 -31.99 -5.43
N ALA C 172 -23.73 -30.74 -5.22
CA ALA C 172 -24.38 -29.62 -5.90
C ALA C 172 -23.60 -28.33 -5.65
N TYR C 173 -23.82 -27.35 -6.53
CA TYR C 173 -23.19 -26.05 -6.46
C TYR C 173 -23.99 -25.12 -5.57
N SER C 174 -25.30 -25.26 -5.68
CA SER C 174 -26.28 -24.47 -4.93
C SER C 174 -26.11 -24.49 -3.41
N ALA C 175 -26.20 -23.33 -2.75
CA ALA C 175 -26.06 -23.28 -1.29
C ALA C 175 -27.06 -22.37 -0.60
N LEU C 176 -28.25 -22.25 -1.16
CA LEU C 176 -29.28 -21.43 -0.53
C LEU C 176 -30.62 -22.17 -0.52
N TRP C 177 -31.42 -21.88 0.49
CA TRP C 177 -32.72 -22.52 0.66
C TRP C 177 -33.81 -21.53 1.09
N TRP C 178 -34.92 -21.45 0.34
CA TRP C 178 -36.03 -20.59 0.75
C TRP C 178 -36.92 -21.38 1.70
N SER C 179 -37.53 -20.71 2.67
CA SER C 179 -38.46 -21.37 3.59
C SER C 179 -39.74 -21.55 2.77
N PRO C 180 -40.60 -22.52 3.15
CA PRO C 180 -41.87 -22.85 2.48
C PRO C 180 -42.73 -21.70 1.93
N ASN C 181 -42.90 -20.64 2.71
CA ASN C 181 -43.71 -19.52 2.27
C ASN C 181 -42.83 -18.36 1.82
N GLY C 182 -41.55 -18.63 1.63
CA GLY C 182 -40.60 -17.62 1.16
C GLY C 182 -40.36 -16.45 2.08
N THR C 183 -40.66 -16.61 3.35
CA THR C 183 -40.44 -15.54 4.30
C THR C 183 -38.95 -15.44 4.60
N PHE C 184 -38.32 -16.60 4.71
CA PHE C 184 -36.90 -16.66 5.00
C PHE C 184 -36.09 -17.26 3.86
N LEU C 185 -34.85 -16.80 3.77
CA LEU C 185 -33.90 -17.29 2.78
C LEU C 185 -32.61 -17.64 3.54
N ALA C 186 -32.38 -18.92 3.76
CA ALA C 186 -31.19 -19.36 4.48
C ALA C 186 -30.07 -19.69 3.49
N TYR C 187 -28.83 -19.45 3.89
CA TYR C 187 -27.69 -19.74 3.02
C TYR C 187 -26.44 -20.04 3.80
N ALA C 188 -25.50 -20.67 3.12
CA ALA C 188 -24.25 -21.00 3.75
C ALA C 188 -23.14 -20.18 3.13
N GLN C 189 -22.15 -19.81 3.93
CA GLN C 189 -21.00 -19.09 3.43
C GLN C 189 -19.80 -19.99 3.67
N PHE C 190 -18.94 -20.11 2.68
CA PHE C 190 -17.74 -20.93 2.79
C PHE C 190 -16.51 -20.01 2.74
N ASN C 191 -15.51 -20.31 3.56
CA ASN C 191 -14.28 -19.52 3.60
C ASN C 191 -13.13 -20.39 3.15
N ASP C 192 -12.56 -20.11 1.99
CA ASP C 192 -11.47 -20.93 1.50
C ASP C 192 -10.10 -20.32 1.66
N THR C 193 -10.02 -19.29 2.49
CA THR C 193 -8.77 -18.58 2.72
C THR C 193 -7.56 -19.45 2.95
N GLU C 194 -7.61 -20.34 3.92
CA GLU C 194 -6.45 -21.19 4.23
C GLU C 194 -6.37 -22.52 3.52
N VAL C 195 -7.21 -22.68 2.50
CA VAL C 195 -7.24 -23.91 1.72
C VAL C 195 -6.18 -23.85 0.62
N PRO C 196 -5.24 -24.81 0.60
CA PRO C 196 -4.20 -24.81 -0.41
C PRO C 196 -4.80 -24.81 -1.81
N LEU C 197 -4.01 -24.45 -2.81
CA LEU C 197 -4.49 -24.42 -4.18
C LEU C 197 -3.87 -25.50 -5.02
N ILE C 198 -4.70 -26.10 -5.87
CA ILE C 198 -4.17 -27.08 -6.79
C ILE C 198 -4.02 -26.17 -8.02
N GLU C 199 -2.98 -26.41 -8.81
CA GLU C 199 -2.77 -25.62 -10.01
C GLU C 199 -2.35 -26.54 -11.14
N TYR C 200 -2.72 -26.19 -12.36
CA TYR C 200 -2.35 -26.96 -13.52
C TYR C 200 -2.50 -26.13 -14.78
N SER C 201 -1.84 -26.55 -15.84
CA SER C 201 -1.91 -25.84 -17.10
C SER C 201 -3.20 -26.13 -17.85
N PHE C 202 -3.77 -25.09 -18.44
CA PHE C 202 -4.95 -25.24 -19.28
C PHE C 202 -4.55 -24.53 -20.57
N TYR C 203 -4.16 -25.31 -21.57
CA TYR C 203 -3.67 -24.78 -22.84
C TYR C 203 -4.66 -23.96 -23.66
N SER C 204 -5.94 -24.26 -23.53
CA SER C 204 -6.98 -23.55 -24.25
C SER C 204 -6.88 -23.73 -25.76
N ASP C 205 -7.57 -22.88 -26.48
CA ASP C 205 -7.56 -22.96 -27.93
C ASP C 205 -6.18 -22.71 -28.52
N GLU C 206 -5.85 -23.45 -29.58
CA GLU C 206 -4.57 -23.35 -30.26
C GLU C 206 -4.00 -21.93 -30.39
N SER C 207 -4.89 -20.96 -30.51
CA SER C 207 -4.46 -19.59 -30.64
C SER C 207 -3.76 -19.07 -29.38
N LEU C 208 -4.26 -19.41 -28.20
CA LEU C 208 -3.65 -18.96 -26.94
C LEU C 208 -2.14 -19.20 -26.98
N GLN C 209 -1.35 -18.12 -26.97
CA GLN C 209 0.10 -18.27 -27.07
C GLN C 209 0.77 -18.80 -25.83
N TYR C 210 0.24 -18.47 -24.66
CA TYR C 210 0.81 -18.95 -23.40
C TYR C 210 -0.25 -19.75 -22.65
N PRO C 211 0.12 -20.93 -22.15
CA PRO C 211 -0.84 -21.74 -21.40
C PRO C 211 -1.26 -20.92 -20.21
N LYS C 212 -2.47 -21.12 -19.72
CA LYS C 212 -2.90 -20.38 -18.55
C LYS C 212 -2.86 -21.36 -17.39
N THR C 213 -2.97 -20.86 -16.18
CA THR C 213 -2.91 -21.75 -15.03
C THR C 213 -4.14 -21.68 -14.16
N VAL C 214 -4.89 -22.77 -14.15
CA VAL C 214 -6.07 -22.85 -13.32
C VAL C 214 -5.63 -23.02 -11.86
N ARG C 215 -6.36 -22.37 -10.95
CA ARG C 215 -6.05 -22.45 -9.53
C ARG C 215 -7.34 -22.69 -8.76
N ILE C 216 -7.39 -23.81 -8.05
CA ILE C 216 -8.60 -24.10 -7.29
C ILE C 216 -8.27 -24.38 -5.85
N PRO C 217 -9.05 -23.82 -4.93
CA PRO C 217 -8.82 -24.06 -3.50
C PRO C 217 -9.29 -25.50 -3.31
N TYR C 218 -8.35 -26.42 -3.35
CA TYR C 218 -8.66 -27.83 -3.23
C TYR C 218 -7.83 -28.45 -2.12
N PRO C 219 -8.47 -28.82 -0.99
CA PRO C 219 -7.83 -29.42 0.18
C PRO C 219 -7.57 -30.90 0.03
N LYS C 220 -6.30 -31.29 -0.01
CA LYS C 220 -5.97 -32.70 -0.11
C LYS C 220 -6.01 -33.36 1.29
N ALA C 221 -5.95 -34.68 1.34
CA ALA C 221 -6.02 -35.38 2.63
C ALA C 221 -5.15 -34.72 3.72
N GLY C 222 -5.79 -34.26 4.80
CA GLY C 222 -5.06 -33.65 5.88
C GLY C 222 -4.84 -32.14 5.82
N ALA C 223 -5.00 -31.57 4.64
CA ALA C 223 -4.81 -30.14 4.48
C ALA C 223 -5.86 -29.36 5.22
N GLU C 224 -5.64 -28.06 5.25
CA GLU C 224 -6.52 -27.12 5.92
C GLU C 224 -7.81 -27.04 5.10
N ASN C 225 -8.94 -27.41 5.71
CA ASN C 225 -10.26 -27.42 5.05
C ASN C 225 -10.94 -26.08 5.03
N PRO C 226 -11.92 -25.89 4.14
CA PRO C 226 -12.60 -24.59 4.14
C PRO C 226 -13.45 -24.54 5.42
N THR C 227 -13.84 -23.35 5.85
CA THR C 227 -14.71 -23.25 7.02
C THR C 227 -16.07 -22.90 6.47
N VAL C 228 -17.08 -22.91 7.32
CA VAL C 228 -18.44 -22.63 6.88
C VAL C 228 -19.20 -21.86 7.95
N LYS C 229 -20.27 -21.21 7.53
CA LYS C 229 -21.15 -20.46 8.43
C LYS C 229 -22.52 -20.53 7.79
N PHE C 230 -23.57 -20.57 8.61
CA PHE C 230 -24.95 -20.65 8.12
C PHE C 230 -25.77 -19.45 8.60
N PHE C 231 -26.56 -18.88 7.70
CA PHE C 231 -27.38 -17.73 8.06
C PHE C 231 -28.80 -17.95 7.64
N VAL C 232 -29.68 -17.09 8.15
CA VAL C 232 -31.08 -17.12 7.83
C VAL C 232 -31.55 -15.68 7.72
N VAL C 233 -31.82 -15.29 6.48
CA VAL C 233 -32.27 -13.94 6.20
C VAL C 233 -33.80 -13.85 6.21
N ASP C 234 -34.32 -12.83 6.89
CA ASP C 234 -35.75 -12.61 6.92
C ASP C 234 -36.04 -11.60 5.81
N THR C 235 -36.36 -12.12 4.61
CA THR C 235 -36.63 -11.30 3.43
C THR C 235 -37.66 -10.17 3.56
N ARG C 236 -38.52 -10.25 4.57
CA ARG C 236 -39.56 -9.24 4.74
C ARG C 236 -39.08 -7.79 4.91
N THR C 237 -37.90 -7.59 5.48
CA THR C 237 -37.40 -6.23 5.66
C THR C 237 -36.54 -5.77 4.48
N LEU C 238 -36.32 -6.66 3.51
CA LEU C 238 -35.52 -6.28 2.36
C LEU C 238 -36.14 -5.09 1.65
N SER C 239 -35.41 -3.98 1.62
CA SER C 239 -35.84 -2.75 0.97
C SER C 239 -34.56 -2.01 0.66
N PRO C 240 -34.54 -1.24 -0.44
CA PRO C 240 -33.32 -0.50 -0.79
C PRO C 240 -32.68 0.30 0.35
N ASN C 241 -33.44 1.10 1.07
CA ASN C 241 -32.83 1.88 2.16
C ASN C 241 -32.82 1.23 3.54
N ALA C 242 -32.81 -0.10 3.58
CA ALA C 242 -32.81 -0.80 4.84
C ALA C 242 -31.64 -1.80 4.88
N SER C 243 -31.28 -2.25 6.07
CA SER C 243 -30.19 -3.21 6.23
C SER C 243 -30.74 -4.63 6.17
N VAL C 244 -29.86 -5.60 5.93
CA VAL C 244 -30.28 -6.97 5.87
C VAL C 244 -30.46 -7.58 7.26
N THR C 245 -31.68 -8.04 7.54
CA THR C 245 -31.99 -8.68 8.80
C THR C 245 -31.63 -10.16 8.66
N SER C 246 -30.72 -10.65 9.51
CA SER C 246 -30.26 -12.03 9.43
C SER C 246 -29.75 -12.58 10.73
N TYR C 247 -29.85 -13.90 10.87
CA TYR C 247 -29.38 -14.53 12.08
C TYR C 247 -28.41 -15.63 11.70
N GLN C 248 -27.31 -15.73 12.43
CA GLN C 248 -26.32 -16.75 12.15
C GLN C 248 -26.61 -17.94 13.05
N ILE C 249 -26.65 -19.14 12.48
CA ILE C 249 -26.90 -20.30 13.31
C ILE C 249 -25.58 -21.04 13.42
N VAL C 250 -25.27 -21.47 14.62
CA VAL C 250 -24.03 -22.17 14.90
C VAL C 250 -24.23 -23.64 15.21
N PRO C 251 -23.27 -24.50 14.83
CA PRO C 251 -23.40 -25.93 15.11
C PRO C 251 -23.39 -26.19 16.62
N PRO C 252 -23.95 -27.35 17.06
CA PRO C 252 -23.97 -27.67 18.49
C PRO C 252 -22.53 -27.84 18.96
N ALA C 253 -22.32 -27.77 20.27
CA ALA C 253 -20.98 -27.91 20.86
C ALA C 253 -20.28 -29.17 20.37
N SER C 254 -20.95 -30.30 20.49
CA SER C 254 -20.41 -31.57 20.06
C SER C 254 -19.63 -31.42 18.77
N VAL C 255 -20.07 -30.51 17.91
CA VAL C 255 -19.41 -30.31 16.64
C VAL C 255 -18.53 -29.06 16.56
N LEU C 256 -18.87 -28.02 17.31
CA LEU C 256 -18.05 -26.81 17.27
C LEU C 256 -16.63 -27.07 17.76
N ILE C 257 -16.46 -28.10 18.57
CA ILE C 257 -15.14 -28.44 19.10
C ILE C 257 -14.06 -28.26 18.05
N GLY C 258 -14.02 -29.19 17.11
CA GLY C 258 -13.04 -29.17 16.05
C GLY C 258 -13.63 -28.95 14.68
N ASP C 259 -12.91 -29.41 13.67
CA ASP C 259 -13.35 -29.26 12.28
C ASP C 259 -14.63 -30.00 12.03
N HIS C 260 -15.48 -29.41 11.19
CA HIS C 260 -16.73 -30.04 10.89
C HIS C 260 -17.19 -29.64 9.51
N TYR C 261 -18.36 -30.17 9.13
CA TYR C 261 -18.94 -29.89 7.85
C TYR C 261 -20.42 -29.71 8.04
N LEU C 262 -21.00 -28.80 7.24
CA LEU C 262 -22.44 -28.60 7.23
C LEU C 262 -22.75 -29.63 6.14
N CYS C 263 -23.67 -30.55 6.37
CA CYS C 263 -23.92 -31.54 5.33
C CYS C 263 -25.39 -31.76 5.00
N GLY C 264 -26.23 -30.84 5.45
CA GLY C 264 -27.64 -30.99 5.16
C GLY C 264 -28.49 -29.86 5.71
N VAL C 265 -29.51 -29.48 4.95
CA VAL C 265 -30.41 -28.42 5.36
C VAL C 265 -31.84 -28.78 5.03
N THR C 266 -32.73 -28.69 6.01
CA THR C 266 -34.13 -28.96 5.72
C THR C 266 -35.07 -27.99 6.43
N TRP C 267 -35.96 -27.37 5.65
CA TRP C 267 -36.94 -26.45 6.21
C TRP C 267 -38.08 -27.33 6.70
N VAL C 268 -38.50 -27.13 7.94
CA VAL C 268 -39.56 -27.94 8.49
C VAL C 268 -40.90 -27.21 8.43
N THR C 269 -40.88 -25.94 8.82
CA THR C 269 -42.05 -25.06 8.81
C THR C 269 -41.44 -23.68 8.69
N GLU C 270 -42.23 -22.65 8.43
CA GLU C 270 -41.66 -21.30 8.33
C GLU C 270 -41.01 -20.85 9.63
N GLU C 271 -41.07 -21.68 10.67
CA GLU C 271 -40.47 -21.30 11.93
C GLU C 271 -39.62 -22.40 12.54
N ARG C 272 -39.28 -23.38 11.71
CA ARG C 272 -38.45 -24.48 12.17
C ARG C 272 -37.54 -25.00 11.06
N ILE C 273 -36.24 -24.90 11.27
CA ILE C 273 -35.28 -25.38 10.26
C ILE C 273 -34.40 -26.48 10.87
N SER C 274 -34.09 -27.51 10.07
CA SER C 274 -33.28 -28.64 10.53
C SER C 274 -31.91 -28.64 9.88
N LEU C 275 -30.88 -28.35 10.68
CA LEU C 275 -29.52 -28.34 10.18
C LEU C 275 -28.86 -29.66 10.54
N GLN C 276 -28.01 -30.18 9.66
CA GLN C 276 -27.33 -31.44 9.90
C GLN C 276 -25.83 -31.31 9.75
N TRP C 277 -25.11 -31.47 10.85
CA TRP C 277 -23.66 -31.33 10.87
C TRP C 277 -22.92 -32.66 11.05
N ILE C 278 -21.62 -32.64 10.74
CA ILE C 278 -20.78 -33.81 10.89
C ILE C 278 -19.35 -33.38 11.13
N ARG C 279 -18.72 -33.96 12.15
CA ARG C 279 -17.33 -33.64 12.47
C ARG C 279 -16.47 -34.04 11.30
N ARG C 280 -15.29 -33.43 11.20
CA ARG C 280 -14.41 -33.75 10.10
C ARG C 280 -14.17 -35.28 9.99
N ALA C 281 -14.15 -35.95 11.14
CA ALA C 281 -13.92 -37.39 11.19
C ALA C 281 -15.04 -38.21 10.51
N GLN C 282 -16.21 -37.60 10.39
CA GLN C 282 -17.35 -38.21 9.73
C GLN C 282 -17.81 -39.55 10.29
N ASN C 283 -17.76 -39.69 11.61
CA ASN C 283 -18.23 -40.89 12.29
C ASN C 283 -19.02 -40.37 13.47
N TYR C 284 -19.44 -39.12 13.32
CA TYR C 284 -20.24 -38.37 14.28
C TYR C 284 -21.01 -37.29 13.52
N SER C 285 -22.32 -37.46 13.45
CA SER C 285 -23.19 -36.52 12.75
C SER C 285 -24.21 -36.05 13.76
N ILE C 286 -24.97 -35.02 13.42
CA ILE C 286 -25.98 -34.56 14.32
C ILE C 286 -26.99 -33.61 13.68
N ILE C 287 -28.24 -33.74 14.11
CA ILE C 287 -29.32 -32.92 13.59
C ILE C 287 -29.75 -31.90 14.64
N ASP C 288 -29.81 -30.63 14.24
CA ASP C 288 -30.19 -29.54 15.14
C ASP C 288 -31.45 -28.91 14.58
N ILE C 289 -32.54 -29.05 15.29
CA ILE C 289 -33.81 -28.50 14.84
C ILE C 289 -34.13 -27.20 15.57
N CYS C 290 -33.79 -26.10 14.92
CA CYS C 290 -33.96 -24.76 15.48
C CYS C 290 -35.29 -24.12 15.20
N ASP C 291 -35.82 -23.46 16.22
CA ASP C 291 -37.10 -22.77 16.14
C ASP C 291 -37.01 -21.23 16.21
N TYR C 292 -37.77 -20.60 15.33
CA TYR C 292 -37.84 -19.14 15.23
C TYR C 292 -38.58 -18.56 16.43
N ASP C 293 -37.96 -17.57 17.07
CA ASP C 293 -38.54 -16.88 18.22
C ASP C 293 -39.03 -15.54 17.69
N GLU C 294 -40.35 -15.38 17.67
CA GLU C 294 -40.97 -14.18 17.13
C GLU C 294 -40.66 -12.90 17.88
N SER C 295 -40.48 -12.98 19.18
CA SER C 295 -40.20 -11.80 19.96
C SER C 295 -38.81 -11.23 19.63
N THR C 296 -37.93 -12.05 19.10
CA THR C 296 -36.59 -11.56 18.82
C THR C 296 -36.05 -11.79 17.42
N GLY C 297 -36.59 -12.76 16.70
CA GLY C 297 -36.08 -13.05 15.37
C GLY C 297 -34.93 -14.04 15.42
N ARG C 298 -34.58 -14.49 16.62
CA ARG C 298 -33.49 -15.45 16.78
C ARG C 298 -33.94 -16.86 16.47
N TRP C 299 -33.02 -17.66 15.93
CA TRP C 299 -33.31 -19.06 15.66
C TRP C 299 -32.71 -19.84 16.81
N ILE C 300 -33.57 -20.26 17.74
CA ILE C 300 -33.13 -20.96 18.94
C ILE C 300 -33.06 -22.48 18.89
N SER C 301 -31.90 -23.00 19.28
CA SER C 301 -31.66 -24.43 19.28
C SER C 301 -31.89 -25.00 20.68
N SER C 302 -31.98 -26.32 20.79
CA SER C 302 -32.23 -26.98 22.09
C SER C 302 -31.78 -28.44 22.12
N VAL C 303 -31.17 -28.84 23.23
CA VAL C 303 -30.68 -30.22 23.39
C VAL C 303 -31.75 -31.29 23.16
N ALA C 304 -32.98 -30.98 23.57
CA ALA C 304 -34.09 -31.89 23.39
C ALA C 304 -34.33 -32.15 21.91
N ARG C 305 -34.13 -31.11 21.09
CA ARG C 305 -34.32 -31.18 19.64
C ARG C 305 -33.09 -31.57 18.83
N GLN C 306 -32.08 -32.13 19.47
CA GLN C 306 -30.89 -32.53 18.74
C GLN C 306 -30.84 -34.05 18.60
N HIS C 307 -30.25 -34.51 17.51
CA HIS C 307 -30.16 -35.93 17.28
C HIS C 307 -28.82 -36.39 16.74
N ILE C 308 -28.11 -37.13 17.58
CA ILE C 308 -26.79 -37.63 17.26
C ILE C 308 -26.85 -38.97 16.52
N GLU C 309 -26.03 -39.11 15.50
CA GLU C 309 -25.96 -40.35 14.77
C GLU C 309 -24.47 -40.63 14.69
N ILE C 310 -24.05 -41.81 15.15
CA ILE C 310 -22.63 -42.14 15.13
C ILE C 310 -22.39 -43.49 14.48
N SER C 311 -21.12 -43.82 14.31
CA SER C 311 -20.74 -45.10 13.72
C SER C 311 -19.42 -45.59 14.32
N THR C 312 -19.42 -46.83 14.80
CA THR C 312 -18.23 -47.42 15.38
C THR C 312 -17.52 -48.31 14.36
N THR C 313 -18.28 -48.91 13.45
CA THR C 313 -17.68 -49.77 12.43
C THR C 313 -16.99 -48.99 11.31
N GLY C 314 -17.35 -47.71 11.13
CA GLY C 314 -16.74 -46.93 10.08
C GLY C 314 -17.27 -45.51 10.06
N TRP C 315 -17.92 -45.12 8.97
CA TRP C 315 -18.46 -43.76 8.85
C TRP C 315 -19.98 -43.75 8.73
N VAL C 316 -20.55 -42.57 8.97
CA VAL C 316 -22.00 -42.35 8.93
C VAL C 316 -22.59 -42.27 7.51
N GLY C 317 -23.65 -43.04 7.26
CA GLY C 317 -24.31 -43.01 5.95
C GLY C 317 -23.56 -43.64 4.79
N ARG C 318 -24.00 -43.35 3.57
CA ARG C 318 -23.36 -43.87 2.38
C ARG C 318 -22.26 -42.90 1.91
N PHE C 319 -22.66 -41.73 1.41
CA PHE C 319 -21.69 -40.74 1.00
C PHE C 319 -21.92 -39.47 1.82
N ARG C 320 -22.85 -39.60 2.78
CA ARG C 320 -23.25 -38.55 3.72
C ARG C 320 -24.41 -39.13 4.53
N PRO C 321 -24.66 -38.59 5.72
CA PRO C 321 -25.79 -39.17 6.46
C PRO C 321 -27.12 -39.01 5.71
N ALA C 322 -27.98 -40.03 5.83
CA ALA C 322 -29.28 -40.00 5.17
C ALA C 322 -29.98 -38.76 5.70
N GLU C 323 -30.81 -38.13 4.87
CA GLU C 323 -31.47 -36.93 5.33
C GLU C 323 -32.82 -37.12 5.99
N PRO C 324 -33.16 -36.23 6.93
CA PRO C 324 -34.45 -36.37 7.59
C PRO C 324 -35.62 -35.99 6.67
N HIS C 325 -36.79 -36.54 6.98
CA HIS C 325 -38.00 -36.26 6.24
C HIS C 325 -39.00 -35.98 7.33
N PHE C 326 -39.37 -34.70 7.48
CA PHE C 326 -40.29 -34.29 8.52
C PHE C 326 -41.75 -34.40 8.13
N THR C 327 -42.62 -34.39 9.12
CA THR C 327 -44.07 -34.45 8.91
C THR C 327 -44.50 -33.02 8.79
N SER C 328 -45.69 -32.78 8.24
CA SER C 328 -46.18 -31.41 8.13
C SER C 328 -46.14 -30.69 9.48
N ASP C 329 -46.53 -31.37 10.55
CA ASP C 329 -46.52 -30.74 11.88
C ASP C 329 -45.09 -30.46 12.37
N GLY C 330 -44.12 -31.14 11.78
CA GLY C 330 -42.73 -30.94 12.19
C GLY C 330 -42.44 -31.55 13.54
N ASN C 331 -43.40 -32.28 14.10
CA ASN C 331 -43.20 -32.88 15.41
C ASN C 331 -42.53 -34.23 15.38
N SER C 332 -42.31 -34.77 14.19
CA SER C 332 -41.63 -36.07 14.09
C SER C 332 -41.06 -36.19 12.69
N PHE C 333 -40.09 -37.07 12.50
CA PHE C 333 -39.53 -37.24 11.18
C PHE C 333 -39.05 -38.67 10.99
N TYR C 334 -38.82 -39.04 9.73
CA TYR C 334 -38.31 -40.38 9.44
C TYR C 334 -36.96 -40.19 8.78
N LYS C 335 -36.02 -41.07 9.10
CA LYS C 335 -34.68 -41.01 8.55
C LYS C 335 -34.08 -42.40 8.52
N ILE C 336 -33.30 -42.68 7.48
CA ILE C 336 -32.64 -43.96 7.34
C ILE C 336 -31.38 -43.97 8.18
N ILE C 337 -31.17 -45.05 8.92
CA ILE C 337 -29.98 -45.23 9.76
C ILE C 337 -29.68 -46.72 9.78
N SER C 338 -28.48 -47.08 10.24
CA SER C 338 -28.09 -48.47 10.33
C SER C 338 -28.75 -49.05 11.57
N ASN C 339 -29.47 -50.14 11.41
CA ASN C 339 -30.09 -50.77 12.57
C ASN C 339 -29.07 -51.67 13.27
N GLU C 340 -29.48 -52.28 14.37
CA GLU C 340 -28.63 -53.15 15.17
C GLU C 340 -27.84 -54.18 14.36
N GLU C 341 -28.38 -54.58 13.23
CA GLU C 341 -27.75 -55.58 12.38
C GLU C 341 -26.85 -55.02 11.29
N GLY C 342 -26.82 -53.69 11.18
CA GLY C 342 -25.99 -53.06 10.17
C GLY C 342 -26.68 -52.72 8.87
N TYR C 343 -27.97 -53.01 8.76
CA TYR C 343 -28.68 -52.70 7.53
C TYR C 343 -29.37 -51.35 7.61
N LYS C 344 -29.35 -50.63 6.49
CA LYS C 344 -29.95 -49.31 6.38
C LYS C 344 -31.48 -49.37 6.37
N HIS C 345 -32.10 -48.80 7.42
CA HIS C 345 -33.56 -48.78 7.54
C HIS C 345 -34.16 -47.46 8.06
N ILE C 346 -35.45 -47.28 7.80
CA ILE C 346 -36.14 -46.08 8.22
C ILE C 346 -36.48 -46.16 9.70
N CYS C 347 -36.09 -45.12 10.44
CA CYS C 347 -36.41 -45.07 11.87
C CYS C 347 -37.30 -43.84 12.10
N HIS C 348 -38.33 -44.00 12.91
CA HIS C 348 -39.24 -42.90 13.19
C HIS C 348 -38.78 -42.16 14.42
N PHE C 349 -38.41 -40.91 14.23
CA PHE C 349 -37.94 -40.09 15.35
C PHE C 349 -39.02 -39.08 15.65
N GLN C 350 -39.07 -38.68 16.91
CA GLN C 350 -40.00 -37.65 17.34
C GLN C 350 -39.07 -36.47 17.54
N THR C 351 -39.47 -35.31 17.04
CA THR C 351 -38.66 -34.11 17.12
C THR C 351 -37.95 -33.86 18.45
N ASP C 352 -38.65 -33.93 19.58
CA ASP C 352 -37.98 -33.68 20.87
C ASP C 352 -37.63 -34.89 21.77
N LYS C 353 -37.44 -36.06 21.18
CA LYS C 353 -37.07 -37.26 21.95
C LYS C 353 -35.83 -37.88 21.32
N SER C 354 -35.13 -38.74 22.06
CA SER C 354 -33.92 -39.36 21.52
C SER C 354 -34.03 -40.82 21.03
N ASN C 355 -35.11 -41.51 21.39
CA ASN C 355 -35.28 -42.90 20.99
C ASN C 355 -36.19 -43.03 19.77
N CYS C 356 -35.73 -43.68 18.71
CA CYS C 356 -36.60 -43.81 17.54
C CYS C 356 -37.11 -45.23 17.37
N THR C 357 -38.05 -45.38 16.44
CA THR C 357 -38.66 -46.67 16.16
C THR C 357 -38.51 -47.03 14.70
N PHE C 358 -37.85 -48.15 14.44
CA PHE C 358 -37.68 -48.62 13.07
C PHE C 358 -39.03 -49.07 12.50
N ILE C 359 -39.24 -48.86 11.20
CA ILE C 359 -40.49 -49.26 10.59
C ILE C 359 -40.24 -50.24 9.44
N THR C 360 -38.96 -50.54 9.22
CA THR C 360 -38.54 -51.50 8.21
C THR C 360 -37.46 -52.36 8.83
N LYS C 361 -37.21 -53.53 8.25
CA LYS C 361 -36.18 -54.44 8.74
C LYS C 361 -36.02 -55.58 7.75
N GLY C 362 -34.90 -56.28 7.85
CA GLY C 362 -34.62 -57.38 6.95
C GLY C 362 -33.21 -57.25 6.42
N ALA C 363 -32.70 -58.29 5.77
CA ALA C 363 -31.35 -58.23 5.24
C ALA C 363 -31.39 -57.67 3.81
N TRP C 364 -31.82 -56.43 3.73
CA TRP C 364 -31.90 -55.66 2.49
C TRP C 364 -31.87 -54.21 2.98
N GLU C 365 -31.84 -53.22 2.09
CA GLU C 365 -31.77 -51.85 2.58
C GLU C 365 -32.62 -50.83 1.88
N VAL C 366 -33.14 -49.89 2.67
CA VAL C 366 -33.94 -48.80 2.11
C VAL C 366 -32.91 -47.89 1.46
N ILE C 367 -33.15 -47.53 0.20
CA ILE C 367 -32.25 -46.66 -0.54
C ILE C 367 -32.49 -45.20 -0.19
N GLY C 368 -33.76 -44.82 -0.09
CA GLY C 368 -34.11 -43.45 0.23
C GLY C 368 -35.61 -43.30 0.39
N ILE C 369 -36.02 -42.26 1.10
CA ILE C 369 -37.42 -41.94 1.35
C ILE C 369 -37.86 -40.95 0.26
N GLU C 370 -38.89 -41.31 -0.50
CA GLU C 370 -39.36 -40.47 -1.59
C GLU C 370 -40.47 -39.43 -1.35
N ALA C 371 -41.46 -39.77 -0.55
CA ALA C 371 -42.58 -38.86 -0.30
C ALA C 371 -43.25 -39.23 1.03
N LEU C 372 -44.00 -38.30 1.60
CA LEU C 372 -44.64 -38.57 2.88
C LEU C 372 -45.92 -37.82 3.04
N THR C 373 -46.95 -38.50 3.52
CA THR C 373 -48.24 -37.87 3.75
C THR C 373 -48.54 -38.15 5.20
N SER C 374 -49.76 -37.88 5.64
CA SER C 374 -50.11 -38.13 7.03
C SER C 374 -50.44 -39.61 7.19
N ASP C 375 -50.73 -40.27 6.07
CA ASP C 375 -51.08 -41.69 6.11
C ASP C 375 -49.96 -42.60 5.69
N TYR C 376 -49.28 -42.24 4.60
CA TYR C 376 -48.21 -43.09 4.11
C TYR C 376 -46.85 -42.44 3.90
N LEU C 377 -45.86 -43.31 3.76
CA LEU C 377 -44.49 -42.92 3.49
C LEU C 377 -44.10 -43.83 2.33
N TYR C 378 -43.55 -43.25 1.28
CA TYR C 378 -43.13 -44.04 0.14
C TYR C 378 -41.61 -44.06 0.08
N TYR C 379 -41.04 -45.22 -0.26
CA TYR C 379 -39.61 -45.35 -0.32
C TYR C 379 -39.15 -46.32 -1.39
N ILE C 380 -37.84 -46.33 -1.58
CA ILE C 380 -37.18 -47.19 -2.54
C ILE C 380 -36.30 -48.13 -1.73
N SER C 381 -36.18 -49.37 -2.18
CA SER C 381 -35.34 -50.34 -1.50
C SER C 381 -35.03 -51.42 -2.52
N ASN C 382 -34.10 -52.30 -2.17
CA ASN C 382 -33.71 -53.41 -3.03
C ASN C 382 -34.14 -54.72 -2.43
N GLU C 383 -35.25 -54.69 -1.73
CA GLU C 383 -35.79 -55.89 -1.11
C GLU C 383 -36.26 -56.94 -2.12
N HIS C 384 -37.10 -56.54 -3.07
CA HIS C 384 -37.64 -57.48 -4.05
C HIS C 384 -36.66 -58.52 -4.56
N LYS C 385 -37.05 -59.79 -4.42
CA LYS C 385 -36.24 -60.93 -4.83
C LYS C 385 -34.85 -60.92 -4.22
N GLY C 386 -34.74 -60.34 -3.03
CA GLY C 386 -33.47 -60.28 -2.32
C GLY C 386 -32.26 -59.92 -3.18
N MET C 387 -32.48 -59.06 -4.16
CA MET C 387 -31.43 -58.63 -5.08
C MET C 387 -30.95 -57.21 -4.84
N PRO C 388 -29.75 -57.05 -4.24
CA PRO C 388 -29.17 -55.74 -3.94
C PRO C 388 -29.13 -54.76 -5.13
N GLY C 389 -29.10 -55.30 -6.35
CA GLY C 389 -29.07 -54.48 -7.54
C GLY C 389 -30.43 -54.28 -8.18
N GLY C 390 -31.45 -54.13 -7.34
CA GLY C 390 -32.78 -53.90 -7.86
C GLY C 390 -33.35 -52.76 -7.05
N ARG C 391 -34.30 -52.03 -7.62
CA ARG C 391 -34.93 -50.91 -6.94
C ARG C 391 -36.43 -51.02 -7.16
N ASN C 392 -37.20 -50.72 -6.13
CA ASN C 392 -38.64 -50.78 -6.25
C ASN C 392 -39.31 -49.79 -5.31
N LEU C 393 -40.48 -49.32 -5.68
CA LEU C 393 -41.23 -48.38 -4.86
C LEU C 393 -42.17 -49.13 -3.92
N TYR C 394 -42.11 -48.79 -2.63
CA TYR C 394 -42.95 -49.42 -1.63
C TYR C 394 -43.66 -48.32 -0.86
N ARG C 395 -44.84 -48.64 -0.36
CA ARG C 395 -45.60 -47.70 0.44
C ARG C 395 -45.74 -48.37 1.77
N ILE C 396 -45.89 -47.59 2.83
CA ILE C 396 -46.06 -48.20 4.13
C ILE C 396 -47.03 -47.33 4.90
N GLN C 397 -47.98 -47.97 5.58
CA GLN C 397 -49.00 -47.25 6.33
C GLN C 397 -48.46 -46.85 7.70
N LEU C 398 -48.39 -45.55 7.95
CA LEU C 398 -47.84 -45.06 9.21
C LEU C 398 -48.51 -45.57 10.48
N ASN C 399 -49.75 -46.03 10.38
CA ASN C 399 -50.44 -46.55 11.58
C ASN C 399 -50.42 -48.07 11.68
N ASP C 400 -49.62 -48.71 10.84
CA ASP C 400 -49.47 -50.16 10.83
C ASP C 400 -48.31 -50.55 9.90
N TYR C 401 -47.10 -50.52 10.44
CA TYR C 401 -45.90 -50.83 9.68
C TYR C 401 -45.98 -52.21 9.05
N THR C 402 -47.07 -52.92 9.33
CA THR C 402 -47.31 -54.24 8.79
C THR C 402 -47.84 -54.09 7.39
N LYS C 403 -48.57 -53.01 7.16
CA LYS C 403 -49.14 -52.75 5.85
C LYS C 403 -48.19 -52.05 4.90
N VAL C 404 -47.40 -52.85 4.19
CA VAL C 404 -46.45 -52.33 3.22
C VAL C 404 -46.69 -53.00 1.87
N THR C 405 -46.85 -52.18 0.84
CA THR C 405 -47.14 -52.66 -0.49
C THR C 405 -46.09 -52.26 -1.49
N CYS C 406 -45.72 -53.16 -2.39
CA CYS C 406 -44.75 -52.81 -3.41
C CYS C 406 -45.48 -52.36 -4.68
N LEU C 407 -45.50 -51.05 -4.91
CA LEU C 407 -46.19 -50.49 -6.06
C LEU C 407 -45.50 -50.73 -7.39
N SER C 408 -44.28 -51.27 -7.38
CA SER C 408 -43.59 -51.47 -8.65
C SER C 408 -43.04 -52.87 -8.92
N CYS C 409 -42.96 -53.70 -7.89
CA CYS C 409 -42.42 -55.05 -8.05
C CYS C 409 -43.07 -55.90 -9.14
N GLU C 410 -44.39 -55.85 -9.26
CA GLU C 410 -45.01 -56.69 -10.26
C GLU C 410 -45.75 -56.03 -11.42
N LEU C 411 -45.25 -54.90 -11.93
CA LEU C 411 -45.91 -54.24 -13.05
C LEU C 411 -45.35 -54.76 -14.36
N ASN C 412 -44.06 -55.07 -14.34
CA ASN C 412 -43.36 -55.59 -15.52
C ASN C 412 -42.17 -56.39 -15.01
N PRO C 413 -42.44 -57.36 -14.12
CA PRO C 413 -41.47 -58.23 -13.47
C PRO C 413 -40.22 -58.61 -14.27
N GLU C 414 -40.38 -58.76 -15.59
CA GLU C 414 -39.25 -59.13 -16.43
C GLU C 414 -38.51 -57.92 -16.99
N ARG C 415 -39.26 -56.96 -17.51
CA ARG C 415 -38.67 -55.77 -18.09
C ARG C 415 -38.14 -54.74 -17.09
N CYS C 416 -38.80 -54.64 -15.93
CA CYS C 416 -38.46 -53.65 -14.90
C CYS C 416 -38.17 -54.16 -13.49
N GLN C 417 -36.95 -53.88 -13.01
CA GLN C 417 -36.55 -54.28 -11.66
C GLN C 417 -35.73 -53.18 -10.99
N TYR C 418 -35.55 -52.07 -11.71
CA TYR C 418 -34.78 -50.94 -11.20
C TYR C 418 -35.58 -49.66 -11.41
N TYR C 419 -36.25 -49.21 -10.37
CA TYR C 419 -37.07 -48.00 -10.49
C TYR C 419 -36.57 -46.80 -9.70
N SER C 420 -37.10 -45.64 -10.07
CA SER C 420 -36.86 -44.40 -9.36
C SER C 420 -38.24 -43.78 -9.49
N ALA C 421 -38.65 -42.99 -8.51
CA ALA C 421 -39.97 -42.38 -8.56
C ALA C 421 -39.99 -40.87 -8.38
N SER C 422 -41.04 -40.24 -8.90
CA SER C 422 -41.19 -38.82 -8.78
C SER C 422 -42.63 -38.47 -8.42
N PHE C 423 -42.89 -38.09 -7.18
CA PHE C 423 -44.25 -37.75 -6.79
C PHE C 423 -44.62 -36.29 -7.03
N SER C 424 -45.91 -36.04 -7.21
CA SER C 424 -46.42 -34.68 -7.39
C SER C 424 -46.52 -34.17 -5.96
N ASN C 425 -47.07 -32.98 -5.78
CA ASN C 425 -47.23 -32.43 -4.43
C ASN C 425 -48.25 -33.26 -3.67
N LYS C 426 -48.22 -33.18 -2.34
CA LYS C 426 -49.15 -33.95 -1.52
C LYS C 426 -49.03 -35.44 -1.86
N ALA C 427 -48.20 -35.75 -2.84
CA ALA C 427 -47.95 -37.12 -3.30
C ALA C 427 -49.22 -37.86 -3.71
N LYS C 428 -50.01 -37.25 -4.58
CA LYS C 428 -51.25 -37.86 -5.04
C LYS C 428 -51.04 -38.56 -6.37
N TYR C 429 -49.88 -38.32 -6.97
CA TYR C 429 -49.54 -38.94 -8.25
C TYR C 429 -48.04 -39.07 -8.32
N TYR C 430 -47.57 -39.97 -9.17
CA TYR C 430 -46.15 -40.16 -9.32
C TYR C 430 -45.76 -40.73 -10.66
N GLN C 431 -44.59 -40.33 -11.11
CA GLN C 431 -44.08 -40.86 -12.35
C GLN C 431 -43.17 -41.99 -11.89
N LEU C 432 -43.21 -43.12 -12.59
CA LEU C 432 -42.33 -44.22 -12.24
C LEU C 432 -41.34 -44.35 -13.36
N ARG C 433 -40.07 -44.36 -13.00
CA ARG C 433 -39.02 -44.50 -13.98
C ARG C 433 -38.39 -45.86 -13.79
N CYS C 434 -38.43 -46.64 -14.86
CA CYS C 434 -37.89 -47.98 -14.93
C CYS C 434 -36.67 -47.93 -15.82
N PHE C 435 -35.51 -48.35 -15.32
CA PHE C 435 -34.29 -48.30 -16.12
C PHE C 435 -33.76 -49.64 -16.64
N GLY C 436 -34.37 -50.74 -16.21
CA GLY C 436 -33.94 -52.05 -16.68
C GLY C 436 -34.56 -53.22 -15.92
N PRO C 437 -34.14 -54.46 -16.24
CA PRO C 437 -33.16 -54.77 -17.27
C PRO C 437 -33.65 -54.55 -18.69
N GLY C 438 -34.98 -54.46 -18.84
CA GLY C 438 -35.55 -54.26 -20.16
C GLY C 438 -35.36 -52.82 -20.60
N LEU C 439 -35.96 -52.43 -21.70
CA LEU C 439 -35.82 -51.06 -22.15
C LEU C 439 -36.49 -50.18 -21.13
N PRO C 440 -36.00 -48.96 -20.96
CA PRO C 440 -36.53 -47.98 -20.01
C PRO C 440 -38.02 -47.69 -20.23
N LEU C 441 -38.81 -47.76 -19.16
CA LEU C 441 -40.25 -47.51 -19.26
C LEU C 441 -40.76 -46.45 -18.27
N TYR C 442 -41.36 -45.39 -18.79
CA TYR C 442 -41.88 -44.33 -17.90
C TYR C 442 -43.39 -44.35 -17.91
N THR C 443 -44.00 -44.40 -16.73
CA THR C 443 -45.45 -44.41 -16.64
C THR C 443 -45.95 -43.47 -15.55
N LEU C 444 -47.24 -43.11 -15.62
CA LEU C 444 -47.86 -42.18 -14.68
C LEU C 444 -48.89 -42.89 -13.83
N HIS C 445 -48.84 -42.70 -12.51
CA HIS C 445 -49.74 -43.38 -11.60
C HIS C 445 -50.58 -42.54 -10.66
N SER C 446 -51.43 -43.23 -9.92
CA SER C 446 -52.31 -42.60 -8.95
C SER C 446 -51.98 -43.15 -7.58
N SER C 447 -51.87 -42.28 -6.60
CA SER C 447 -51.55 -42.76 -5.26
C SER C 447 -52.80 -43.35 -4.66
N SER C 448 -53.94 -42.78 -4.99
CA SER C 448 -55.19 -43.28 -4.44
C SER C 448 -55.67 -44.59 -5.06
N SER C 449 -55.63 -44.68 -6.38
CA SER C 449 -56.09 -45.88 -7.07
C SER C 449 -54.98 -46.81 -7.57
N ASP C 450 -53.73 -46.50 -7.20
CA ASP C 450 -52.58 -47.30 -7.62
C ASP C 450 -52.63 -47.74 -9.08
N LYS C 451 -53.53 -47.14 -9.86
CA LYS C 451 -53.66 -47.49 -11.27
C LYS C 451 -52.67 -46.75 -12.12
N GLU C 452 -52.46 -47.24 -13.33
CA GLU C 452 -51.53 -46.63 -14.25
C GLU C 452 -52.30 -45.77 -15.24
N LEU C 453 -52.33 -44.47 -14.95
CA LEU C 453 -53.04 -43.52 -15.79
C LEU C 453 -52.51 -43.45 -17.21
N ARG C 454 -51.21 -43.70 -17.39
CA ARG C 454 -50.65 -43.63 -18.73
C ARG C 454 -49.19 -44.00 -18.94
N VAL C 455 -48.83 -44.17 -20.21
CA VAL C 455 -47.48 -44.51 -20.59
C VAL C 455 -46.88 -43.24 -21.16
N LEU C 456 -45.79 -42.76 -20.55
CA LEU C 456 -45.16 -41.53 -20.99
C LEU C 456 -44.08 -41.83 -22.03
N GLU C 457 -43.48 -43.00 -21.93
CA GLU C 457 -42.45 -43.39 -22.88
C GLU C 457 -42.10 -44.84 -22.68
N ASP C 458 -42.21 -45.61 -23.76
CA ASP C 458 -41.91 -47.04 -23.74
C ASP C 458 -40.73 -47.43 -24.63
N ASN C 459 -40.11 -46.44 -25.27
CA ASN C 459 -38.98 -46.70 -26.13
C ASN C 459 -39.25 -47.76 -27.21
N SER C 460 -40.50 -47.86 -27.65
CA SER C 460 -40.81 -48.83 -28.69
C SER C 460 -39.87 -48.56 -29.87
N ALA C 461 -39.59 -47.28 -30.13
CA ALA C 461 -38.69 -46.92 -31.23
C ALA C 461 -37.36 -47.68 -31.16
N LEU C 462 -36.79 -47.77 -29.97
CA LEU C 462 -35.54 -48.47 -29.76
C LEU C 462 -35.76 -49.97 -29.92
N ASP C 463 -36.93 -50.44 -29.49
CA ASP C 463 -37.28 -51.85 -29.60
C ASP C 463 -37.10 -52.33 -31.04
N LYS C 464 -37.82 -51.68 -31.95
CA LYS C 464 -37.73 -52.04 -33.36
C LYS C 464 -36.26 -52.00 -33.75
N MET C 465 -35.66 -50.82 -33.61
CA MET C 465 -34.27 -50.61 -33.96
C MET C 465 -33.31 -51.69 -33.50
N LEU C 466 -33.63 -52.34 -32.38
CA LEU C 466 -32.75 -53.37 -31.83
C LEU C 466 -33.02 -54.81 -32.24
N GLN C 467 -34.19 -55.08 -32.83
CA GLN C 467 -34.52 -56.46 -33.22
C GLN C 467 -33.82 -56.86 -34.50
N ASP C 468 -33.02 -55.96 -35.02
CA ASP C 468 -32.27 -56.21 -36.24
C ASP C 468 -30.81 -56.55 -35.93
N VAL C 469 -30.38 -56.30 -34.69
CA VAL C 469 -28.99 -56.56 -34.29
C VAL C 469 -28.86 -57.68 -33.26
N GLN C 470 -27.65 -58.24 -33.18
CA GLN C 470 -27.36 -59.32 -32.26
C GLN C 470 -26.81 -58.78 -30.95
N MET C 471 -27.72 -58.43 -30.05
CA MET C 471 -27.31 -57.90 -28.76
C MET C 471 -26.76 -58.95 -27.82
N PRO C 472 -26.02 -58.51 -26.80
CA PRO C 472 -25.46 -59.46 -25.84
C PRO C 472 -26.50 -59.66 -24.76
N SER C 473 -26.21 -60.50 -23.79
CA SER C 473 -27.15 -60.76 -22.71
C SER C 473 -26.48 -60.56 -21.35
N LYS C 474 -27.09 -59.74 -20.51
CA LYS C 474 -26.56 -59.46 -19.19
C LYS C 474 -27.11 -60.46 -18.18
N LYS C 475 -26.26 -60.99 -17.31
CA LYS C 475 -26.76 -61.92 -16.33
C LYS C 475 -26.13 -61.74 -14.96
N LEU C 476 -26.98 -61.58 -13.96
CA LEU C 476 -26.53 -61.42 -12.59
C LEU C 476 -26.64 -62.77 -11.92
N ASP C 477 -25.64 -63.11 -11.13
CA ASP C 477 -25.59 -64.37 -10.40
C ASP C 477 -24.88 -64.13 -9.08
N VAL C 478 -24.30 -65.18 -8.51
CA VAL C 478 -23.66 -65.02 -7.22
C VAL C 478 -22.52 -66.01 -7.06
N ILE C 479 -21.56 -65.67 -6.20
CA ILE C 479 -20.45 -66.55 -5.90
C ILE C 479 -20.15 -66.32 -4.44
N ASN C 480 -19.36 -67.23 -3.87
CA ASN C 480 -19.03 -67.13 -2.46
C ASN C 480 -17.57 -66.86 -2.25
N LEU C 481 -17.31 -65.98 -1.29
CA LEU C 481 -15.97 -65.60 -0.90
C LEU C 481 -16.12 -65.33 0.57
N HIS C 482 -15.24 -65.91 1.39
CA HIS C 482 -15.29 -65.66 2.84
C HIS C 482 -16.61 -66.08 3.47
N GLY C 483 -17.29 -67.04 2.83
CA GLY C 483 -18.55 -67.51 3.35
C GLY C 483 -19.71 -66.65 2.91
N THR C 484 -19.40 -65.45 2.42
CA THR C 484 -20.42 -64.51 1.96
C THR C 484 -20.64 -64.55 0.45
N LYS C 485 -21.88 -64.34 0.05
CA LYS C 485 -22.24 -64.34 -1.36
C LYS C 485 -22.30 -62.90 -1.86
N PHE C 486 -21.59 -62.66 -2.96
CA PHE C 486 -21.55 -61.35 -3.58
C PHE C 486 -22.03 -61.54 -4.99
N TRP C 487 -22.63 -60.50 -5.54
CA TRP C 487 -23.18 -60.55 -6.89
C TRP C 487 -22.25 -60.13 -7.98
N TYR C 488 -22.39 -60.73 -9.14
CA TYR C 488 -21.57 -60.33 -10.26
C TYR C 488 -22.53 -60.30 -11.44
N GLN C 489 -22.02 -59.90 -12.58
CA GLN C 489 -22.81 -59.87 -13.78
C GLN C 489 -21.83 -60.09 -14.90
N MET C 490 -22.32 -60.57 -16.04
CA MET C 490 -21.48 -60.79 -17.20
C MET C 490 -22.25 -60.32 -18.41
N ILE C 491 -21.62 -59.59 -19.31
CA ILE C 491 -22.31 -59.17 -20.51
C ILE C 491 -21.92 -60.34 -21.41
N LEU C 492 -22.91 -61.05 -21.93
CA LEU C 492 -22.65 -62.22 -22.74
C LEU C 492 -22.86 -62.03 -24.23
N PRO C 493 -21.86 -62.40 -25.01
CA PRO C 493 -21.93 -62.27 -26.47
C PRO C 493 -23.16 -62.97 -27.07
N PRO C 494 -23.56 -62.55 -28.28
CA PRO C 494 -24.71 -63.09 -29.03
C PRO C 494 -24.50 -64.58 -29.31
N HIS C 495 -25.53 -65.40 -29.00
CA HIS C 495 -25.44 -66.84 -29.20
C HIS C 495 -24.30 -67.33 -28.33
N PHE C 496 -24.21 -66.78 -27.13
CA PHE C 496 -23.16 -67.15 -26.20
C PHE C 496 -22.85 -68.63 -26.37
N ASP C 497 -21.66 -68.93 -26.89
CA ASP C 497 -21.24 -70.31 -27.11
C ASP C 497 -21.57 -71.13 -25.88
N LYS C 498 -20.58 -71.74 -25.23
CA LYS C 498 -20.94 -72.57 -24.09
C LYS C 498 -19.76 -73.36 -23.60
N SER C 499 -19.11 -74.03 -24.54
CA SER C 499 -17.94 -74.82 -24.26
C SER C 499 -16.79 -74.05 -24.86
N LYS C 500 -17.10 -73.21 -25.84
CA LYS C 500 -16.07 -72.39 -26.46
C LYS C 500 -15.50 -71.49 -25.37
N LYS C 501 -14.22 -71.17 -25.47
CA LYS C 501 -13.59 -70.31 -24.49
C LYS C 501 -13.58 -68.87 -24.98
N TYR C 502 -14.07 -67.98 -24.13
CA TYR C 502 -14.13 -66.57 -24.45
C TYR C 502 -13.12 -65.80 -23.62
N PRO C 503 -12.67 -64.64 -24.13
CA PRO C 503 -11.72 -63.79 -23.42
C PRO C 503 -12.53 -62.92 -22.44
N LEU C 504 -12.07 -62.84 -21.19
CA LEU C 504 -12.75 -62.08 -20.15
C LEU C 504 -12.28 -60.65 -20.02
N LEU C 505 -13.15 -59.82 -19.48
CA LEU C 505 -12.82 -58.44 -19.22
C LEU C 505 -13.56 -58.03 -17.95
N ILE C 506 -12.81 -57.81 -16.88
CA ILE C 506 -13.41 -57.39 -15.65
C ILE C 506 -13.47 -55.87 -15.75
N GLU C 507 -14.66 -55.30 -15.57
CA GLU C 507 -14.85 -53.86 -15.58
C GLU C 507 -15.14 -53.57 -14.12
N VAL C 508 -14.24 -52.84 -13.47
CA VAL C 508 -14.39 -52.59 -12.05
C VAL C 508 -14.45 -51.15 -11.58
N TYR C 509 -15.20 -50.93 -10.51
CA TYR C 509 -15.25 -49.63 -9.86
C TYR C 509 -14.75 -49.92 -8.44
N ALA C 510 -15.51 -50.75 -7.73
CA ALA C 510 -15.15 -51.18 -6.37
C ALA C 510 -14.88 -50.13 -5.30
N GLY C 511 -15.38 -48.91 -5.49
CA GLY C 511 -15.17 -47.88 -4.49
C GLY C 511 -16.10 -48.12 -3.31
N PRO C 512 -15.83 -47.57 -2.13
CA PRO C 512 -16.77 -47.83 -1.04
C PRO C 512 -18.21 -47.40 -1.34
N CYS C 513 -19.16 -48.28 -1.00
CA CYS C 513 -20.61 -48.07 -1.19
C CYS C 513 -21.02 -48.00 -2.65
N SER C 514 -20.25 -48.65 -3.50
CA SER C 514 -20.53 -48.67 -4.92
C SER C 514 -21.35 -49.92 -5.24
N GLN C 515 -21.78 -50.01 -6.50
CA GLN C 515 -22.57 -51.11 -7.01
C GLN C 515 -22.43 -51.16 -8.52
N LYS C 516 -21.51 -51.98 -9.02
CA LYS C 516 -21.33 -52.10 -10.45
C LYS C 516 -22.31 -53.12 -11.01
N VAL C 517 -22.81 -53.99 -10.12
CA VAL C 517 -23.75 -55.02 -10.51
C VAL C 517 -25.18 -54.56 -10.28
N ASP C 518 -25.96 -54.48 -11.35
CA ASP C 518 -27.37 -54.08 -11.23
C ASP C 518 -28.20 -54.54 -12.43
N THR C 519 -29.46 -54.13 -12.43
CA THR C 519 -30.36 -54.54 -13.51
C THR C 519 -30.78 -53.40 -14.37
N VAL C 520 -29.87 -52.46 -14.58
CA VAL C 520 -30.15 -51.30 -15.41
C VAL C 520 -29.76 -51.61 -16.85
N PHE C 521 -30.57 -51.17 -17.79
CA PHE C 521 -30.28 -51.38 -19.21
C PHE C 521 -29.23 -50.32 -19.58
N ARG C 522 -28.17 -50.73 -20.27
CA ARG C 522 -27.10 -49.80 -20.66
C ARG C 522 -26.45 -50.11 -22.00
N LEU C 523 -26.56 -49.20 -22.96
CA LEU C 523 -25.90 -49.38 -24.25
C LEU C 523 -24.51 -48.82 -23.94
N SER C 524 -23.54 -49.71 -23.75
CA SER C 524 -22.21 -49.26 -23.39
C SER C 524 -21.09 -49.81 -24.24
N TRP C 525 -19.87 -49.44 -23.86
CA TRP C 525 -18.69 -49.94 -24.56
C TRP C 525 -18.63 -51.47 -24.44
N ALA C 526 -19.08 -52.01 -23.30
CA ALA C 526 -19.07 -53.48 -23.11
C ALA C 526 -20.03 -54.16 -24.10
N THR C 527 -21.17 -53.50 -24.32
CA THR C 527 -22.18 -53.99 -25.24
C THR C 527 -21.48 -54.34 -26.53
N TYR C 528 -20.76 -53.37 -27.07
CA TYR C 528 -20.02 -53.56 -28.32
C TYR C 528 -18.95 -54.64 -28.20
N LEU C 529 -18.22 -54.65 -27.08
CA LEU C 529 -17.17 -55.66 -26.87
C LEU C 529 -17.72 -57.09 -26.87
N ALA C 530 -18.95 -57.24 -26.39
CA ALA C 530 -19.60 -58.55 -26.34
C ALA C 530 -20.29 -58.88 -27.67
N SER C 531 -20.98 -57.89 -28.23
CA SER C 531 -21.69 -58.07 -29.48
C SER C 531 -20.75 -58.29 -30.67
N THR C 532 -19.93 -57.29 -30.95
CA THR C 532 -19.00 -57.34 -32.08
C THR C 532 -17.72 -58.09 -31.81
N GLU C 533 -17.09 -57.83 -30.65
CA GLU C 533 -15.81 -58.47 -30.34
C GLU C 533 -15.90 -59.84 -29.67
N ASN C 534 -17.11 -60.21 -29.23
CA ASN C 534 -17.29 -61.50 -28.59
C ASN C 534 -16.43 -61.61 -27.35
N ILE C 535 -16.50 -60.57 -26.52
CA ILE C 535 -15.75 -60.57 -25.29
C ILE C 535 -16.75 -60.57 -24.16
N ILE C 536 -16.51 -61.37 -23.15
CA ILE C 536 -17.42 -61.38 -22.02
C ILE C 536 -16.89 -60.22 -21.19
N VAL C 537 -17.80 -59.39 -20.67
CA VAL C 537 -17.40 -58.27 -19.84
C VAL C 537 -18.11 -58.41 -18.52
N ALA C 538 -17.35 -58.74 -17.48
CA ALA C 538 -17.96 -58.91 -16.17
C ALA C 538 -17.60 -57.88 -15.10
N SER C 539 -18.45 -57.80 -14.08
CA SER C 539 -18.27 -56.89 -12.95
C SER C 539 -18.58 -57.66 -11.68
N PHE C 540 -17.99 -57.25 -10.56
CA PHE C 540 -18.21 -57.93 -9.31
C PHE C 540 -18.24 -56.93 -8.17
N ASP C 541 -19.15 -57.15 -7.22
CA ASP C 541 -19.28 -56.27 -6.07
C ASP C 541 -18.90 -57.10 -4.87
N GLY C 542 -17.78 -56.76 -4.23
CA GLY C 542 -17.32 -57.51 -3.08
C GLY C 542 -17.27 -56.62 -1.86
N ARG C 543 -16.36 -56.92 -0.92
CA ARG C 543 -16.26 -56.10 0.27
C ARG C 543 -16.01 -54.65 -0.08
N GLY C 544 -16.70 -53.78 0.63
CA GLY C 544 -16.57 -52.35 0.39
C GLY C 544 -17.79 -51.80 -0.33
N SER C 545 -18.38 -52.58 -1.24
CA SER C 545 -19.55 -52.10 -1.96
C SER C 545 -20.69 -51.86 -1.02
N GLY C 546 -21.74 -51.20 -1.51
CA GLY C 546 -22.85 -50.89 -0.63
C GLY C 546 -24.21 -51.49 -0.96
N TYR C 547 -25.19 -51.08 -0.17
CA TYR C 547 -26.58 -51.53 -0.32
C TYR C 547 -26.80 -52.97 0.13
N GLN C 548 -25.91 -53.48 0.98
CA GLN C 548 -25.99 -54.85 1.47
C GLN C 548 -25.61 -54.94 2.95
N GLY C 549 -25.64 -53.81 3.65
CA GLY C 549 -25.28 -53.80 5.06
C GLY C 549 -23.89 -53.27 5.35
N ASP C 550 -23.71 -52.71 6.54
CA ASP C 550 -22.44 -52.13 6.96
C ASP C 550 -21.29 -53.15 7.06
N LYS C 551 -21.63 -54.42 7.25
CA LYS C 551 -20.60 -55.45 7.36
C LYS C 551 -19.79 -55.51 6.10
N ILE C 552 -20.49 -55.55 4.97
CA ILE C 552 -19.81 -55.61 3.68
C ILE C 552 -19.27 -54.24 3.23
N MET C 553 -19.96 -53.16 3.61
CA MET C 553 -19.51 -51.85 3.19
C MET C 553 -18.28 -51.34 3.95
N HIS C 554 -18.32 -51.46 5.28
CA HIS C 554 -17.22 -50.99 6.12
C HIS C 554 -16.04 -51.93 6.20
N ALA C 555 -16.01 -52.97 5.38
CA ALA C 555 -14.89 -53.90 5.45
C ALA C 555 -13.58 -53.23 5.04
N ILE C 556 -13.67 -52.18 4.23
CA ILE C 556 -12.45 -51.49 3.79
C ILE C 556 -12.19 -50.23 4.59
N ASN C 557 -12.90 -50.06 5.69
CA ASN C 557 -12.68 -48.86 6.50
C ASN C 557 -11.19 -48.73 6.84
N ARG C 558 -10.65 -47.52 6.62
CA ARG C 558 -9.24 -47.25 6.91
C ARG C 558 -8.27 -48.17 6.20
N ARG C 559 -8.73 -48.92 5.20
CA ARG C 559 -7.80 -49.79 4.50
C ARG C 559 -8.14 -49.94 3.02
N LEU C 560 -8.50 -48.83 2.37
CA LEU C 560 -8.82 -48.87 0.94
C LEU C 560 -7.61 -49.46 0.23
N GLY C 561 -7.85 -50.10 -0.90
CA GLY C 561 -6.75 -50.69 -1.65
C GLY C 561 -6.51 -52.12 -1.22
N THR C 562 -7.28 -52.64 -0.28
CA THR C 562 -7.08 -54.01 0.17
C THR C 562 -8.17 -54.99 -0.28
N PHE C 563 -9.10 -55.32 0.61
CA PHE C 563 -10.16 -56.28 0.29
C PHE C 563 -10.89 -56.05 -1.04
N GLU C 564 -11.30 -54.82 -1.32
CA GLU C 564 -12.01 -54.56 -2.59
C GLU C 564 -11.18 -54.97 -3.81
N VAL C 565 -9.86 -54.93 -3.66
CA VAL C 565 -8.94 -55.26 -4.74
C VAL C 565 -8.75 -56.76 -4.76
N GLU C 566 -8.41 -57.27 -3.58
CA GLU C 566 -8.19 -58.70 -3.40
C GLU C 566 -9.43 -59.47 -3.82
N ASP C 567 -10.61 -58.92 -3.50
CA ASP C 567 -11.83 -59.61 -3.89
C ASP C 567 -12.02 -59.62 -5.41
N GLN C 568 -11.50 -58.61 -6.10
CA GLN C 568 -11.64 -58.61 -7.55
C GLN C 568 -10.82 -59.76 -8.11
N ILE C 569 -9.60 -59.91 -7.59
CA ILE C 569 -8.71 -60.98 -8.05
C ILE C 569 -9.30 -62.38 -7.83
N GLU C 570 -9.82 -62.63 -6.63
CA GLU C 570 -10.38 -63.93 -6.31
C GLU C 570 -11.61 -64.30 -7.15
N ALA C 571 -12.50 -63.34 -7.36
CA ALA C 571 -13.71 -63.58 -8.16
C ALA C 571 -13.33 -63.85 -9.60
N THR C 572 -12.31 -63.16 -10.08
CA THR C 572 -11.85 -63.34 -11.45
C THR C 572 -11.24 -64.72 -11.59
N ARG C 573 -10.71 -65.24 -10.48
CA ARG C 573 -10.12 -66.57 -10.47
C ARG C 573 -11.24 -67.59 -10.60
N GLN C 574 -12.30 -67.42 -9.82
CA GLN C 574 -13.42 -68.33 -9.93
C GLN C 574 -14.08 -68.21 -11.29
N PHE C 575 -14.13 -66.99 -11.85
CA PHE C 575 -14.75 -66.80 -13.16
C PHE C 575 -13.96 -67.62 -14.16
N SER C 576 -12.65 -67.66 -13.99
CA SER C 576 -11.78 -68.42 -14.88
C SER C 576 -11.91 -69.93 -14.63
N LYS C 577 -12.41 -70.31 -13.46
CA LYS C 577 -12.58 -71.74 -13.16
C LYS C 577 -13.63 -72.26 -14.14
N MET C 578 -14.65 -71.44 -14.38
CA MET C 578 -15.72 -71.80 -15.30
C MET C 578 -15.12 -72.13 -16.67
N GLY C 579 -15.80 -73.01 -17.40
CA GLY C 579 -15.28 -73.45 -18.69
C GLY C 579 -15.38 -72.59 -19.93
N PHE C 580 -16.10 -71.48 -19.87
CA PHE C 580 -16.22 -70.65 -21.06
C PHE C 580 -15.25 -69.47 -21.08
N VAL C 581 -14.31 -69.44 -20.14
CA VAL C 581 -13.33 -68.37 -20.04
C VAL C 581 -11.93 -68.76 -20.50
N ASP C 582 -11.36 -67.98 -21.41
CA ASP C 582 -10.00 -68.27 -21.86
C ASP C 582 -9.05 -67.62 -20.87
N ASP C 583 -8.59 -68.38 -19.87
CA ASP C 583 -7.69 -67.87 -18.84
C ASP C 583 -6.41 -67.18 -19.36
N LYS C 584 -6.05 -67.48 -20.60
CA LYS C 584 -4.87 -66.87 -21.19
C LYS C 584 -5.16 -65.45 -21.67
N ARG C 585 -6.42 -65.02 -21.56
CA ARG C 585 -6.81 -63.70 -22.02
C ARG C 585 -7.78 -62.97 -21.11
N ILE C 586 -7.38 -62.76 -19.86
CA ILE C 586 -8.21 -62.03 -18.91
C ILE C 586 -7.62 -60.62 -18.76
N ALA C 587 -8.46 -59.61 -18.89
CA ALA C 587 -7.99 -58.24 -18.75
C ALA C 587 -8.87 -57.52 -17.73
N ILE C 588 -8.58 -56.25 -17.49
CA ILE C 588 -9.38 -55.50 -16.53
C ILE C 588 -9.21 -54.01 -16.77
N TRP C 589 -10.27 -53.25 -16.48
CA TRP C 589 -10.20 -51.80 -16.64
C TRP C 589 -11.15 -51.10 -15.68
N GLY C 590 -10.98 -49.79 -15.55
CA GLY C 590 -11.80 -49.00 -14.66
C GLY C 590 -11.51 -47.53 -14.83
N TRP C 591 -12.36 -46.69 -14.24
CA TRP C 591 -12.25 -45.24 -14.36
C TRP C 591 -12.32 -44.61 -12.97
N SER C 592 -11.39 -43.72 -12.65
CA SER C 592 -11.35 -43.11 -11.32
C SER C 592 -10.99 -44.24 -10.35
N TYR C 593 -11.86 -44.52 -9.39
CA TYR C 593 -11.62 -45.60 -8.42
C TYR C 593 -11.40 -46.89 -9.17
N GLY C 594 -12.13 -47.07 -10.27
CA GLY C 594 -11.96 -48.25 -11.07
C GLY C 594 -10.53 -48.33 -11.56
N GLY C 595 -9.97 -47.21 -12.02
CA GLY C 595 -8.60 -47.18 -12.50
C GLY C 595 -7.59 -47.49 -11.40
N TYR C 596 -7.86 -46.99 -10.19
CA TYR C 596 -6.98 -47.24 -9.06
C TYR C 596 -6.94 -48.75 -8.80
N VAL C 597 -8.12 -49.34 -8.61
CA VAL C 597 -8.22 -50.77 -8.34
C VAL C 597 -7.67 -51.58 -9.49
N THR C 598 -7.90 -51.12 -10.71
CA THR C 598 -7.39 -51.82 -11.90
C THR C 598 -5.87 -51.87 -11.69
N SER C 599 -5.33 -50.71 -11.36
CA SER C 599 -3.91 -50.56 -11.14
C SER C 599 -3.40 -51.42 -10.00
N MET C 600 -4.09 -51.35 -8.86
CA MET C 600 -3.72 -52.13 -7.69
C MET C 600 -3.83 -53.62 -7.96
N VAL C 601 -4.82 -54.02 -8.76
CA VAL C 601 -5.00 -55.42 -9.12
C VAL C 601 -3.83 -55.75 -10.03
N LEU C 602 -3.72 -55.11 -11.19
CA LEU C 602 -2.60 -55.38 -12.08
C LEU C 602 -1.27 -55.34 -11.35
N GLY C 603 -1.20 -54.59 -10.27
CA GLY C 603 0.03 -54.48 -9.49
C GLY C 603 0.24 -55.57 -8.45
N ALA C 604 -0.77 -56.40 -8.24
CA ALA C 604 -0.68 -57.48 -7.25
C ALA C 604 0.09 -58.72 -7.73
N GLY C 605 0.54 -58.74 -8.98
CA GLY C 605 1.28 -59.90 -9.46
C GLY C 605 0.53 -61.21 -9.24
N SER C 606 -0.75 -61.25 -9.61
CA SER C 606 -1.54 -62.46 -9.42
C SER C 606 -1.49 -63.42 -10.58
N GLY C 607 -0.79 -63.07 -11.65
CA GLY C 607 -0.70 -63.94 -12.81
C GLY C 607 -2.04 -64.11 -13.53
N VAL C 608 -3.09 -63.59 -12.92
CA VAL C 608 -4.42 -63.70 -13.50
C VAL C 608 -4.66 -62.81 -14.71
N PHE C 609 -4.22 -61.56 -14.63
CA PHE C 609 -4.46 -60.60 -15.69
C PHE C 609 -3.31 -60.39 -16.65
N LYS C 610 -3.65 -60.30 -17.93
CA LYS C 610 -2.69 -60.13 -19.00
C LYS C 610 -2.36 -58.67 -19.26
N CYS C 611 -3.38 -57.83 -19.23
CA CYS C 611 -3.20 -56.43 -19.50
C CYS C 611 -4.23 -55.66 -18.67
N GLY C 612 -4.32 -54.34 -18.88
CA GLY C 612 -5.26 -53.52 -18.14
C GLY C 612 -5.18 -52.05 -18.51
N ILE C 613 -6.29 -51.34 -18.36
CA ILE C 613 -6.36 -49.93 -18.67
C ILE C 613 -6.93 -49.18 -17.49
N ALA C 614 -6.23 -48.13 -17.07
CA ALA C 614 -6.70 -47.32 -15.95
C ALA C 614 -6.91 -45.93 -16.49
N VAL C 615 -8.08 -45.36 -16.20
CA VAL C 615 -8.42 -44.01 -16.67
C VAL C 615 -8.60 -43.05 -15.50
N ALA C 616 -7.86 -41.95 -15.54
CA ALA C 616 -7.90 -40.94 -14.49
C ALA C 616 -7.98 -41.64 -13.13
N PRO C 617 -6.97 -42.45 -12.82
CA PRO C 617 -6.97 -43.18 -11.54
C PRO C 617 -6.37 -42.42 -10.40
N VAL C 618 -6.72 -42.85 -9.20
CA VAL C 618 -6.13 -42.28 -8.01
C VAL C 618 -4.88 -43.16 -7.92
N SER C 619 -3.76 -42.60 -7.46
CA SER C 619 -2.54 -43.39 -7.36
C SER C 619 -2.01 -43.38 -5.94
N LYS C 620 -2.32 -42.32 -5.21
CA LYS C 620 -1.86 -42.17 -3.83
C LYS C 620 -2.91 -41.29 -3.17
N TRP C 621 -3.56 -41.85 -2.13
CA TRP C 621 -4.64 -41.17 -1.42
C TRP C 621 -4.36 -39.79 -0.86
N GLU C 622 -3.09 -39.47 -0.65
CA GLU C 622 -2.76 -38.16 -0.14
C GLU C 622 -3.02 -37.13 -1.23
N TYR C 623 -3.19 -37.61 -2.46
CA TYR C 623 -3.43 -36.71 -3.57
C TYR C 623 -4.88 -36.35 -3.68
N TYR C 624 -5.75 -37.12 -3.04
CA TYR C 624 -7.16 -36.84 -3.14
C TYR C 624 -7.67 -35.87 -2.10
N ASP C 625 -8.87 -35.36 -2.29
CA ASP C 625 -9.41 -34.38 -1.35
C ASP C 625 -9.75 -34.95 0.03
N SER C 626 -9.74 -34.06 1.01
CA SER C 626 -9.98 -34.43 2.38
C SER C 626 -11.33 -35.06 2.74
N VAL C 627 -12.42 -34.42 2.33
CA VAL C 627 -13.74 -34.89 2.67
C VAL C 627 -14.02 -36.34 2.31
N TYR C 628 -13.52 -36.78 1.15
CA TYR C 628 -13.76 -38.15 0.73
C TYR C 628 -12.72 -39.10 1.34
N THR C 629 -11.46 -38.84 1.06
CA THR C 629 -10.37 -39.67 1.54
C THR C 629 -10.44 -39.84 3.07
N GLU C 630 -10.49 -38.75 3.81
CA GLU C 630 -10.53 -38.79 5.27
C GLU C 630 -11.73 -39.57 5.82
N ARG C 631 -12.80 -39.60 5.06
CA ARG C 631 -14.00 -40.31 5.47
C ARG C 631 -13.73 -41.81 5.59
N TYR C 632 -12.79 -42.31 4.81
CA TYR C 632 -12.46 -43.73 4.84
C TYR C 632 -11.12 -44.04 5.48
N MET C 633 -10.12 -43.19 5.26
CA MET C 633 -8.78 -43.43 5.77
C MET C 633 -8.37 -42.67 7.01
N GLY C 634 -9.15 -41.67 7.42
CA GLY C 634 -8.77 -40.88 8.58
C GLY C 634 -7.66 -39.90 8.18
N LEU C 635 -6.79 -39.53 9.11
CA LEU C 635 -5.69 -38.60 8.80
C LEU C 635 -4.38 -39.31 8.51
N PRO C 636 -3.65 -38.86 7.48
CA PRO C 636 -2.36 -39.44 7.07
C PRO C 636 -1.21 -39.11 8.00
N THR C 637 -1.50 -39.02 9.29
CA THR C 637 -0.46 -38.72 10.27
C THR C 637 -0.02 -39.96 11.00
N PRO C 638 1.25 -40.00 11.42
CA PRO C 638 1.72 -41.19 12.13
C PRO C 638 0.88 -41.51 13.37
N GLU C 639 0.25 -40.49 13.95
CA GLU C 639 -0.59 -40.71 15.14
C GLU C 639 -1.94 -41.27 14.72
N ASP C 640 -2.24 -41.23 13.43
CA ASP C 640 -3.51 -41.73 12.93
C ASP C 640 -3.34 -42.97 12.06
N ASN C 641 -3.57 -42.83 10.76
CA ASN C 641 -3.49 -43.97 9.86
C ASN C 641 -2.49 -43.83 8.73
N LEU C 642 -1.40 -43.09 8.93
CA LEU C 642 -0.41 -42.92 7.87
C LEU C 642 0.12 -44.22 7.29
N ASP C 643 0.16 -45.29 8.08
CA ASP C 643 0.67 -46.55 7.54
C ASP C 643 -0.10 -47.06 6.33
N TYR C 644 -1.42 -47.24 6.48
CA TYR C 644 -2.23 -47.73 5.39
C TYR C 644 -2.33 -46.77 4.22
N TYR C 645 -1.98 -45.51 4.47
CA TYR C 645 -1.96 -44.53 3.40
C TYR C 645 -0.72 -44.93 2.58
N ARG C 646 0.43 -44.99 3.26
CA ARG C 646 1.73 -45.30 2.65
C ARG C 646 1.80 -46.57 1.82
N ASN C 647 1.40 -47.70 2.40
CA ASN C 647 1.48 -48.97 1.69
C ASN C 647 0.28 -49.22 0.78
N SER C 648 -0.45 -48.17 0.44
CA SER C 648 -1.61 -48.31 -0.43
C SER C 648 -1.52 -47.44 -1.67
N THR C 649 -0.33 -47.03 -2.05
CA THR C 649 -0.22 -46.24 -3.28
C THR C 649 -0.02 -47.28 -4.37
N VAL C 650 -0.15 -46.87 -5.62
CA VAL C 650 0.04 -47.81 -6.70
C VAL C 650 1.53 -47.89 -6.97
N MET C 651 2.25 -46.80 -6.70
CA MET C 651 3.69 -46.77 -6.91
C MET C 651 4.40 -47.85 -6.10
N SER C 652 3.87 -48.17 -4.94
CA SER C 652 4.48 -49.19 -4.09
C SER C 652 4.52 -50.57 -4.75
N ARG C 653 3.64 -50.79 -5.72
CA ARG C 653 3.55 -52.07 -6.45
C ARG C 653 4.08 -51.97 -7.88
N ALA C 654 4.95 -51.00 -8.14
CA ALA C 654 5.48 -50.79 -9.49
C ALA C 654 6.25 -51.92 -10.14
N GLU C 655 7.11 -52.59 -9.39
CA GLU C 655 7.91 -53.69 -9.95
C GLU C 655 7.01 -54.72 -10.65
N ASN C 656 5.88 -55.06 -10.03
CA ASN C 656 4.96 -56.03 -10.58
C ASN C 656 4.34 -55.71 -11.93
N PHE C 657 4.32 -54.44 -12.32
CA PHE C 657 3.73 -54.11 -13.60
C PHE C 657 4.61 -54.67 -14.70
N LYS C 658 5.75 -55.23 -14.34
CA LYS C 658 6.63 -55.77 -15.36
C LYS C 658 5.99 -57.02 -15.94
N GLN C 659 4.98 -57.52 -15.25
CA GLN C 659 4.31 -58.74 -15.68
C GLN C 659 3.03 -58.57 -16.50
N VAL C 660 2.70 -57.33 -16.88
CA VAL C 660 1.46 -57.09 -17.62
C VAL C 660 1.55 -55.94 -18.60
N GLU C 661 0.65 -55.91 -19.60
CA GLU C 661 0.60 -54.82 -20.57
C GLU C 661 -0.32 -53.81 -19.91
N TYR C 662 0.10 -52.57 -19.79
CA TYR C 662 -0.68 -51.55 -19.08
C TYR C 662 -0.87 -50.26 -19.89
N LEU C 663 -2.08 -49.72 -19.83
CA LEU C 663 -2.41 -48.50 -20.52
C LEU C 663 -2.87 -47.51 -19.46
N LEU C 664 -2.20 -46.34 -19.39
CA LEU C 664 -2.54 -45.31 -18.39
C LEU C 664 -3.08 -44.07 -19.08
N ILE C 665 -4.30 -43.69 -18.73
CA ILE C 665 -4.96 -42.56 -19.35
C ILE C 665 -5.44 -41.53 -18.34
N HIS C 666 -5.24 -40.25 -18.66
CA HIS C 666 -5.67 -39.18 -17.75
C HIS C 666 -5.86 -37.86 -18.53
N GLY C 667 -6.86 -37.09 -18.11
CA GLY C 667 -7.13 -35.80 -18.73
C GLY C 667 -6.30 -34.75 -17.99
N THR C 668 -5.56 -33.94 -18.73
CA THR C 668 -4.68 -32.95 -18.14
C THR C 668 -5.43 -31.88 -17.37
N ALA C 669 -6.72 -31.77 -17.63
CA ALA C 669 -7.52 -30.78 -16.94
C ALA C 669 -8.44 -31.40 -15.89
N ASP C 670 -8.10 -32.60 -15.42
CA ASP C 670 -8.93 -33.25 -14.41
C ASP C 670 -8.77 -32.51 -13.09
N ASP C 671 -9.82 -31.80 -12.68
CA ASP C 671 -9.83 -31.02 -11.45
C ASP C 671 -10.22 -31.89 -10.24
N ASN C 672 -10.60 -33.12 -10.54
CA ASN C 672 -11.05 -34.06 -9.53
C ASN C 672 -9.90 -34.94 -9.06
N VAL C 673 -9.42 -35.78 -9.96
CA VAL C 673 -8.27 -36.64 -9.70
C VAL C 673 -7.26 -35.92 -10.58
N HIS C 674 -6.42 -35.12 -9.95
CA HIS C 674 -5.45 -34.34 -10.68
C HIS C 674 -4.54 -35.17 -11.55
N PHE C 675 -4.14 -34.60 -12.67
CA PHE C 675 -3.26 -35.27 -13.59
C PHE C 675 -2.05 -35.73 -12.75
N GLN C 676 -1.79 -34.97 -11.67
CA GLN C 676 -0.72 -35.24 -10.72
C GLN C 676 -0.62 -36.70 -10.37
N GLN C 677 -1.77 -37.27 -10.04
CA GLN C 677 -1.86 -38.67 -9.68
C GLN C 677 -1.25 -39.56 -10.73
N SER C 678 -1.54 -39.29 -12.00
CA SER C 678 -0.99 -40.13 -13.03
C SER C 678 0.44 -39.84 -13.36
N ALA C 679 0.82 -38.57 -13.25
CA ALA C 679 2.19 -38.18 -13.55
C ALA C 679 3.10 -38.87 -12.54
N GLN C 680 2.70 -38.84 -11.26
CA GLN C 680 3.50 -39.46 -10.22
C GLN C 680 3.59 -40.95 -10.40
N LEU C 681 2.51 -41.57 -10.87
CA LEU C 681 2.51 -43.01 -11.08
C LEU C 681 3.42 -43.43 -12.23
N SER C 682 3.34 -42.71 -13.35
CA SER C 682 4.16 -43.04 -14.52
C SER C 682 5.64 -42.90 -14.18
N LYS C 683 5.96 -41.88 -13.40
CA LYS C 683 7.33 -41.61 -12.98
C LYS C 683 7.92 -42.81 -12.27
N ALA C 684 7.20 -43.35 -11.28
CA ALA C 684 7.67 -44.52 -10.53
C ALA C 684 7.86 -45.71 -11.46
N LEU C 685 6.87 -45.98 -12.31
CA LEU C 685 6.97 -47.08 -13.27
C LEU C 685 8.20 -46.90 -14.14
N VAL C 686 8.48 -45.65 -14.53
CA VAL C 686 9.63 -45.32 -15.35
C VAL C 686 10.91 -45.51 -14.55
N ASP C 687 10.84 -45.16 -13.28
CA ASP C 687 11.97 -45.31 -12.39
C ASP C 687 12.25 -46.78 -12.17
N ALA C 688 11.19 -47.58 -12.14
CA ALA C 688 11.30 -49.02 -11.92
C ALA C 688 11.73 -49.77 -13.18
N GLY C 689 11.78 -49.07 -14.30
CA GLY C 689 12.18 -49.69 -15.56
C GLY C 689 11.05 -50.55 -16.10
N VAL C 690 9.83 -50.03 -16.03
CA VAL C 690 8.66 -50.75 -16.50
C VAL C 690 8.11 -50.13 -17.78
N ASP C 691 7.90 -50.93 -18.83
CA ASP C 691 7.32 -50.32 -20.02
C ASP C 691 5.81 -50.31 -19.84
N PHE C 692 5.14 -49.48 -20.62
CA PHE C 692 3.70 -49.35 -20.53
C PHE C 692 3.31 -48.21 -21.44
N GLN C 693 2.05 -48.18 -21.87
CA GLN C 693 1.62 -47.12 -22.76
C GLN C 693 1.02 -45.98 -21.97
N THR C 694 0.79 -44.87 -22.63
CA THR C 694 0.22 -43.73 -21.94
C THR C 694 -0.64 -42.92 -22.88
N MET C 695 -1.54 -42.13 -22.33
CA MET C 695 -2.36 -41.29 -23.18
C MET C 695 -2.93 -40.14 -22.39
N TRP C 696 -2.44 -38.93 -22.66
CA TRP C 696 -2.93 -37.76 -21.98
C TRP C 696 -3.96 -37.15 -22.91
N TYR C 697 -5.01 -36.59 -22.34
CA TYR C 697 -6.02 -35.91 -23.15
C TYR C 697 -6.05 -34.43 -22.76
N THR C 698 -5.51 -33.61 -23.67
CA THR C 698 -5.38 -32.16 -23.49
C THR C 698 -6.67 -31.40 -23.18
N ASP C 699 -6.70 -30.78 -22.01
CA ASP C 699 -7.82 -30.00 -21.54
C ASP C 699 -9.10 -30.76 -21.22
N GLU C 700 -9.02 -32.09 -21.20
CA GLU C 700 -10.19 -32.89 -20.84
C GLU C 700 -10.25 -33.03 -19.32
N ASP C 701 -11.43 -32.89 -18.72
CA ASP C 701 -11.55 -33.02 -17.27
C ASP C 701 -11.81 -34.48 -16.84
N HIS C 702 -12.31 -34.66 -15.62
CA HIS C 702 -12.54 -36.03 -15.10
C HIS C 702 -13.31 -36.91 -16.04
N GLY C 703 -14.28 -36.33 -16.72
CA GLY C 703 -15.08 -37.10 -17.64
C GLY C 703 -14.45 -37.43 -18.97
N ILE C 704 -13.50 -36.61 -19.44
CA ILE C 704 -12.91 -36.83 -20.76
C ILE C 704 -14.18 -36.99 -21.61
N ALA C 705 -15.04 -35.98 -21.48
CA ALA C 705 -16.34 -35.95 -22.09
C ALA C 705 -16.60 -35.13 -23.36
N SER C 706 -15.62 -34.44 -23.91
CA SER C 706 -15.91 -33.70 -25.13
C SER C 706 -16.25 -34.80 -26.15
N ASN C 707 -17.08 -34.50 -27.15
CA ASN C 707 -17.45 -35.53 -28.12
C ASN C 707 -16.29 -36.23 -28.81
N MET C 708 -15.32 -35.46 -29.28
CA MET C 708 -14.16 -36.02 -29.96
C MET C 708 -13.27 -36.83 -29.03
N ALA C 709 -13.09 -36.32 -27.81
CA ALA C 709 -12.25 -37.00 -26.80
C ALA C 709 -12.83 -38.37 -26.46
N HIS C 710 -14.11 -38.38 -26.16
CA HIS C 710 -14.88 -39.58 -25.84
C HIS C 710 -14.71 -40.67 -26.91
N GLN C 711 -14.80 -40.28 -28.17
CA GLN C 711 -14.65 -41.26 -29.24
C GLN C 711 -13.22 -41.77 -29.33
N HIS C 712 -12.28 -40.81 -29.23
CA HIS C 712 -10.86 -41.10 -29.29
C HIS C 712 -10.39 -42.10 -28.21
N ILE C 713 -10.81 -41.88 -26.97
CA ILE C 713 -10.38 -42.77 -25.91
C ILE C 713 -10.95 -44.20 -26.08
N TYR C 714 -12.23 -44.32 -26.40
CA TYR C 714 -12.79 -45.66 -26.58
C TYR C 714 -12.20 -46.30 -27.83
N THR C 715 -11.88 -45.48 -28.82
CA THR C 715 -11.27 -46.02 -30.02
C THR C 715 -9.90 -46.53 -29.61
N HIS C 716 -9.22 -45.74 -28.80
CA HIS C 716 -7.87 -46.08 -28.37
C HIS C 716 -7.86 -47.30 -27.45
N MET C 717 -8.71 -47.30 -26.42
CA MET C 717 -8.78 -48.45 -25.49
C MET C 717 -9.18 -49.73 -26.23
N SER C 718 -9.98 -49.58 -27.28
CA SER C 718 -10.42 -50.74 -28.04
C SER C 718 -9.27 -51.39 -28.79
N HIS C 719 -8.38 -50.59 -29.35
CA HIS C 719 -7.24 -51.13 -30.09
C HIS C 719 -6.34 -51.90 -29.15
N PHE C 720 -6.07 -51.28 -28.01
CA PHE C 720 -5.22 -51.86 -26.98
C PHE C 720 -5.80 -53.19 -26.51
N LEU C 721 -7.05 -53.15 -26.08
CA LEU C 721 -7.74 -54.33 -25.58
C LEU C 721 -7.73 -55.46 -26.62
N LYS C 722 -7.97 -55.14 -27.89
CA LYS C 722 -7.98 -56.16 -28.91
C LYS C 722 -6.59 -56.67 -29.24
N GLN C 723 -5.59 -55.80 -29.09
CA GLN C 723 -4.20 -56.21 -29.34
C GLN C 723 -3.82 -57.21 -28.26
N CYS C 724 -4.18 -56.90 -27.02
CA CYS C 724 -3.89 -57.75 -25.89
C CYS C 724 -4.56 -59.10 -26.05
N PHE C 725 -5.69 -59.11 -26.74
CA PHE C 725 -6.45 -60.34 -26.95
C PHE C 725 -6.18 -60.97 -28.30
N SER C 726 -5.35 -60.31 -29.11
CA SER C 726 -5.05 -60.83 -30.44
C SER C 726 -6.38 -60.92 -31.20
N LEU C 727 -7.07 -59.78 -31.31
CA LEU C 727 -8.36 -59.72 -31.99
C LEU C 727 -8.34 -58.83 -33.23
N PRO C 728 -8.88 -59.32 -34.37
CA PRO C 728 -8.91 -58.55 -35.62
C PRO C 728 -10.01 -57.48 -35.68
N SER D 1 28.68 -66.20 -33.83
CA SER D 1 29.98 -65.85 -33.19
C SER D 1 29.96 -64.47 -32.54
N ARG D 2 30.46 -63.46 -33.25
CA ARG D 2 30.52 -62.11 -32.73
C ARG D 2 29.16 -61.51 -32.38
N ARG D 3 29.13 -60.84 -31.23
CA ARG D 3 27.94 -60.20 -30.69
C ARG D 3 27.60 -59.00 -31.54
N THR D 4 26.36 -58.51 -31.40
CA THR D 4 25.93 -57.33 -32.12
C THR D 4 25.84 -56.24 -31.07
N TYR D 5 25.70 -54.99 -31.50
CA TYR D 5 25.62 -53.87 -30.56
C TYR D 5 24.17 -53.78 -30.07
N THR D 6 23.94 -54.21 -28.83
CA THR D 6 22.61 -54.23 -28.26
C THR D 6 22.08 -52.88 -27.81
N LEU D 7 20.76 -52.84 -27.61
CA LEU D 7 20.10 -51.64 -27.13
C LEU D 7 20.64 -51.42 -25.72
N THR D 8 20.90 -52.52 -25.00
CA THR D 8 21.44 -52.47 -23.64
C THR D 8 22.84 -51.91 -23.68
N ASP D 9 23.62 -52.32 -24.67
CA ASP D 9 24.98 -51.83 -24.82
C ASP D 9 24.94 -50.32 -24.92
N TYR D 10 23.97 -49.81 -25.66
CA TYR D 10 23.84 -48.39 -25.83
C TYR D 10 23.33 -47.66 -24.58
N LEU D 11 22.32 -48.22 -23.93
CA LEU D 11 21.74 -47.59 -22.75
C LEU D 11 22.68 -47.58 -21.54
N LYS D 12 23.51 -48.61 -21.41
CA LYS D 12 24.42 -48.69 -20.27
C LYS D 12 25.87 -48.41 -20.63
N SER D 13 26.07 -47.89 -21.83
CA SER D 13 27.41 -47.54 -22.32
C SER D 13 28.46 -48.60 -22.04
N THR D 14 28.10 -49.86 -22.25
CA THR D 14 29.03 -50.97 -22.02
C THR D 14 30.41 -50.69 -22.64
N PHE D 15 30.42 -50.03 -23.80
CA PHE D 15 31.68 -49.70 -24.48
C PHE D 15 32.00 -48.20 -24.32
N ARG D 16 33.01 -47.87 -23.50
CA ARG D 16 33.38 -46.48 -23.25
C ARG D 16 34.29 -45.84 -24.26
N VAL D 17 33.98 -44.60 -24.63
CA VAL D 17 34.81 -43.85 -25.57
C VAL D 17 35.64 -42.89 -24.72
N LYS D 18 36.91 -43.20 -24.52
CA LYS D 18 37.76 -42.34 -23.72
C LYS D 18 38.12 -41.07 -24.46
N PHE D 19 38.29 -39.99 -23.71
CA PHE D 19 38.68 -38.68 -24.26
C PHE D 19 39.88 -38.17 -23.46
N TYR D 20 40.16 -36.88 -23.56
CA TYR D 20 41.28 -36.32 -22.84
C TYR D 20 41.07 -34.83 -22.67
N THR D 21 40.53 -34.44 -21.51
CA THR D 21 40.28 -33.04 -21.23
C THR D 21 41.42 -32.40 -20.48
N LEU D 22 41.95 -31.31 -21.03
CA LEU D 22 43.05 -30.62 -20.39
C LEU D 22 42.82 -29.13 -20.32
N GLN D 23 43.45 -28.47 -19.35
CA GLN D 23 43.32 -27.03 -19.22
C GLN D 23 44.67 -26.36 -19.40
N TRP D 24 44.86 -25.67 -20.52
CA TRP D 24 46.11 -24.96 -20.76
C TRP D 24 46.15 -23.81 -19.76
N ILE D 25 47.23 -23.68 -19.00
CA ILE D 25 47.31 -22.58 -18.04
C ILE D 25 48.47 -21.62 -18.34
N SER D 26 49.32 -22.00 -19.29
CA SER D 26 50.46 -21.17 -19.70
C SER D 26 50.71 -21.46 -21.16
N ASP D 27 51.78 -20.92 -21.72
CA ASP D 27 52.08 -21.16 -23.11
C ASP D 27 52.75 -22.52 -23.35
N HIS D 28 53.01 -23.25 -22.28
CA HIS D 28 53.65 -24.56 -22.43
C HIS D 28 53.27 -25.58 -21.37
N GLU D 29 52.28 -25.25 -20.55
CA GLU D 29 51.83 -26.15 -19.48
C GLU D 29 50.31 -26.32 -19.46
N TYR D 30 49.85 -27.46 -18.97
CA TYR D 30 48.41 -27.68 -18.84
C TYR D 30 48.10 -28.60 -17.68
N LEU D 31 46.90 -28.45 -17.13
CA LEU D 31 46.44 -29.27 -16.02
C LEU D 31 45.55 -30.36 -16.58
N TYR D 32 45.68 -31.55 -16.01
CA TYR D 32 44.92 -32.71 -16.45
C TYR D 32 44.55 -33.50 -15.21
N LYS D 33 43.28 -33.87 -15.09
CA LYS D 33 42.82 -34.66 -13.96
C LYS D 33 43.02 -36.13 -14.30
N GLN D 34 43.57 -36.91 -13.38
CA GLN D 34 43.83 -38.33 -13.63
C GLN D 34 43.86 -39.10 -12.33
N GLU D 35 43.00 -40.12 -12.23
CA GLU D 35 42.88 -40.91 -11.02
C GLU D 35 42.56 -39.95 -9.88
N ASN D 36 41.80 -38.93 -10.23
CA ASN D 36 41.35 -37.89 -9.33
C ASN D 36 42.43 -36.95 -8.81
N ASN D 37 43.58 -37.00 -9.45
CA ASN D 37 44.68 -36.11 -9.08
C ASN D 37 44.75 -35.07 -10.18
N ILE D 38 45.21 -33.88 -9.84
CA ILE D 38 45.37 -32.83 -10.83
C ILE D 38 46.86 -32.76 -11.13
N LEU D 39 47.24 -33.09 -12.36
CA LEU D 39 48.65 -33.05 -12.75
C LEU D 39 48.97 -31.74 -13.48
N LEU D 40 50.24 -31.52 -13.74
CA LEU D 40 50.68 -30.33 -14.45
C LEU D 40 51.66 -30.83 -15.48
N PHE D 41 51.19 -31.00 -16.71
CA PHE D 41 52.04 -31.49 -17.75
C PHE D 41 52.77 -30.37 -18.42
N ASN D 42 54.01 -30.66 -18.79
CA ASN D 42 54.84 -29.71 -19.49
C ASN D 42 54.87 -30.26 -20.91
N ALA D 43 54.08 -29.68 -21.80
CA ALA D 43 54.06 -30.15 -23.17
C ALA D 43 55.51 -30.21 -23.67
N GLU D 44 55.71 -30.82 -24.83
CA GLU D 44 57.06 -30.96 -25.38
C GLU D 44 57.83 -32.03 -24.60
N TYR D 45 58.19 -31.72 -23.37
CA TYR D 45 58.92 -32.67 -22.54
C TYR D 45 58.02 -33.86 -22.23
N GLY D 46 56.77 -33.56 -21.84
CA GLY D 46 55.84 -34.61 -21.53
C GLY D 46 55.88 -34.98 -20.06
N ASN D 47 56.86 -34.45 -19.34
CA ASN D 47 56.98 -34.74 -17.91
C ASN D 47 55.82 -34.07 -17.19
N SER D 48 55.37 -34.67 -16.09
CA SER D 48 54.26 -34.12 -15.33
C SER D 48 54.53 -34.18 -13.84
N SER D 49 53.87 -33.30 -13.10
CA SER D 49 54.03 -33.26 -11.67
C SER D 49 52.68 -33.15 -10.98
N ILE D 50 52.57 -33.74 -9.80
CA ILE D 50 51.35 -33.67 -9.03
C ILE D 50 51.10 -32.23 -8.66
N PHE D 51 49.93 -31.71 -9.00
CA PHE D 51 49.61 -30.33 -8.68
C PHE D 51 48.70 -30.35 -7.47
N LEU D 52 47.92 -31.41 -7.37
CA LEU D 52 47.01 -31.61 -6.25
C LEU D 52 46.71 -33.11 -6.13
N GLU D 53 46.94 -33.66 -4.93
CA GLU D 53 46.72 -35.08 -4.68
C GLU D 53 45.25 -35.41 -4.48
N ASN D 54 44.79 -36.53 -5.04
CA ASN D 54 43.40 -36.91 -4.85
C ASN D 54 43.05 -36.93 -3.37
N SER D 55 44.08 -37.06 -2.53
CA SER D 55 43.88 -37.06 -1.09
C SER D 55 43.13 -35.80 -0.74
N THR D 56 43.63 -34.68 -1.23
CA THR D 56 43.02 -33.39 -0.98
C THR D 56 41.51 -33.46 -1.21
N PHE D 57 41.08 -34.19 -2.24
CA PHE D 57 39.66 -34.32 -2.56
C PHE D 57 38.89 -35.15 -1.55
N ASP D 58 39.45 -36.29 -1.14
CA ASP D 58 38.77 -37.15 -0.17
C ASP D 58 38.56 -36.41 1.15
N GLU D 59 39.52 -35.56 1.49
CA GLU D 59 39.47 -34.80 2.74
C GLU D 59 38.38 -33.75 2.83
N LEU D 60 37.90 -33.28 1.67
CA LEU D 60 36.83 -32.29 1.66
C LEU D 60 35.55 -33.01 2.04
N GLY D 61 34.65 -32.33 2.74
CA GLY D 61 33.41 -32.99 3.16
C GLY D 61 32.28 -33.09 2.15
N TYR D 62 32.61 -33.38 0.89
CA TYR D 62 31.60 -33.45 -0.16
C TYR D 62 32.16 -33.90 -1.50
N SER D 63 31.26 -34.08 -2.46
CA SER D 63 31.64 -34.48 -3.82
C SER D 63 31.98 -33.22 -4.57
N THR D 64 33.23 -33.12 -5.01
CA THR D 64 33.67 -31.95 -5.75
C THR D 64 33.33 -32.10 -7.22
N ASN D 65 32.34 -31.35 -7.66
CA ASN D 65 31.89 -31.41 -9.04
C ASN D 65 32.89 -30.87 -10.06
N ASP D 66 33.75 -29.95 -9.65
CA ASP D 66 34.70 -29.38 -10.59
C ASP D 66 35.64 -28.39 -9.90
N TYR D 67 36.74 -28.07 -10.56
CA TYR D 67 37.69 -27.15 -9.97
C TYR D 67 38.17 -26.07 -10.95
N SER D 68 38.83 -25.06 -10.38
CA SER D 68 39.38 -23.94 -11.14
C SER D 68 40.51 -23.33 -10.36
N VAL D 69 41.72 -23.42 -10.90
CA VAL D 69 42.87 -22.83 -10.21
C VAL D 69 43.05 -21.40 -10.72
N SER D 70 43.36 -20.48 -9.81
CA SER D 70 43.56 -19.08 -10.17
C SER D 70 44.73 -18.97 -11.13
N PRO D 71 44.65 -18.06 -12.11
CA PRO D 71 45.78 -17.95 -13.05
C PRO D 71 47.14 -17.83 -12.38
N ASP D 72 47.19 -17.34 -11.15
CA ASP D 72 48.48 -17.22 -10.47
C ASP D 72 48.74 -18.39 -9.53
N ARG D 73 48.33 -19.57 -9.97
CA ARG D 73 48.50 -20.81 -9.23
C ARG D 73 48.35 -20.80 -7.72
N GLN D 74 47.99 -19.66 -7.14
CA GLN D 74 47.89 -19.58 -5.70
C GLN D 74 46.69 -20.24 -5.02
N PHE D 75 45.58 -20.37 -5.73
CA PHE D 75 44.40 -20.98 -5.12
C PHE D 75 43.64 -21.79 -6.15
N ILE D 76 42.86 -22.74 -5.65
CA ILE D 76 42.05 -23.53 -6.54
C ILE D 76 40.64 -23.42 -5.96
N LEU D 77 39.66 -23.35 -6.84
CA LEU D 77 38.28 -23.22 -6.44
C LEU D 77 37.67 -24.62 -6.53
N PHE D 78 36.87 -24.99 -5.53
CA PHE D 78 36.22 -26.30 -5.55
C PHE D 78 34.74 -26.09 -5.68
N GLU D 79 34.18 -26.56 -6.79
CA GLU D 79 32.75 -26.43 -7.02
C GLU D 79 32.02 -27.68 -6.49
N TYR D 80 31.05 -27.46 -5.61
CA TYR D 80 30.28 -28.56 -5.06
C TYR D 80 28.83 -28.12 -4.82
N ASN D 81 27.91 -29.09 -4.71
CA ASN D 81 26.50 -28.80 -4.52
C ASN D 81 25.93 -28.30 -5.83
N TYR D 82 26.36 -28.91 -6.92
CA TYR D 82 25.87 -28.55 -8.24
C TYR D 82 24.37 -28.85 -8.30
N VAL D 83 23.60 -27.89 -8.79
CA VAL D 83 22.15 -28.04 -8.94
C VAL D 83 21.80 -27.37 -10.26
N LYS D 84 21.71 -28.18 -11.30
CA LYS D 84 21.42 -27.68 -12.65
C LYS D 84 20.13 -26.90 -12.79
N GLN D 85 20.13 -25.97 -13.73
CA GLN D 85 18.94 -25.16 -14.02
C GLN D 85 18.67 -25.40 -15.49
N TRP D 86 18.92 -24.41 -16.36
CA TRP D 86 18.64 -24.61 -17.78
C TRP D 86 19.79 -25.34 -18.50
N ARG D 87 20.05 -25.06 -19.77
CA ARG D 87 21.09 -25.81 -20.48
C ARG D 87 22.48 -25.57 -19.93
N HIS D 88 22.81 -24.31 -19.65
CA HIS D 88 24.12 -23.95 -19.15
C HIS D 88 24.09 -23.52 -17.71
N SER D 89 23.12 -22.69 -17.36
CA SER D 89 23.02 -22.18 -15.99
C SER D 89 22.85 -23.24 -14.91
N TYR D 90 23.30 -22.89 -13.70
CA TYR D 90 23.21 -23.76 -12.53
C TYR D 90 23.82 -23.07 -11.32
N THR D 91 23.33 -23.37 -10.14
CA THR D 91 23.88 -22.80 -8.91
C THR D 91 24.86 -23.78 -8.24
N ALA D 92 25.53 -23.33 -7.18
CA ALA D 92 26.48 -24.17 -6.48
C ALA D 92 27.14 -23.47 -5.30
N SER D 93 27.88 -24.26 -4.54
CA SER D 93 28.61 -23.79 -3.38
C SER D 93 30.09 -23.87 -3.73
N TYR D 94 30.90 -23.00 -3.15
CA TYR D 94 32.31 -23.02 -3.48
C TYR D 94 33.24 -22.87 -2.32
N ASP D 95 34.41 -23.49 -2.45
CA ASP D 95 35.44 -23.40 -1.43
C ASP D 95 36.68 -22.95 -2.19
N ILE D 96 37.49 -22.15 -1.51
CA ILE D 96 38.73 -21.65 -2.08
C ILE D 96 39.86 -22.32 -1.29
N TYR D 97 40.70 -23.04 -2.01
CA TYR D 97 41.83 -23.73 -1.39
C TYR D 97 43.09 -22.89 -1.56
N ASP D 98 43.86 -22.76 -0.47
CA ASP D 98 45.09 -22.02 -0.46
C ASP D 98 46.22 -22.97 -0.77
N LEU D 99 46.57 -23.08 -2.05
CA LEU D 99 47.62 -23.98 -2.50
C LEU D 99 48.94 -23.84 -1.77
N ASN D 100 49.21 -22.66 -1.23
CA ASN D 100 50.46 -22.48 -0.51
C ASN D 100 50.37 -23.13 0.86
N LYS D 101 49.65 -22.51 1.76
CA LYS D 101 49.52 -23.07 3.10
C LYS D 101 48.72 -24.37 3.11
N ARG D 102 48.37 -24.86 1.92
CA ARG D 102 47.60 -26.10 1.75
C ARG D 102 46.45 -26.24 2.74
N GLN D 103 45.77 -25.14 3.01
CA GLN D 103 44.63 -25.13 3.91
C GLN D 103 43.41 -24.78 3.07
N LEU D 104 42.23 -24.92 3.65
CA LEU D 104 40.99 -24.59 2.96
C LEU D 104 40.56 -23.26 3.55
N ILE D 105 40.59 -22.20 2.75
CA ILE D 105 40.16 -20.92 3.28
C ILE D 105 38.77 -21.10 3.85
N THR D 106 38.63 -20.93 5.17
CA THR D 106 37.35 -21.13 5.82
C THR D 106 36.56 -19.87 6.14
N GLU D 107 37.22 -18.74 6.32
CA GLU D 107 36.50 -17.52 6.64
C GLU D 107 36.26 -16.66 5.40
N GLU D 108 35.14 -15.93 5.41
CA GLU D 108 34.77 -15.06 4.29
C GLU D 108 34.52 -15.93 3.06
N ARG D 109 33.75 -16.99 3.26
CA ARG D 109 33.43 -17.94 2.21
C ARG D 109 32.49 -17.38 1.14
N ILE D 110 32.44 -18.10 0.02
CA ILE D 110 31.57 -17.75 -1.08
C ILE D 110 30.21 -18.26 -0.65
N PRO D 111 29.13 -17.55 -0.99
CA PRO D 111 27.81 -18.02 -0.56
C PRO D 111 27.34 -19.31 -1.24
N ASN D 112 26.27 -19.88 -0.70
CA ASN D 112 25.69 -21.07 -1.28
C ASN D 112 24.75 -20.53 -2.35
N ASN D 113 24.39 -21.37 -3.31
CA ASN D 113 23.50 -20.94 -4.38
C ASN D 113 24.16 -19.84 -5.17
N THR D 114 25.41 -20.05 -5.53
CA THR D 114 26.12 -19.08 -6.33
C THR D 114 25.82 -19.43 -7.78
N GLN D 115 25.38 -18.42 -8.52
CA GLN D 115 25.00 -18.56 -9.91
C GLN D 115 26.16 -18.57 -10.86
N TRP D 116 27.16 -17.74 -10.60
CA TRP D 116 28.34 -17.70 -11.46
C TRP D 116 29.54 -17.07 -10.75
N ILE D 117 30.73 -17.61 -11.03
CA ILE D 117 31.97 -17.14 -10.44
C ILE D 117 33.12 -17.33 -11.45
N THR D 118 34.21 -16.60 -11.25
CA THR D 118 35.35 -16.69 -12.16
C THR D 118 36.52 -15.85 -11.68
N TRP D 119 37.74 -16.31 -11.95
CA TRP D 119 38.92 -15.55 -11.54
C TRP D 119 39.16 -14.44 -12.55
N SER D 120 40.02 -13.49 -12.20
CA SER D 120 40.39 -12.45 -13.14
C SER D 120 41.37 -13.19 -14.06
N PRO D 121 41.65 -12.65 -15.25
CA PRO D 121 42.57 -13.30 -16.19
C PRO D 121 43.99 -13.47 -15.64
N VAL D 122 44.35 -12.59 -14.69
CA VAL D 122 45.66 -12.65 -14.04
C VAL D 122 45.42 -12.45 -12.56
N GLY D 123 46.40 -12.83 -11.74
CA GLY D 123 46.26 -12.70 -10.31
C GLY D 123 45.35 -13.78 -9.74
N HIS D 124 44.55 -13.41 -8.75
CA HIS D 124 43.64 -14.37 -8.13
C HIS D 124 42.41 -13.68 -7.50
N LYS D 125 41.88 -12.67 -8.19
CA LYS D 125 40.70 -11.98 -7.71
C LYS D 125 39.50 -12.79 -8.18
N LEU D 126 38.34 -12.56 -7.58
CA LEU D 126 37.13 -13.27 -7.96
C LEU D 126 35.96 -12.34 -8.21
N ALA D 127 35.15 -12.69 -9.20
CA ALA D 127 33.93 -11.95 -9.51
C ALA D 127 32.86 -13.02 -9.45
N TYR D 128 31.79 -12.78 -8.71
CA TYR D 128 30.73 -13.78 -8.63
C TYR D 128 29.35 -13.18 -8.58
N VAL D 129 28.36 -13.98 -8.97
CA VAL D 129 26.98 -13.53 -8.96
C VAL D 129 26.21 -14.40 -7.98
N TRP D 130 25.43 -13.75 -7.13
CA TRP D 130 24.62 -14.42 -6.13
C TRP D 130 23.42 -13.50 -5.95
N ASN D 131 22.21 -14.06 -6.09
CA ASN D 131 20.97 -13.31 -5.98
C ASN D 131 20.87 -12.28 -7.09
N ASN D 132 21.35 -12.61 -8.28
CA ASN D 132 21.30 -11.69 -9.41
C ASN D 132 22.15 -10.43 -9.26
N ASP D 133 22.94 -10.39 -8.20
CA ASP D 133 23.82 -9.27 -7.94
C ASP D 133 25.27 -9.74 -8.09
N ILE D 134 26.14 -8.79 -8.40
CA ILE D 134 27.56 -9.02 -8.62
C ILE D 134 28.45 -8.71 -7.41
N TYR D 135 29.44 -9.56 -7.19
CA TYR D 135 30.36 -9.39 -6.09
C TYR D 135 31.82 -9.60 -6.53
N VAL D 136 32.71 -8.82 -5.92
CA VAL D 136 34.12 -8.93 -6.24
C VAL D 136 34.91 -9.21 -4.94
N LYS D 137 35.81 -10.19 -5.01
CA LYS D 137 36.65 -10.52 -3.87
C LYS D 137 38.09 -10.48 -4.33
N ASN D 138 38.78 -9.42 -3.93
CA ASN D 138 40.18 -9.23 -4.30
C ASN D 138 41.07 -10.29 -3.68
N GLU D 139 40.74 -10.69 -2.46
CA GLU D 139 41.49 -11.73 -1.76
C GLU D 139 40.52 -12.83 -1.37
N PRO D 140 40.96 -14.09 -1.43
CA PRO D 140 40.06 -15.19 -1.06
C PRO D 140 39.66 -15.16 0.40
N ASN D 141 40.48 -14.54 1.24
CA ASN D 141 40.16 -14.51 2.66
C ASN D 141 39.59 -13.20 3.17
N LEU D 142 39.29 -12.28 2.26
CA LEU D 142 38.70 -11.00 2.65
C LEU D 142 37.24 -10.89 2.21
N SER D 143 36.56 -9.86 2.71
CA SER D 143 35.16 -9.59 2.38
C SER D 143 34.96 -9.25 0.92
N SER D 144 33.78 -9.57 0.41
CA SER D 144 33.49 -9.28 -0.98
C SER D 144 32.90 -7.87 -0.99
N GLN D 145 32.87 -7.26 -2.17
CA GLN D 145 32.37 -5.90 -2.34
C GLN D 145 31.19 -5.91 -3.31
N ARG D 146 29.98 -5.61 -2.80
CA ARG D 146 28.79 -5.58 -3.65
C ARG D 146 28.95 -4.55 -4.78
N ILE D 147 28.57 -4.97 -5.99
CA ILE D 147 28.68 -4.13 -7.18
C ILE D 147 27.34 -3.57 -7.64
N THR D 148 26.31 -4.42 -7.63
CA THR D 148 24.98 -4.01 -8.05
C THR D 148 24.00 -4.24 -6.91
N TRP D 149 22.86 -3.57 -6.95
CA TRP D 149 21.87 -3.74 -5.89
C TRP D 149 20.47 -4.00 -6.45
N THR D 150 20.34 -3.88 -7.76
CA THR D 150 19.08 -4.07 -8.47
C THR D 150 18.58 -5.53 -8.64
N GLY D 151 19.46 -6.50 -8.40
CA GLY D 151 19.10 -7.91 -8.54
C GLY D 151 17.77 -8.33 -7.98
N LYS D 152 16.86 -8.77 -8.86
CA LYS D 152 15.53 -9.22 -8.45
C LYS D 152 15.10 -10.45 -9.25
N GLU D 153 14.74 -11.50 -8.53
CA GLU D 153 14.35 -12.78 -9.13
C GLU D 153 13.29 -12.69 -10.22
N ASN D 154 13.59 -13.33 -11.35
CA ASN D 154 12.70 -13.35 -12.51
C ASN D 154 12.45 -11.96 -13.04
N VAL D 155 13.31 -11.02 -12.72
CA VAL D 155 13.09 -9.67 -13.20
C VAL D 155 14.36 -8.94 -13.63
N ILE D 156 15.35 -8.87 -12.74
CA ILE D 156 16.60 -8.17 -13.07
C ILE D 156 17.82 -9.08 -12.90
N TYR D 157 18.57 -9.27 -13.98
CA TYR D 157 19.75 -10.11 -13.92
C TYR D 157 21.01 -9.28 -14.16
N ASN D 158 21.93 -9.31 -13.21
CA ASN D 158 23.21 -8.59 -13.32
C ASN D 158 24.31 -9.64 -13.36
N GLY D 159 25.04 -9.70 -14.46
CA GLY D 159 26.13 -10.66 -14.54
C GLY D 159 25.79 -12.03 -15.07
N VAL D 160 24.50 -12.29 -15.24
CA VAL D 160 24.03 -13.57 -15.79
C VAL D 160 22.87 -13.36 -16.77
N THR D 161 22.80 -14.22 -17.77
CA THR D 161 21.76 -14.19 -18.80
C THR D 161 20.40 -14.63 -18.29
N ASP D 162 19.33 -14.12 -18.91
CA ASP D 162 17.98 -14.56 -18.52
C ASP D 162 17.79 -15.83 -19.34
N TRP D 163 16.60 -16.42 -19.31
CA TRP D 163 16.36 -17.66 -20.05
C TRP D 163 16.68 -17.57 -21.53
N VAL D 164 16.20 -16.51 -22.19
CA VAL D 164 16.41 -16.38 -23.62
C VAL D 164 17.82 -16.01 -24.05
N TYR D 165 18.52 -15.21 -23.28
CA TYR D 165 19.88 -14.89 -23.68
C TYR D 165 20.77 -16.10 -23.43
N GLU D 166 20.39 -16.93 -22.47
CA GLU D 166 21.17 -18.14 -22.21
C GLU D 166 21.05 -19.13 -23.38
N GLU D 167 19.83 -19.49 -23.69
CA GLU D 167 19.58 -20.46 -24.75
C GLU D 167 19.84 -19.96 -26.17
N GLU D 168 19.46 -18.72 -26.45
CA GLU D 168 19.59 -18.21 -27.81
C GLU D 168 20.67 -17.20 -28.19
N VAL D 169 21.44 -16.70 -27.23
CA VAL D 169 22.48 -15.73 -27.57
C VAL D 169 23.90 -16.06 -27.13
N PHE D 170 24.13 -16.24 -25.83
CA PHE D 170 25.49 -16.56 -25.38
C PHE D 170 25.78 -18.04 -25.23
N SER D 171 24.75 -18.88 -25.32
CA SER D 171 24.94 -20.29 -25.11
C SER D 171 25.75 -20.43 -23.85
N ALA D 172 25.50 -19.52 -22.92
CA ALA D 172 26.18 -19.48 -21.65
C ALA D 172 25.34 -18.67 -20.68
N TYR D 173 25.56 -18.90 -19.39
CA TYR D 173 24.79 -18.22 -18.35
C TYR D 173 25.50 -16.97 -17.83
N SER D 174 26.82 -16.94 -17.93
CA SER D 174 27.56 -15.79 -17.45
C SER D 174 27.43 -14.57 -18.35
N ALA D 175 27.46 -13.40 -17.72
CA ALA D 175 27.39 -12.10 -18.42
C ALA D 175 28.43 -11.19 -17.75
N LEU D 176 29.60 -11.77 -17.49
CA LEU D 176 30.72 -11.10 -16.85
C LEU D 176 31.96 -11.22 -17.70
N TRP D 177 32.78 -10.18 -17.69
CA TRP D 177 33.99 -10.19 -18.48
C TRP D 177 35.07 -9.33 -17.84
N TRP D 178 36.06 -9.96 -17.23
CA TRP D 178 37.17 -9.21 -16.65
C TRP D 178 38.03 -8.74 -17.82
N SER D 179 38.56 -7.51 -17.75
CA SER D 179 39.46 -7.03 -18.81
C SER D 179 40.75 -7.85 -18.66
N PRO D 180 41.62 -7.82 -19.68
CA PRO D 180 42.88 -8.57 -19.64
C PRO D 180 43.71 -8.46 -18.34
N ASN D 181 43.82 -7.26 -17.78
CA ASN D 181 44.59 -7.09 -16.54
C ASN D 181 43.74 -6.95 -15.30
N GLY D 182 42.44 -7.23 -15.44
CA GLY D 182 41.54 -7.16 -14.30
C GLY D 182 41.21 -5.78 -13.79
N THR D 183 41.58 -4.75 -14.55
CA THR D 183 41.31 -3.37 -14.12
C THR D 183 39.83 -3.09 -14.17
N PHE D 184 39.24 -3.49 -15.29
CA PHE D 184 37.84 -3.27 -15.52
C PHE D 184 37.10 -4.59 -15.51
N LEU D 185 35.87 -4.53 -14.98
CA LEU D 185 34.99 -5.69 -14.93
C LEU D 185 33.73 -5.28 -15.68
N ALA D 186 33.48 -5.91 -16.82
CA ALA D 186 32.27 -5.60 -17.59
C ALA D 186 31.17 -6.65 -17.39
N TYR D 187 29.92 -6.22 -17.50
CA TYR D 187 28.80 -7.14 -17.33
C TYR D 187 27.53 -6.60 -17.97
N ALA D 188 26.64 -7.50 -18.34
CA ALA D 188 25.38 -7.11 -18.93
C ALA D 188 24.31 -7.18 -17.86
N GLN D 189 23.26 -6.38 -18.01
CA GLN D 189 22.13 -6.41 -17.08
C GLN D 189 20.92 -6.75 -17.91
N PHE D 190 20.08 -7.66 -17.41
CA PHE D 190 18.88 -8.03 -18.16
C PHE D 190 17.61 -7.73 -17.41
N ASN D 191 16.71 -7.02 -18.07
CA ASN D 191 15.44 -6.64 -17.46
C ASN D 191 14.35 -7.47 -18.10
N ASP D 192 13.71 -8.34 -17.33
CA ASP D 192 12.64 -9.17 -17.87
C ASP D 192 11.27 -8.70 -17.44
N THR D 193 11.21 -7.52 -16.84
CA THR D 193 9.96 -6.96 -16.34
C THR D 193 8.72 -7.15 -17.20
N GLU D 194 8.80 -6.93 -18.49
CA GLU D 194 7.62 -7.05 -19.32
C GLU D 194 7.58 -8.30 -20.18
N VAL D 195 8.42 -9.27 -19.82
CA VAL D 195 8.47 -10.55 -20.52
C VAL D 195 7.39 -11.44 -19.93
N PRO D 196 6.46 -11.93 -20.76
CA PRO D 196 5.39 -12.80 -20.28
C PRO D 196 6.00 -14.07 -19.68
N LEU D 197 5.31 -14.66 -18.72
CA LEU D 197 5.80 -15.88 -18.07
C LEU D 197 5.24 -17.20 -18.64
N ILE D 198 6.13 -18.18 -18.79
CA ILE D 198 5.66 -19.48 -19.22
C ILE D 198 5.41 -20.21 -17.90
N GLU D 199 4.34 -21.00 -17.85
CA GLU D 199 4.06 -21.73 -16.63
C GLU D 199 3.68 -23.19 -16.93
N TYR D 200 4.36 -24.12 -16.26
CA TYR D 200 4.08 -25.54 -16.39
C TYR D 200 4.20 -26.13 -15.00
N SER D 201 3.66 -27.34 -14.83
CA SER D 201 3.71 -27.96 -13.52
C SER D 201 4.93 -28.84 -13.35
N PHE D 202 5.49 -28.81 -12.15
CA PHE D 202 6.62 -29.66 -11.82
C PHE D 202 6.09 -30.46 -10.64
N TYR D 203 6.10 -31.78 -10.78
CA TYR D 203 5.53 -32.67 -9.77
C TYR D 203 6.43 -33.03 -8.63
N SER D 204 7.73 -33.18 -8.91
CA SER D 204 8.72 -33.51 -7.88
C SER D 204 8.48 -34.88 -7.25
N ASP D 205 9.19 -35.13 -6.15
CA ASP D 205 9.06 -36.40 -5.45
C ASP D 205 7.61 -36.73 -5.10
N GLU D 206 7.35 -38.01 -5.05
CA GLU D 206 6.04 -38.55 -4.73
C GLU D 206 5.55 -37.99 -3.39
N SER D 207 6.47 -37.52 -2.57
CA SER D 207 6.10 -37.00 -1.26
C SER D 207 5.41 -35.66 -1.35
N LEU D 208 5.52 -35.00 -2.50
CA LEU D 208 4.93 -33.67 -2.67
C LEU D 208 3.42 -33.73 -2.93
N GLN D 209 2.65 -33.29 -1.93
CA GLN D 209 1.20 -33.32 -2.00
C GLN D 209 0.57 -32.44 -3.09
N TYR D 210 1.06 -31.20 -3.20
CA TYR D 210 0.55 -30.29 -4.23
C TYR D 210 1.69 -30.05 -5.22
N PRO D 211 1.40 -30.13 -6.54
CA PRO D 211 2.45 -29.90 -7.53
C PRO D 211 2.90 -28.45 -7.44
N LYS D 212 4.12 -28.19 -7.87
CA LYS D 212 4.73 -26.86 -7.84
C LYS D 212 4.68 -26.21 -9.23
N THR D 213 4.22 -24.96 -9.31
CA THR D 213 4.16 -24.27 -10.60
C THR D 213 5.46 -23.52 -10.88
N VAL D 214 6.09 -23.82 -12.01
CA VAL D 214 7.29 -23.15 -12.41
C VAL D 214 6.93 -22.02 -13.36
N ARG D 215 7.57 -20.87 -13.21
CA ARG D 215 7.34 -19.77 -14.12
C ARG D 215 8.64 -19.14 -14.53
N ILE D 216 8.82 -19.02 -15.84
CA ILE D 216 10.02 -18.47 -16.42
C ILE D 216 9.66 -17.32 -17.32
N PRO D 217 10.36 -16.17 -17.19
CA PRO D 217 10.03 -15.07 -18.09
C PRO D 217 10.57 -15.64 -19.40
N TYR D 218 9.68 -15.96 -20.33
CA TYR D 218 10.05 -16.57 -21.59
C TYR D 218 9.32 -15.84 -22.71
N PRO D 219 10.07 -15.25 -23.65
CA PRO D 219 9.44 -14.53 -24.76
C PRO D 219 9.20 -15.42 -25.98
N LYS D 220 7.93 -15.58 -26.36
CA LYS D 220 7.60 -16.38 -27.53
C LYS D 220 7.52 -15.43 -28.73
N ALA D 221 7.49 -15.98 -29.93
CA ALA D 221 7.43 -15.17 -31.13
C ALA D 221 6.69 -13.84 -30.95
N GLY D 222 7.34 -12.76 -31.35
CA GLY D 222 6.74 -11.44 -31.26
C GLY D 222 6.34 -10.89 -29.91
N ALA D 223 6.67 -11.57 -28.82
CA ALA D 223 6.28 -11.02 -27.52
C ALA D 223 7.30 -10.02 -26.99
N GLU D 224 6.93 -9.29 -25.94
CA GLU D 224 7.84 -8.34 -25.34
C GLU D 224 9.13 -9.07 -24.93
N ASN D 225 10.27 -8.56 -25.35
CA ASN D 225 11.56 -9.18 -25.02
C ASN D 225 12.24 -8.53 -23.82
N PRO D 226 13.28 -9.18 -23.28
CA PRO D 226 13.95 -8.56 -22.15
C PRO D 226 14.79 -7.42 -22.72
N THR D 227 15.06 -6.39 -21.94
CA THR D 227 15.88 -5.30 -22.41
C THR D 227 17.26 -5.50 -21.84
N VAL D 228 18.26 -4.82 -22.40
CA VAL D 228 19.62 -5.04 -21.93
C VAL D 228 20.53 -3.82 -21.76
N LYS D 229 21.32 -3.84 -20.69
CA LYS D 229 22.29 -2.78 -20.43
C LYS D 229 23.70 -3.33 -20.28
N PHE D 230 24.66 -2.70 -20.92
CA PHE D 230 26.05 -3.12 -20.82
C PHE D 230 26.82 -2.11 -19.95
N PHE D 231 27.73 -2.59 -19.11
CA PHE D 231 28.53 -1.72 -18.23
C PHE D 231 29.97 -2.15 -18.08
N VAL D 232 30.83 -1.18 -17.83
CA VAL D 232 32.24 -1.43 -17.56
C VAL D 232 32.48 -0.78 -16.20
N VAL D 233 33.01 -1.56 -15.28
CA VAL D 233 33.26 -1.06 -13.94
C VAL D 233 34.76 -0.93 -13.70
N ASP D 234 35.16 0.21 -13.17
CA ASP D 234 36.55 0.42 -12.83
C ASP D 234 36.68 -0.16 -11.45
N THR D 235 37.25 -1.35 -11.34
CA THR D 235 37.37 -1.99 -10.04
C THR D 235 38.37 -1.32 -9.13
N ARG D 236 39.24 -0.49 -9.72
CA ARG D 236 40.26 0.22 -8.95
C ARG D 236 39.73 1.09 -7.80
N THR D 237 38.53 1.64 -7.94
CA THR D 237 38.01 2.49 -6.86
C THR D 237 37.06 1.76 -5.91
N LEU D 238 37.11 0.43 -5.95
CA LEU D 238 36.23 -0.37 -5.11
C LEU D 238 36.62 -0.28 -3.67
N SER D 239 35.74 0.24 -2.84
CA SER D 239 35.98 0.37 -1.41
C SER D 239 34.66 0.53 -0.65
N PRO D 240 34.52 -0.18 0.48
CA PRO D 240 33.28 -0.09 1.25
C PRO D 240 32.59 1.29 1.32
N ASN D 241 33.33 2.37 1.44
CA ASN D 241 32.72 3.69 1.51
C ASN D 241 32.75 4.52 0.24
N ALA D 242 32.87 3.85 -0.89
CA ALA D 242 32.92 4.50 -2.20
C ALA D 242 31.78 4.00 -3.09
N SER D 243 31.27 4.89 -3.93
CA SER D 243 30.23 4.52 -4.85
C SER D 243 30.94 3.58 -5.81
N VAL D 244 30.18 3.04 -6.76
CA VAL D 244 30.75 2.13 -7.74
C VAL D 244 30.99 2.95 -8.97
N THR D 245 32.17 2.82 -9.58
CA THR D 245 32.47 3.58 -10.78
C THR D 245 32.24 2.71 -11.99
N SER D 246 31.14 2.93 -12.70
CA SER D 246 30.86 2.16 -13.91
C SER D 246 30.41 3.10 -15.00
N TYR D 247 30.56 2.66 -16.24
CA TYR D 247 30.14 3.46 -17.38
C TYR D 247 29.30 2.56 -18.24
N GLN D 248 28.13 3.05 -18.64
CA GLN D 248 27.26 2.26 -19.48
C GLN D 248 27.55 2.57 -20.93
N ILE D 249 27.73 1.52 -21.73
CA ILE D 249 27.98 1.71 -23.16
C ILE D 249 26.73 1.31 -23.95
N VAL D 250 26.18 2.28 -24.66
CA VAL D 250 24.97 2.12 -25.45
C VAL D 250 25.28 1.63 -26.87
N PRO D 251 24.33 0.92 -27.50
CA PRO D 251 24.61 0.45 -28.86
C PRO D 251 24.60 1.60 -29.87
N PRO D 252 25.30 1.43 -30.98
CA PRO D 252 25.30 2.49 -32.00
C PRO D 252 23.86 2.84 -32.38
N ALA D 253 23.62 4.12 -32.64
CA ALA D 253 22.29 4.62 -33.00
C ALA D 253 21.46 3.67 -33.88
N SER D 254 22.05 3.22 -34.98
CA SER D 254 21.38 2.32 -35.91
C SER D 254 20.71 1.10 -35.26
N VAL D 255 21.09 0.81 -34.03
CA VAL D 255 20.55 -0.32 -33.30
C VAL D 255 19.77 0.18 -32.09
N LEU D 256 20.25 1.26 -31.49
CA LEU D 256 19.60 1.84 -30.33
C LEU D 256 18.22 2.28 -30.79
N ILE D 257 18.02 2.28 -32.09
CA ILE D 257 16.75 2.70 -32.70
C ILE D 257 15.54 1.86 -32.28
N GLY D 258 15.74 0.53 -32.23
CA GLY D 258 14.66 -0.35 -31.83
C GLY D 258 15.13 -1.48 -30.93
N ASP D 259 14.30 -2.51 -30.79
CA ASP D 259 14.65 -3.67 -29.97
C ASP D 259 15.92 -4.27 -30.54
N HIS D 260 16.84 -4.64 -29.65
CA HIS D 260 18.11 -5.21 -30.07
C HIS D 260 18.62 -6.22 -29.06
N TYR D 261 19.70 -6.88 -29.41
CA TYR D 261 20.33 -7.86 -28.56
C TYR D 261 21.82 -7.57 -28.48
N LEU D 262 22.39 -7.88 -27.32
CA LEU D 262 23.81 -7.74 -27.11
C LEU D 262 24.28 -9.16 -27.39
N CYS D 263 25.01 -9.37 -28.47
CA CYS D 263 25.43 -10.73 -28.78
C CYS D 263 26.92 -11.01 -28.69
N GLY D 264 27.69 -10.06 -28.20
CA GLY D 264 29.12 -10.30 -28.09
C GLY D 264 29.91 -9.34 -27.22
N VAL D 265 31.03 -9.82 -26.71
CA VAL D 265 31.90 -9.01 -25.87
C VAL D 265 33.32 -9.53 -26.06
N THR D 266 34.24 -8.62 -26.36
CA THR D 266 35.63 -9.00 -26.54
C THR D 266 36.56 -7.85 -26.14
N TRP D 267 37.42 -8.10 -25.17
CA TRP D 267 38.37 -7.09 -24.73
C TRP D 267 39.55 -7.16 -25.70
N VAL D 268 40.06 -6.01 -26.12
CA VAL D 268 41.19 -6.03 -27.05
C VAL D 268 42.47 -5.70 -26.29
N THR D 269 42.35 -4.74 -25.37
CA THR D 269 43.45 -4.27 -24.52
C THR D 269 42.76 -3.78 -23.24
N GLU D 270 43.54 -3.32 -22.26
CA GLU D 270 42.93 -2.83 -21.02
C GLU D 270 42.14 -1.55 -21.26
N GLU D 271 42.36 -0.90 -22.40
CA GLU D 271 41.62 0.33 -22.69
C GLU D 271 40.76 0.24 -23.94
N ARG D 272 40.58 -0.97 -24.47
CA ARG D 272 39.77 -1.15 -25.66
C ARG D 272 38.82 -2.34 -25.59
N ILE D 273 37.54 -2.09 -25.80
CA ILE D 273 36.53 -3.15 -25.77
C ILE D 273 35.65 -3.19 -27.02
N SER D 274 35.35 -4.40 -27.46
CA SER D 274 34.55 -4.64 -28.66
C SER D 274 33.16 -5.25 -28.37
N LEU D 275 32.11 -4.46 -28.52
CA LEU D 275 30.74 -4.96 -28.32
C LEU D 275 30.13 -5.32 -29.68
N GLN D 276 29.27 -6.33 -29.71
CA GLN D 276 28.60 -6.70 -30.96
C GLN D 276 27.10 -6.70 -30.70
N TRP D 277 26.37 -5.93 -31.51
CA TRP D 277 24.93 -5.81 -31.35
C TRP D 277 24.19 -6.24 -32.59
N ILE D 278 22.98 -6.73 -32.39
CA ILE D 278 22.16 -7.15 -33.49
C ILE D 278 20.73 -6.66 -33.26
N ARG D 279 20.01 -6.35 -34.34
CA ARG D 279 18.63 -5.89 -34.25
C ARG D 279 17.74 -7.09 -34.00
N ARG D 280 16.56 -6.84 -33.44
CA ARG D 280 15.63 -7.94 -33.16
C ARG D 280 15.43 -8.68 -34.46
N ALA D 281 15.37 -7.91 -35.55
CA ALA D 281 15.26 -8.50 -36.89
C ALA D 281 16.73 -8.80 -37.10
N GLN D 282 17.12 -10.04 -36.88
CA GLN D 282 18.53 -10.41 -36.97
C GLN D 282 19.24 -10.40 -38.31
N ASN D 283 18.95 -9.43 -39.18
CA ASN D 283 19.67 -9.35 -40.46
C ASN D 283 20.63 -8.16 -40.44
N TYR D 284 20.67 -7.46 -39.31
CA TYR D 284 21.51 -6.29 -39.12
C TYR D 284 22.30 -6.37 -37.81
N SER D 285 23.63 -6.42 -37.95
CA SER D 285 24.53 -6.50 -36.81
C SER D 285 25.59 -5.40 -36.91
N ILE D 286 26.08 -4.91 -35.77
CA ILE D 286 27.10 -3.86 -35.81
C ILE D 286 28.15 -4.06 -34.73
N ILE D 287 29.40 -3.84 -35.11
CA ILE D 287 30.46 -3.99 -34.13
C ILE D 287 30.92 -2.59 -33.74
N ASP D 288 30.97 -2.34 -32.43
CA ASP D 288 31.37 -1.05 -31.91
C ASP D 288 32.58 -1.21 -30.98
N ILE D 289 33.75 -0.82 -31.46
CA ILE D 289 35.00 -0.90 -30.70
C ILE D 289 35.21 0.36 -29.86
N CYS D 290 35.00 0.28 -28.56
CA CYS D 290 35.14 1.46 -27.70
C CYS D 290 36.44 1.58 -26.94
N ASP D 291 37.00 2.79 -26.95
CA ASP D 291 38.25 3.07 -26.25
C ASP D 291 37.98 3.83 -24.96
N TYR D 292 38.84 3.58 -23.98
CA TYR D 292 38.74 4.24 -22.69
C TYR D 292 39.44 5.60 -22.77
N ASP D 293 38.81 6.62 -22.21
CA ASP D 293 39.37 7.96 -22.18
C ASP D 293 39.83 8.17 -20.75
N GLU D 294 41.14 8.21 -20.55
CA GLU D 294 41.69 8.36 -19.22
C GLU D 294 41.27 9.60 -18.43
N SER D 295 40.99 10.70 -19.12
CA SER D 295 40.62 11.92 -18.42
C SER D 295 39.18 12.03 -17.96
N THR D 296 38.33 11.11 -18.40
CA THR D 296 36.91 11.16 -18.03
C THR D 296 36.37 9.86 -17.50
N GLY D 297 37.04 8.75 -17.82
CA GLY D 297 36.57 7.45 -17.38
C GLY D 297 35.51 6.90 -18.33
N ARG D 298 35.12 7.70 -19.32
CA ARG D 298 34.12 7.31 -20.31
C ARG D 298 34.72 6.30 -21.27
N TRP D 299 33.85 5.58 -21.98
CA TRP D 299 34.28 4.63 -23.00
C TRP D 299 33.67 5.18 -24.27
N ILE D 300 34.55 5.59 -25.18
CA ILE D 300 34.11 6.22 -26.41
C ILE D 300 34.00 5.42 -27.70
N SER D 301 32.97 5.76 -28.45
CA SER D 301 32.66 5.16 -29.73
C SER D 301 33.01 6.16 -30.82
N SER D 302 33.27 5.66 -32.03
CA SER D 302 33.58 6.53 -33.17
C SER D 302 33.16 5.81 -34.45
N VAL D 303 32.39 6.50 -35.28
CA VAL D 303 31.92 5.90 -36.51
C VAL D 303 32.97 5.10 -37.27
N ALA D 304 34.25 5.51 -37.20
CA ALA D 304 35.29 4.78 -37.91
C ALA D 304 35.60 3.43 -37.29
N ARG D 305 35.28 3.28 -36.01
CA ARG D 305 35.55 2.04 -35.31
C ARG D 305 34.33 1.10 -35.29
N GLN D 306 33.30 1.46 -36.08
CA GLN D 306 32.11 0.64 -36.17
C GLN D 306 32.15 -0.15 -37.46
N HIS D 307 31.54 -1.32 -37.45
CA HIS D 307 31.52 -2.18 -38.62
C HIS D 307 30.16 -2.87 -38.72
N ILE D 308 29.47 -2.58 -39.81
CA ILE D 308 28.16 -3.10 -40.10
C ILE D 308 28.22 -4.42 -40.84
N GLU D 309 27.35 -5.34 -40.48
CA GLU D 309 27.29 -6.63 -41.12
C GLU D 309 25.83 -6.97 -41.36
N ILE D 310 25.41 -7.02 -42.61
CA ILE D 310 24.03 -7.33 -42.92
C ILE D 310 23.87 -8.51 -43.88
N SER D 311 22.65 -8.99 -43.96
CA SER D 311 22.32 -10.08 -44.85
C SER D 311 21.08 -9.71 -45.65
N THR D 312 21.11 -9.92 -46.96
CA THR D 312 19.95 -9.60 -47.78
C THR D 312 19.19 -10.90 -48.10
N THR D 313 19.83 -12.04 -47.86
CA THR D 313 19.22 -13.32 -48.12
C THR D 313 18.63 -14.02 -46.89
N GLY D 314 18.99 -13.57 -45.69
CA GLY D 314 18.46 -14.20 -44.51
C GLY D 314 18.84 -13.46 -43.24
N TRP D 315 19.42 -14.21 -42.30
CA TRP D 315 19.86 -13.68 -41.02
C TRP D 315 21.38 -13.61 -41.07
N VAL D 316 21.96 -12.94 -40.08
CA VAL D 316 23.42 -12.78 -39.97
C VAL D 316 24.06 -13.90 -39.14
N GLY D 317 25.11 -14.50 -39.67
CA GLY D 317 25.83 -15.56 -38.96
C GLY D 317 25.12 -16.90 -39.05
N ARG D 318 25.52 -17.84 -38.19
CA ARG D 318 24.93 -19.18 -38.14
C ARG D 318 23.85 -19.31 -37.08
N PHE D 319 24.12 -18.80 -35.88
CA PHE D 319 23.16 -18.81 -34.78
C PHE D 319 23.30 -17.46 -34.07
N ARG D 320 24.38 -16.77 -34.44
CA ARG D 320 24.72 -15.43 -33.98
C ARG D 320 25.82 -14.97 -34.93
N PRO D 321 26.02 -13.66 -35.05
CA PRO D 321 27.10 -13.28 -35.96
C PRO D 321 28.43 -13.75 -35.40
N ALA D 322 29.38 -14.08 -36.28
CA ALA D 322 30.69 -14.54 -35.86
C ALA D 322 31.34 -13.44 -35.05
N GLU D 323 32.22 -13.84 -34.13
CA GLU D 323 32.90 -12.88 -33.29
C GLU D 323 34.23 -12.46 -33.86
N PRO D 324 34.62 -11.21 -33.63
CA PRO D 324 35.89 -10.70 -34.14
C PRO D 324 37.09 -11.23 -33.37
N HIS D 325 38.19 -11.49 -34.08
CA HIS D 325 39.42 -11.97 -33.48
C HIS D 325 40.48 -10.87 -33.69
N PHE D 326 40.84 -10.19 -32.62
CA PHE D 326 41.78 -9.08 -32.67
C PHE D 326 43.29 -9.35 -32.61
N THR D 327 44.05 -8.49 -33.29
CA THR D 327 45.50 -8.60 -33.30
C THR D 327 45.90 -8.16 -31.89
N SER D 328 47.12 -8.50 -31.49
CA SER D 328 47.63 -8.17 -30.17
C SER D 328 47.49 -6.70 -29.80
N ASP D 329 47.91 -5.83 -30.70
CA ASP D 329 47.83 -4.40 -30.48
C ASP D 329 46.38 -3.90 -30.60
N GLY D 330 45.53 -4.69 -31.24
CA GLY D 330 44.15 -4.28 -31.38
C GLY D 330 43.90 -3.26 -32.47
N ASN D 331 44.87 -3.07 -33.36
CA ASN D 331 44.69 -2.11 -34.46
C ASN D 331 43.95 -2.74 -35.63
N SER D 332 43.77 -4.06 -35.59
CA SER D 332 43.04 -4.78 -36.62
C SER D 332 42.53 -6.11 -36.08
N PHE D 333 41.57 -6.71 -36.77
CA PHE D 333 41.00 -7.97 -36.34
C PHE D 333 40.56 -8.84 -37.52
N TYR D 334 40.31 -10.12 -37.23
CA TYR D 334 39.86 -11.06 -38.24
C TYR D 334 38.48 -11.58 -37.88
N LYS D 335 37.56 -11.59 -38.85
CA LYS D 335 36.20 -12.06 -38.58
C LYS D 335 35.54 -12.74 -39.78
N ILE D 336 34.85 -13.84 -39.52
CA ILE D 336 34.18 -14.57 -40.59
C ILE D 336 32.86 -13.92 -40.99
N ILE D 337 32.68 -13.73 -42.29
CA ILE D 337 31.46 -13.14 -42.83
C ILE D 337 31.18 -13.82 -44.17
N SER D 338 30.00 -13.56 -44.73
CA SER D 338 29.62 -14.16 -45.99
C SER D 338 30.15 -13.39 -47.19
N ASN D 339 30.67 -14.11 -48.17
CA ASN D 339 31.19 -13.53 -49.41
C ASN D 339 30.11 -12.88 -50.21
N GLU D 340 30.49 -12.42 -51.39
CA GLU D 340 29.59 -11.81 -52.34
C GLU D 340 29.00 -13.05 -53.01
N GLU D 341 29.67 -14.18 -52.78
CA GLU D 341 29.24 -15.44 -53.34
C GLU D 341 28.49 -16.28 -52.29
N GLY D 342 28.12 -15.66 -51.18
CA GLY D 342 27.36 -16.37 -50.15
C GLY D 342 28.08 -17.33 -49.21
N TYR D 343 29.37 -17.53 -49.40
CA TYR D 343 30.10 -18.44 -48.52
C TYR D 343 30.83 -17.71 -47.41
N LYS D 344 30.77 -18.27 -46.20
CA LYS D 344 31.40 -17.65 -45.03
C LYS D 344 32.91 -17.82 -44.95
N HIS D 345 33.63 -16.69 -45.02
CA HIS D 345 35.09 -16.71 -44.95
C HIS D 345 35.65 -15.63 -44.05
N ILE D 346 36.95 -15.76 -43.77
CA ILE D 346 37.68 -14.84 -42.91
C ILE D 346 38.13 -13.57 -43.61
N CYS D 347 37.54 -12.46 -43.19
CA CYS D 347 37.85 -11.16 -43.77
C CYS D 347 38.72 -10.39 -42.78
N HIS D 348 39.79 -9.80 -43.29
CA HIS D 348 40.70 -9.04 -42.45
C HIS D 348 40.27 -7.57 -42.34
N PHE D 349 39.87 -7.16 -41.14
CA PHE D 349 39.42 -5.79 -40.91
C PHE D 349 40.46 -4.92 -40.20
N GLN D 350 40.44 -3.65 -40.54
CA GLN D 350 41.31 -2.68 -39.92
C GLN D 350 40.38 -2.15 -38.83
N THR D 351 40.86 -2.09 -37.59
CA THR D 351 40.00 -1.62 -36.51
C THR D 351 39.28 -0.30 -36.82
N ASP D 352 39.89 0.61 -37.59
CA ASP D 352 39.24 1.88 -37.90
C ASP D 352 38.91 2.19 -39.37
N LYS D 353 38.89 1.18 -40.23
CA LYS D 353 38.58 1.36 -41.65
C LYS D 353 37.36 0.47 -41.90
N SER D 354 36.50 0.79 -42.87
CA SER D 354 35.31 -0.03 -43.07
C SER D 354 35.38 -1.14 -44.12
N ASN D 355 36.48 -1.22 -44.86
CA ASN D 355 36.64 -2.25 -45.87
C ASN D 355 37.54 -3.35 -45.32
N CYS D 356 37.29 -4.59 -45.72
CA CYS D 356 38.13 -5.69 -45.26
C CYS D 356 38.55 -6.57 -46.41
N THR D 357 39.61 -7.33 -46.18
CA THR D 357 40.09 -8.19 -47.21
C THR D 357 39.92 -9.66 -46.85
N PHE D 358 39.23 -10.39 -47.71
CA PHE D 358 39.04 -11.80 -47.48
C PHE D 358 40.39 -12.47 -47.64
N ILE D 359 40.81 -13.21 -46.62
CA ILE D 359 42.08 -13.91 -46.66
C ILE D 359 41.89 -15.38 -47.02
N THR D 360 40.62 -15.77 -47.22
CA THR D 360 40.28 -17.14 -47.59
C THR D 360 39.06 -17.09 -48.52
N LYS D 361 39.00 -18.06 -49.44
CA LYS D 361 37.88 -18.09 -50.36
C LYS D 361 37.66 -19.49 -50.91
N GLY D 362 36.50 -19.70 -51.53
CA GLY D 362 36.18 -21.01 -52.09
C GLY D 362 34.78 -21.49 -51.75
N ALA D 363 34.34 -22.54 -52.45
CA ALA D 363 33.02 -23.12 -52.22
C ALA D 363 33.08 -24.05 -51.01
N TRP D 364 33.29 -23.43 -49.86
CA TRP D 364 33.36 -24.11 -48.58
C TRP D 364 33.41 -22.99 -47.56
N GLU D 365 33.32 -23.34 -46.29
CA GLU D 365 33.32 -22.29 -45.28
C GLU D 365 34.33 -22.51 -44.19
N VAL D 366 34.55 -21.45 -43.42
CA VAL D 366 35.44 -21.52 -42.30
C VAL D 366 34.45 -21.68 -41.15
N ILE D 367 34.71 -22.65 -40.28
CA ILE D 367 33.82 -22.89 -39.16
C ILE D 367 34.12 -21.88 -38.06
N GLY D 368 35.40 -21.60 -37.86
CA GLY D 368 35.80 -20.65 -36.84
C GLY D 368 37.30 -20.44 -36.75
N ILE D 369 37.68 -19.31 -36.14
CA ILE D 369 39.07 -18.95 -35.93
C ILE D 369 39.50 -19.45 -34.54
N GLU D 370 40.52 -20.31 -34.49
CA GLU D 370 41.00 -20.86 -33.21
C GLU D 370 42.09 -20.04 -32.54
N ALA D 371 43.14 -19.71 -33.29
CA ALA D 371 44.27 -18.98 -32.74
C ALA D 371 44.85 -17.94 -33.71
N LEU D 372 45.52 -16.94 -33.13
CA LEU D 372 46.12 -15.88 -33.92
C LEU D 372 47.43 -15.33 -33.32
N THR D 373 48.52 -15.39 -34.08
CA THR D 373 49.79 -14.87 -33.60
C THR D 373 50.10 -13.66 -34.44
N SER D 374 51.32 -13.17 -34.33
CA SER D 374 51.74 -12.01 -35.10
C SER D 374 52.05 -12.40 -36.53
N ASP D 375 52.31 -13.68 -36.76
CA ASP D 375 52.62 -14.17 -38.11
C ASP D 375 51.48 -15.01 -38.68
N TYR D 376 51.01 -15.95 -37.87
CA TYR D 376 49.99 -16.89 -38.30
C TYR D 376 48.61 -16.76 -37.68
N LEU D 377 47.65 -17.37 -38.36
CA LEU D 377 46.28 -17.42 -37.91
C LEU D 377 45.80 -18.84 -38.18
N TYR D 378 45.39 -19.53 -37.12
CA TYR D 378 44.89 -20.90 -37.25
C TYR D 378 43.38 -20.94 -37.26
N TYR D 379 42.81 -21.83 -38.07
CA TYR D 379 41.35 -21.93 -38.12
C TYR D 379 40.87 -23.34 -38.54
N ILE D 380 39.57 -23.58 -38.35
CA ILE D 380 38.96 -24.85 -38.68
C ILE D 380 37.96 -24.61 -39.81
N SER D 381 38.05 -25.41 -40.87
CA SER D 381 37.14 -25.29 -42.02
C SER D 381 36.83 -26.65 -42.61
N ASN D 382 35.87 -26.70 -43.53
CA ASN D 382 35.50 -27.96 -44.15
C ASN D 382 35.87 -27.98 -45.63
N GLU D 383 37.06 -27.46 -45.94
CA GLU D 383 37.54 -27.40 -47.33
C GLU D 383 38.07 -28.75 -47.82
N HIS D 384 38.69 -29.50 -46.92
CA HIS D 384 39.27 -30.78 -47.29
C HIS D 384 38.31 -31.77 -47.92
N LYS D 385 38.72 -32.31 -49.06
CA LYS D 385 37.94 -33.29 -49.81
C LYS D 385 36.54 -32.76 -50.10
N GLY D 386 36.40 -31.45 -50.12
CA GLY D 386 35.10 -30.87 -50.40
C GLY D 386 33.99 -31.48 -49.57
N MET D 387 34.32 -32.00 -48.38
CA MET D 387 33.30 -32.60 -47.49
C MET D 387 32.76 -31.62 -46.47
N PRO D 388 31.58 -31.05 -46.74
CA PRO D 388 30.97 -30.10 -45.83
C PRO D 388 30.90 -30.65 -44.40
N GLY D 389 30.71 -31.97 -44.29
CA GLY D 389 30.64 -32.59 -42.98
C GLY D 389 31.97 -33.00 -42.38
N GLY D 390 33.06 -32.45 -42.89
CA GLY D 390 34.37 -32.77 -42.35
C GLY D 390 34.97 -31.54 -41.68
N ARG D 391 35.97 -31.73 -40.83
CA ARG D 391 36.59 -30.60 -40.13
C ARG D 391 38.10 -30.80 -40.00
N ASN D 392 38.86 -29.76 -40.33
CA ASN D 392 40.32 -29.79 -40.27
C ASN D 392 40.89 -28.46 -39.80
N LEU D 393 42.07 -28.52 -39.19
CA LEU D 393 42.77 -27.35 -38.68
C LEU D 393 43.74 -26.81 -39.72
N TYR D 394 43.62 -25.53 -40.05
CA TYR D 394 44.51 -24.92 -41.03
C TYR D 394 45.26 -23.75 -40.42
N ARG D 395 46.33 -23.35 -41.12
CA ARG D 395 47.15 -22.23 -40.71
C ARG D 395 47.48 -21.39 -41.94
N ILE D 396 47.17 -20.10 -41.87
CA ILE D 396 47.43 -19.20 -42.98
C ILE D 396 48.45 -18.14 -42.57
N GLN D 397 49.35 -17.81 -43.48
CA GLN D 397 50.36 -16.78 -43.21
C GLN D 397 49.72 -15.42 -43.36
N LEU D 398 49.77 -14.64 -42.28
CA LEU D 398 49.19 -13.31 -42.31
C LEU D 398 49.83 -12.38 -43.33
N ASN D 399 51.12 -12.60 -43.62
CA ASN D 399 51.82 -11.76 -44.59
C ASN D 399 51.81 -12.35 -45.99
N ASP D 400 50.95 -13.36 -46.20
CA ASP D 400 50.80 -14.01 -47.51
C ASP D 400 49.69 -15.06 -47.46
N TYR D 401 48.50 -14.62 -47.84
CA TYR D 401 47.31 -15.46 -47.85
C TYR D 401 47.41 -16.57 -48.89
N THR D 402 48.62 -16.79 -49.40
CA THR D 402 48.87 -17.82 -50.40
C THR D 402 49.37 -19.06 -49.70
N LYS D 403 50.20 -18.82 -48.68
CA LYS D 403 50.78 -19.89 -47.89
C LYS D 403 49.88 -20.36 -46.75
N VAL D 404 48.95 -21.25 -47.09
CA VAL D 404 48.02 -21.83 -46.13
C VAL D 404 48.52 -23.24 -45.88
N THR D 405 48.21 -23.80 -44.71
CA THR D 405 48.67 -25.14 -44.40
C THR D 405 47.66 -25.94 -43.60
N CYS D 406 47.46 -27.19 -44.00
CA CYS D 406 46.54 -28.03 -43.27
C CYS D 406 47.30 -28.92 -42.31
N LEU D 407 47.30 -28.52 -41.05
CA LEU D 407 48.02 -29.23 -39.99
C LEU D 407 47.46 -30.59 -39.59
N SER D 408 46.26 -30.93 -40.05
CA SER D 408 45.64 -32.21 -39.68
C SER D 408 45.27 -33.14 -40.84
N CYS D 409 44.91 -32.55 -41.98
CA CYS D 409 44.50 -33.34 -43.15
C CYS D 409 45.18 -34.69 -43.36
N GLU D 410 46.51 -34.72 -43.23
CA GLU D 410 47.24 -35.95 -43.49
C GLU D 410 47.68 -36.79 -42.31
N LEU D 411 47.30 -36.42 -41.09
CA LEU D 411 47.73 -37.19 -39.93
C LEU D 411 47.24 -38.63 -39.98
N ASN D 412 45.94 -38.81 -40.15
CA ASN D 412 45.33 -40.15 -40.23
C ASN D 412 44.09 -39.99 -41.12
N PRO D 413 44.31 -39.65 -42.39
CA PRO D 413 43.26 -39.42 -43.38
C PRO D 413 42.07 -40.38 -43.43
N GLU D 414 42.31 -41.64 -43.15
CA GLU D 414 41.22 -42.63 -43.19
C GLU D 414 40.40 -42.66 -41.91
N ARG D 415 41.06 -42.42 -40.77
CA ARG D 415 40.41 -42.42 -39.47
C ARG D 415 39.96 -41.05 -38.96
N CYS D 416 40.70 -40.01 -39.30
CA CYS D 416 40.40 -38.66 -38.82
C CYS D 416 40.11 -37.65 -39.91
N GLN D 417 38.85 -37.26 -40.00
CA GLN D 417 38.40 -36.30 -40.99
C GLN D 417 37.57 -35.21 -40.34
N TYR D 418 37.43 -35.29 -39.02
CA TYR D 418 36.68 -34.32 -38.24
C TYR D 418 37.52 -33.96 -36.99
N TYR D 419 38.08 -32.75 -36.97
CA TYR D 419 38.93 -32.31 -35.85
C TYR D 419 38.47 -31.00 -35.23
N SER D 420 38.99 -30.75 -34.03
CA SER D 420 38.75 -29.51 -33.30
C SER D 420 40.12 -29.30 -32.65
N ALA D 421 40.38 -28.13 -32.10
CA ALA D 421 41.69 -27.91 -31.50
C ALA D 421 41.72 -26.96 -30.33
N SER D 422 42.79 -27.10 -29.56
CA SER D 422 43.01 -26.28 -28.37
C SER D 422 44.46 -25.79 -28.34
N PHE D 423 44.65 -24.48 -28.34
CA PHE D 423 45.98 -23.88 -28.34
C PHE D 423 46.46 -23.35 -26.99
N SER D 424 47.75 -23.56 -26.71
CA SER D 424 48.35 -23.07 -25.47
C SER D 424 48.33 -21.55 -25.52
N ASN D 425 48.57 -20.93 -24.36
CA ASN D 425 48.53 -19.48 -24.24
C ASN D 425 49.05 -18.61 -25.37
N LYS D 426 50.22 -18.88 -25.91
CA LYS D 426 50.71 -18.03 -26.99
C LYS D 426 50.72 -18.79 -28.32
N ALA D 427 49.92 -19.86 -28.36
CA ALA D 427 49.78 -20.70 -29.54
C ALA D 427 51.03 -21.55 -29.77
N LYS D 428 51.87 -21.63 -28.76
CA LYS D 428 53.12 -22.38 -28.85
C LYS D 428 52.86 -23.90 -28.97
N TYR D 429 51.65 -24.32 -28.61
CA TYR D 429 51.29 -25.74 -28.65
C TYR D 429 49.80 -25.90 -28.87
N TYR D 430 49.41 -26.98 -29.53
CA TYR D 430 48.00 -27.23 -29.75
C TYR D 430 47.65 -28.69 -29.68
N GLN D 431 46.54 -28.98 -29.01
CA GLN D 431 46.06 -30.34 -28.89
C GLN D 431 45.05 -30.54 -30.03
N LEU D 432 45.20 -31.61 -30.79
CA LEU D 432 44.25 -31.90 -31.86
C LEU D 432 43.29 -32.96 -31.36
N ARG D 433 42.02 -32.85 -31.76
CA ARG D 433 41.00 -33.80 -31.34
C ARG D 433 40.31 -34.44 -32.54
N CYS D 434 40.57 -35.72 -32.73
CA CYS D 434 40.00 -36.50 -33.83
C CYS D 434 38.69 -37.19 -33.37
N PHE D 435 37.57 -36.88 -34.02
CA PHE D 435 36.28 -37.44 -33.63
C PHE D 435 35.69 -38.52 -34.49
N GLY D 436 36.10 -38.58 -35.75
CA GLY D 436 35.58 -39.58 -36.65
C GLY D 436 36.35 -39.55 -37.94
N PRO D 437 36.08 -40.48 -38.87
CA PRO D 437 35.08 -41.54 -38.74
C PRO D 437 35.54 -42.69 -37.86
N GLY D 438 36.85 -42.82 -37.68
CA GLY D 438 37.37 -43.89 -36.83
C GLY D 438 37.31 -43.53 -35.35
N LEU D 439 37.84 -44.39 -34.50
CA LEU D 439 37.79 -44.12 -33.07
C LEU D 439 38.45 -42.80 -32.70
N PRO D 440 37.79 -42.01 -31.84
CA PRO D 440 38.36 -40.73 -31.44
C PRO D 440 39.81 -40.89 -31.05
N LEU D 441 40.62 -39.88 -31.36
CA LEU D 441 42.04 -39.88 -31.08
C LEU D 441 42.54 -38.47 -30.70
N TYR D 442 43.24 -38.38 -29.59
CA TYR D 442 43.76 -37.10 -29.14
C TYR D 442 45.28 -37.09 -29.18
N THR D 443 45.85 -35.95 -29.55
CA THR D 443 47.29 -35.80 -29.65
C THR D 443 47.75 -34.39 -29.35
N LEU D 444 48.99 -34.29 -28.88
CA LEU D 444 49.59 -33.00 -28.56
C LEU D 444 50.59 -32.62 -29.67
N HIS D 445 50.47 -31.40 -30.19
CA HIS D 445 51.38 -30.94 -31.23
C HIS D 445 52.18 -29.70 -30.87
N SER D 446 53.36 -29.59 -31.49
CA SER D 446 54.24 -28.43 -31.31
C SER D 446 53.97 -27.47 -32.46
N SER D 447 53.78 -26.19 -32.17
CA SER D 447 53.50 -25.24 -33.24
C SER D 447 54.64 -24.96 -34.21
N SER D 448 55.88 -25.16 -33.75
CA SER D 448 57.04 -24.91 -34.61
C SER D 448 57.14 -25.95 -35.71
N SER D 449 57.60 -27.13 -35.32
CA SER D 449 57.78 -28.25 -36.25
C SER D 449 56.45 -28.89 -36.64
N ASP D 450 55.42 -28.62 -35.85
CA ASP D 450 54.10 -29.19 -36.08
C ASP D 450 54.21 -30.70 -35.91
N LYS D 451 55.33 -31.12 -35.32
CA LYS D 451 55.57 -32.53 -35.06
C LYS D 451 54.65 -32.99 -33.95
N GLU D 452 54.21 -34.23 -34.03
CA GLU D 452 53.33 -34.81 -33.03
C GLU D 452 54.14 -35.27 -31.83
N LEU D 453 54.17 -34.41 -30.81
CA LEU D 453 54.90 -34.68 -29.58
C LEU D 453 54.53 -36.03 -28.99
N ARG D 454 53.23 -36.32 -28.94
CA ARG D 454 52.77 -37.60 -28.40
C ARG D 454 51.28 -37.83 -28.53
N VAL D 455 50.88 -39.06 -28.23
CA VAL D 455 49.49 -39.47 -28.26
C VAL D 455 48.97 -39.36 -26.83
N LEU D 456 48.00 -38.49 -26.63
CA LEU D 456 47.43 -38.27 -25.31
C LEU D 456 46.44 -39.33 -24.90
N GLU D 457 45.75 -39.90 -25.89
CA GLU D 457 44.71 -40.91 -25.67
C GLU D 457 44.27 -41.43 -27.02
N ASP D 458 44.34 -42.75 -27.21
CA ASP D 458 43.96 -43.34 -28.49
C ASP D 458 42.86 -44.42 -28.47
N ASN D 459 42.03 -44.43 -27.41
CA ASN D 459 40.94 -45.40 -27.30
C ASN D 459 41.26 -46.79 -27.83
N SER D 460 42.48 -47.26 -27.57
CA SER D 460 42.90 -48.58 -28.03
C SER D 460 42.12 -49.65 -27.27
N ALA D 461 41.68 -49.34 -26.06
CA ALA D 461 40.90 -50.29 -25.30
C ALA D 461 39.61 -50.48 -26.07
N LEU D 462 38.93 -49.37 -26.35
CA LEU D 462 37.68 -49.45 -27.10
C LEU D 462 37.90 -50.22 -28.41
N ASP D 463 39.06 -50.02 -29.03
CA ASP D 463 39.36 -50.69 -30.28
C ASP D 463 39.37 -52.21 -30.13
N LYS D 464 39.96 -52.66 -29.04
CA LYS D 464 40.07 -54.08 -28.73
C LYS D 464 38.71 -54.70 -28.50
N MET D 465 37.86 -53.98 -27.76
CA MET D 465 36.51 -54.46 -27.46
C MET D 465 35.63 -54.57 -28.71
N LEU D 466 35.69 -53.57 -29.58
CA LEU D 466 34.85 -53.55 -30.76
C LEU D 466 35.14 -54.55 -31.85
N GLN D 467 36.31 -55.17 -31.83
CA GLN D 467 36.62 -56.14 -32.86
C GLN D 467 35.93 -57.46 -32.55
N ASP D 468 35.20 -57.48 -31.44
CA ASP D 468 34.47 -58.66 -31.04
C ASP D 468 32.96 -58.40 -31.19
N VAL D 469 32.62 -57.30 -31.84
CA VAL D 469 31.23 -56.95 -32.05
C VAL D 469 30.97 -56.61 -33.51
N GLN D 470 29.88 -57.16 -34.04
CA GLN D 470 29.51 -56.91 -35.44
C GLN D 470 29.05 -55.48 -35.59
N MET D 471 30.01 -54.56 -35.64
CA MET D 471 29.70 -53.14 -35.79
C MET D 471 29.16 -52.85 -37.17
N PRO D 472 28.20 -51.93 -37.26
CA PRO D 472 27.59 -51.53 -38.54
C PRO D 472 28.49 -50.50 -39.19
N SER D 473 28.37 -50.34 -40.50
CA SER D 473 29.19 -49.37 -41.22
C SER D 473 28.41 -48.11 -41.53
N LYS D 474 29.13 -47.02 -41.73
CA LYS D 474 28.48 -45.77 -42.05
C LYS D 474 29.04 -45.23 -43.35
N LYS D 475 28.19 -45.08 -44.35
CA LYS D 475 28.63 -44.57 -45.63
C LYS D 475 27.99 -43.21 -45.93
N LEU D 476 28.83 -42.25 -46.31
CA LEU D 476 28.40 -40.91 -46.70
C LEU D 476 28.48 -40.84 -48.21
N ASP D 477 27.43 -40.31 -48.83
CA ASP D 477 27.42 -40.20 -50.28
C ASP D 477 26.58 -38.99 -50.64
N VAL D 478 26.25 -38.87 -51.91
CA VAL D 478 25.48 -37.72 -52.36
C VAL D 478 24.33 -38.10 -53.27
N ILE D 479 23.31 -37.24 -53.32
CA ILE D 479 22.18 -37.46 -54.20
C ILE D 479 21.94 -36.10 -54.83
N ASN D 480 21.10 -36.07 -55.85
CA ASN D 480 20.85 -34.81 -56.53
C ASN D 480 19.40 -34.36 -56.43
N LEU D 481 19.17 -33.30 -55.68
CA LEU D 481 17.84 -32.73 -55.55
C LEU D 481 17.93 -31.32 -56.05
N HIS D 482 16.87 -30.85 -56.70
CA HIS D 482 16.84 -29.50 -57.22
C HIS D 482 18.22 -29.09 -57.75
N GLY D 483 18.74 -29.86 -58.69
CA GLY D 483 20.03 -29.56 -59.28
C GLY D 483 21.27 -29.61 -58.39
N THR D 484 21.11 -29.39 -57.09
CA THR D 484 22.27 -29.40 -56.19
C THR D 484 22.64 -30.77 -55.65
N LYS D 485 23.89 -30.91 -55.22
CA LYS D 485 24.38 -32.16 -54.66
C LYS D 485 24.31 -32.08 -53.16
N PHE D 486 23.36 -32.79 -52.57
CA PHE D 486 23.23 -32.77 -51.13
C PHE D 486 23.78 -34.05 -50.56
N TRP D 487 24.30 -33.98 -49.35
CA TRP D 487 24.86 -35.16 -48.71
C TRP D 487 23.88 -35.90 -47.82
N TYR D 488 24.20 -37.17 -47.58
CA TYR D 488 23.42 -38.01 -46.70
C TYR D 488 24.35 -39.06 -46.17
N GLN D 489 23.86 -39.84 -45.22
CA GLN D 489 24.64 -40.91 -44.62
C GLN D 489 23.68 -42.02 -44.27
N MET D 490 24.17 -43.25 -44.29
CA MET D 490 23.35 -44.40 -43.94
C MET D 490 24.13 -45.31 -43.03
N ILE D 491 23.62 -45.58 -41.84
CA ILE D 491 24.28 -46.50 -40.93
C ILE D 491 23.82 -47.85 -41.46
N LEU D 492 24.74 -48.56 -42.11
CA LEU D 492 24.43 -49.86 -42.70
C LEU D 492 24.67 -51.03 -41.76
N PRO D 493 23.72 -51.96 -41.70
CA PRO D 493 23.81 -53.15 -40.85
C PRO D 493 24.99 -54.06 -41.22
N PRO D 494 25.53 -54.81 -40.25
CA PRO D 494 26.65 -55.72 -40.54
C PRO D 494 26.30 -56.69 -41.68
N HIS D 495 27.34 -57.15 -42.38
CA HIS D 495 27.18 -58.06 -43.51
C HIS D 495 26.05 -57.54 -44.37
N PHE D 496 26.12 -56.25 -44.70
CA PHE D 496 25.11 -55.64 -45.53
C PHE D 496 25.02 -56.39 -46.84
N ASP D 497 23.82 -56.76 -47.23
CA ASP D 497 23.64 -57.50 -48.46
C ASP D 497 22.63 -56.83 -49.34
N LYS D 498 23.09 -56.02 -50.30
CA LYS D 498 22.13 -55.39 -51.20
C LYS D 498 21.40 -56.59 -51.79
N SER D 499 20.41 -56.35 -52.64
CA SER D 499 19.64 -57.46 -53.20
C SER D 499 18.55 -57.78 -52.19
N LYS D 500 18.93 -57.75 -50.92
CA LYS D 500 18.02 -58.01 -49.81
C LYS D 500 17.38 -56.66 -49.48
N LYS D 501 16.14 -56.65 -49.03
CA LYS D 501 15.46 -55.39 -48.72
C LYS D 501 15.38 -55.05 -47.23
N TYR D 502 16.06 -53.99 -46.82
CA TYR D 502 16.06 -53.58 -45.42
C TYR D 502 15.05 -52.48 -45.12
N PRO D 503 14.54 -52.44 -43.87
CA PRO D 503 13.58 -51.38 -43.55
C PRO D 503 14.45 -50.15 -43.34
N LEU D 504 13.88 -48.98 -43.58
CA LEU D 504 14.63 -47.73 -43.47
C LEU D 504 14.07 -46.78 -42.42
N LEU D 505 14.99 -46.25 -41.62
CA LEU D 505 14.65 -45.28 -40.59
C LEU D 505 15.37 -44.00 -40.96
N ILE D 506 14.64 -42.90 -40.96
CA ILE D 506 15.22 -41.61 -41.28
C ILE D 506 15.29 -40.83 -39.99
N GLU D 507 16.51 -40.59 -39.51
CA GLU D 507 16.71 -39.79 -38.32
C GLU D 507 16.92 -38.39 -38.90
N VAL D 508 16.04 -37.48 -38.55
CA VAL D 508 16.10 -36.14 -39.08
C VAL D 508 16.19 -35.05 -38.02
N TYR D 509 16.72 -33.91 -38.44
CA TYR D 509 16.83 -32.73 -37.62
C TYR D 509 16.40 -31.61 -38.55
N ALA D 510 17.22 -31.35 -39.55
CA ALA D 510 16.94 -30.36 -40.59
C ALA D 510 16.53 -28.96 -40.16
N GLY D 511 17.09 -28.48 -39.05
CA GLY D 511 16.77 -27.12 -38.60
C GLY D 511 17.71 -26.19 -39.34
N PRO D 512 17.44 -24.88 -39.39
CA PRO D 512 18.35 -23.96 -40.09
C PRO D 512 19.79 -24.04 -39.61
N CYS D 513 20.71 -24.27 -40.56
CA CYS D 513 22.14 -24.35 -40.31
C CYS D 513 22.54 -25.63 -39.58
N SER D 514 21.75 -26.67 -39.76
CA SER D 514 22.03 -27.93 -39.11
C SER D 514 22.89 -28.77 -40.04
N GLN D 515 23.36 -29.90 -39.50
CA GLN D 515 24.19 -30.83 -40.23
C GLN D 515 24.10 -32.17 -39.55
N LYS D 516 23.29 -33.07 -40.10
CA LYS D 516 23.14 -34.41 -39.55
C LYS D 516 24.12 -35.36 -40.22
N VAL D 517 24.69 -34.92 -41.33
CA VAL D 517 25.60 -35.75 -42.08
C VAL D 517 27.03 -35.31 -41.88
N ASP D 518 27.78 -36.07 -41.10
CA ASP D 518 29.18 -35.75 -40.85
C ASP D 518 30.01 -37.03 -40.66
N THR D 519 31.29 -36.87 -40.35
CA THR D 519 32.14 -38.04 -40.17
C THR D 519 32.48 -38.33 -38.71
N VAL D 520 31.68 -37.81 -37.80
CA VAL D 520 31.91 -38.02 -36.37
C VAL D 520 31.58 -39.46 -35.95
N PHE D 521 32.36 -40.03 -35.03
CA PHE D 521 32.08 -41.40 -34.57
C PHE D 521 31.08 -41.34 -33.43
N ARG D 522 29.99 -42.10 -33.55
CA ARG D 522 28.96 -42.09 -32.52
C ARG D 522 28.43 -43.45 -32.16
N LEU D 523 28.45 -43.79 -30.87
CA LEU D 523 27.88 -45.06 -30.44
C LEU D 523 26.45 -44.68 -30.12
N SER D 524 25.57 -44.80 -31.11
CA SER D 524 24.18 -44.39 -30.95
C SER D 524 23.09 -45.46 -30.97
N TRP D 525 21.86 -44.99 -30.82
CA TRP D 525 20.69 -45.87 -30.87
C TRP D 525 20.62 -46.49 -32.28
N ALA D 526 21.01 -45.73 -33.30
CA ALA D 526 20.98 -46.25 -34.67
C ALA D 526 22.06 -47.32 -34.81
N THR D 527 23.13 -47.16 -34.06
CA THR D 527 24.21 -48.14 -34.10
C THR D 527 23.54 -49.47 -33.81
N TYR D 528 22.77 -49.51 -32.74
CA TYR D 528 22.04 -50.70 -32.32
C TYR D 528 21.00 -51.13 -33.39
N LEU D 529 20.20 -50.18 -33.85
CA LEU D 529 19.18 -50.47 -34.85
C LEU D 529 19.76 -51.14 -36.10
N ALA D 530 20.93 -50.69 -36.55
CA ALA D 530 21.57 -51.25 -37.74
C ALA D 530 22.30 -52.54 -37.39
N SER D 531 23.08 -52.51 -36.32
CA SER D 531 23.81 -53.69 -35.92
C SER D 531 22.90 -54.84 -35.50
N THR D 532 22.03 -54.58 -34.54
CA THR D 532 21.19 -55.64 -34.04
C THR D 532 19.87 -55.87 -34.74
N GLU D 533 19.15 -54.82 -35.11
CA GLU D 533 17.85 -55.01 -35.76
C GLU D 533 17.87 -54.94 -37.30
N ASN D 534 19.05 -54.85 -37.89
CA ASN D 534 19.18 -54.79 -39.35
C ASN D 534 18.35 -53.72 -40.03
N ILE D 535 18.17 -52.59 -39.36
CA ILE D 535 17.43 -51.49 -39.93
C ILE D 535 18.46 -50.49 -40.46
N ILE D 536 18.23 -49.95 -41.65
CA ILE D 536 19.16 -48.97 -42.18
C ILE D 536 18.76 -47.62 -41.60
N VAL D 537 19.75 -46.89 -41.08
CA VAL D 537 19.46 -45.58 -40.54
C VAL D 537 20.11 -44.52 -41.42
N ALA D 538 19.28 -43.69 -42.04
CA ALA D 538 19.78 -42.65 -42.92
C ALA D 538 19.42 -41.26 -42.44
N SER D 539 20.28 -40.31 -42.78
CA SER D 539 20.10 -38.91 -42.43
C SER D 539 20.34 -38.07 -43.70
N PHE D 540 19.69 -36.92 -43.76
CA PHE D 540 19.83 -36.07 -44.94
C PHE D 540 19.81 -34.56 -44.69
N ASP D 541 20.79 -33.87 -45.26
CA ASP D 541 20.85 -32.42 -45.12
C ASP D 541 20.46 -31.76 -46.45
N GLY D 542 19.28 -31.16 -46.48
CA GLY D 542 18.81 -30.50 -47.68
C GLY D 542 18.78 -29.00 -47.51
N ARG D 543 17.76 -28.35 -48.04
CA ARG D 543 17.66 -26.91 -47.92
C ARG D 543 17.62 -26.50 -46.44
N GLY D 544 18.34 -25.43 -46.11
CA GLY D 544 18.36 -24.96 -44.73
C GLY D 544 19.61 -25.37 -44.00
N SER D 545 20.18 -26.54 -44.33
CA SER D 545 21.38 -26.99 -43.64
C SER D 545 22.55 -26.00 -43.77
N GLY D 546 23.48 -26.06 -42.81
CA GLY D 546 24.61 -25.13 -42.81
C GLY D 546 25.92 -25.66 -43.32
N TYR D 547 26.96 -24.84 -43.21
CA TYR D 547 28.33 -25.17 -43.62
C TYR D 547 28.45 -25.44 -45.12
N GLN D 548 27.47 -24.96 -45.89
CA GLN D 548 27.48 -25.20 -47.32
C GLN D 548 27.21 -23.97 -48.18
N GLY D 549 27.31 -22.79 -47.57
CA GLY D 549 27.06 -21.56 -48.31
C GLY D 549 25.72 -21.00 -47.91
N ASP D 550 25.50 -19.72 -48.17
CA ASP D 550 24.26 -19.06 -47.82
C ASP D 550 23.11 -19.41 -48.75
N LYS D 551 23.43 -19.75 -50.00
CA LYS D 551 22.39 -20.10 -50.97
C LYS D 551 21.55 -21.24 -50.41
N ILE D 552 22.22 -22.24 -49.84
CA ILE D 552 21.55 -23.40 -49.27
C ILE D 552 20.86 -23.07 -47.96
N MET D 553 21.66 -22.71 -46.98
CA MET D 553 21.14 -22.39 -45.66
C MET D 553 19.97 -21.43 -45.65
N HIS D 554 20.06 -20.33 -46.40
CA HIS D 554 18.98 -19.34 -46.38
C HIS D 554 17.74 -19.65 -47.23
N ALA D 555 17.72 -20.85 -47.83
CA ALA D 555 16.61 -21.26 -48.67
C ALA D 555 15.26 -21.40 -47.94
N ILE D 556 15.28 -21.40 -46.61
CA ILE D 556 14.03 -21.54 -45.87
C ILE D 556 13.76 -20.28 -45.04
N ASN D 557 14.56 -19.24 -45.26
CA ASN D 557 14.37 -17.99 -44.52
C ASN D 557 12.90 -17.58 -44.64
N ARG D 558 12.32 -17.18 -43.53
CA ARG D 558 10.92 -16.75 -43.55
C ARG D 558 9.93 -17.83 -43.96
N ARG D 559 10.39 -19.05 -44.19
CA ARG D 559 9.47 -20.13 -44.57
C ARG D 559 9.85 -21.50 -43.99
N LEU D 560 9.94 -21.57 -42.66
CA LEU D 560 10.28 -22.83 -41.98
C LEU D 560 9.16 -23.84 -42.17
N GLY D 561 9.54 -25.11 -42.23
CA GLY D 561 8.55 -26.15 -42.39
C GLY D 561 8.15 -26.35 -43.84
N THR D 562 8.97 -25.90 -44.76
CA THR D 562 8.65 -26.06 -46.16
C THR D 562 9.73 -26.88 -46.87
N PHE D 563 10.65 -26.20 -47.52
CA PHE D 563 11.71 -26.85 -48.27
C PHE D 563 12.48 -27.92 -47.53
N GLU D 564 12.77 -27.71 -46.24
CA GLU D 564 13.54 -28.70 -45.53
C GLU D 564 12.75 -29.99 -45.32
N VAL D 565 11.44 -29.87 -45.08
CA VAL D 565 10.68 -31.10 -44.91
C VAL D 565 10.49 -31.73 -46.29
N GLU D 566 10.15 -30.90 -47.28
CA GLU D 566 9.97 -31.37 -48.64
C GLU D 566 11.21 -32.11 -49.13
N ASP D 567 12.40 -31.61 -48.77
CA ASP D 567 13.63 -32.25 -49.19
C ASP D 567 13.83 -33.60 -48.50
N GLN D 568 13.35 -33.76 -47.26
CA GLN D 568 13.50 -35.03 -46.55
C GLN D 568 12.68 -36.05 -47.33
N ILE D 569 11.48 -35.61 -47.74
CA ILE D 569 10.55 -36.43 -48.50
C ILE D 569 11.14 -36.85 -49.84
N GLU D 570 11.55 -35.88 -50.66
CA GLU D 570 12.12 -36.20 -51.96
C GLU D 570 13.32 -37.11 -51.83
N ALA D 571 14.18 -36.84 -50.86
CA ALA D 571 15.36 -37.67 -50.65
C ALA D 571 14.97 -39.09 -50.25
N THR D 572 14.00 -39.21 -49.35
CA THR D 572 13.56 -40.53 -48.90
C THR D 572 13.01 -41.25 -50.11
N ARG D 573 12.15 -40.54 -50.85
CA ARG D 573 11.54 -41.09 -52.04
C ARG D 573 12.67 -41.70 -52.88
N GLN D 574 13.71 -40.91 -53.15
CA GLN D 574 14.83 -41.44 -53.91
C GLN D 574 15.43 -42.68 -53.24
N PHE D 575 15.66 -42.61 -51.94
CA PHE D 575 16.21 -43.76 -51.22
C PHE D 575 15.28 -44.96 -51.40
N SER D 576 14.00 -44.74 -51.14
CA SER D 576 13.01 -45.79 -51.23
C SER D 576 13.04 -46.56 -52.53
N LYS D 577 13.61 -45.98 -53.58
CA LYS D 577 13.66 -46.66 -54.87
C LYS D 577 14.95 -47.39 -55.17
N MET D 578 15.84 -47.45 -54.19
CA MET D 578 17.10 -48.16 -54.37
C MET D 578 16.80 -49.62 -54.06
N GLY D 579 17.58 -50.53 -54.64
CA GLY D 579 17.35 -51.95 -54.43
C GLY D 579 17.25 -52.45 -53.00
N PHE D 580 18.33 -52.28 -52.24
CA PHE D 580 18.45 -52.75 -50.87
C PHE D 580 17.52 -52.14 -49.84
N VAL D 581 16.48 -51.43 -50.29
CA VAL D 581 15.54 -50.81 -49.38
C VAL D 581 14.14 -51.34 -49.60
N ASP D 582 13.39 -51.53 -48.53
CA ASP D 582 12.01 -52.01 -48.60
C ASP D 582 11.05 -50.84 -48.41
N ASP D 583 10.46 -50.37 -49.50
CA ASP D 583 9.55 -49.22 -49.43
C ASP D 583 8.28 -49.43 -48.63
N LYS D 584 7.97 -50.69 -48.32
CA LYS D 584 6.76 -50.99 -47.54
C LYS D 584 7.02 -50.79 -46.04
N ARG D 585 8.24 -50.41 -45.70
CA ARG D 585 8.61 -50.21 -44.31
C ARG D 585 9.60 -49.07 -44.13
N ILE D 586 9.12 -47.84 -44.23
CA ILE D 586 10.00 -46.70 -44.04
C ILE D 586 9.47 -45.82 -42.92
N ALA D 587 10.37 -45.48 -41.98
CA ALA D 587 10.00 -44.65 -40.83
C ALA D 587 10.92 -43.43 -40.75
N ILE D 588 10.51 -42.46 -39.93
CA ILE D 588 11.27 -41.22 -39.72
C ILE D 588 11.06 -40.72 -38.30
N TRP D 589 12.16 -40.37 -37.62
CA TRP D 589 12.07 -39.88 -36.25
C TRP D 589 13.00 -38.68 -35.97
N GLY D 590 12.64 -37.86 -35.00
CA GLY D 590 13.45 -36.71 -34.66
C GLY D 590 13.15 -36.12 -33.29
N TRP D 591 14.06 -35.26 -32.82
CA TRP D 591 13.94 -34.60 -31.53
C TRP D 591 13.91 -33.09 -31.79
N SER D 592 13.10 -32.35 -31.02
CA SER D 592 13.00 -30.90 -31.16
C SER D 592 12.64 -30.51 -32.60
N TYR D 593 13.54 -29.79 -33.29
CA TYR D 593 13.25 -29.41 -34.66
C TYR D 593 12.99 -30.67 -35.49
N GLY D 594 13.75 -31.71 -35.19
CA GLY D 594 13.63 -32.98 -35.88
C GLY D 594 12.24 -33.55 -35.69
N GLY D 595 11.73 -33.43 -34.47
CA GLY D 595 10.40 -33.89 -34.18
C GLY D 595 9.41 -33.09 -35.00
N TYR D 596 9.64 -31.79 -35.10
CA TYR D 596 8.77 -30.91 -35.88
C TYR D 596 8.70 -31.36 -37.31
N VAL D 597 9.87 -31.57 -37.89
CA VAL D 597 9.97 -31.98 -39.28
C VAL D 597 9.37 -33.37 -39.45
N THR D 598 9.68 -34.26 -38.53
CA THR D 598 9.14 -35.61 -38.56
C THR D 598 7.60 -35.55 -38.69
N SER D 599 6.98 -34.66 -37.92
CA SER D 599 5.53 -34.51 -37.94
C SER D 599 5.04 -33.88 -39.25
N MET D 600 5.72 -32.83 -39.68
CA MET D 600 5.37 -32.16 -40.92
C MET D 600 5.40 -33.16 -42.07
N VAL D 601 6.28 -34.15 -41.97
CA VAL D 601 6.39 -35.18 -43.00
C VAL D 601 5.25 -36.20 -42.87
N LEU D 602 5.15 -36.80 -41.69
CA LEU D 602 4.09 -37.77 -41.47
C LEU D 602 2.77 -37.15 -41.90
N GLY D 603 2.62 -35.84 -41.68
CA GLY D 603 1.37 -35.18 -42.05
C GLY D 603 1.30 -34.59 -43.45
N ALA D 604 2.29 -34.89 -44.26
CA ALA D 604 2.33 -34.38 -45.63
C ALA D 604 1.45 -35.18 -46.60
N GLY D 605 1.12 -36.43 -46.25
CA GLY D 605 0.27 -37.24 -47.10
C GLY D 605 1.03 -37.72 -48.33
N SER D 606 2.34 -37.90 -48.17
CA SER D 606 3.24 -38.32 -49.24
C SER D 606 3.29 -39.83 -49.43
N GLY D 607 2.53 -40.57 -48.63
CA GLY D 607 2.52 -42.02 -48.75
C GLY D 607 3.84 -42.73 -48.58
N VAL D 608 4.93 -41.98 -48.49
CA VAL D 608 6.26 -42.58 -48.36
C VAL D 608 6.59 -43.21 -47.02
N PHE D 609 6.03 -42.66 -45.94
CA PHE D 609 6.34 -43.16 -44.61
C PHE D 609 5.23 -43.96 -43.95
N LYS D 610 5.63 -45.05 -43.31
CA LYS D 610 4.67 -45.94 -42.65
C LYS D 610 4.36 -45.45 -41.24
N CYS D 611 5.41 -45.09 -40.51
CA CYS D 611 5.24 -44.61 -39.14
C CYS D 611 6.35 -43.62 -38.83
N GLY D 612 6.24 -42.95 -37.69
CA GLY D 612 7.25 -42.00 -37.30
C GLY D 612 7.14 -41.68 -35.84
N ILE D 613 8.24 -41.19 -35.26
CA ILE D 613 8.28 -40.84 -33.84
C ILE D 613 8.77 -39.42 -33.76
N ALA D 614 8.11 -38.59 -32.96
CA ALA D 614 8.54 -37.22 -32.78
C ALA D 614 8.77 -37.00 -31.29
N VAL D 615 9.96 -36.59 -30.90
CA VAL D 615 10.24 -36.35 -29.49
C VAL D 615 10.42 -34.86 -29.23
N ALA D 616 9.69 -34.34 -28.24
CA ALA D 616 9.75 -32.93 -27.85
C ALA D 616 9.75 -31.98 -29.05
N PRO D 617 8.78 -32.17 -29.98
CA PRO D 617 8.69 -31.34 -31.17
C PRO D 617 8.08 -29.97 -30.98
N VAL D 618 8.33 -29.12 -31.97
CA VAL D 618 7.77 -27.78 -32.01
C VAL D 618 6.52 -28.04 -32.84
N SER D 619 5.37 -27.53 -32.44
CA SER D 619 4.20 -27.78 -33.26
C SER D 619 3.65 -26.49 -33.88
N LYS D 620 4.04 -25.35 -33.30
CA LYS D 620 3.58 -24.05 -33.81
C LYS D 620 4.60 -23.00 -33.40
N TRP D 621 5.26 -22.41 -34.38
CA TRP D 621 6.30 -21.41 -34.11
C TRP D 621 5.92 -20.31 -33.15
N GLU D 622 4.67 -19.87 -33.13
CA GLU D 622 4.34 -18.83 -32.18
C GLU D 622 4.55 -19.33 -30.75
N TYR D 623 4.75 -20.64 -30.59
CA TYR D 623 4.95 -21.22 -29.26
C TYR D 623 6.40 -21.18 -28.83
N TYR D 624 7.31 -21.08 -29.81
CA TYR D 624 8.73 -21.03 -29.50
C TYR D 624 9.21 -19.63 -29.15
N ASP D 625 10.42 -19.54 -28.59
CA ASP D 625 10.92 -18.23 -28.19
C ASP D 625 11.21 -17.30 -29.34
N SER D 626 11.25 -16.02 -28.99
CA SER D 626 11.47 -14.91 -29.91
C SER D 626 12.83 -14.86 -30.62
N VAL D 627 13.91 -14.81 -29.85
CA VAL D 627 15.23 -14.72 -30.44
C VAL D 627 15.52 -15.71 -31.54
N TYR D 628 15.09 -16.95 -31.39
CA TYR D 628 15.34 -17.96 -32.40
C TYR D 628 14.31 -17.96 -33.55
N THR D 629 13.02 -17.98 -33.21
CA THR D 629 11.97 -18.05 -34.22
C THR D 629 12.00 -16.85 -35.16
N GLU D 630 12.07 -15.66 -34.58
CA GLU D 630 12.11 -14.43 -35.35
C GLU D 630 13.31 -14.41 -36.29
N ARG D 631 14.45 -14.87 -35.80
CA ARG D 631 15.65 -14.91 -36.61
C ARG D 631 15.33 -15.53 -37.98
N TYR D 632 14.39 -16.48 -38.02
CA TYR D 632 14.07 -17.15 -39.28
C TYR D 632 12.67 -16.89 -39.84
N MET D 633 11.75 -16.39 -39.02
CA MET D 633 10.39 -16.17 -39.49
C MET D 633 9.93 -14.71 -39.41
N GLY D 634 10.76 -13.85 -38.81
CA GLY D 634 10.37 -12.47 -38.68
C GLY D 634 9.23 -12.36 -37.68
N LEU D 635 8.47 -11.26 -37.77
CA LEU D 635 7.37 -11.05 -36.86
C LEU D 635 6.09 -11.68 -37.38
N PRO D 636 5.35 -12.38 -36.51
CA PRO D 636 4.10 -13.06 -36.85
C PRO D 636 2.87 -12.16 -37.00
N THR D 637 3.09 -10.96 -37.52
CA THR D 637 2.02 -9.99 -37.73
C THR D 637 1.50 -10.09 -39.16
N PRO D 638 0.28 -9.60 -39.40
CA PRO D 638 -0.22 -9.68 -40.77
C PRO D 638 0.64 -8.82 -41.70
N GLU D 639 1.34 -7.84 -41.14
CA GLU D 639 2.20 -6.94 -41.90
C GLU D 639 3.63 -7.46 -42.11
N ASP D 640 3.96 -8.60 -41.49
CA ASP D 640 5.29 -9.19 -41.68
C ASP D 640 5.15 -10.60 -42.26
N ASN D 641 5.25 -11.62 -41.40
CA ASN D 641 5.17 -12.99 -41.88
C ASN D 641 4.10 -13.90 -41.28
N LEU D 642 3.05 -13.32 -40.67
CA LEU D 642 1.99 -14.13 -40.05
C LEU D 642 1.54 -15.30 -40.92
N ASP D 643 1.31 -15.05 -42.20
CA ASP D 643 0.84 -16.10 -43.10
C ASP D 643 1.68 -17.38 -43.15
N TYR D 644 3.00 -17.26 -43.14
CA TYR D 644 3.87 -18.43 -43.16
C TYR D 644 4.00 -19.08 -41.77
N TYR D 645 3.52 -18.37 -40.75
CA TYR D 645 3.51 -18.86 -39.39
C TYR D 645 2.29 -19.76 -39.34
N ARG D 646 1.20 -19.21 -39.88
CA ARG D 646 -0.11 -19.85 -39.91
C ARG D 646 -0.22 -21.15 -40.66
N ASN D 647 0.46 -21.31 -41.79
CA ASN D 647 0.33 -22.56 -42.51
C ASN D 647 1.52 -23.50 -42.32
N SER D 648 2.30 -23.27 -41.27
CA SER D 648 3.48 -24.11 -41.01
C SER D 648 3.39 -24.88 -39.68
N THR D 649 2.18 -24.98 -39.12
CA THR D 649 1.99 -25.72 -37.90
C THR D 649 1.81 -27.18 -38.27
N VAL D 650 1.86 -28.06 -37.28
CA VAL D 650 1.64 -29.46 -37.54
C VAL D 650 0.12 -29.64 -37.53
N MET D 651 -0.54 -28.98 -36.58
CA MET D 651 -1.98 -29.06 -36.45
C MET D 651 -2.68 -28.95 -37.78
N SER D 652 -2.30 -27.96 -38.57
CA SER D 652 -2.97 -27.76 -39.85
C SER D 652 -2.96 -29.02 -40.74
N ARG D 653 -2.08 -29.98 -40.44
CA ARG D 653 -1.98 -31.20 -41.23
C ARG D 653 -2.49 -32.48 -40.56
N ALA D 654 -3.22 -32.33 -39.45
CA ALA D 654 -3.75 -33.45 -38.69
C ALA D 654 -4.53 -34.51 -39.46
N GLU D 655 -5.31 -34.10 -40.45
CA GLU D 655 -6.07 -35.07 -41.22
C GLU D 655 -5.16 -36.12 -41.84
N ASN D 656 -3.99 -35.72 -42.32
CA ASN D 656 -3.12 -36.67 -42.96
C ASN D 656 -2.53 -37.74 -42.07
N PHE D 657 -2.79 -37.64 -40.76
CA PHE D 657 -2.26 -38.61 -39.81
C PHE D 657 -2.99 -39.93 -39.82
N LYS D 658 -4.25 -39.90 -40.27
CA LYS D 658 -5.09 -41.10 -40.38
C LYS D 658 -4.34 -42.13 -41.19
N GLN D 659 -3.51 -41.65 -42.10
CA GLN D 659 -2.72 -42.52 -42.97
C GLN D 659 -1.52 -43.21 -42.33
N VAL D 660 -1.03 -42.73 -41.19
CA VAL D 660 0.15 -43.33 -40.59
C VAL D 660 0.12 -43.65 -39.10
N GLU D 661 1.11 -44.41 -38.64
CA GLU D 661 1.23 -44.77 -37.23
C GLU D 661 2.19 -43.74 -36.61
N TYR D 662 1.76 -43.11 -35.52
CA TYR D 662 2.53 -42.04 -34.90
C TYR D 662 2.75 -42.11 -33.39
N LEU D 663 3.98 -41.83 -32.99
CA LEU D 663 4.36 -41.82 -31.57
C LEU D 663 4.83 -40.39 -31.16
N LEU D 664 4.08 -39.81 -30.22
CA LEU D 664 4.33 -38.46 -29.70
C LEU D 664 4.91 -38.50 -28.29
N ILE D 665 6.18 -38.12 -28.14
CA ILE D 665 6.82 -38.11 -26.83
C ILE D 665 7.20 -36.69 -26.39
N HIS D 666 7.12 -36.40 -25.10
CA HIS D 666 7.47 -35.06 -24.64
C HIS D 666 7.63 -34.99 -23.11
N GLY D 667 8.56 -34.18 -22.64
CA GLY D 667 8.74 -34.03 -21.22
C GLY D 667 7.84 -32.94 -20.64
N THR D 668 7.15 -33.24 -19.56
CA THR D 668 6.26 -32.29 -18.90
C THR D 668 6.98 -31.05 -18.35
N ALA D 669 8.28 -31.20 -18.11
CA ALA D 669 9.09 -30.12 -17.58
C ALA D 669 10.03 -29.48 -18.62
N ASP D 670 9.72 -29.66 -19.90
CA ASP D 670 10.55 -29.08 -20.93
C ASP D 670 10.36 -27.56 -20.90
N ASP D 671 11.39 -26.86 -20.45
CA ASP D 671 11.37 -25.41 -20.32
C ASP D 671 11.78 -24.78 -21.66
N ASN D 672 12.28 -25.61 -22.56
CA ASN D 672 12.74 -25.17 -23.88
C ASN D 672 11.59 -25.24 -24.86
N VAL D 673 11.33 -26.41 -25.41
CA VAL D 673 10.19 -26.56 -26.29
C VAL D 673 9.11 -26.99 -25.29
N HIS D 674 8.33 -26.03 -24.84
CA HIS D 674 7.28 -26.26 -23.88
C HIS D 674 6.36 -27.42 -24.19
N PHE D 675 5.91 -28.10 -23.14
CA PHE D 675 5.03 -29.24 -23.28
C PHE D 675 3.76 -28.80 -23.99
N GLN D 676 3.43 -27.53 -23.84
CA GLN D 676 2.25 -26.97 -24.46
C GLN D 676 2.16 -27.35 -25.93
N GLN D 677 3.31 -27.44 -26.59
CA GLN D 677 3.32 -27.76 -28.01
C GLN D 677 2.80 -29.13 -28.40
N SER D 678 3.23 -30.17 -27.68
CA SER D 678 2.75 -31.52 -27.95
C SER D 678 1.30 -31.58 -27.46
N ALA D 679 1.04 -30.96 -26.33
CA ALA D 679 -0.30 -30.92 -25.79
C ALA D 679 -1.27 -30.37 -26.86
N GLN D 680 -0.96 -29.20 -27.41
CA GLN D 680 -1.83 -28.61 -28.44
C GLN D 680 -1.86 -29.49 -29.69
N LEU D 681 -0.74 -30.15 -30.01
CA LEU D 681 -0.72 -30.99 -31.18
C LEU D 681 -1.66 -32.17 -31.00
N SER D 682 -1.59 -32.84 -29.85
CA SER D 682 -2.46 -34.00 -29.61
C SER D 682 -3.96 -33.61 -29.65
N LYS D 683 -4.28 -32.45 -29.08
CA LYS D 683 -5.66 -31.98 -29.07
C LYS D 683 -6.17 -31.89 -30.50
N ALA D 684 -5.30 -31.46 -31.43
CA ALA D 684 -5.66 -31.30 -32.82
C ALA D 684 -5.96 -32.67 -33.43
N LEU D 685 -5.08 -33.63 -33.18
CA LEU D 685 -5.27 -34.97 -33.70
C LEU D 685 -6.55 -35.59 -33.12
N VAL D 686 -6.81 -35.35 -31.85
CA VAL D 686 -8.01 -35.90 -31.25
C VAL D 686 -9.24 -35.30 -31.94
N ASP D 687 -9.15 -34.04 -32.31
CA ASP D 687 -10.27 -33.36 -32.95
C ASP D 687 -10.49 -33.77 -34.40
N ALA D 688 -9.53 -34.47 -34.99
CA ALA D 688 -9.69 -34.89 -36.38
C ALA D 688 -9.96 -36.39 -36.46
N GLY D 689 -10.26 -36.99 -35.32
CA GLY D 689 -10.55 -38.41 -35.26
C GLY D 689 -9.37 -39.26 -35.65
N VAL D 690 -8.18 -38.70 -35.53
CA VAL D 690 -6.97 -39.44 -35.84
C VAL D 690 -6.55 -40.20 -34.60
N ASP D 691 -6.05 -41.42 -34.79
CA ASP D 691 -5.57 -42.21 -33.67
C ASP D 691 -4.04 -42.17 -33.73
N PHE D 692 -3.40 -42.17 -32.57
CA PHE D 692 -1.96 -42.14 -32.50
C PHE D 692 -1.57 -42.53 -31.09
N GLN D 693 -0.28 -42.77 -30.87
CA GLN D 693 0.23 -43.15 -29.56
C GLN D 693 0.96 -41.96 -28.93
N THR D 694 1.00 -41.94 -27.61
CA THR D 694 1.66 -40.88 -26.89
C THR D 694 2.43 -41.36 -25.67
N MET D 695 3.39 -40.54 -25.25
CA MET D 695 4.19 -40.85 -24.08
C MET D 695 4.69 -39.57 -23.42
N TRP D 696 4.14 -39.26 -22.26
CA TRP D 696 4.57 -38.09 -21.52
C TRP D 696 5.64 -38.58 -20.56
N TYR D 697 6.52 -37.67 -20.13
CA TYR D 697 7.57 -38.03 -19.18
C TYR D 697 7.61 -37.04 -18.03
N THR D 698 7.01 -37.45 -16.93
CA THR D 698 6.95 -36.64 -15.73
C THR D 698 8.26 -36.00 -15.27
N ASP D 699 8.26 -34.68 -15.21
CA ASP D 699 9.40 -33.88 -14.78
C ASP D 699 10.68 -34.00 -15.61
N GLU D 700 10.62 -34.67 -16.75
CA GLU D 700 11.79 -34.73 -17.61
C GLU D 700 11.79 -33.39 -18.38
N ASP D 701 12.95 -32.92 -18.83
CA ASP D 701 12.96 -31.69 -19.60
C ASP D 701 13.38 -31.96 -21.03
N HIS D 702 13.79 -30.92 -21.75
CA HIS D 702 14.12 -31.09 -23.16
C HIS D 702 15.00 -32.27 -23.51
N GLY D 703 15.93 -32.61 -22.65
CA GLY D 703 16.79 -33.74 -22.97
C GLY D 703 16.21 -35.08 -22.55
N ILE D 704 15.24 -35.09 -21.64
CA ILE D 704 14.65 -36.33 -21.12
C ILE D 704 15.86 -37.19 -20.78
N ALA D 705 16.78 -36.57 -20.05
CA ALA D 705 18.06 -37.16 -19.72
C ALA D 705 18.26 -37.90 -18.41
N SER D 706 17.28 -37.95 -17.52
CA SER D 706 17.52 -38.71 -16.29
C SER D 706 17.91 -40.11 -16.75
N ASN D 707 18.81 -40.76 -16.02
CA ASN D 707 19.24 -42.09 -16.41
C ASN D 707 18.08 -43.05 -16.59
N MET D 708 17.04 -42.95 -15.77
CA MET D 708 15.91 -43.85 -15.94
C MET D 708 15.06 -43.50 -17.18
N ALA D 709 14.81 -42.21 -17.38
CA ALA D 709 14.03 -41.77 -18.53
C ALA D 709 14.78 -42.08 -19.82
N HIS D 710 16.05 -41.69 -19.87
CA HIS D 710 16.85 -41.95 -21.06
C HIS D 710 16.70 -43.38 -21.56
N GLN D 711 16.63 -44.31 -20.61
CA GLN D 711 16.49 -45.71 -20.93
C GLN D 711 15.10 -46.09 -21.38
N HIS D 712 14.12 -45.64 -20.63
CA HIS D 712 12.73 -45.92 -20.91
C HIS D 712 12.27 -45.42 -22.30
N ILE D 713 12.58 -44.17 -22.63
CA ILE D 713 12.17 -43.63 -23.92
C ILE D 713 12.80 -44.36 -25.12
N TYR D 714 14.02 -44.86 -24.97
CA TYR D 714 14.62 -45.56 -26.11
C TYR D 714 14.08 -46.97 -26.21
N THR D 715 13.92 -47.63 -25.07
CA THR D 715 13.40 -48.97 -25.06
C THR D 715 11.98 -48.90 -25.65
N HIS D 716 11.21 -47.89 -25.24
CA HIS D 716 9.86 -47.71 -25.71
C HIS D 716 9.83 -47.42 -27.22
N MET D 717 10.75 -46.61 -27.71
CA MET D 717 10.78 -46.28 -29.13
C MET D 717 11.19 -47.46 -29.98
N SER D 718 12.10 -48.26 -29.43
CA SER D 718 12.58 -49.44 -30.14
C SER D 718 11.40 -50.39 -30.34
N HIS D 719 10.59 -50.57 -29.31
CA HIS D 719 9.41 -51.43 -29.43
C HIS D 719 8.50 -50.89 -30.54
N PHE D 720 8.09 -49.64 -30.43
CA PHE D 720 7.22 -49.00 -31.42
C PHE D 720 7.76 -49.21 -32.84
N LEU D 721 9.05 -48.98 -33.02
CA LEU D 721 9.68 -49.14 -34.33
C LEU D 721 9.66 -50.58 -34.86
N LYS D 722 9.87 -51.55 -33.97
CA LYS D 722 9.89 -52.96 -34.38
C LYS D 722 8.50 -53.40 -34.85
N GLN D 723 7.46 -53.00 -34.12
CA GLN D 723 6.11 -53.34 -34.49
C GLN D 723 5.79 -52.82 -35.88
N CYS D 724 6.03 -51.53 -36.07
CA CYS D 724 5.77 -50.91 -37.35
C CYS D 724 6.47 -51.68 -38.48
N PHE D 725 7.75 -51.99 -38.27
CA PHE D 725 8.52 -52.68 -39.29
C PHE D 725 8.22 -54.16 -39.30
N SER D 726 7.28 -54.57 -38.46
CA SER D 726 6.87 -55.97 -38.36
C SER D 726 8.06 -56.85 -37.94
N LEU D 727 8.96 -56.28 -37.14
CA LEU D 727 10.13 -57.00 -36.65
C LEU D 727 9.84 -57.61 -35.27
N PRO D 728 10.36 -58.81 -35.00
CA PRO D 728 10.19 -59.54 -33.74
C PRO D 728 10.69 -58.82 -32.47
C1 NAG E . -18.36 9.51 3.67
C2 NAG E . -18.52 8.03 3.32
C3 NAG E . -17.44 7.65 2.30
C4 NAG E . -17.49 8.57 1.08
C5 NAG E . -17.42 10.03 1.55
C6 NAG E . -17.60 11.00 0.39
C7 NAG E . -19.48 6.62 5.05
C8 NAG E . -19.21 5.50 6.05
N2 NAG E . -18.40 7.20 4.51
O3 NAG E . -17.62 6.30 1.90
O4 NAG E . -16.38 8.30 0.21
O5 NAG E . -18.47 10.30 2.49
O6 NAG E . -17.22 12.31 0.78
O7 NAG E . -20.64 6.94 4.79
C1 NAG E . -16.67 7.70 -0.99
C2 NAG E . -15.50 7.90 -1.96
C3 NAG E . -15.74 7.11 -3.25
C4 NAG E . -16.01 5.65 -2.93
C5 NAG E . -17.18 5.57 -1.96
C6 NAG E . -17.48 4.14 -1.53
C7 NAG E . -14.48 10.05 -1.54
C8 NAG E . -14.37 11.52 -1.89
N2 NAG E . -15.34 9.31 -2.25
O3 NAG E . -14.61 7.21 -4.11
O4 NAG E . -16.31 4.94 -4.13
O5 NAG E . -16.88 6.30 -0.75
O6 NAG E . -16.91 3.86 -0.26
O7 NAG E . -13.78 9.57 -0.63
C1 NAG F . -21.50 47.69 2.53
C2 NAG F . -21.82 48.41 3.85
C3 NAG F . -23.26 48.92 3.87
C4 NAG F . -23.55 49.76 2.62
C5 NAG F . -23.26 48.90 1.39
C6 NAG F . -23.53 49.63 0.09
C7 NAG F . -20.58 47.65 5.76
C8 NAG F . -20.27 46.48 6.70
N2 NAG F . -21.62 47.52 4.96
O3 NAG F . -23.48 49.70 5.05
O4 NAG F . -24.94 50.17 2.62
O5 NAG F . -21.87 48.50 1.40
O6 NAG F . -22.40 49.67 -0.77
O7 NAG F . -19.86 48.65 5.78
C1 NAG F . -25.18 51.52 2.44
C2 NAG F . -26.62 51.72 1.93
C3 NAG F . -26.94 53.22 1.86
C4 NAG F . -26.70 53.87 3.22
C5 NAG F . -25.25 53.60 3.65
C6 NAG F . -24.94 54.17 5.02
C7 NAG F . -27.50 50.02 0.48
C8 NAG F . -27.46 49.32 -0.87
N2 NAG F . -26.78 51.12 0.62
O3 NAG F . -28.30 53.39 1.47
O4 NAG F . -26.94 55.28 3.13
O5 NAG F . -25.01 52.18 3.71
O6 NAG F . -23.56 54.49 5.13
O7 NAG F . -28.20 49.54 1.39
C1 NAG G . 22.76 54.05 -15.48
C2 NAG G . 21.92 54.67 -14.35
C3 NAG G . 22.11 56.18 -14.21
C4 NAG G . 23.58 56.57 -14.24
C5 NAG G . 24.23 55.99 -15.48
C6 NAG G . 25.73 56.30 -15.51
C7 NAG G . 19.85 53.51 -13.89
C8 NAG G . 19.09 52.45 -14.66
N2 NAG G . 20.51 54.42 -14.59
O3 NAG G . 21.53 56.63 -12.99
O4 NAG G . 23.69 58.00 -14.26
O5 NAG G . 24.11 54.55 -15.45
O6 NAG G . 26.31 56.06 -16.79
O7 NAG G . 19.84 53.50 -12.66
C1 NAG G . 24.18 58.57 -13.10
C2 NAG G . 24.55 60.04 -13.36
C3 NAG G . 25.06 60.68 -12.07
C4 NAG G . 24.00 60.52 -10.95
C5 NAG G . 23.61 59.04 -10.82
C6 NAG G . 22.51 58.78 -9.81
C7 NAG G . 25.21 60.21 -15.65
C8 NAG G . 25.86 59.21 -16.61
N2 NAG G . 25.57 60.15 -14.38
O3 NAG G . 25.36 62.04 -12.28
O4 NAG G . 24.59 60.97 -9.72
O5 NAG G . 23.17 58.51 -12.09
O6 NAG G . 21.41 59.67 -10.01
O7 NAG G . 24.39 61.01 -16.08
C1 BMA G . 24.06 62.13 -9.15
C2 BMA G . 23.47 61.78 -7.78
C3 BMA G . 23.05 63.05 -7.01
C4 BMA G . 24.18 64.09 -7.00
C5 BMA G . 24.71 64.31 -8.41
C6 BMA G . 25.90 65.25 -8.44
O2 BMA G . 24.43 61.06 -7.01
O3 BMA G . 22.70 62.71 -5.69
O4 BMA G . 23.71 65.31 -6.46
O5 BMA G . 25.14 63.07 -9.00
O6 BMA G . 25.57 66.51 -7.85
C1 NAG H . 19.61 27.55 40.45
C2 NAG H . 19.94 29.05 40.39
C3 NAG H . 21.38 29.35 40.84
C4 NAG H . 21.66 28.68 42.19
C5 NAG H . 21.38 27.18 42.05
C6 NAG H . 21.70 26.35 43.28
C7 NAG H . 18.72 30.30 38.72
C8 NAG H . 18.35 30.38 37.24
N2 NAG H . 19.76 29.54 39.03
O3 NAG H . 21.57 30.75 40.93
O4 NAG H . 23.03 28.89 42.58
O5 NAG H . 19.98 26.99 41.73
O6 NAG H . 20.75 26.53 44.33
O7 NAG H . 18.07 30.92 39.54
C1 NAG H . 23.27 29.37 43.87
C2 NAG H . 24.79 29.53 44.08
C3 NAG H . 25.12 30.35 45.35
C4 NAG H . 24.26 31.60 45.48
C5 NAG H . 22.79 31.21 45.31
C6 NAG H . 21.79 32.36 45.47
C7 NAG H . 25.52 27.42 43.17
C8 NAG H . 25.53 25.93 43.45
N2 NAG H . 25.42 28.22 44.22
O3 NAG H . 26.49 30.73 45.29
O4 NAG H . 24.46 32.21 46.76
O5 NAG H . 22.60 30.63 44.01
O6 NAG H . 21.86 33.27 44.38
O7 NAG H . 25.61 27.84 42.01
C1 NAG I . -0.73 -52.77 3.83
C2 NAG I . -1.39 -53.86 2.96
C3 NAG I . -2.27 -54.78 3.78
C4 NAG I . -1.53 -55.31 4.99
C5 NAG I . -0.99 -54.13 5.80
C6 NAG I . -0.23 -54.55 7.06
C7 NAG I . -1.68 -53.02 0.72
C8 NAG I . -2.47 -52.13 -0.22
N2 NAG I . -2.18 -53.24 1.92
O3 NAG I . -2.67 -55.87 2.97
O4 NAG I . -2.40 -56.11 5.80
O5 NAG I . -0.08 -53.36 4.97
O6 NAG I . 0.38 -55.82 6.89
O7 NAG I . -0.61 -53.51 0.34
C1 NAG I . -2.14 -57.47 5.82
C2 NAG I . -3.13 -58.18 6.77
C3 NAG I . -2.98 -59.70 6.68
C4 NAG I . -3.05 -60.17 5.22
C5 NAG I . -2.03 -59.40 4.38
C6 NAG I . -2.07 -59.74 2.89
C7 NAG I . -3.63 -56.80 8.68
C8 NAG I . -2.98 -55.96 9.78
N2 NAG I . -2.89 -57.77 8.14
O3 NAG I . -4.00 -60.32 7.44
O4 NAG I . -2.78 -61.57 5.15
O5 NAG I . -2.27 -57.97 4.49
O6 NAG I . -3.40 -59.69 2.39
O7 NAG I . -4.77 -56.56 8.33
C1 NAG J . 45.15 -41.35 -6.14
C2 NAG J . 44.20 -42.54 -6.43
C3 NAG J . 44.97 -43.86 -6.65
C4 NAG J . 46.16 -43.66 -7.59
C5 NAG J . 47.02 -42.55 -7.02
C6 NAG J . 48.30 -42.30 -7.79
C7 NAG J . 42.05 -42.24 -5.35
C8 NAG J . 40.99 -42.93 -4.50
N2 NAG J . 43.28 -42.71 -5.31
O3 NAG J . 44.09 -44.83 -7.20
O4 NAG J . 46.93 -44.87 -7.70
O5 NAG J . 46.27 -41.32 -7.04
O6 NAG J . 49.22 -41.55 -7.00
O7 NAG J . 41.73 -41.27 -6.03
C1 NAG J . 46.70 -45.63 -8.84
C2 NAG J . 48.00 -46.26 -9.31
C3 NAG J . 47.72 -47.17 -10.53
C4 NAG J . 46.59 -48.16 -10.22
C5 NAG J . 45.36 -47.44 -9.65
C6 NAG J . 44.29 -48.40 -9.18
C7 NAG J . 49.78 -45.31 -10.68
C8 NAG J . 51.03 -46.17 -10.54
N2 NAG J . 48.96 -45.22 -9.64
O3 NAG J . 48.88 -47.89 -10.88
O4 NAG J . 46.22 -48.86 -11.42
O5 NAG J . 45.74 -46.65 -8.51
O6 NAG J . 44.83 -49.34 -8.25
O7 NAG J . 49.56 -44.74 -11.76
C1 BMA J . 46.94 -50.00 -11.75
C2 BMA J . 46.01 -51.04 -12.38
C3 BMA J . 46.80 -52.27 -12.84
C4 BMA J . 48.00 -51.87 -13.72
C5 BMA J . 48.83 -50.73 -13.06
C6 BMA J . 49.88 -50.17 -14.04
O2 BMA J . 45.29 -50.49 -13.47
O3 BMA J . 45.97 -53.14 -13.56
O4 BMA J . 48.81 -53.01 -13.93
O5 BMA J . 47.97 -49.62 -12.69
O6 BMA J . 50.91 -49.46 -13.35
C1 NAG K . 13.22 -2.61 -15.74
C2 NAG K . 13.68 -1.36 -15.01
C3 NAG K . 12.47 -0.61 -14.45
C4 NAG K . 11.44 -0.33 -15.55
C5 NAG K . 11.11 -1.65 -16.26
C6 NAG K . 10.17 -1.49 -17.43
C7 NAG K . 15.88 -1.45 -14.02
C8 NAG K . 16.69 -1.57 -12.73
N2 NAG K . 14.58 -1.72 -13.92
O3 NAG K . 12.88 0.63 -13.88
O4 NAG K . 10.24 0.23 -14.98
O5 NAG K . 12.31 -2.24 -16.78
O6 NAG K . 10.66 -2.20 -18.56
O7 NAG K . 16.42 -1.10 -15.07
C1 NAG K . 9.89 1.53 -15.33
C2 NAG K . 8.37 1.68 -15.21
C3 NAG K . 7.91 3.15 -15.34
C4 NAG K . 8.74 4.05 -14.41
C5 NAG K . 10.23 3.82 -14.68
C6 NAG K . 11.12 4.64 -13.77
C7 NAG K . 7.01 -0.17 -15.94
C8 NAG K . 6.03 -0.66 -17.01
N2 NAG K . 7.73 0.90 -16.25
O3 NAG K . 6.54 3.24 -14.99
O4 NAG K . 8.40 5.42 -14.65
O5 NAG K . 10.55 2.42 -14.44
O6 NAG K . 10.98 4.25 -12.41
O7 NAG K . 7.10 -0.77 -14.86
C1 NAG L . 15.75 -7.04 -42.51
C2 NAG L . 15.39 -6.71 -43.98
C3 NAG L . 14.07 -5.95 -44.14
C4 NAG L . 12.95 -6.68 -43.36
C5 NAG L . 13.43 -6.79 -41.90
C6 NAG L . 12.40 -7.37 -40.95
C7 NAG L . 17.20 -6.48 -45.54
C8 NAG L . 16.59 -6.56 -46.93
N2 NAG L . 16.46 -5.94 -44.57
O3 NAG L . 13.72 -5.89 -45.51
O4 NAG L . 11.73 -5.92 -43.45
O5 NAG L . 14.61 -7.62 -41.84
O6 NAG L . 11.76 -8.51 -41.49
O7 NAG L . 18.31 -6.92 -45.34
C1 NAG L . 10.53 -6.64 -43.48
C2 NAG L . 9.35 -5.68 -43.24
C3 NAG L . 8.03 -6.45 -43.37
C4 NAG L . 7.96 -7.05 -44.77
C5 NAG L . 9.16 -8.01 -44.94
C6 NAG L . 9.18 -8.66 -46.32
C7 NAG L . 9.68 -3.75 -41.85
C8 NAG L . 8.59 -2.91 -41.20
N2 NAG L . 9.46 -5.06 -41.94
O3 NAG L . 6.93 -5.57 -43.17
O4 NAG L . 6.73 -7.73 -44.97
O5 NAG L . 10.41 -7.28 -44.78
O6 NAG L . 10.29 -9.55 -46.47
O7 NAG L . 10.71 -3.21 -42.27
C1 NAG M . 2.43 -22.35 -46.95
C2 NAG M . 3.14 -23.62 -47.39
C3 NAG M . 4.07 -23.37 -48.57
C4 NAG M . 3.32 -22.66 -49.72
C5 NAG M . 2.61 -21.42 -49.19
C6 NAG M . 1.73 -20.76 -50.25
C7 NAG M . 3.54 -25.29 -45.68
C8 NAG M . 4.06 -25.55 -44.28
N2 NAG M . 3.91 -24.16 -46.28
O3 NAG M . 4.60 -24.61 -49.03
O4 NAG M . 4.28 -22.26 -50.75
O5 NAG M . 1.75 -21.76 -48.07
O6 NAG M . 1.03 -21.71 -51.04
O7 NAG M . 2.82 -26.12 -46.23
C1 NAG M . 4.23 -22.89 -51.98
C2 NAG M . 5.54 -22.65 -52.75
C3 NAG M . 5.36 -23.25 -54.14
C4 NAG M . 5.16 -24.76 -53.98
C5 NAG M . 4.03 -25.09 -52.98
C6 NAG M . 4.17 -26.53 -52.53
C7 NAG M . 5.13 -20.26 -52.86
C8 NAG M . 5.66 -18.91 -52.40
N2 NAG M . 5.98 -21.27 -52.81
O3 NAG M . 6.52 -22.99 -54.92
O4 NAG M . 4.90 -25.35 -55.24
O5 NAG M . 4.11 -24.30 -51.75
O6 NAG M . 5.48 -26.80 -52.06
O7 NAG M . 3.98 -20.38 -53.26
N 0QG N . -22.49 29.57 17.12
CA 0QG N . -22.78 30.95 17.47
CB 0QG N . -23.86 30.97 18.59
CG1 0QG N . -23.48 30.23 19.88
CG2 0QG N . -25.16 30.37 18.03
CG3 0QG N . -24.07 32.47 18.88
C 0QG N . -21.50 31.66 17.94
O 0QG N . -20.75 31.11 18.73
N1 0QG N . -21.25 32.89 17.47
CA1 0QG N . -20.05 33.65 17.85
C1 0QG N . -20.11 34.40 19.23
O1 0QG N . -21.02 35.26 19.19
CB1 0QG N . -19.88 34.62 16.67
CG 0QG N . -21.28 34.84 16.22
CD 0QG N . -21.87 33.46 16.26
N2 0QG N . -20.38 33.43 20.29
CA2 0QG N . -20.80 33.88 21.62
C2 0QG N . -20.10 33.06 22.72
O2 0QG N . -20.03 31.83 22.57
CB2 0QG N . -22.33 33.78 21.81
CG11 0QG N . -22.78 34.69 22.95
CG21 0QG N . -22.73 32.34 22.11
CD1 0QG N . -24.28 34.68 23.19
OXT 0QG N . -19.64 33.67 23.70
C1 NAG O . -45.15 11.46 51.75
C2 NAG O . -44.39 10.30 51.10
C3 NAG O . -45.36 9.28 50.51
C4 NAG O . -46.37 8.82 51.57
C5 NAG O . -47.04 10.03 52.25
C6 NAG O . -47.90 9.60 53.42
C7 NAG O . -42.21 10.94 50.27
C8 NAG O . -41.27 10.54 49.15
N2 NAG O . -43.52 10.81 50.05
O3 NAG O . -44.63 8.16 50.01
O4 NAG O . -47.36 7.99 50.99
O5 NAG O . -46.03 10.95 52.76
O6 NAG O . -49.05 10.43 53.54
O7 NAG O . -41.76 11.34 51.33
C1 NAG P . -24.99 14.04 54.63
C2 NAG P . -23.94 15.13 54.93
C3 NAG P . -24.01 15.59 56.40
C4 NAG P . -25.45 15.94 56.79
C5 NAG P . -26.36 14.75 56.48
C6 NAG P . -27.82 15.02 56.81
C7 NAG P . -21.85 15.17 53.69
C8 NAG P . -21.33 16.57 53.94
N2 NAG P . -22.61 14.62 54.64
O3 NAG P . -23.20 16.73 56.59
O4 NAG P . -25.50 16.26 58.17
O5 NAG P . -26.29 14.45 55.07
O6 NAG P . -28.53 13.81 56.94
O7 NAG P . -21.54 14.58 52.65
C1 NAG Q . -24.02 -17.20 19.36
C2 NAG Q . -24.66 -18.49 19.89
C3 NAG Q . -23.69 -19.16 20.89
C4 NAG Q . -22.31 -19.35 20.24
C5 NAG Q . -21.79 -18.05 19.63
C6 NAG Q . -20.49 -18.24 18.86
C7 NAG Q . -26.99 -18.97 20.32
C8 NAG Q . -27.31 -19.99 21.39
N2 NAG Q . -25.93 -18.18 20.52
O3 NAG Q . -24.21 -20.41 21.30
O4 NAG Q . -21.39 -19.81 21.22
O5 NAG Q . -22.78 -17.52 18.71
O6 NAG Q . -19.43 -18.56 19.74
O7 NAG Q . -27.69 -18.90 19.31
C1 NAG R . -33.62 31.25 -0.06
C2 NAG R . -34.40 31.92 -1.18
C3 NAG R . -33.66 31.72 -2.50
C4 NAG R . -32.25 32.31 -2.36
C5 NAG R . -31.53 31.74 -1.14
C6 NAG R . -30.23 32.50 -0.87
C7 NAG R . -36.73 32.11 -0.65
C8 NAG R . -38.13 31.53 -0.67
N2 NAG R . -35.76 31.43 -1.25
O3 NAG R . -34.37 32.42 -3.52
O4 NAG R . -31.50 32.04 -3.54
O5 NAG R . -32.34 31.88 0.04
O6 NAG R . -29.17 31.98 -1.64
O7 NAG R . -36.53 33.19 -0.08
S SO4 S . -40.23 25.24 20.99
O1 SO4 S . -41.70 25.46 21.04
O2 SO4 S . -39.50 26.17 21.85
O3 SO4 S . -39.94 23.86 21.49
O4 SO4 S . -39.80 25.24 19.58
N 0QG T . 20.97 30.73 17.13
CA 0QG T . 21.22 31.75 18.14
CB 0QG T . 22.34 32.69 17.63
CG1 0QG T . 22.09 33.50 16.35
CG2 0QG T . 23.53 31.75 17.41
CG3 0QG T . 22.65 33.65 18.79
C 0QG T . 19.94 32.55 18.42
O 0QG T . 19.24 32.97 17.51
N1 0QG T . 19.61 32.75 19.71
CA1 0QG T . 18.40 33.50 20.05
C1 0QG T . 18.56 35.06 20.06
O1 0QG T . 19.73 35.38 20.36
CB1 0QG T . 18.00 32.90 21.40
CG 0QG T . 19.33 32.56 22.01
CD 0QG T . 20.10 31.98 20.87
N2 0QG T . 18.18 35.66 18.76
CA2 0QG T . 18.77 36.92 18.27
C2 0QG T . 18.12 37.35 16.96
O2 0QG T . 18.01 36.52 16.03
CB2 0QG T . 20.31 36.81 18.05
CG11 0QG T . 20.96 38.16 18.32
CG21 0QG T . 20.63 36.35 16.63
CD1 0QG T . 22.47 38.16 18.21
OXT 0QG T . 17.72 38.53 16.88
C1 NAG U . 43.89 51.04 -16.13
C2 NAG U . 43.15 49.99 -16.97
C3 NAG U . 44.13 48.90 -17.38
C4 NAG U . 45.26 49.53 -18.18
C5 NAG U . 45.94 50.65 -17.36
C6 NAG U . 46.94 51.41 -18.21
C7 NAG U . 40.85 50.01 -16.27
C8 NAG U . 39.88 49.68 -15.14
N2 NAG U . 42.04 49.43 -16.23
O3 NAG U . 43.47 47.92 -18.16
O4 NAG U . 46.21 48.55 -18.53
O5 NAG U . 44.96 51.62 -16.91
O6 NAG U . 48.26 51.31 -17.68
O7 NAG U . 40.51 50.79 -17.17
C1 NAG V . 17.85 8.22 7.14
C2 NAG V . 18.26 7.10 6.18
C3 NAG V . 17.28 5.93 6.33
C4 NAG V . 17.25 5.45 7.78
C5 NAG V . 16.86 6.64 8.67
C6 NAG V . 16.86 6.29 10.13
C7 NAG V . 19.34 8.01 4.20
C8 NAG V . 19.15 8.57 2.80
N2 NAG V . 18.23 7.59 4.81
O3 NAG V . 17.67 4.86 5.49
O4 NAG V . 16.34 4.37 7.94
O5 NAG V . 17.81 7.72 8.49
O6 NAG V . 17.17 7.44 10.92
O7 NAG V . 20.47 7.98 4.71
C1 NAG W . 23.61 8.03 -23.24
C2 NAG W . 24.22 8.08 -24.64
C3 NAG W . 23.11 8.41 -25.63
C4 NAG W . 21.94 7.41 -25.51
C5 NAG W . 21.48 7.29 -24.04
C6 NAG W . 20.48 6.15 -23.85
C7 NAG W . 26.53 8.84 -24.38
C8 NAG W . 27.28 9.95 -23.67
N2 NAG W . 25.26 9.11 -24.70
O3 NAG W . 23.63 8.38 -26.96
O4 NAG W . 20.85 7.86 -26.30
O5 NAG W . 22.62 7.00 -23.20
O6 NAG W . 20.57 5.57 -22.55
O7 NAG W . 27.08 7.77 -24.62
C1 NAG X . 32.96 17.27 28.15
C2 NAG X . 33.83 17.11 29.39
C3 NAG X . 33.46 15.83 30.16
C4 NAG X . 31.97 15.87 30.50
C5 NAG X . 31.19 16.01 29.21
C6 NAG X . 29.70 16.06 29.45
C7 NAG X . 36.05 17.96 29.62
C8 NAG X . 37.38 18.23 28.95
N2 NAG X . 35.23 17.10 29.05
O3 NAG X . 34.22 15.78 31.35
O4 NAG X . 31.59 14.69 31.19
O5 NAG X . 31.57 17.23 28.52
O6 NAG X . 29.23 17.40 29.42
O7 NAG X . 35.77 18.54 30.67
S SO4 Y . 38.66 32.42 11.84
O1 SO4 Y . 38.46 31.67 13.12
O2 SO4 Y . 37.90 33.66 11.81
O3 SO4 Y . 40.11 32.76 11.74
O4 SO4 Y . 38.43 31.50 10.74
N 0QG Z . -15.86 -37.73 -5.06
CA 0QG Z . -15.80 -39.13 -5.49
CB 0QG Z . -17.26 -39.63 -5.78
CG1 0QG Z . -17.88 -39.11 -7.10
CG2 0QG Z . -18.08 -39.10 -4.59
CG3 0QG Z . -17.30 -41.16 -5.78
C 0QG Z . -14.91 -39.23 -6.73
O 0QG Z . -15.03 -38.44 -7.65
N1 0QG Z . -13.99 -40.20 -6.76
CA1 0QG Z . -13.10 -40.35 -7.92
C1 0QG Z . -13.66 -41.18 -9.15
O1 0QG Z . -14.17 -42.24 -8.74
CB1 0QG Z . -11.85 -41.00 -7.30
CG 0QG Z . -12.41 -41.81 -6.19
CD 0QG Z . -13.42 -40.86 -5.57
N2 0QG Z . -14.67 -40.37 -9.85
CA2 0QG Z . -15.65 -41.01 -10.72
C2 0QG Z . -16.02 -40.09 -11.88
O2 0QG Z . -16.19 -38.87 -11.63
CB2 0QG Z . -16.94 -41.40 -9.95
CG11 0QG Z . -17.46 -42.75 -10.45
CG21 0QG Z . -18.00 -40.33 -10.10
CD1 0QG Z . -18.70 -43.23 -9.74
OXT 0QG Z . -16.12 -40.58 -13.02
C1 NAG AA . -58.58 -29.94 -18.36
C2 NAG AA . -58.20 -28.47 -18.23
C3 NAG AA . -59.06 -27.77 -17.19
C4 NAG AA . -60.55 -28.12 -17.31
C5 NAG AA . -60.81 -29.61 -17.57
C6 NAG AA . -62.26 -29.87 -17.98
C7 NAG AA . -55.85 -28.30 -18.77
C8 NAG AA . -54.48 -28.84 -18.39
N2 NAG AA . -56.81 -28.36 -17.84
O3 NAG AA . -58.90 -26.38 -17.32
O4 NAG AA . -61.22 -27.74 -16.10
O5 NAG AA . -59.97 -30.06 -18.65
O6 NAG AA . -62.93 -30.69 -17.03
O7 NAG AA . -56.03 -27.83 -19.88
C1 NAG BA . -41.29 -25.95 -32.91
C2 NAG BA . -40.21 -26.85 -33.56
C3 NAG BA . -40.75 -27.51 -34.84
C4 NAG BA . -42.03 -28.26 -34.51
C5 NAG BA . -43.05 -27.29 -33.91
C6 NAG BA . -44.35 -27.99 -33.54
C7 NAG BA . -37.91 -26.21 -33.19
C8 NAG BA . -36.91 -27.27 -33.62
N2 NAG BA . -39.03 -26.07 -33.89
O3 NAG BA . -39.79 -28.43 -35.35
O4 NAG BA . -42.56 -28.86 -35.69
O5 NAG BA . -42.52 -26.69 -32.71
O6 NAG BA . -45.19 -27.16 -32.75
O7 NAG BA . -37.66 -25.51 -32.20
C1 NAG CA . -12.10 -16.04 6.21
C2 NAG CA . -12.68 -14.77 6.83
C3 NAG CA . -11.56 -13.85 7.29
C4 NAG CA . -10.50 -14.58 8.13
C5 NAG CA . -10.09 -15.89 7.47
C6 NAG CA . -9.23 -16.74 8.38
C7 NAG CA . -14.78 -13.93 6.02
C8 NAG CA . -15.55 -13.19 4.93
N2 NAG CA . -13.48 -14.09 5.83
O3 NAG CA . -12.12 -12.81 8.08
O4 NAG CA . -9.36 -13.75 8.28
O5 NAG CA . -11.25 -16.69 7.16
O6 NAG CA . -8.69 -17.85 7.68
O7 NAG CA . -15.37 -14.33 7.03
C1 NAG DA . -34.10 5.51 -0.65
C2 NAG DA . -35.43 6.21 -0.93
C3 NAG DA . -35.34 7.10 -2.17
C4 NAG DA . -34.06 7.97 -2.17
C5 NAG DA . -32.80 7.17 -1.78
C6 NAG DA . -31.57 8.08 -1.57
C7 NAG DA . -37.70 5.42 -0.81
C8 NAG DA . -38.70 5.52 -1.96
N2 NAG DA . -36.44 5.19 -1.14
O3 NAG DA . -36.46 7.96 -2.19
O4 NAG DA . -33.88 8.54 -3.46
O5 NAG DA . -33.05 6.47 -0.53
O6 NAG DA . -30.46 7.37 -1.03
O7 NAG DA . -38.08 5.54 0.35
C1 NAG EA . -14.15 -41.41 15.06
C2 NAG EA . -13.70 -42.40 16.13
C3 NAG EA . -12.38 -41.92 16.78
C4 NAG EA . -11.33 -41.76 15.66
C5 NAG EA . -11.87 -40.73 14.67
C6 NAG EA . -10.91 -40.39 13.55
C7 NAG EA . -15.61 -43.58 17.06
C8 NAG EA . -15.09 -44.96 16.62
N2 NAG EA . -14.74 -42.57 17.14
O3 NAG EA . -11.94 -42.86 17.76
O4 NAG EA . -10.07 -41.32 16.20
O5 NAG EA . -13.10 -41.23 14.08
O6 NAG EA . -10.04 -41.48 13.23
O7 NAG EA . -16.79 -43.45 17.35
S SO4 FA . -32.79 -39.94 1.67
O1 SO4 FA . -33.20 -38.63 1.09
O2 SO4 FA . -31.71 -39.82 2.66
O3 SO4 FA . -33.97 -40.49 2.38
O4 SO4 FA . -32.51 -40.86 0.56
N 0QG GA . 17.49 -22.86 -29.19
CA 0QG GA . 17.54 -23.97 -30.16
CB 0QG GA . 19.02 -24.49 -30.22
CG1 0QG GA . 19.95 -25.05 -29.13
CG2 0QG GA . 19.64 -23.18 -30.76
CG3 0QG GA . 18.88 -25.51 -31.37
C 0QG GA . 16.58 -25.07 -29.71
O 0QG GA . 16.64 -25.52 -28.56
N1 0QG GA . 15.69 -25.52 -30.61
CA1 0QG GA . 14.72 -26.58 -30.27
C1 0QG GA . 15.24 -28.05 -30.46
O1 0QG GA . 15.76 -28.15 -31.61
CB1 0QG GA . 13.54 -26.25 -31.17
CG 0QG GA . 14.21 -25.74 -32.39
CD 0QG GA . 15.29 -24.83 -31.85
N2 0QG GA . 16.26 -28.34 -29.44
CA2 0QG GA . 17.26 -29.38 -29.65
C2 0QG GA . 17.72 -29.98 -28.32
O2 0QG GA . 17.97 -29.19 -27.38
CB2 0QG GA . 18.50 -28.84 -30.42
CG11 0QG GA . 19.16 -29.98 -31.21
CG21 0QG GA . 19.51 -28.23 -29.45
CD1 0QG GA . 20.37 -29.56 -32.02
OXT 0QG GA . 17.82 -31.21 -28.24
C1 NAG HA . 59.79 -32.53 -15.49
C2 NAG HA . 61.17 -31.86 -15.65
C3 NAG HA . 62.15 -32.47 -14.63
C4 NAG HA . 61.58 -32.35 -13.20
C5 NAG HA . 60.15 -32.91 -13.14
C6 NAG HA . 59.49 -32.65 -11.79
C7 NAG HA . 62.76 -31.39 -17.40
C8 NAG HA . 63.98 -32.24 -17.76
N2 NAG HA . 61.67 -32.04 -17.01
O3 NAG HA . 63.40 -31.80 -14.71
O4 NAG HA . 62.41 -33.06 -12.30
O5 NAG HA . 59.31 -32.30 -14.16
O6 NAG HA . 58.08 -32.76 -11.87
O7 NAG HA . 62.82 -30.17 -17.49
C1 NAG IA . 34.56 3.59 5.87
C2 NAG IA . 33.80 2.74 6.91
C3 NAG IA . 34.34 2.99 8.33
C4 NAG IA . 35.86 2.81 8.35
C5 NAG IA . 36.47 3.72 7.27
C6 NAG IA . 37.99 3.67 7.18
C7 NAG IA . 31.49 2.12 6.61
C8 NAG IA . 30.96 1.30 7.78
N2 NAG IA . 32.39 3.07 6.88
O3 NAG IA . 33.74 2.08 9.24
O4 NAG IA . 36.38 3.17 9.62
O5 NAG IA . 35.97 3.35 5.98
O6 NAG IA . 38.48 4.78 6.45
O7 NAG IA . 31.12 1.87 5.46
S SO4 JA . 34.42 -17.70 -34.36
O1 SO4 JA . 33.19 -17.03 -34.89
O2 SO4 JA . 34.69 -17.38 -32.96
O3 SO4 JA . 34.20 -19.17 -34.41
O4 SO4 JA . 35.53 -17.43 -35.30
#